data_5GCN
#
_entry.id   5GCN
#
_cell.length_a   1.000
_cell.length_b   1.000
_cell.length_c   1.000
_cell.angle_alpha   90.00
_cell.angle_beta   90.00
_cell.angle_gamma   90.00
#
_symmetry.space_group_name_H-M   'P 1'
#
loop_
_entity.id
_entity.type
_entity.pdbx_description
1 polymer 'HISTONE ACETYLTRANSFERASE GCN5'
2 non-polymer 'COENZYME A'
#
_entity_poly.entity_id   1
_entity_poly.type   'polypeptide(L)'
_entity_poly.pdbx_seq_one_letter_code
;MKGLLDFDILTNDGTHRNMKLLIDLKNIFSRQLPKMPKEYIVKLVFDRHHESMVILKNKQKVIGGICFRQYKPQRFAEVA
FLAVTANEQVRGYGTRLMNKFKDHMQKQNIEYLLTYADNFAIGYFKKQGFTKEHRMPQEKWKGYIKDYDGGTLMECYIHP
YVDYGN
;
_entity_poly.pdbx_strand_id   A
#
# COMPACT_ATOMS: atom_id res chain seq x y z
N MET A 1 0.84 1.44 -22.73
CA MET A 1 0.15 0.92 -21.51
C MET A 1 -0.99 -0.02 -21.87
N LYS A 2 -0.71 -1.32 -21.82
CA LYS A 2 -1.71 -2.33 -22.14
C LYS A 2 -2.56 -2.66 -20.92
N GLY A 3 -3.85 -2.90 -21.15
CA GLY A 3 -4.75 -3.23 -20.06
C GLY A 3 -5.97 -2.33 -20.03
N LEU A 4 -7.15 -2.94 -20.06
CA LEU A 4 -8.41 -2.18 -20.03
C LEU A 4 -8.76 -1.75 -18.60
N LEU A 5 -8.00 -2.26 -17.63
CA LEU A 5 -8.23 -1.93 -16.22
C LEU A 5 -8.32 -0.42 -16.01
N ASP A 6 -8.99 -0.01 -14.94
CA ASP A 6 -9.14 1.40 -14.62
C ASP A 6 -8.65 1.69 -13.21
N PHE A 7 -7.84 2.73 -13.07
CA PHE A 7 -7.30 3.12 -11.78
C PHE A 7 -7.90 4.46 -11.35
N ASP A 8 -7.89 4.73 -10.04
CA ASP A 8 -8.44 5.97 -9.54
C ASP A 8 -7.70 6.46 -8.30
N ILE A 9 -7.53 7.77 -8.20
CA ILE A 9 -6.85 8.38 -7.05
C ILE A 9 -7.87 8.76 -6.00
N LEU A 10 -7.93 7.99 -4.93
CA LEU A 10 -8.89 8.23 -3.86
C LEU A 10 -8.27 8.86 -2.63
N THR A 11 -9.14 9.36 -1.76
CA THR A 11 -8.73 9.99 -0.51
C THR A 11 -9.81 9.83 0.54
N ASN A 12 -9.44 9.94 1.81
CA ASN A 12 -10.42 9.83 2.88
C ASN A 12 -10.88 11.21 3.31
N ASP A 13 -11.11 12.05 2.31
CA ASP A 13 -11.57 13.41 2.55
C ASP A 13 -13.01 13.41 3.06
N GLY A 14 -13.71 12.30 2.85
CA GLY A 14 -15.09 12.20 3.30
C GLY A 14 -16.08 12.65 2.25
N THR A 15 -15.73 12.47 0.98
CA THR A 15 -16.60 12.87 -0.12
C THR A 15 -17.83 11.96 -0.18
N HIS A 16 -17.67 10.78 -0.77
CA HIS A 16 -18.77 9.83 -0.89
C HIS A 16 -18.35 8.58 -1.66
N ARG A 17 -18.19 8.74 -2.98
CA ARG A 17 -17.79 7.63 -3.83
C ARG A 17 -16.37 7.17 -3.51
N ASN A 18 -15.53 8.11 -3.09
CA ASN A 18 -14.15 7.79 -2.75
C ASN A 18 -14.10 6.87 -1.54
N MET A 19 -15.01 7.09 -0.60
CA MET A 19 -15.07 6.30 0.61
C MET A 19 -15.46 4.86 0.29
N LYS A 20 -16.59 4.69 -0.40
CA LYS A 20 -17.07 3.36 -0.77
C LYS A 20 -15.95 2.51 -1.36
N LEU A 21 -15.23 3.06 -2.34
CA LEU A 21 -14.13 2.35 -2.97
C LEU A 21 -12.97 2.17 -2.00
N LEU A 22 -12.61 3.26 -1.31
CA LEU A 22 -11.52 3.22 -0.34
C LEU A 22 -11.77 2.11 0.68
N ILE A 23 -13.05 1.94 1.03
CA ILE A 23 -13.44 0.90 1.97
C ILE A 23 -13.04 -0.46 1.44
N ASP A 24 -13.41 -0.73 0.20
CA ASP A 24 -13.08 -2.00 -0.45
C ASP A 24 -11.64 -2.40 -0.18
N LEU A 25 -10.71 -1.47 -0.45
CA LEU A 25 -9.30 -1.72 -0.23
C LEU A 25 -9.02 -2.19 1.18
N LYS A 26 -9.53 -1.46 2.16
CA LYS A 26 -9.33 -1.81 3.56
C LYS A 26 -9.69 -3.26 3.85
N ASN A 27 -10.93 -3.64 3.53
CA ASN A 27 -11.37 -5.01 3.80
C ASN A 27 -10.59 -6.01 2.96
N ILE A 28 -10.35 -5.69 1.69
CA ILE A 28 -9.60 -6.58 0.81
C ILE A 28 -8.32 -7.05 1.48
N PHE A 29 -7.48 -6.11 1.90
CA PHE A 29 -6.24 -6.45 2.57
C PHE A 29 -6.50 -7.31 3.79
N SER A 30 -6.99 -6.68 4.85
CA SER A 30 -7.29 -7.36 6.10
C SER A 30 -8.03 -8.69 5.88
N ARG A 31 -8.76 -8.80 4.78
CA ARG A 31 -9.52 -10.01 4.49
C ARG A 31 -8.59 -11.17 4.15
N GLN A 32 -8.02 -11.14 2.94
CA GLN A 32 -7.12 -12.20 2.50
C GLN A 32 -5.93 -12.34 3.45
N LEU A 33 -5.57 -11.23 4.09
CA LEU A 33 -4.46 -11.21 5.02
C LEU A 33 -4.91 -11.73 6.39
N PRO A 34 -4.40 -12.92 6.79
CA PRO A 34 -4.71 -13.59 8.04
C PRO A 34 -5.28 -12.68 9.11
N LYS A 35 -6.58 -12.43 8.98
CA LYS A 35 -7.33 -11.58 9.90
C LYS A 35 -6.48 -10.45 10.46
N MET A 36 -5.55 -9.95 9.65
CA MET A 36 -4.67 -8.87 10.07
C MET A 36 -5.47 -7.73 10.69
N PRO A 37 -4.90 -7.05 11.69
CA PRO A 37 -5.57 -5.93 12.38
C PRO A 37 -6.24 -4.97 11.40
N LYS A 38 -7.57 -4.96 11.42
CA LYS A 38 -8.34 -4.09 10.53
C LYS A 38 -7.99 -2.62 10.78
N GLU A 39 -7.94 -2.24 12.05
CA GLU A 39 -7.62 -0.87 12.43
C GLU A 39 -6.30 -0.42 11.80
N TYR A 40 -5.38 -1.37 11.61
CA TYR A 40 -4.10 -1.06 11.01
C TYR A 40 -4.29 -0.49 9.61
N ILE A 41 -4.73 -1.33 8.68
CA ILE A 41 -4.98 -0.88 7.31
C ILE A 41 -5.85 0.36 7.34
N VAL A 42 -6.82 0.36 8.25
CA VAL A 42 -7.73 1.47 8.42
C VAL A 42 -6.96 2.73 8.81
N LYS A 43 -6.04 2.58 9.75
CA LYS A 43 -5.22 3.69 10.21
C LYS A 43 -4.41 4.27 9.05
N LEU A 44 -3.63 3.42 8.39
CA LEU A 44 -2.81 3.85 7.28
C LEU A 44 -3.66 4.23 6.06
N VAL A 45 -4.79 3.55 5.88
CA VAL A 45 -5.68 3.85 4.75
C VAL A 45 -6.49 5.11 5.00
N PHE A 46 -6.79 5.38 6.27
CA PHE A 46 -7.57 6.55 6.63
C PHE A 46 -6.78 7.47 7.57
N ASP A 47 -5.46 7.46 7.42
CA ASP A 47 -4.59 8.29 8.25
C ASP A 47 -4.63 9.76 7.81
N ARG A 48 -5.81 10.36 7.90
CA ARG A 48 -5.98 11.76 7.52
C ARG A 48 -5.63 12.00 6.05
N HIS A 49 -6.60 12.50 5.29
CA HIS A 49 -6.42 12.79 3.87
C HIS A 49 -5.70 11.64 3.15
N HIS A 50 -4.37 11.72 3.07
CA HIS A 50 -3.59 10.68 2.41
C HIS A 50 -4.00 10.52 0.96
N GLU A 51 -3.13 9.89 0.17
CA GLU A 51 -3.40 9.65 -1.24
C GLU A 51 -3.28 8.17 -1.56
N SER A 52 -4.15 7.66 -2.42
CA SER A 52 -4.13 6.25 -2.79
C SER A 52 -4.62 6.03 -4.21
N MET A 53 -4.20 4.91 -4.80
CA MET A 53 -4.60 4.55 -6.15
C MET A 53 -5.24 3.16 -6.14
N VAL A 54 -6.50 3.09 -6.56
CA VAL A 54 -7.22 1.82 -6.57
C VAL A 54 -7.34 1.22 -7.97
N ILE A 55 -8.03 0.10 -8.02
CA ILE A 55 -8.28 -0.59 -9.26
C ILE A 55 -9.77 -0.64 -9.50
N LEU A 56 -10.17 -0.87 -10.74
CA LEU A 56 -11.57 -0.94 -11.08
C LEU A 56 -11.82 -1.99 -12.15
N LYS A 57 -12.48 -3.07 -11.77
CA LYS A 57 -12.77 -4.16 -12.69
C LYS A 57 -14.16 -3.98 -13.30
N ASN A 58 -14.39 -2.78 -13.82
CA ASN A 58 -15.65 -2.42 -14.47
C ASN A 58 -15.86 -0.91 -14.46
N LYS A 59 -14.76 -0.16 -14.37
CA LYS A 59 -14.80 1.31 -14.34
C LYS A 59 -15.02 1.85 -12.94
N GLN A 60 -15.75 1.12 -12.12
CA GLN A 60 -16.04 1.54 -10.76
C GLN A 60 -16.10 0.34 -9.83
N LYS A 61 -15.79 -0.84 -10.36
CA LYS A 61 -15.83 -2.06 -9.56
C LYS A 61 -14.48 -2.32 -8.91
N VAL A 62 -14.27 -1.77 -7.73
CA VAL A 62 -13.01 -1.94 -7.01
C VAL A 62 -12.64 -3.42 -6.92
N ILE A 63 -11.34 -3.69 -6.99
CA ILE A 63 -10.84 -5.05 -6.89
C ILE A 63 -9.51 -5.08 -6.16
N GLY A 64 -8.64 -4.14 -6.52
CA GLY A 64 -7.34 -4.02 -5.89
C GLY A 64 -7.02 -2.58 -5.60
N GLY A 65 -5.75 -2.28 -5.34
CA GLY A 65 -5.37 -0.92 -5.05
C GLY A 65 -4.47 -0.80 -3.85
N ILE A 66 -3.65 0.25 -3.87
CA ILE A 66 -2.73 0.52 -2.78
C ILE A 66 -2.94 1.93 -2.24
N CYS A 67 -2.66 2.10 -0.97
CA CYS A 67 -2.80 3.41 -0.34
C CYS A 67 -1.58 3.69 0.52
N PHE A 68 -1.16 4.95 0.58
CA PHE A 68 0.02 5.30 1.38
C PHE A 68 0.21 6.81 1.48
N ARG A 69 1.30 7.21 2.15
CA ARG A 69 1.64 8.61 2.34
C ARG A 69 3.00 8.70 3.03
N GLN A 70 3.95 9.37 2.39
CA GLN A 70 5.28 9.49 2.94
C GLN A 70 5.44 10.74 3.79
N TYR A 71 6.46 10.70 4.67
CA TYR A 71 6.75 11.81 5.56
C TYR A 71 7.95 12.59 5.02
N LYS A 72 7.81 13.92 4.96
CA LYS A 72 8.85 14.80 4.43
C LYS A 72 9.95 15.09 5.46
N PRO A 73 9.60 15.73 6.59
CA PRO A 73 10.59 16.03 7.62
C PRO A 73 11.10 14.74 8.24
N GLN A 74 10.35 13.66 8.00
CA GLN A 74 10.71 12.35 8.52
C GLN A 74 11.51 11.54 7.50
N ARG A 75 11.32 11.84 6.21
CA ARG A 75 12.04 11.14 5.15
C ARG A 75 11.66 9.65 5.14
N PHE A 76 10.54 9.36 5.78
CA PHE A 76 10.03 8.00 5.88
C PHE A 76 8.60 7.94 5.42
N ALA A 77 8.13 6.77 5.00
CA ALA A 77 6.76 6.63 4.53
C ALA A 77 6.11 5.36 5.03
N GLU A 78 4.78 5.38 5.07
CA GLU A 78 4.00 4.23 5.51
C GLU A 78 2.98 3.88 4.44
N VAL A 79 2.79 2.59 4.17
CA VAL A 79 1.83 2.17 3.16
C VAL A 79 0.59 1.55 3.78
N ALA A 80 -0.58 2.00 3.32
CA ALA A 80 -1.84 1.47 3.80
C ALA A 80 -1.96 0.01 3.40
N PHE A 81 -1.26 -0.34 2.31
CA PHE A 81 -1.18 -1.70 1.78
C PHE A 81 -1.84 -1.83 0.41
N LEU A 82 -1.33 -2.79 -0.35
CA LEU A 82 -1.82 -3.08 -1.69
C LEU A 82 -2.37 -4.50 -1.71
N ALA A 83 -3.39 -4.74 -2.53
CA ALA A 83 -3.94 -6.09 -2.63
C ALA A 83 -5.32 -6.15 -3.26
N VAL A 84 -5.46 -7.12 -4.16
CA VAL A 84 -6.70 -7.40 -4.86
C VAL A 84 -7.62 -8.26 -3.97
N THR A 85 -8.93 -8.12 -4.12
CA THR A 85 -9.87 -8.89 -3.29
C THR A 85 -9.73 -10.40 -3.55
N ALA A 86 -10.17 -11.19 -2.57
CA ALA A 86 -10.08 -12.65 -2.57
C ALA A 86 -10.07 -13.32 -3.94
N ASN A 87 -11.09 -14.10 -4.25
CA ASN A 87 -11.10 -14.83 -5.52
C ASN A 87 -11.21 -13.92 -6.72
N GLU A 88 -10.62 -12.75 -6.60
CA GLU A 88 -10.60 -11.79 -7.67
C GLU A 88 -9.18 -11.63 -8.20
N GLN A 89 -8.20 -11.95 -7.35
CA GLN A 89 -6.80 -11.85 -7.72
C GLN A 89 -6.44 -12.88 -8.80
N VAL A 90 -5.18 -13.33 -8.76
CA VAL A 90 -4.67 -14.31 -9.73
C VAL A 90 -5.10 -13.97 -11.15
N ARG A 91 -5.24 -12.67 -11.41
CA ARG A 91 -5.64 -12.19 -12.73
C ARG A 91 -4.55 -11.30 -13.33
N GLY A 92 -3.80 -10.62 -12.47
CA GLY A 92 -2.74 -9.74 -12.93
C GLY A 92 -3.12 -8.27 -12.86
N TYR A 93 -3.34 -7.78 -11.64
CA TYR A 93 -3.72 -6.38 -11.44
C TYR A 93 -2.88 -5.75 -10.33
N GLY A 94 -2.93 -6.36 -9.14
CA GLY A 94 -2.18 -5.85 -8.00
C GLY A 94 -0.81 -5.29 -8.35
N THR A 95 0.04 -6.14 -8.95
CA THR A 95 1.40 -5.73 -9.32
C THR A 95 1.40 -4.37 -10.02
N ARG A 96 0.33 -4.07 -10.75
CA ARG A 96 0.22 -2.80 -11.45
C ARG A 96 0.25 -1.64 -10.46
N LEU A 97 -0.30 -1.88 -9.27
CA LEU A 97 -0.33 -0.86 -8.24
C LEU A 97 1.02 -0.73 -7.53
N MET A 98 1.52 -1.87 -7.02
CA MET A 98 2.80 -1.90 -6.31
C MET A 98 3.85 -1.09 -7.06
N ASN A 99 3.85 -1.19 -8.38
CA ASN A 99 4.80 -0.45 -9.19
C ASN A 99 4.42 1.03 -9.20
N LYS A 100 3.13 1.30 -9.38
CA LYS A 100 2.66 2.69 -9.38
C LYS A 100 3.02 3.34 -8.05
N PHE A 101 3.11 2.52 -7.01
CA PHE A 101 3.46 2.99 -5.68
C PHE A 101 4.91 3.47 -5.66
N LYS A 102 5.79 2.74 -6.33
CA LYS A 102 7.21 3.11 -6.37
C LYS A 102 7.40 4.42 -7.11
N ASP A 103 6.81 4.52 -8.30
CA ASP A 103 6.93 5.74 -9.10
C ASP A 103 6.61 6.97 -8.25
N HIS A 104 5.59 6.84 -7.41
CA HIS A 104 5.16 7.92 -6.54
C HIS A 104 6.13 8.08 -5.37
N MET A 105 6.62 6.96 -4.84
CA MET A 105 7.55 7.01 -3.72
C MET A 105 8.79 7.84 -4.06
N GLN A 106 9.07 7.99 -5.36
CA GLN A 106 10.20 8.77 -5.80
C GLN A 106 9.80 10.22 -6.07
N LYS A 107 8.53 10.40 -6.45
CA LYS A 107 8.01 11.74 -6.74
C LYS A 107 7.75 12.52 -5.46
N GLN A 108 7.91 11.87 -4.33
CA GLN A 108 7.70 12.51 -3.04
C GLN A 108 9.02 12.77 -2.33
N ASN A 109 10.06 12.13 -2.85
CA ASN A 109 11.41 12.27 -2.30
C ASN A 109 11.58 11.50 -1.00
N ILE A 110 10.69 10.52 -0.77
CA ILE A 110 10.76 9.72 0.43
C ILE A 110 11.15 8.29 0.06
N GLU A 111 12.22 7.78 0.66
CA GLU A 111 12.69 6.44 0.33
C GLU A 111 12.67 5.49 1.52
N TYR A 112 12.39 6.00 2.73
CA TYR A 112 12.37 5.14 3.89
C TYR A 112 10.95 4.69 4.25
N LEU A 113 10.40 3.79 3.44
CA LEU A 113 9.05 3.28 3.65
C LEU A 113 8.98 2.45 4.93
N LEU A 114 7.76 2.03 5.29
CA LEU A 114 7.56 1.23 6.48
C LEU A 114 6.15 0.60 6.54
N THR A 115 6.07 -0.56 7.18
CA THR A 115 4.81 -1.29 7.35
C THR A 115 5.01 -2.48 8.30
N TYR A 116 3.91 -3.11 8.67
CA TYR A 116 3.95 -4.29 9.52
C TYR A 116 3.50 -5.49 8.71
N ALA A 117 4.27 -5.81 7.67
CA ALA A 117 3.95 -6.90 6.75
C ALA A 117 4.27 -8.27 7.34
N ASP A 118 3.38 -9.23 7.08
CA ASP A 118 3.55 -10.59 7.56
C ASP A 118 4.09 -11.48 6.44
N ASN A 119 4.43 -12.72 6.79
CA ASN A 119 4.97 -13.67 5.81
C ASN A 119 4.23 -13.60 4.48
N PHE A 120 2.95 -13.25 4.53
CA PHE A 120 2.13 -13.15 3.33
C PHE A 120 2.56 -11.98 2.44
N ALA A 121 2.43 -10.77 2.96
CA ALA A 121 2.81 -9.58 2.22
C ALA A 121 4.32 -9.46 2.16
N ILE A 122 4.98 -10.09 3.12
CA ILE A 122 6.42 -10.10 3.20
C ILE A 122 7.02 -10.54 1.87
N GLY A 123 6.89 -11.83 1.56
CA GLY A 123 7.41 -12.35 0.32
C GLY A 123 6.80 -11.65 -0.89
N TYR A 124 5.55 -11.25 -0.76
CA TYR A 124 4.86 -10.56 -1.84
C TYR A 124 5.48 -9.19 -2.09
N PHE A 125 5.93 -8.55 -1.02
CA PHE A 125 6.55 -7.24 -1.14
C PHE A 125 7.97 -7.38 -1.68
N LYS A 126 8.75 -8.26 -1.06
CA LYS A 126 10.13 -8.51 -1.48
C LYS A 126 10.15 -8.92 -2.96
N LYS A 127 9.01 -9.41 -3.46
CA LYS A 127 8.89 -9.85 -4.84
C LYS A 127 8.67 -8.66 -5.79
N GLN A 128 7.93 -7.65 -5.34
CA GLN A 128 7.65 -6.50 -6.19
C GLN A 128 8.78 -5.46 -6.11
N GLY A 129 9.77 -5.72 -5.28
CA GLY A 129 10.88 -4.79 -5.15
C GLY A 129 11.16 -4.41 -3.70
N PHE A 130 10.09 -4.34 -2.92
CA PHE A 130 10.20 -3.99 -1.50
C PHE A 130 11.28 -4.82 -0.81
N THR A 131 11.54 -4.50 0.45
CA THR A 131 12.55 -5.23 1.23
C THR A 131 12.11 -5.38 2.68
N LYS A 132 11.64 -6.58 3.01
CA LYS A 132 11.18 -6.89 4.36
C LYS A 132 12.36 -6.91 5.33
N GLU A 133 13.54 -7.26 4.82
CA GLU A 133 14.74 -7.31 5.65
C GLU A 133 15.50 -6.00 5.58
N HIS A 134 16.18 -5.67 6.68
CA HIS A 134 16.96 -4.44 6.75
C HIS A 134 18.38 -4.71 7.24
N ARG A 135 19.24 -3.71 7.13
CA ARG A 135 20.64 -3.86 7.57
C ARG A 135 20.70 -4.31 9.03
N MET A 136 19.66 -3.99 9.79
CA MET A 136 19.59 -4.36 11.19
C MET A 136 18.87 -5.70 11.36
N PRO A 137 19.11 -6.40 12.48
CA PRO A 137 18.48 -7.70 12.75
C PRO A 137 16.96 -7.60 12.84
N GLN A 138 16.28 -8.68 12.49
CA GLN A 138 14.82 -8.72 12.53
C GLN A 138 14.31 -8.48 13.94
N GLU A 139 15.15 -8.78 14.93
CA GLU A 139 14.78 -8.58 16.33
C GLU A 139 14.37 -7.14 16.60
N LYS A 140 14.81 -6.22 15.74
CA LYS A 140 14.48 -4.82 15.89
C LYS A 140 13.19 -4.46 15.17
N TRP A 141 12.42 -5.47 14.79
CA TRP A 141 11.15 -5.26 14.09
C TRP A 141 10.22 -4.39 14.93
N LYS A 142 10.23 -4.60 16.24
CA LYS A 142 9.39 -3.84 17.15
C LYS A 142 9.93 -2.43 17.33
N GLY A 143 9.14 -1.44 16.94
CA GLY A 143 9.56 -0.06 17.08
C GLY A 143 9.35 0.75 15.81
N TYR A 144 8.86 0.11 14.76
CA TYR A 144 8.62 0.79 13.49
C TYR A 144 7.53 1.86 13.63
N ILE A 145 6.81 1.83 14.75
CA ILE A 145 5.75 2.80 15.03
C ILE A 145 4.42 2.38 14.41
N LYS A 146 3.33 2.83 15.02
CA LYS A 146 2.00 2.53 14.55
C LYS A 146 1.72 1.03 14.55
N ASP A 147 0.55 0.69 15.03
CA ASP A 147 0.13 -0.71 15.08
C ASP A 147 1.04 -1.53 15.99
N TYR A 148 0.42 -2.32 16.86
CA TYR A 148 1.16 -3.18 17.78
C TYR A 148 0.80 -4.64 17.56
N ASP A 149 1.78 -5.44 17.19
CA ASP A 149 1.57 -6.86 16.94
C ASP A 149 0.60 -7.08 15.78
N GLY A 150 1.02 -7.87 14.80
CA GLY A 150 0.19 -8.14 13.64
C GLY A 150 0.97 -8.71 12.48
N GLY A 151 2.10 -8.07 12.16
CA GLY A 151 2.94 -8.54 11.07
C GLY A 151 4.41 -8.38 11.37
N THR A 152 5.15 -7.78 10.45
CA THR A 152 6.58 -7.56 10.63
C THR A 152 6.98 -6.21 10.07
N LEU A 153 7.85 -5.52 10.79
CA LEU A 153 8.31 -4.21 10.34
C LEU A 153 9.05 -4.32 9.01
N MET A 154 8.35 -3.98 7.93
CA MET A 154 8.93 -4.01 6.60
C MET A 154 9.26 -2.59 6.14
N GLU A 155 10.22 -2.47 5.22
CA GLU A 155 10.61 -1.15 4.73
C GLU A 155 10.92 -1.21 3.23
N CYS A 156 10.73 -0.08 2.55
CA CYS A 156 11.00 -0.01 1.12
C CYS A 156 11.99 1.12 0.82
N TYR A 157 13.26 0.75 0.66
CA TYR A 157 14.31 1.72 0.37
C TYR A 157 14.20 2.24 -1.07
N ILE A 158 13.60 3.41 -1.23
CA ILE A 158 13.45 4.01 -2.55
C ILE A 158 14.72 4.76 -2.97
N HIS A 159 15.76 3.99 -3.30
CA HIS A 159 17.02 4.58 -3.72
C HIS A 159 16.84 5.46 -4.95
N PRO A 160 17.76 6.42 -5.17
CA PRO A 160 17.69 7.33 -6.31
C PRO A 160 18.20 6.70 -7.60
N TYR A 161 17.66 7.16 -8.72
CA TYR A 161 18.06 6.64 -10.03
C TYR A 161 17.92 5.13 -10.10
N VAL A 162 16.86 4.61 -9.49
CA VAL A 162 16.60 3.17 -9.50
C VAL A 162 15.62 2.79 -10.60
N ASP A 163 15.77 1.59 -11.14
CA ASP A 163 14.91 1.11 -12.22
C ASP A 163 13.59 0.59 -11.67
N TYR A 164 12.66 1.51 -11.42
CA TYR A 164 11.34 1.13 -10.89
C TYR A 164 10.28 1.24 -11.98
N GLY A 165 10.44 2.22 -12.86
CA GLY A 165 9.49 2.42 -13.94
C GLY A 165 9.83 3.61 -14.81
N ASN A 166 10.33 4.66 -14.19
CA ASN A 166 10.69 5.88 -14.92
C ASN A 166 11.89 5.62 -15.83
N MET A 1 -2.50 3.72 -18.47
CA MET A 1 -3.73 3.21 -17.81
C MET A 1 -4.73 2.71 -18.84
N LYS A 2 -4.24 2.07 -19.90
CA LYS A 2 -5.09 1.54 -20.95
C LYS A 2 -5.32 0.04 -20.77
N GLY A 3 -6.37 -0.31 -20.04
CA GLY A 3 -6.67 -1.71 -19.80
C GLY A 3 -8.13 -1.94 -19.47
N LEU A 4 -8.41 -3.04 -18.79
CA LEU A 4 -9.77 -3.38 -18.40
C LEU A 4 -10.18 -2.63 -17.13
N LEU A 5 -9.20 -2.32 -16.29
CA LEU A 5 -9.45 -1.60 -15.04
C LEU A 5 -9.06 -0.14 -15.16
N ASP A 6 -9.19 0.57 -14.05
CA ASP A 6 -8.85 1.98 -13.99
C ASP A 6 -8.31 2.33 -12.61
N PHE A 7 -7.24 3.10 -12.57
CA PHE A 7 -6.63 3.49 -11.31
C PHE A 7 -7.10 4.87 -10.88
N ASP A 8 -7.29 5.04 -9.57
CA ASP A 8 -7.74 6.32 -9.04
C ASP A 8 -6.94 6.70 -7.80
N ILE A 9 -6.56 7.97 -7.70
CA ILE A 9 -5.80 8.46 -6.57
C ILE A 9 -6.61 9.45 -5.75
N LEU A 10 -7.09 8.99 -4.60
CA LEU A 10 -7.89 9.82 -3.72
C LEU A 10 -7.30 9.91 -2.33
N THR A 11 -8.00 10.65 -1.47
CA THR A 11 -7.58 10.84 -0.09
C THR A 11 -8.72 10.53 0.86
N ASN A 12 -8.55 10.89 2.13
CA ASN A 12 -9.58 10.66 3.12
C ASN A 12 -10.26 11.96 3.48
N ASP A 13 -10.60 12.72 2.44
CA ASP A 13 -11.27 14.00 2.61
C ASP A 13 -12.62 13.80 3.29
N GLY A 14 -13.17 12.60 3.13
CA GLY A 14 -14.46 12.29 3.73
C GLY A 14 -15.63 12.65 2.83
N THR A 15 -15.69 11.99 1.68
CA THR A 15 -16.78 12.24 0.72
C THR A 15 -17.68 11.01 0.59
N HIS A 16 -18.41 10.94 -0.51
CA HIS A 16 -19.31 9.81 -0.75
C HIS A 16 -18.68 8.80 -1.70
N ARG A 17 -18.47 9.22 -2.94
CA ARG A 17 -17.88 8.33 -3.96
C ARG A 17 -16.48 7.88 -3.54
N ASN A 18 -15.58 8.83 -3.30
CA ASN A 18 -14.22 8.52 -2.90
C ASN A 18 -14.20 7.50 -1.77
N MET A 19 -14.94 7.81 -0.70
CA MET A 19 -15.01 6.93 0.46
C MET A 19 -15.29 5.48 0.05
N LYS A 20 -16.36 5.28 -0.72
CA LYS A 20 -16.73 3.95 -1.18
C LYS A 20 -15.53 3.18 -1.72
N LEU A 21 -14.72 3.84 -2.53
CA LEU A 21 -13.54 3.21 -3.11
C LEU A 21 -12.53 2.86 -2.02
N LEU A 22 -12.13 3.85 -1.24
CA LEU A 22 -11.17 3.66 -0.15
C LEU A 22 -11.61 2.50 0.75
N ILE A 23 -12.91 2.40 0.98
CA ILE A 23 -13.45 1.34 1.82
C ILE A 23 -13.05 -0.02 1.28
N ASP A 24 -13.38 -0.27 0.01
CA ASP A 24 -13.06 -1.53 -0.64
C ASP A 24 -11.62 -1.96 -0.34
N LEU A 25 -10.67 -1.05 -0.57
CA LEU A 25 -9.27 -1.34 -0.32
C LEU A 25 -9.05 -1.92 1.07
N LYS A 26 -9.64 -1.30 2.07
CA LYS A 26 -9.50 -1.73 3.45
C LYS A 26 -9.92 -3.19 3.63
N ASN A 27 -11.18 -3.49 3.33
CA ASN A 27 -11.69 -4.85 3.49
C ASN A 27 -10.90 -5.86 2.65
N ILE A 28 -10.54 -5.47 1.44
CA ILE A 28 -9.79 -6.37 0.55
C ILE A 28 -8.54 -6.88 1.27
N PHE A 29 -7.67 -5.97 1.69
CA PHE A 29 -6.45 -6.37 2.39
C PHE A 29 -6.80 -7.25 3.58
N SER A 30 -7.38 -6.62 4.61
CA SER A 30 -7.77 -7.33 5.83
C SER A 30 -8.44 -8.66 5.51
N ARG A 31 -9.12 -8.73 4.36
CA ARG A 31 -9.80 -9.96 3.96
C ARG A 31 -8.79 -11.04 3.61
N GLN A 32 -8.07 -10.87 2.51
CA GLN A 32 -7.08 -11.85 2.08
C GLN A 32 -5.97 -11.97 3.13
N LEU A 33 -5.88 -10.96 3.99
CA LEU A 33 -4.87 -10.94 5.05
C LEU A 33 -5.50 -11.28 6.40
N PRO A 34 -5.78 -12.58 6.64
CA PRO A 34 -6.39 -13.03 7.90
C PRO A 34 -5.47 -12.84 9.10
N LYS A 35 -4.18 -12.64 8.84
CA LYS A 35 -3.21 -12.46 9.91
C LYS A 35 -2.90 -10.98 10.14
N MET A 36 -3.77 -10.11 9.64
CA MET A 36 -3.59 -8.67 9.80
C MET A 36 -4.86 -8.01 10.32
N PRO A 37 -4.82 -7.43 11.54
CA PRO A 37 -5.98 -6.75 12.14
C PRO A 37 -6.67 -5.81 11.17
N LYS A 38 -8.00 -5.77 11.25
CA LYS A 38 -8.80 -4.91 10.39
C LYS A 38 -8.59 -3.45 10.75
N GLU A 39 -8.50 -3.17 12.05
CA GLU A 39 -8.31 -1.82 12.54
C GLU A 39 -7.01 -1.22 12.01
N TYR A 40 -6.02 -2.08 11.77
CA TYR A 40 -4.73 -1.63 11.25
C TYR A 40 -4.91 -0.94 9.92
N ILE A 41 -5.25 -1.73 8.88
CA ILE A 41 -5.48 -1.17 7.56
C ILE A 41 -6.41 0.04 7.66
N VAL A 42 -7.33 -0.05 8.60
CA VAL A 42 -8.29 1.02 8.84
C VAL A 42 -7.55 2.26 9.36
N LYS A 43 -6.66 2.03 10.31
CA LYS A 43 -5.87 3.11 10.89
C LYS A 43 -4.96 3.73 9.84
N LEU A 44 -4.27 2.87 9.10
CA LEU A 44 -3.35 3.33 8.06
C LEU A 44 -4.09 3.87 6.85
N VAL A 45 -5.18 3.20 6.45
CA VAL A 45 -5.96 3.65 5.29
C VAL A 45 -6.76 4.90 5.62
N PHE A 46 -7.33 4.94 6.82
CA PHE A 46 -8.12 6.09 7.25
C PHE A 46 -7.33 6.99 8.21
N ASP A 47 -6.01 6.84 8.20
CA ASP A 47 -5.14 7.65 9.06
C ASP A 47 -5.43 9.13 8.89
N ARG A 48 -4.70 9.95 9.64
CA ARG A 48 -4.87 11.40 9.59
C ARG A 48 -4.58 11.94 8.19
N HIS A 49 -5.56 11.83 7.30
CA HIS A 49 -5.43 12.31 5.93
C HIS A 49 -4.24 11.65 5.22
N HIS A 50 -4.54 10.77 4.27
CA HIS A 50 -3.50 10.07 3.52
C HIS A 50 -3.96 9.81 2.09
N GLU A 51 -3.00 9.54 1.21
CA GLU A 51 -3.31 9.26 -0.20
C GLU A 51 -3.82 7.84 -0.37
N SER A 52 -4.28 7.51 -1.57
CA SER A 52 -4.80 6.17 -1.84
C SER A 52 -4.98 5.92 -3.33
N MET A 53 -4.33 4.88 -3.83
CA MET A 53 -4.42 4.50 -5.23
C MET A 53 -5.22 3.20 -5.36
N VAL A 54 -6.42 3.29 -5.91
CA VAL A 54 -7.28 2.12 -6.04
C VAL A 54 -7.38 1.64 -7.48
N ILE A 55 -8.09 0.53 -7.64
CA ILE A 55 -8.32 -0.06 -8.95
C ILE A 55 -9.81 -0.16 -9.20
N LEU A 56 -10.18 -0.17 -10.46
CA LEU A 56 -11.58 -0.27 -10.83
C LEU A 56 -11.75 -1.17 -12.05
N LYS A 57 -12.05 -2.43 -11.78
CA LYS A 57 -12.23 -3.43 -12.83
C LYS A 57 -13.62 -3.31 -13.44
N ASN A 58 -13.91 -2.10 -13.95
CA ASN A 58 -15.18 -1.77 -14.58
C ASN A 58 -15.50 -0.29 -14.39
N LYS A 59 -14.47 0.52 -14.16
CA LYS A 59 -14.62 1.97 -13.95
C LYS A 59 -14.97 2.31 -12.50
N GLN A 60 -15.62 1.38 -11.79
CA GLN A 60 -16.01 1.61 -10.42
C GLN A 60 -15.94 0.31 -9.62
N LYS A 61 -15.60 -0.78 -10.29
CA LYS A 61 -15.52 -2.07 -9.64
C LYS A 61 -14.17 -2.25 -8.95
N VAL A 62 -14.07 -1.73 -7.73
CA VAL A 62 -12.82 -1.84 -6.97
C VAL A 62 -12.41 -3.29 -6.80
N ILE A 63 -11.17 -3.59 -7.16
CA ILE A 63 -10.65 -4.95 -7.03
C ILE A 63 -9.39 -4.96 -6.19
N GLY A 64 -8.54 -3.96 -6.38
CA GLY A 64 -7.32 -3.85 -5.63
C GLY A 64 -6.89 -2.41 -5.47
N GLY A 65 -5.64 -2.19 -5.12
CA GLY A 65 -5.14 -0.84 -4.97
C GLY A 65 -4.32 -0.66 -3.72
N ILE A 66 -3.36 0.26 -3.78
CA ILE A 66 -2.49 0.56 -2.65
C ILE A 66 -2.82 1.91 -2.05
N CYS A 67 -2.54 2.06 -0.77
CA CYS A 67 -2.78 3.32 -0.07
C CYS A 67 -1.54 3.70 0.73
N PHE A 68 -1.25 5.00 0.82
CA PHE A 68 -0.06 5.44 1.55
C PHE A 68 0.03 6.96 1.60
N ARG A 69 1.16 7.44 2.10
CA ARG A 69 1.42 8.86 2.24
C ARG A 69 2.90 9.11 2.50
N GLN A 70 3.56 9.77 1.56
CA GLN A 70 4.98 10.07 1.67
C GLN A 70 5.22 11.22 2.64
N TYR A 71 5.92 10.92 3.73
CA TYR A 71 6.23 11.92 4.75
C TYR A 71 7.46 12.73 4.36
N LYS A 72 7.22 13.93 3.86
CA LYS A 72 8.30 14.82 3.41
C LYS A 72 9.22 15.21 4.56
N PRO A 73 8.71 15.92 5.58
CA PRO A 73 9.52 16.30 6.73
C PRO A 73 9.83 15.05 7.55
N GLN A 74 10.27 14.02 6.84
CA GLN A 74 10.56 12.74 7.45
C GLN A 74 11.50 11.92 6.56
N ARG A 75 11.25 11.97 5.24
CA ARG A 75 12.05 11.23 4.26
C ARG A 75 11.60 9.79 4.15
N PHE A 76 10.45 9.50 4.75
CA PHE A 76 9.89 8.15 4.71
C PHE A 76 8.42 8.19 4.36
N ALA A 77 7.83 7.03 4.10
CA ALA A 77 6.42 6.95 3.74
C ALA A 77 5.76 5.70 4.32
N GLU A 78 4.56 5.87 4.84
CA GLU A 78 3.81 4.76 5.40
C GLU A 78 2.80 4.26 4.38
N VAL A 79 2.71 2.95 4.22
CA VAL A 79 1.77 2.39 3.25
C VAL A 79 0.54 1.81 3.95
N ALA A 80 -0.61 2.39 3.66
CA ALA A 80 -1.86 1.95 4.26
C ALA A 80 -2.08 0.47 3.98
N PHE A 81 -1.58 0.02 2.82
CA PHE A 81 -1.65 -1.37 2.37
C PHE A 81 -2.32 -1.48 1.02
N LEU A 82 -1.87 -2.44 0.23
CA LEU A 82 -2.41 -2.68 -1.09
C LEU A 82 -2.83 -4.12 -1.23
N ALA A 83 -3.51 -4.43 -2.32
CA ALA A 83 -3.96 -5.79 -2.58
C ALA A 83 -5.00 -5.87 -3.68
N VAL A 84 -5.60 -7.04 -3.76
CA VAL A 84 -6.65 -7.35 -4.72
C VAL A 84 -7.64 -8.31 -4.04
N THR A 85 -8.93 -8.17 -4.32
CA THR A 85 -9.92 -9.04 -3.68
C THR A 85 -9.65 -10.52 -3.96
N ALA A 86 -10.08 -11.36 -3.02
CA ALA A 86 -9.89 -12.81 -3.03
C ALA A 86 -9.79 -13.47 -4.41
N ASN A 87 -10.76 -14.33 -4.74
CA ASN A 87 -10.71 -15.06 -6.01
C ASN A 87 -10.81 -14.15 -7.22
N GLU A 88 -10.27 -12.95 -7.09
CA GLU A 88 -10.27 -12.00 -8.17
C GLU A 88 -8.85 -11.77 -8.67
N GLN A 89 -7.88 -11.99 -7.77
CA GLN A 89 -6.48 -11.80 -8.12
C GLN A 89 -6.03 -12.80 -9.18
N VAL A 90 -4.72 -13.08 -9.21
CA VAL A 90 -4.13 -14.01 -10.17
C VAL A 90 -4.67 -13.77 -11.58
N ARG A 91 -4.17 -12.73 -12.22
CA ARG A 91 -4.59 -12.37 -13.56
C ARG A 91 -3.63 -11.34 -14.17
N GLY A 92 -3.14 -10.42 -13.33
CA GLY A 92 -2.22 -9.41 -13.80
C GLY A 92 -2.59 -8.01 -13.34
N TYR A 93 -2.93 -7.88 -12.06
CA TYR A 93 -3.29 -6.58 -11.50
C TYR A 93 -2.36 -6.18 -10.37
N GLY A 94 -2.45 -6.91 -9.25
CA GLY A 94 -1.62 -6.64 -8.08
C GLY A 94 -0.23 -6.10 -8.42
N THR A 95 0.52 -6.82 -9.25
CA THR A 95 1.86 -6.39 -9.64
C THR A 95 1.88 -4.95 -10.11
N ARG A 96 0.94 -4.61 -10.99
CA ARG A 96 0.84 -3.24 -11.49
C ARG A 96 0.63 -2.26 -10.34
N LEU A 97 0.15 -2.78 -9.21
CA LEU A 97 -0.11 -1.95 -8.04
C LEU A 97 1.20 -1.66 -7.29
N MET A 98 1.82 -2.72 -6.79
CA MET A 98 3.07 -2.59 -6.04
C MET A 98 4.02 -1.63 -6.73
N ASN A 99 4.21 -1.82 -8.04
CA ASN A 99 5.09 -0.95 -8.80
C ASN A 99 4.52 0.46 -8.88
N LYS A 100 3.21 0.58 -9.06
CA LYS A 100 2.56 1.88 -9.13
C LYS A 100 2.85 2.67 -7.87
N PHE A 101 2.97 1.94 -6.75
CA PHE A 101 3.25 2.56 -5.47
C PHE A 101 4.67 3.14 -5.46
N LYS A 102 5.61 2.42 -6.05
CA LYS A 102 6.99 2.88 -6.10
C LYS A 102 7.14 4.09 -7.01
N ASP A 103 6.58 3.99 -8.22
CA ASP A 103 6.66 5.08 -9.18
C ASP A 103 6.23 6.39 -8.52
N HIS A 104 5.25 6.31 -7.63
CA HIS A 104 4.74 7.48 -6.92
C HIS A 104 5.72 7.92 -5.83
N MET A 105 6.25 6.95 -5.09
CA MET A 105 7.19 7.27 -4.01
C MET A 105 8.38 8.06 -4.55
N GLN A 106 8.70 7.85 -5.82
CA GLN A 106 9.82 8.54 -6.44
C GLN A 106 9.40 9.94 -6.89
N LYS A 107 8.14 10.07 -7.29
CA LYS A 107 7.61 11.36 -7.75
C LYS A 107 7.27 12.27 -6.58
N GLN A 108 7.45 11.78 -5.36
CA GLN A 108 7.16 12.55 -4.17
C GLN A 108 8.43 12.86 -3.39
N ASN A 109 9.51 12.23 -3.81
CA ASN A 109 10.82 12.42 -3.19
C ASN A 109 10.96 11.64 -1.89
N ILE A 110 10.08 10.66 -1.68
CA ILE A 110 10.15 9.83 -0.49
C ILE A 110 10.56 8.42 -0.87
N GLU A 111 11.62 7.92 -0.23
CA GLU A 111 12.13 6.59 -0.56
C GLU A 111 12.00 5.61 0.60
N TYR A 112 12.12 6.10 1.83
CA TYR A 112 12.03 5.21 3.00
C TYR A 112 10.60 4.76 3.25
N LEU A 113 10.28 3.54 2.82
CA LEU A 113 8.96 2.96 3.01
C LEU A 113 8.89 2.24 4.36
N LEU A 114 7.67 1.98 4.84
CA LEU A 114 7.52 1.31 6.14
C LEU A 114 6.11 0.74 6.34
N THR A 115 6.04 -0.39 7.07
CA THR A 115 4.76 -1.03 7.39
C THR A 115 4.95 -2.10 8.47
N TYR A 116 3.85 -2.77 8.77
CA TYR A 116 3.82 -3.87 9.72
C TYR A 116 3.21 -5.06 9.00
N ALA A 117 3.90 -5.47 7.94
CA ALA A 117 3.44 -6.56 7.07
C ALA A 117 3.74 -7.94 7.64
N ASP A 118 2.77 -8.84 7.52
CA ASP A 118 2.93 -10.21 8.00
C ASP A 118 3.51 -11.11 6.92
N ASN A 119 3.75 -12.38 7.27
CA ASN A 119 4.32 -13.36 6.35
C ASN A 119 3.68 -13.26 4.96
N PHE A 120 2.43 -12.84 4.90
CA PHE A 120 1.72 -12.72 3.64
C PHE A 120 2.35 -11.64 2.75
N ALA A 121 2.22 -10.39 3.16
CA ALA A 121 2.78 -9.27 2.40
C ALA A 121 4.30 -9.34 2.45
N ILE A 122 4.80 -9.92 3.52
CA ILE A 122 6.22 -10.10 3.72
C ILE A 122 6.88 -10.61 2.43
N GLY A 123 6.61 -11.88 2.10
CA GLY A 123 7.16 -12.46 0.90
C GLY A 123 6.75 -11.70 -0.34
N TYR A 124 5.53 -11.17 -0.33
CA TYR A 124 5.03 -10.39 -1.46
C TYR A 124 5.85 -9.12 -1.65
N PHE A 125 6.37 -8.59 -0.55
CA PHE A 125 7.17 -7.38 -0.59
C PHE A 125 8.59 -7.71 -1.05
N LYS A 126 9.16 -8.75 -0.46
CA LYS A 126 10.51 -9.18 -0.80
C LYS A 126 10.56 -9.69 -2.24
N LYS A 127 9.38 -9.84 -2.86
CA LYS A 127 9.30 -10.34 -4.23
C LYS A 127 9.19 -9.20 -5.24
N GLN A 128 8.53 -8.10 -4.86
CA GLN A 128 8.37 -6.98 -5.79
C GLN A 128 9.52 -5.98 -5.67
N GLY A 129 10.43 -6.21 -4.73
CA GLY A 129 11.55 -5.31 -4.55
C GLY A 129 11.69 -4.82 -3.12
N PHE A 130 10.59 -4.85 -2.38
CA PHE A 130 10.57 -4.40 -1.00
C PHE A 130 11.44 -5.32 -0.14
N THR A 131 11.62 -4.96 1.12
CA THR A 131 12.43 -5.77 2.02
C THR A 131 11.86 -5.82 3.43
N LYS A 132 11.50 -7.02 3.87
CA LYS A 132 10.95 -7.23 5.20
C LYS A 132 12.04 -7.17 6.26
N GLU A 133 13.29 -7.40 5.85
CA GLU A 133 14.43 -7.38 6.77
C GLU A 133 14.32 -6.22 7.74
N HIS A 134 14.65 -6.49 9.01
CA HIS A 134 14.60 -5.47 10.04
C HIS A 134 15.63 -4.38 9.80
N ARG A 135 16.90 -4.68 10.07
CA ARG A 135 17.98 -3.72 9.88
C ARG A 135 17.85 -2.57 10.87
N MET A 136 16.84 -1.73 10.66
CA MET A 136 16.61 -0.59 11.54
C MET A 136 15.44 -0.87 12.49
N PRO A 137 15.51 -0.35 13.72
CA PRO A 137 14.46 -0.54 14.72
C PRO A 137 13.16 0.18 14.36
N GLN A 138 12.12 -0.08 15.14
CA GLN A 138 10.81 0.54 14.91
C GLN A 138 10.65 1.75 15.83
N GLU A 139 11.74 2.50 16.02
CA GLU A 139 11.73 3.69 16.87
C GLU A 139 10.92 4.82 16.25
N LYS A 140 11.31 5.24 15.05
CA LYS A 140 10.61 6.32 14.35
C LYS A 140 9.43 5.78 13.56
N TRP A 141 8.79 4.75 14.12
CA TRP A 141 7.64 4.11 13.49
C TRP A 141 6.33 4.70 13.99
N LYS A 142 6.39 5.38 15.14
CA LYS A 142 5.21 5.99 15.74
C LYS A 142 4.39 6.76 14.69
N GLY A 143 3.08 6.61 14.76
CA GLY A 143 2.20 7.29 13.81
C GLY A 143 1.35 6.32 13.02
N TYR A 144 2.01 5.39 12.33
CA TYR A 144 1.32 4.40 11.51
C TYR A 144 1.69 2.98 11.94
N ILE A 145 2.44 2.85 13.01
CA ILE A 145 2.87 1.54 13.52
C ILE A 145 3.13 1.59 15.02
N LYS A 146 2.66 0.57 15.73
CA LYS A 146 2.85 0.51 17.18
C LYS A 146 2.15 -0.72 17.75
N ASP A 147 2.76 -1.32 18.75
CA ASP A 147 2.22 -2.50 19.41
C ASP A 147 2.40 -3.75 18.55
N TYR A 148 2.89 -4.82 19.17
CA TYR A 148 3.12 -6.07 18.46
C TYR A 148 1.81 -6.72 18.04
N ASP A 149 1.91 -7.85 17.36
CA ASP A 149 0.73 -8.57 16.88
C ASP A 149 0.05 -7.83 15.75
N GLY A 150 0.20 -8.33 14.53
CA GLY A 150 -0.40 -7.71 13.37
C GLY A 150 0.33 -8.02 12.09
N GLY A 151 1.64 -8.19 12.19
CA GLY A 151 2.45 -8.49 11.03
C GLY A 151 3.94 -8.47 11.33
N THR A 152 4.68 -7.67 10.56
CA THR A 152 6.11 -7.57 10.75
C THR A 152 6.60 -6.22 10.26
N LEU A 153 7.58 -5.65 10.95
CA LEU A 153 8.13 -4.36 10.57
C LEU A 153 8.67 -4.42 9.15
N MET A 154 8.00 -3.71 8.24
CA MET A 154 8.41 -3.65 6.85
C MET A 154 9.23 -2.41 6.59
N GLU A 155 10.00 -2.41 5.51
CA GLU A 155 10.83 -1.27 5.17
C GLU A 155 11.42 -1.42 3.77
N CYS A 156 11.59 -0.29 3.09
CA CYS A 156 12.15 -0.30 1.74
C CYS A 156 12.65 1.09 1.35
N TYR A 157 13.66 1.12 0.48
CA TYR A 157 14.24 2.38 0.03
C TYR A 157 14.10 2.54 -1.49
N ILE A 158 13.38 3.58 -1.91
CA ILE A 158 13.17 3.85 -3.33
C ILE A 158 14.48 4.28 -3.98
N HIS A 159 14.73 3.77 -5.19
CA HIS A 159 15.94 4.10 -5.92
C HIS A 159 15.67 5.20 -6.95
N PRO A 160 16.03 6.46 -6.63
CA PRO A 160 15.82 7.60 -7.54
C PRO A 160 16.66 7.48 -8.81
N TYR A 161 17.73 6.69 -8.74
CA TYR A 161 18.61 6.50 -9.89
C TYR A 161 17.84 5.94 -11.07
N VAL A 162 16.85 5.10 -10.79
CA VAL A 162 16.02 4.51 -11.83
C VAL A 162 14.87 5.42 -12.21
N ASP A 163 14.42 5.32 -13.45
CA ASP A 163 13.31 6.14 -13.94
C ASP A 163 12.08 5.29 -14.22
N TYR A 164 11.28 5.06 -13.17
CA TYR A 164 10.07 4.25 -13.30
C TYR A 164 9.04 4.97 -14.17
N GLY A 165 8.69 6.20 -13.78
CA GLY A 165 7.72 6.97 -14.53
C GLY A 165 8.32 7.60 -15.77
N ASN A 166 9.45 8.29 -15.60
CA ASN A 166 10.13 8.95 -16.70
C ASN A 166 9.23 10.03 -17.32
N MET A 1 1.42 -5.41 -22.54
CA MET A 1 0.26 -5.95 -21.79
C MET A 1 -0.81 -4.89 -21.59
N LYS A 2 -1.63 -4.69 -22.62
CA LYS A 2 -2.70 -3.70 -22.56
C LYS A 2 -3.64 -3.99 -21.39
N GLY A 3 -3.68 -3.08 -20.42
CA GLY A 3 -4.54 -3.26 -19.27
C GLY A 3 -5.94 -2.75 -19.52
N LEU A 4 -6.91 -3.66 -19.50
CA LEU A 4 -8.31 -3.29 -19.71
C LEU A 4 -8.91 -2.65 -18.46
N LEU A 5 -8.25 -2.83 -17.33
CA LEU A 5 -8.73 -2.26 -16.07
C LEU A 5 -8.31 -0.80 -15.94
N ASP A 6 -8.92 -0.09 -14.99
CA ASP A 6 -8.61 1.31 -14.76
C ASP A 6 -8.33 1.59 -13.29
N PHE A 7 -7.33 2.44 -13.02
CA PHE A 7 -6.97 2.79 -11.66
C PHE A 7 -7.65 4.07 -11.22
N ASP A 8 -7.75 4.28 -9.91
CA ASP A 8 -8.39 5.48 -9.38
C ASP A 8 -7.63 5.99 -8.16
N ILE A 9 -7.61 7.31 -7.99
CA ILE A 9 -6.92 7.92 -6.86
C ILE A 9 -7.83 8.87 -6.09
N LEU A 10 -8.24 8.43 -4.91
CA LEU A 10 -9.13 9.22 -4.07
C LEU A 10 -8.52 9.47 -2.70
N THR A 11 -9.28 10.16 -1.86
CA THR A 11 -8.84 10.48 -0.51
C THR A 11 -9.95 10.23 0.49
N ASN A 12 -9.69 10.56 1.75
CA ASN A 12 -10.69 10.38 2.80
C ASN A 12 -11.23 11.73 3.21
N ASP A 13 -11.51 12.55 2.21
CA ASP A 13 -12.06 13.89 2.43
C ASP A 13 -13.49 13.81 2.95
N GLY A 14 -14.12 12.66 2.76
CA GLY A 14 -15.48 12.47 3.22
C GLY A 14 -16.51 12.94 2.21
N THR A 15 -16.31 12.58 0.95
CA THR A 15 -17.24 12.96 -0.12
C THR A 15 -18.34 11.92 -0.29
N HIS A 16 -18.05 10.88 -1.06
CA HIS A 16 -19.02 9.81 -1.30
C HIS A 16 -18.39 8.66 -2.08
N ARG A 17 -18.11 8.91 -3.36
CA ARG A 17 -17.50 7.90 -4.21
C ARG A 17 -16.14 7.47 -3.67
N ASN A 18 -15.45 8.42 -3.04
CA ASN A 18 -14.14 8.15 -2.46
C ASN A 18 -14.22 7.06 -1.40
N MET A 19 -15.19 7.22 -0.50
CA MET A 19 -15.39 6.26 0.58
C MET A 19 -15.64 4.86 0.05
N LYS A 20 -16.65 4.73 -0.81
CA LYS A 20 -17.01 3.44 -1.40
C LYS A 20 -15.78 2.67 -1.86
N LEU A 21 -14.97 3.30 -2.69
CA LEU A 21 -13.77 2.68 -3.20
C LEU A 21 -12.75 2.44 -2.09
N LEU A 22 -12.49 3.48 -1.31
CA LEU A 22 -11.55 3.38 -0.19
C LEU A 22 -11.94 2.24 0.73
N ILE A 23 -13.25 2.04 0.90
CA ILE A 23 -13.75 0.96 1.75
C ILE A 23 -13.25 -0.38 1.25
N ASP A 24 -13.45 -0.62 -0.05
CA ASP A 24 -13.01 -1.87 -0.67
C ASP A 24 -11.59 -2.21 -0.25
N LEU A 25 -10.65 -1.32 -0.57
CA LEU A 25 -9.24 -1.53 -0.24
C LEU A 25 -9.06 -2.03 1.19
N LYS A 26 -9.72 -1.36 2.13
CA LYS A 26 -9.61 -1.72 3.54
C LYS A 26 -10.05 -3.17 3.77
N ASN A 27 -11.32 -3.45 3.53
CA ASN A 27 -11.85 -4.80 3.74
C ASN A 27 -11.10 -5.82 2.90
N ILE A 28 -10.59 -5.40 1.73
CA ILE A 28 -9.84 -6.30 0.87
C ILE A 28 -8.68 -6.90 1.65
N PHE A 29 -7.74 -6.06 2.04
CA PHE A 29 -6.58 -6.52 2.82
C PHE A 29 -7.04 -7.28 4.05
N SER A 30 -7.59 -6.53 5.01
CA SER A 30 -8.09 -7.09 6.27
C SER A 30 -8.72 -8.46 6.06
N ARG A 31 -9.39 -8.64 4.93
CA ARG A 31 -10.03 -9.91 4.61
C ARG A 31 -8.98 -11.00 4.39
N GLN A 32 -8.22 -10.87 3.31
CA GLN A 32 -7.19 -11.84 2.99
C GLN A 32 -6.12 -11.86 4.09
N LEU A 33 -6.07 -10.78 4.87
CA LEU A 33 -5.13 -10.65 5.96
C LEU A 33 -5.82 -10.85 7.31
N PRO A 34 -6.19 -12.10 7.65
CA PRO A 34 -6.87 -12.41 8.91
C PRO A 34 -5.97 -12.22 10.12
N LYS A 35 -4.70 -12.61 9.98
CA LYS A 35 -3.75 -12.48 11.08
C LYS A 35 -3.65 -11.04 11.57
N MET A 36 -3.97 -10.09 10.68
CA MET A 36 -3.91 -8.67 11.04
C MET A 36 -5.30 -8.15 11.40
N PRO A 37 -5.38 -7.25 12.41
CA PRO A 37 -6.66 -6.67 12.84
C PRO A 37 -7.19 -5.65 11.85
N LYS A 38 -8.51 -5.66 11.66
CA LYS A 38 -9.16 -4.74 10.73
C LYS A 38 -8.84 -3.29 11.09
N GLU A 39 -8.83 -3.02 12.40
CA GLU A 39 -8.56 -1.67 12.89
C GLU A 39 -7.27 -1.11 12.28
N TYR A 40 -6.29 -1.98 12.06
CA TYR A 40 -5.03 -1.56 11.47
C TYR A 40 -5.25 -0.94 10.11
N ILE A 41 -5.60 -1.76 9.12
CA ILE A 41 -5.87 -1.26 7.78
C ILE A 41 -6.82 -0.09 7.85
N VAL A 42 -7.72 -0.14 8.83
CA VAL A 42 -8.68 0.93 9.04
C VAL A 42 -7.95 2.20 9.45
N LYS A 43 -7.02 2.05 10.38
CA LYS A 43 -6.21 3.17 10.85
C LYS A 43 -5.26 3.62 9.74
N LEU A 44 -4.61 2.64 9.12
CA LEU A 44 -3.66 2.90 8.05
C LEU A 44 -4.35 3.46 6.80
N VAL A 45 -5.55 2.97 6.52
CA VAL A 45 -6.29 3.43 5.34
C VAL A 45 -7.11 4.69 5.65
N PHE A 46 -7.76 4.70 6.80
CA PHE A 46 -8.57 5.85 7.19
C PHE A 46 -7.79 6.80 8.10
N ASP A 47 -6.46 6.70 8.07
CA ASP A 47 -5.61 7.55 8.88
C ASP A 47 -5.96 9.02 8.69
N ARG A 48 -5.24 9.90 9.38
CA ARG A 48 -5.46 11.34 9.30
C ARG A 48 -5.78 11.79 7.88
N HIS A 49 -4.76 11.86 7.04
CA HIS A 49 -4.94 12.29 5.65
C HIS A 49 -3.85 11.68 4.76
N HIS A 50 -4.23 11.34 3.53
CA HIS A 50 -3.28 10.75 2.58
C HIS A 50 -3.99 10.35 1.29
N GLU A 51 -3.21 9.99 0.28
CA GLU A 51 -3.75 9.57 -1.01
C GLU A 51 -4.07 8.08 -0.98
N SER A 52 -4.83 7.62 -1.97
CA SER A 52 -5.19 6.21 -2.06
C SER A 52 -5.52 5.80 -3.49
N MET A 53 -4.78 4.82 -4.00
CA MET A 53 -5.00 4.32 -5.34
C MET A 53 -5.83 3.05 -5.32
N VAL A 54 -6.68 2.87 -6.32
CA VAL A 54 -7.54 1.69 -6.38
C VAL A 54 -7.56 1.07 -7.78
N ILE A 55 -7.88 -0.21 -7.84
CA ILE A 55 -7.95 -0.92 -9.10
C ILE A 55 -9.39 -1.18 -9.48
N LEU A 56 -9.83 -0.56 -10.55
CA LEU A 56 -11.19 -0.75 -11.04
C LEU A 56 -11.18 -1.67 -12.23
N LYS A 57 -11.61 -2.89 -12.02
CA LYS A 57 -11.66 -3.87 -13.09
C LYS A 57 -13.01 -3.86 -13.78
N ASN A 58 -13.45 -2.65 -14.11
CA ASN A 58 -14.71 -2.42 -14.80
C ASN A 58 -15.12 -0.95 -14.70
N LYS A 59 -14.14 -0.06 -14.54
CA LYS A 59 -14.37 1.38 -14.43
C LYS A 59 -14.69 1.79 -12.99
N GLN A 60 -15.34 0.90 -12.25
CA GLN A 60 -15.72 1.19 -10.88
C GLN A 60 -15.67 -0.09 -10.05
N LYS A 61 -15.15 -1.16 -10.64
CA LYS A 61 -15.08 -2.43 -9.95
C LYS A 61 -13.76 -2.56 -9.19
N VAL A 62 -13.75 -2.06 -7.96
CA VAL A 62 -12.55 -2.13 -7.14
C VAL A 62 -12.08 -3.58 -6.96
N ILE A 63 -10.81 -3.82 -7.19
CA ILE A 63 -10.25 -5.17 -7.04
C ILE A 63 -8.96 -5.14 -6.23
N GLY A 64 -8.22 -4.05 -6.38
CA GLY A 64 -6.98 -3.86 -5.66
C GLY A 64 -6.75 -2.39 -5.40
N GLY A 65 -5.57 -2.04 -4.90
CA GLY A 65 -5.29 -0.64 -4.64
C GLY A 65 -4.35 -0.42 -3.48
N ILE A 66 -3.52 0.62 -3.59
CA ILE A 66 -2.58 0.96 -2.54
C ILE A 66 -2.87 2.35 -1.99
N CYS A 67 -2.61 2.54 -0.71
CA CYS A 67 -2.80 3.83 -0.06
C CYS A 67 -1.59 4.14 0.80
N PHE A 68 -1.13 5.38 0.79
CA PHE A 68 0.05 5.74 1.57
C PHE A 68 0.29 7.25 1.65
N ARG A 69 1.40 7.60 2.29
CA ARG A 69 1.81 8.99 2.46
C ARG A 69 3.22 9.02 3.03
N GLN A 70 4.16 9.58 2.27
CA GLN A 70 5.54 9.62 2.70
C GLN A 70 5.85 10.88 3.52
N TYR A 71 6.89 10.77 4.35
CA TYR A 71 7.31 11.88 5.20
C TYR A 71 8.53 12.58 4.59
N LYS A 72 8.47 13.90 4.52
CA LYS A 72 9.56 14.70 3.92
C LYS A 72 10.68 14.99 4.91
N PRO A 73 10.41 15.71 6.02
CA PRO A 73 11.43 16.00 7.01
C PRO A 73 11.92 14.72 7.67
N GLN A 74 11.13 13.67 7.51
CA GLN A 74 11.46 12.37 8.06
C GLN A 74 12.24 11.51 7.07
N ARG A 75 12.06 11.81 5.77
CA ARG A 75 12.75 11.07 4.72
C ARG A 75 12.31 9.62 4.66
N PHE A 76 11.16 9.34 5.26
CA PHE A 76 10.62 7.99 5.27
C PHE A 76 9.15 8.02 4.91
N ALA A 77 8.57 6.87 4.59
CA ALA A 77 7.17 6.81 4.22
C ALA A 77 6.46 5.60 4.81
N GLU A 78 5.15 5.74 4.98
CA GLU A 78 4.32 4.67 5.51
C GLU A 78 3.24 4.31 4.50
N VAL A 79 2.98 3.03 4.31
CA VAL A 79 1.96 2.61 3.35
C VAL A 79 0.72 2.11 4.04
N ALA A 80 -0.42 2.74 3.76
CA ALA A 80 -1.69 2.33 4.35
C ALA A 80 -1.90 0.84 4.16
N PHE A 81 -1.54 0.37 2.96
CA PHE A 81 -1.61 -1.06 2.57
C PHE A 81 -2.20 -1.22 1.18
N LEU A 82 -1.69 -2.24 0.49
CA LEU A 82 -2.12 -2.55 -0.87
C LEU A 82 -2.46 -4.01 -0.99
N ALA A 83 -3.42 -4.33 -1.84
CA ALA A 83 -3.81 -5.73 -2.04
C ALA A 83 -5.15 -5.89 -2.76
N VAL A 84 -5.18 -6.86 -3.65
CA VAL A 84 -6.37 -7.19 -4.41
C VAL A 84 -7.32 -8.04 -3.55
N THR A 85 -8.63 -7.91 -3.78
CA THR A 85 -9.61 -8.67 -2.98
C THR A 85 -9.45 -10.18 -3.18
N ALA A 86 -9.94 -10.93 -2.20
CA ALA A 86 -9.85 -12.39 -2.15
C ALA A 86 -9.81 -13.12 -3.49
N ASN A 87 -10.81 -13.94 -3.77
CA ASN A 87 -10.79 -14.73 -5.00
C ASN A 87 -10.88 -13.87 -6.25
N GLU A 88 -10.32 -12.68 -6.17
CA GLU A 88 -10.29 -11.78 -7.29
C GLU A 88 -8.87 -11.66 -7.81
N GLN A 89 -7.90 -11.88 -6.93
CA GLN A 89 -6.50 -11.81 -7.30
C GLN A 89 -6.16 -12.86 -8.37
N VAL A 90 -4.88 -13.25 -8.42
CA VAL A 90 -4.42 -14.25 -9.38
C VAL A 90 -5.01 -14.03 -10.77
N ARG A 91 -4.87 -12.80 -11.27
CA ARG A 91 -5.40 -12.45 -12.59
C ARG A 91 -4.75 -11.17 -13.11
N GLY A 92 -3.51 -10.94 -12.71
CA GLY A 92 -2.79 -9.75 -13.14
C GLY A 92 -3.30 -8.48 -12.46
N TYR A 93 -3.42 -8.54 -11.14
CA TYR A 93 -3.88 -7.40 -10.37
C TYR A 93 -3.08 -7.27 -9.07
N GLY A 94 -2.35 -6.17 -8.97
CA GLY A 94 -1.54 -5.94 -7.79
C GLY A 94 -0.15 -5.46 -8.14
N THR A 95 0.55 -6.22 -8.99
CA THR A 95 1.90 -5.86 -9.40
C THR A 95 1.89 -4.53 -10.14
N ARG A 96 0.80 -4.25 -10.84
CA ARG A 96 0.69 -2.99 -11.58
C ARG A 96 0.64 -1.82 -10.60
N LEU A 97 0.08 -2.06 -9.43
CA LEU A 97 -0.03 -1.03 -8.41
C LEU A 97 1.28 -0.92 -7.62
N MET A 98 1.82 -2.05 -7.18
CA MET A 98 3.07 -2.06 -6.43
C MET A 98 4.09 -1.14 -7.08
N ASN A 99 4.17 -1.22 -8.40
CA ASN A 99 5.08 -0.37 -9.16
C ASN A 99 4.56 1.07 -9.15
N LYS A 100 3.25 1.21 -9.25
CA LYS A 100 2.63 2.54 -9.22
C LYS A 100 2.97 3.23 -7.91
N PHE A 101 3.16 2.44 -6.86
CA PHE A 101 3.52 2.97 -5.56
C PHE A 101 4.94 3.53 -5.58
N LYS A 102 5.84 2.83 -6.30
CA LYS A 102 7.22 3.26 -6.40
C LYS A 102 7.34 4.53 -7.23
N ASP A 103 6.79 4.50 -8.44
CA ASP A 103 6.83 5.66 -9.34
C ASP A 103 6.40 6.92 -8.58
N HIS A 104 5.39 6.77 -7.75
CA HIS A 104 4.89 7.89 -6.95
C HIS A 104 5.85 8.21 -5.82
N MET A 105 6.42 7.17 -5.22
CA MET A 105 7.36 7.35 -4.11
C MET A 105 8.53 8.24 -4.54
N GLN A 106 8.93 8.09 -5.79
CA GLN A 106 10.04 8.89 -6.32
C GLN A 106 9.56 10.32 -6.60
N LYS A 107 8.28 10.45 -6.94
CA LYS A 107 7.70 11.76 -7.22
C LYS A 107 7.51 12.56 -5.94
N GLN A 108 7.71 11.90 -4.79
CA GLN A 108 7.56 12.55 -3.51
C GLN A 108 8.93 12.81 -2.89
N ASN A 109 9.93 12.11 -3.43
CA ASN A 109 11.31 12.25 -2.99
C ASN A 109 11.56 11.55 -1.65
N ILE A 110 10.70 10.58 -1.31
CA ILE A 110 10.86 9.84 -0.08
C ILE A 110 11.31 8.41 -0.37
N GLU A 111 12.56 8.13 -0.04
CA GLU A 111 13.14 6.81 -0.30
C GLU A 111 12.73 5.76 0.73
N TYR A 112 12.77 6.11 2.00
CA TYR A 112 12.43 5.14 3.04
C TYR A 112 10.93 4.83 3.08
N LEU A 113 10.62 3.56 3.38
CA LEU A 113 9.23 3.09 3.47
C LEU A 113 9.08 2.22 4.72
N LEU A 114 7.84 1.98 5.16
CA LEU A 114 7.64 1.17 6.37
C LEU A 114 6.20 0.67 6.52
N THR A 115 6.08 -0.54 7.09
CA THR A 115 4.76 -1.18 7.36
C THR A 115 4.92 -2.38 8.28
N TYR A 116 3.78 -3.01 8.55
CA TYR A 116 3.71 -4.22 9.35
C TYR A 116 3.04 -5.27 8.46
N ALA A 117 3.70 -5.57 7.34
CA ALA A 117 3.16 -6.48 6.34
C ALA A 117 3.39 -7.95 6.68
N ASP A 118 2.35 -8.76 6.48
CA ASP A 118 2.41 -10.20 6.76
C ASP A 118 3.08 -10.97 5.63
N ASN A 119 3.16 -12.28 5.78
CA ASN A 119 3.78 -13.16 4.79
C ASN A 119 3.36 -12.80 3.36
N PHE A 120 2.06 -12.89 3.08
CA PHE A 120 1.54 -12.57 1.75
C PHE A 120 2.17 -11.29 1.21
N ALA A 121 2.42 -10.34 2.11
CA ALA A 121 3.02 -9.07 1.74
C ALA A 121 4.52 -9.22 1.67
N ILE A 122 5.04 -10.03 2.58
CA ILE A 122 6.46 -10.31 2.65
C ILE A 122 6.98 -10.71 1.27
N GLY A 123 6.61 -11.90 0.85
CA GLY A 123 7.02 -12.40 -0.45
C GLY A 123 6.66 -11.44 -1.57
N TYR A 124 5.44 -10.91 -1.53
CA TYR A 124 5.01 -9.97 -2.56
C TYR A 124 5.91 -8.73 -2.57
N PHE A 125 6.44 -8.38 -1.41
CA PHE A 125 7.32 -7.22 -1.30
C PHE A 125 8.72 -7.58 -1.75
N LYS A 126 9.19 -8.74 -1.33
CA LYS A 126 10.53 -9.20 -1.70
C LYS A 126 10.55 -9.63 -3.17
N LYS A 127 9.41 -9.51 -3.85
CA LYS A 127 9.32 -9.90 -5.26
C LYS A 127 9.24 -8.68 -6.19
N GLN A 128 8.62 -7.60 -5.74
CA GLN A 128 8.50 -6.41 -6.57
C GLN A 128 9.66 -5.44 -6.35
N GLY A 129 10.48 -5.72 -5.35
CA GLY A 129 11.63 -4.86 -5.07
C GLY A 129 11.72 -4.46 -3.61
N PHE A 130 10.61 -4.65 -2.88
CA PHE A 130 10.57 -4.31 -1.46
C PHE A 130 11.37 -5.32 -0.66
N THR A 131 11.55 -5.04 0.63
CA THR A 131 12.32 -5.95 1.49
C THR A 131 11.72 -6.05 2.89
N LYS A 132 11.37 -7.27 3.27
CA LYS A 132 10.78 -7.54 4.59
C LYS A 132 11.87 -7.58 5.67
N GLU A 133 13.11 -7.83 5.25
CA GLU A 133 14.25 -7.92 6.18
C GLU A 133 14.11 -6.94 7.33
N HIS A 134 14.51 -7.38 8.53
CA HIS A 134 14.43 -6.55 9.72
C HIS A 134 15.74 -5.84 9.99
N ARG A 135 16.54 -5.63 8.95
CA ARG A 135 17.81 -4.96 9.08
C ARG A 135 17.66 -3.45 8.83
N MET A 136 16.69 -2.86 9.51
CA MET A 136 16.43 -1.43 9.36
C MET A 136 15.74 -0.87 10.61
N PRO A 137 15.92 0.44 10.88
CA PRO A 137 15.32 1.09 12.05
C PRO A 137 13.79 1.07 12.01
N GLN A 138 13.18 0.59 13.09
CA GLN A 138 11.73 0.53 13.19
C GLN A 138 11.19 1.69 14.03
N GLU A 139 12.08 2.42 14.69
CA GLU A 139 11.69 3.55 15.53
C GLU A 139 10.80 4.51 14.75
N LYS A 140 11.02 4.60 13.44
CA LYS A 140 10.23 5.48 12.59
C LYS A 140 8.76 5.10 12.63
N TRP A 141 8.47 3.88 13.07
CA TRP A 141 7.10 3.39 13.17
C TRP A 141 6.18 4.42 13.81
N LYS A 142 6.73 5.26 14.68
CA LYS A 142 5.95 6.29 15.35
C LYS A 142 5.14 7.13 14.35
N GLY A 143 3.84 7.24 14.59
CA GLY A 143 2.99 8.00 13.70
C GLY A 143 1.96 7.13 13.00
N TYR A 144 2.40 5.98 12.53
CA TYR A 144 1.52 5.04 11.83
C TYR A 144 1.60 3.65 12.44
N ILE A 145 2.80 3.24 12.81
CA ILE A 145 3.02 1.93 13.41
C ILE A 145 3.35 2.06 14.90
N LYS A 146 2.82 1.14 15.69
CA LYS A 146 3.04 1.12 17.13
C LYS A 146 2.16 0.07 17.80
N ASP A 147 2.72 -0.64 18.76
CA ASP A 147 2.00 -1.68 19.49
C ASP A 147 1.15 -2.53 18.55
N TYR A 148 1.79 -3.46 17.85
CA TYR A 148 1.08 -4.33 16.91
C TYR A 148 1.75 -5.69 16.83
N ASP A 149 1.09 -6.63 16.14
CA ASP A 149 1.62 -7.97 15.98
C ASP A 149 0.70 -8.81 15.09
N GLY A 150 0.49 -8.35 13.86
CA GLY A 150 -0.37 -9.05 12.93
C GLY A 150 0.36 -9.46 11.67
N GLY A 151 1.26 -8.59 11.20
CA GLY A 151 2.01 -8.89 10.00
C GLY A 151 3.50 -9.03 10.26
N THR A 152 4.29 -8.19 9.60
CA THR A 152 5.73 -8.22 9.76
C THR A 152 6.32 -6.85 9.45
N LEU A 153 7.43 -6.52 10.09
CA LEU A 153 8.07 -5.24 9.86
C LEU A 153 8.51 -5.13 8.40
N MET A 154 7.85 -4.23 7.68
CA MET A 154 8.15 -4.00 6.27
C MET A 154 9.01 -2.76 6.11
N GLU A 155 9.85 -2.76 5.08
CA GLU A 155 10.71 -1.62 4.80
C GLU A 155 11.25 -1.69 3.38
N CYS A 156 11.15 -0.57 2.66
CA CYS A 156 11.62 -0.53 1.29
C CYS A 156 12.19 0.85 0.95
N TYR A 157 13.33 0.85 0.26
CA TYR A 157 13.98 2.10 -0.13
C TYR A 157 13.71 2.40 -1.61
N ILE A 158 13.60 3.69 -1.93
CA ILE A 158 13.34 4.09 -3.32
C ILE A 158 14.63 4.47 -4.02
N HIS A 159 15.26 5.55 -3.58
CA HIS A 159 16.50 6.03 -4.18
C HIS A 159 16.25 6.57 -5.58
N PRO A 160 16.23 7.91 -5.74
CA PRO A 160 15.98 8.54 -7.04
C PRO A 160 17.10 8.30 -8.04
N TYR A 161 17.27 7.05 -8.45
CA TYR A 161 18.30 6.68 -9.39
C TYR A 161 17.76 5.71 -10.45
N VAL A 162 17.01 4.71 -10.00
CA VAL A 162 16.43 3.72 -10.89
C VAL A 162 15.28 4.32 -11.69
N ASP A 163 15.00 3.72 -12.85
CA ASP A 163 13.92 4.20 -13.71
C ASP A 163 12.68 3.31 -13.56
N TYR A 164 11.88 3.60 -12.54
CA TYR A 164 10.66 2.82 -12.29
C TYR A 164 9.57 3.19 -13.29
N GLY A 165 9.62 4.41 -13.80
CA GLY A 165 8.63 4.85 -14.76
C GLY A 165 8.56 3.95 -15.98
N ASN A 166 9.72 3.67 -16.57
CA ASN A 166 9.78 2.81 -17.76
C ASN A 166 10.03 1.36 -17.36
N MET A 1 -0.60 -3.62 -24.57
CA MET A 1 -1.06 -3.12 -25.90
C MET A 1 -1.99 -1.93 -25.75
N LYS A 2 -2.85 -1.98 -24.73
CA LYS A 2 -3.80 -0.89 -24.49
C LYS A 2 -4.05 -0.73 -23.00
N GLY A 3 -4.81 -1.65 -22.42
CA GLY A 3 -5.12 -1.59 -21.00
C GLY A 3 -6.57 -1.22 -20.73
N LEU A 4 -7.36 -2.19 -20.31
CA LEU A 4 -8.76 -1.97 -20.01
C LEU A 4 -8.96 -1.55 -18.56
N LEU A 5 -8.08 -2.04 -17.69
CA LEU A 5 -8.14 -1.72 -16.26
C LEU A 5 -8.17 -0.22 -16.04
N ASP A 6 -8.73 0.19 -14.91
CA ASP A 6 -8.81 1.61 -14.56
C ASP A 6 -8.32 1.85 -13.14
N PHE A 7 -7.51 2.89 -12.98
CA PHE A 7 -6.97 3.24 -11.68
C PHE A 7 -7.55 4.56 -11.19
N ASP A 8 -7.62 4.72 -9.87
CA ASP A 8 -8.16 5.94 -9.30
C ASP A 8 -7.36 6.38 -8.07
N ILE A 9 -7.17 7.69 -7.94
CA ILE A 9 -6.43 8.23 -6.81
C ILE A 9 -7.28 9.25 -6.06
N LEU A 10 -7.80 8.82 -4.92
CA LEU A 10 -8.65 9.67 -4.10
C LEU A 10 -8.09 9.83 -2.69
N THR A 11 -8.82 10.58 -1.87
CA THR A 11 -8.43 10.83 -0.49
C THR A 11 -9.57 10.53 0.46
N ASN A 12 -9.41 10.95 1.70
CA ASN A 12 -10.45 10.75 2.71
C ASN A 12 -10.99 12.09 3.17
N ASP A 13 -11.29 12.94 2.20
CA ASP A 13 -11.82 14.27 2.48
C ASP A 13 -13.20 14.16 3.14
N GLY A 14 -13.84 13.01 2.95
CA GLY A 14 -15.15 12.80 3.54
C GLY A 14 -16.22 12.48 2.51
N THR A 15 -15.93 12.75 1.24
CA THR A 15 -16.88 12.48 0.17
C THR A 15 -17.37 11.03 0.20
N HIS A 16 -18.37 10.73 -0.61
CA HIS A 16 -18.92 9.38 -0.67
C HIS A 16 -18.17 8.52 -1.68
N ARG A 17 -18.03 9.02 -2.90
CA ARG A 17 -17.33 8.31 -3.96
C ARG A 17 -15.93 7.89 -3.51
N ASN A 18 -15.18 8.84 -2.96
CA ASN A 18 -13.83 8.57 -2.50
C ASN A 18 -13.83 7.49 -1.41
N MET A 19 -14.68 7.68 -0.41
CA MET A 19 -14.80 6.72 0.69
C MET A 19 -15.09 5.32 0.16
N LYS A 20 -16.13 5.21 -0.66
CA LYS A 20 -16.54 3.93 -1.23
C LYS A 20 -15.33 3.13 -1.73
N LEU A 21 -14.49 3.78 -2.52
CA LEU A 21 -13.30 3.14 -3.05
C LEU A 21 -12.30 2.83 -1.94
N LEU A 22 -11.91 3.85 -1.19
CA LEU A 22 -10.96 3.68 -0.10
C LEU A 22 -11.37 2.53 0.81
N ILE A 23 -12.68 2.37 0.98
CA ILE A 23 -13.22 1.30 1.82
C ILE A 23 -12.83 -0.06 1.26
N ASP A 24 -13.14 -0.27 -0.02
CA ASP A 24 -12.83 -1.53 -0.69
C ASP A 24 -11.42 -2.00 -0.35
N LEU A 25 -10.44 -1.11 -0.57
CA LEU A 25 -9.05 -1.45 -0.29
C LEU A 25 -8.86 -1.94 1.14
N LYS A 26 -9.45 -1.24 2.09
CA LYS A 26 -9.33 -1.58 3.49
C LYS A 26 -9.76 -3.02 3.76
N ASN A 27 -11.00 -3.36 3.40
CA ASN A 27 -11.51 -4.71 3.64
C ASN A 27 -10.72 -5.74 2.84
N ILE A 28 -10.39 -5.42 1.60
CA ILE A 28 -9.62 -6.34 0.75
C ILE A 28 -8.41 -6.88 1.50
N PHE A 29 -7.56 -5.97 1.96
CA PHE A 29 -6.36 -6.38 2.71
C PHE A 29 -6.77 -7.19 3.92
N SER A 30 -7.27 -6.50 4.94
CA SER A 30 -7.70 -7.14 6.19
C SER A 30 -8.42 -8.47 5.93
N ARG A 31 -9.20 -8.53 4.86
CA ARG A 31 -9.94 -9.74 4.52
C ARG A 31 -8.97 -10.89 4.24
N GLN A 32 -8.26 -10.80 3.12
CA GLN A 32 -7.29 -11.83 2.76
C GLN A 32 -6.16 -11.88 3.80
N LEU A 33 -6.05 -10.81 4.58
CA LEU A 33 -5.02 -10.71 5.61
C LEU A 33 -5.63 -10.97 6.99
N PRO A 34 -5.87 -12.24 7.35
CA PRO A 34 -6.46 -12.60 8.65
C PRO A 34 -5.55 -12.22 9.82
N LYS A 35 -4.26 -12.50 9.68
CA LYS A 35 -3.30 -12.19 10.73
C LYS A 35 -3.15 -10.69 10.92
N MET A 36 -3.61 -9.91 9.93
CA MET A 36 -3.52 -8.46 10.00
C MET A 36 -4.85 -7.85 10.43
N PRO A 37 -4.94 -7.36 11.68
CA PRO A 37 -6.17 -6.76 12.21
C PRO A 37 -6.76 -5.71 11.28
N LYS A 38 -8.09 -5.58 11.30
CA LYS A 38 -8.78 -4.62 10.46
C LYS A 38 -8.48 -3.20 10.91
N GLU A 39 -8.35 -3.02 12.22
CA GLU A 39 -8.07 -1.70 12.79
C GLU A 39 -6.81 -1.10 12.18
N TYR A 40 -5.82 -1.94 11.89
CA TYR A 40 -4.57 -1.46 11.32
C TYR A 40 -4.82 -0.80 9.97
N ILE A 41 -5.14 -1.61 8.95
CA ILE A 41 -5.41 -1.08 7.62
C ILE A 41 -6.40 0.07 7.72
N VAL A 42 -7.33 -0.05 8.66
CA VAL A 42 -8.33 0.98 8.89
C VAL A 42 -7.66 2.25 9.40
N LYS A 43 -6.75 2.08 10.34
CA LYS A 43 -6.01 3.21 10.90
C LYS A 43 -5.16 3.87 9.82
N LEU A 44 -4.39 3.06 9.10
CA LEU A 44 -3.53 3.56 8.03
C LEU A 44 -4.35 4.08 6.86
N VAL A 45 -5.43 3.37 6.50
CA VAL A 45 -6.27 3.77 5.37
C VAL A 45 -7.20 4.92 5.75
N PHE A 46 -7.89 4.78 6.87
CA PHE A 46 -8.82 5.81 7.33
C PHE A 46 -8.14 6.83 8.25
N ASP A 47 -6.81 6.84 8.24
CA ASP A 47 -6.05 7.77 9.08
C ASP A 47 -6.55 9.21 8.89
N ARG A 48 -5.98 10.13 9.66
CA ARG A 48 -6.37 11.53 9.59
C ARG A 48 -6.06 12.13 8.22
N HIS A 49 -6.94 11.87 7.26
CA HIS A 49 -6.79 12.38 5.89
C HIS A 49 -5.51 11.87 5.25
N HIS A 50 -5.65 11.29 4.06
CA HIS A 50 -4.51 10.75 3.31
C HIS A 50 -4.88 10.49 1.86
N GLU A 51 -3.91 9.99 1.10
CA GLU A 51 -4.12 9.69 -0.31
C GLU A 51 -4.05 8.19 -0.56
N SER A 52 -4.57 7.75 -1.70
CA SER A 52 -4.56 6.33 -2.02
C SER A 52 -4.89 6.08 -3.49
N MET A 53 -4.31 5.03 -4.05
CA MET A 53 -4.55 4.65 -5.43
C MET A 53 -5.25 3.29 -5.48
N VAL A 54 -6.25 3.15 -6.34
CA VAL A 54 -6.98 1.91 -6.42
C VAL A 54 -7.08 1.36 -7.83
N ILE A 55 -7.77 0.22 -7.93
CA ILE A 55 -8.01 -0.44 -9.19
C ILE A 55 -9.52 -0.51 -9.42
N LEU A 56 -9.91 -0.70 -10.66
CA LEU A 56 -11.33 -0.80 -10.99
C LEU A 56 -11.59 -1.91 -11.99
N LYS A 57 -12.26 -2.95 -11.52
CA LYS A 57 -12.59 -4.09 -12.36
C LYS A 57 -14.03 -4.00 -12.85
N ASN A 58 -14.34 -2.89 -13.52
CA ASN A 58 -15.66 -2.62 -14.08
C ASN A 58 -15.96 -1.12 -14.07
N LYS A 59 -14.90 -0.30 -14.01
CA LYS A 59 -15.02 1.16 -14.01
C LYS A 59 -15.22 1.70 -12.59
N GLN A 60 -15.91 0.94 -11.74
CA GLN A 60 -16.16 1.35 -10.38
C GLN A 60 -16.07 0.16 -9.44
N LYS A 61 -15.73 -1.01 -9.98
CA LYS A 61 -15.63 -2.20 -9.16
C LYS A 61 -14.22 -2.40 -8.63
N VAL A 62 -13.93 -1.76 -7.50
CA VAL A 62 -12.62 -1.86 -6.88
C VAL A 62 -12.22 -3.32 -6.69
N ILE A 63 -10.97 -3.63 -7.03
CA ILE A 63 -10.46 -4.98 -6.89
C ILE A 63 -9.16 -4.98 -6.10
N GLY A 64 -8.28 -4.06 -6.46
CA GLY A 64 -7.01 -3.92 -5.78
C GLY A 64 -6.68 -2.45 -5.56
N GLY A 65 -5.47 -2.17 -5.09
CA GLY A 65 -5.11 -0.78 -4.86
C GLY A 65 -4.35 -0.57 -3.57
N ILE A 66 -3.46 0.41 -3.60
CA ILE A 66 -2.65 0.76 -2.44
C ILE A 66 -3.25 1.98 -1.73
N CYS A 67 -2.82 2.23 -0.51
CA CYS A 67 -3.33 3.36 0.26
C CYS A 67 -2.21 4.03 1.05
N PHE A 68 -2.35 5.36 1.23
CA PHE A 68 -1.37 6.18 1.97
C PHE A 68 -0.31 6.73 1.02
N ARG A 69 0.87 7.05 1.55
CA ARG A 69 1.96 7.61 0.74
C ARG A 69 3.21 7.81 1.59
N GLN A 70 4.17 8.55 1.05
CA GLN A 70 5.41 8.81 1.75
C GLN A 70 5.41 10.17 2.45
N TYR A 71 6.29 10.32 3.44
CA TYR A 71 6.41 11.55 4.20
C TYR A 71 7.66 12.32 3.76
N LYS A 72 7.50 13.63 3.57
CA LYS A 72 8.59 14.50 3.12
C LYS A 72 9.47 14.97 4.28
N PRO A 73 8.91 15.74 5.24
CA PRO A 73 9.69 16.21 6.37
C PRO A 73 10.18 15.03 7.18
N GLN A 74 9.55 13.89 6.96
CA GLN A 74 9.90 12.66 7.64
C GLN A 74 10.95 11.87 6.84
N ARG A 75 10.97 12.09 5.52
CA ARG A 75 11.91 11.38 4.65
C ARG A 75 11.67 9.87 4.69
N PHE A 76 10.48 9.52 5.18
CA PHE A 76 10.07 8.13 5.29
C PHE A 76 8.69 7.97 4.70
N ALA A 77 8.26 6.74 4.46
CA ALA A 77 6.95 6.51 3.88
C ALA A 77 6.18 5.40 4.57
N GLU A 78 4.90 5.66 4.81
CA GLU A 78 4.02 4.67 5.43
C GLU A 78 2.94 4.31 4.42
N VAL A 79 2.68 3.01 4.28
CA VAL A 79 1.67 2.58 3.32
C VAL A 79 0.46 1.97 4.04
N ALA A 80 -0.72 2.42 3.66
CA ALA A 80 -1.94 1.89 4.25
C ALA A 80 -2.09 0.44 3.83
N PHE A 81 -1.51 0.12 2.67
CA PHE A 81 -1.48 -1.25 2.11
C PHE A 81 -2.16 -1.36 0.76
N LEU A 82 -1.67 -2.32 -0.02
CA LEU A 82 -2.21 -2.60 -1.33
C LEU A 82 -2.55 -4.07 -1.42
N ALA A 83 -3.55 -4.41 -2.23
CA ALA A 83 -3.93 -5.82 -2.38
C ALA A 83 -5.27 -5.99 -3.09
N VAL A 84 -5.27 -6.94 -4.01
CA VAL A 84 -6.45 -7.29 -4.77
C VAL A 84 -7.41 -8.12 -3.90
N THR A 85 -8.72 -8.02 -4.15
CA THR A 85 -9.69 -8.76 -3.34
C THR A 85 -9.56 -10.28 -3.53
N ALA A 86 -10.03 -11.03 -2.54
CA ALA A 86 -9.94 -12.49 -2.48
C ALA A 86 -9.88 -13.22 -3.83
N ASN A 87 -10.91 -13.99 -4.16
CA ASN A 87 -10.89 -14.77 -5.40
C ASN A 87 -10.91 -13.89 -6.64
N GLU A 88 -10.33 -12.71 -6.52
CA GLU A 88 -10.23 -11.79 -7.64
C GLU A 88 -8.78 -11.69 -8.10
N GLN A 89 -7.87 -12.00 -7.19
CA GLN A 89 -6.44 -11.95 -7.49
C GLN A 89 -6.05 -13.04 -8.48
N VAL A 90 -4.79 -13.51 -8.38
CA VAL A 90 -4.26 -14.55 -9.25
C VAL A 90 -4.65 -14.29 -10.71
N ARG A 91 -4.73 -13.00 -11.06
CA ARG A 91 -5.08 -12.60 -12.41
C ARG A 91 -3.98 -11.72 -13.01
N GLY A 92 -3.27 -11.00 -12.15
CA GLY A 92 -2.19 -10.13 -12.62
C GLY A 92 -2.61 -8.67 -12.67
N TYR A 93 -2.74 -8.05 -11.51
CA TYR A 93 -3.13 -6.64 -11.44
C TYR A 93 -2.28 -5.89 -10.40
N GLY A 94 -2.40 -6.31 -9.15
CA GLY A 94 -1.66 -5.68 -8.07
C GLY A 94 -0.23 -5.31 -8.44
N THR A 95 0.41 -6.12 -9.28
CA THR A 95 1.78 -5.87 -9.70
C THR A 95 1.92 -4.45 -10.26
N ARG A 96 1.11 -4.13 -11.27
CA ARG A 96 1.15 -2.81 -11.88
C ARG A 96 0.94 -1.72 -10.83
N LEU A 97 0.30 -2.08 -9.73
CA LEU A 97 0.04 -1.15 -8.66
C LEU A 97 1.25 -1.07 -7.71
N MET A 98 1.74 -2.23 -7.29
CA MET A 98 2.90 -2.30 -6.41
C MET A 98 4.01 -1.39 -6.91
N ASN A 99 4.35 -1.53 -8.19
CA ASN A 99 5.38 -0.70 -8.78
C ASN A 99 4.88 0.73 -8.91
N LYS A 100 3.56 0.89 -9.10
CA LYS A 100 2.97 2.22 -9.19
C LYS A 100 3.21 2.97 -7.89
N PHE A 101 3.23 2.23 -6.78
CA PHE A 101 3.49 2.81 -5.47
C PHE A 101 4.91 3.34 -5.42
N LYS A 102 5.85 2.54 -5.90
CA LYS A 102 7.25 2.96 -5.90
C LYS A 102 7.45 4.16 -6.82
N ASP A 103 6.72 4.19 -7.92
CA ASP A 103 6.81 5.29 -8.86
C ASP A 103 6.50 6.61 -8.16
N HIS A 104 5.55 6.55 -7.23
CA HIS A 104 5.17 7.74 -6.46
C HIS A 104 6.22 8.06 -5.41
N MET A 105 6.71 7.03 -4.73
CA MET A 105 7.73 7.20 -3.70
C MET A 105 8.96 7.91 -4.26
N GLN A 106 9.14 7.82 -5.58
CA GLN A 106 10.26 8.45 -6.24
C GLN A 106 9.93 9.89 -6.62
N LYS A 107 8.66 10.14 -6.94
CA LYS A 107 8.21 11.47 -7.32
C LYS A 107 8.11 12.40 -6.12
N GLN A 108 8.29 11.82 -4.93
CA GLN A 108 8.21 12.59 -3.70
C GLN A 108 9.59 12.71 -3.06
N ASN A 109 10.51 11.88 -3.54
CA ASN A 109 11.87 11.87 -3.05
C ASN A 109 12.00 11.22 -1.68
N ILE A 110 11.06 10.34 -1.35
CA ILE A 110 11.10 9.66 -0.06
C ILE A 110 11.81 8.32 -0.21
N GLU A 111 13.04 8.27 0.29
CA GLU A 111 13.86 7.07 0.19
C GLU A 111 13.45 5.98 1.19
N TYR A 112 12.83 6.37 2.30
CA TYR A 112 12.43 5.38 3.30
C TYR A 112 10.95 5.03 3.23
N LEU A 113 10.64 3.76 3.47
CA LEU A 113 9.27 3.26 3.47
C LEU A 113 9.08 2.36 4.70
N LEU A 114 7.84 2.05 5.06
CA LEU A 114 7.59 1.21 6.24
C LEU A 114 6.16 0.65 6.29
N THR A 115 6.02 -0.51 6.96
CA THR A 115 4.71 -1.17 7.13
C THR A 115 4.82 -2.43 7.99
N TYR A 116 3.67 -2.91 8.44
CA TYR A 116 3.59 -4.14 9.21
C TYR A 116 3.03 -5.22 8.28
N ALA A 117 3.78 -5.52 7.23
CA ALA A 117 3.36 -6.50 6.23
C ALA A 117 3.48 -7.93 6.72
N ASP A 118 2.42 -8.71 6.47
CA ASP A 118 2.39 -10.11 6.88
C ASP A 118 2.97 -11.01 5.79
N ASN A 119 3.02 -12.31 6.06
CA ASN A 119 3.56 -13.30 5.11
C ASN A 119 3.17 -13.00 3.66
N PHE A 120 1.89 -13.10 3.34
CA PHE A 120 1.41 -12.86 1.98
C PHE A 120 2.00 -11.57 1.41
N ALA A 121 2.15 -10.56 2.27
CA ALA A 121 2.69 -9.28 1.84
C ALA A 121 4.21 -9.34 1.82
N ILE A 122 4.75 -10.07 2.77
CA ILE A 122 6.19 -10.25 2.88
C ILE A 122 6.77 -10.71 1.54
N GLY A 123 6.50 -11.98 1.21
CA GLY A 123 6.99 -12.53 -0.04
C GLY A 123 6.58 -11.69 -1.23
N TYR A 124 5.36 -11.17 -1.20
CA TYR A 124 4.85 -10.35 -2.28
C TYR A 124 5.67 -9.06 -2.40
N PHE A 125 6.13 -8.56 -1.24
CA PHE A 125 6.92 -7.34 -1.21
C PHE A 125 8.35 -7.63 -1.62
N LYS A 126 8.90 -8.73 -1.10
CA LYS A 126 10.27 -9.12 -1.44
C LYS A 126 10.38 -9.51 -2.90
N LYS A 127 9.22 -9.64 -3.57
CA LYS A 127 9.21 -10.02 -4.98
C LYS A 127 9.12 -8.82 -5.91
N GLN A 128 8.46 -7.74 -5.48
CA GLN A 128 8.33 -6.57 -6.33
C GLN A 128 9.48 -5.58 -6.13
N GLY A 129 10.30 -5.83 -5.12
CA GLY A 129 11.43 -4.94 -4.86
C GLY A 129 11.58 -4.60 -3.40
N PHE A 130 10.48 -4.66 -2.66
CA PHE A 130 10.48 -4.35 -1.24
C PHE A 130 11.38 -5.32 -0.49
N THR A 131 11.62 -5.05 0.79
CA THR A 131 12.46 -5.93 1.59
C THR A 131 11.92 -6.11 3.00
N LYS A 132 11.60 -7.36 3.33
CA LYS A 132 11.08 -7.70 4.64
C LYS A 132 12.22 -8.11 5.58
N GLU A 133 13.35 -8.50 4.97
CA GLU A 133 14.54 -8.93 5.72
C GLU A 133 14.67 -8.23 7.06
N HIS A 134 15.01 -9.00 8.09
CA HIS A 134 15.17 -8.44 9.44
C HIS A 134 16.64 -8.16 9.75
N ARG A 135 17.47 -8.11 8.70
CA ARG A 135 18.89 -7.83 8.88
C ARG A 135 19.10 -6.56 9.70
N MET A 136 18.14 -5.63 9.57
CA MET A 136 18.19 -4.38 10.30
C MET A 136 16.96 -4.25 11.20
N PRO A 137 17.11 -4.55 12.51
CA PRO A 137 16.01 -4.48 13.47
C PRO A 137 15.12 -3.25 13.27
N GLN A 138 13.98 -3.24 13.94
CA GLN A 138 13.05 -2.11 13.86
C GLN A 138 13.52 -0.93 14.70
N GLU A 139 14.79 -0.56 14.53
CA GLU A 139 15.36 0.56 15.28
C GLU A 139 15.05 1.87 14.57
N LYS A 140 15.55 2.03 13.36
CA LYS A 140 15.31 3.23 12.57
C LYS A 140 13.82 3.36 12.26
N TRP A 141 13.09 2.26 12.43
CA TRP A 141 11.65 2.22 12.16
C TRP A 141 10.94 3.42 12.79
N LYS A 142 11.53 3.98 13.85
CA LYS A 142 10.94 5.12 14.55
C LYS A 142 10.19 6.05 13.60
N GLY A 143 8.87 5.95 13.60
CA GLY A 143 8.04 6.79 12.74
C GLY A 143 6.61 6.29 12.67
N TYR A 144 6.43 5.03 12.29
CA TYR A 144 5.10 4.44 12.19
C TYR A 144 5.01 3.17 13.02
N ILE A 145 5.38 3.28 14.29
CA ILE A 145 5.35 2.14 15.20
C ILE A 145 4.04 2.09 15.97
N LYS A 146 3.70 0.91 16.49
CA LYS A 146 2.48 0.72 17.24
C LYS A 146 2.34 -0.73 17.71
N ASP A 147 1.87 -0.91 18.93
CA ASP A 147 1.69 -2.23 19.50
C ASP A 147 0.67 -3.04 18.71
N TYR A 148 1.10 -3.61 17.60
CA TYR A 148 0.23 -4.41 16.75
C TYR A 148 1.03 -5.41 15.93
N ASP A 149 0.86 -6.69 16.23
CA ASP A 149 1.57 -7.76 15.53
C ASP A 149 0.71 -8.34 14.41
N GLY A 150 0.15 -7.47 13.58
CA GLY A 150 -0.68 -7.93 12.49
C GLY A 150 0.11 -8.66 11.43
N GLY A 151 1.24 -8.08 11.03
CA GLY A 151 2.08 -8.70 10.02
C GLY A 151 3.54 -8.71 10.43
N THR A 152 4.35 -7.89 9.76
CA THR A 152 5.77 -7.82 10.07
C THR A 152 6.33 -6.44 9.71
N LEU A 153 7.22 -5.93 10.56
CA LEU A 153 7.82 -4.63 10.32
C LEU A 153 8.71 -4.67 9.08
N MET A 154 8.13 -4.32 7.94
CA MET A 154 8.86 -4.32 6.68
C MET A 154 9.40 -2.93 6.37
N GLU A 155 10.42 -2.87 5.54
CA GLU A 155 11.02 -1.61 5.14
C GLU A 155 11.50 -1.69 3.71
N CYS A 156 11.60 -0.54 3.05
CA CYS A 156 12.06 -0.51 1.67
C CYS A 156 12.71 0.82 1.33
N TYR A 157 13.87 0.74 0.66
CA TYR A 157 14.61 1.92 0.28
C TYR A 157 14.37 2.27 -1.19
N ILE A 158 14.20 3.56 -1.46
CA ILE A 158 13.95 4.02 -2.83
C ILE A 158 15.21 4.64 -3.43
N HIS A 159 15.86 3.90 -4.32
CA HIS A 159 17.07 4.38 -4.97
C HIS A 159 16.75 5.16 -6.24
N PRO A 160 17.47 6.27 -6.49
CA PRO A 160 17.25 7.09 -7.68
C PRO A 160 17.86 6.49 -8.93
N TYR A 161 17.53 7.07 -10.09
CA TYR A 161 18.05 6.58 -11.37
C TYR A 161 17.72 5.10 -11.57
N VAL A 162 16.66 4.64 -10.92
CA VAL A 162 16.24 3.25 -11.04
C VAL A 162 15.02 3.12 -11.94
N ASP A 163 14.87 1.96 -12.58
CA ASP A 163 13.73 1.71 -13.46
C ASP A 163 12.68 0.87 -12.76
N TYR A 164 11.75 1.53 -12.07
CA TYR A 164 10.69 0.83 -11.36
C TYR A 164 9.59 0.38 -12.33
N GLY A 165 9.37 1.19 -13.37
CA GLY A 165 8.35 0.86 -14.35
C GLY A 165 8.61 1.51 -15.69
N ASN A 166 8.90 2.80 -15.68
CA ASN A 166 9.18 3.54 -16.91
C ASN A 166 10.67 3.49 -17.24
N MET A 1 -1.35 0.96 -20.53
CA MET A 1 -1.65 -0.40 -20.00
C MET A 1 -3.06 -0.47 -19.41
N LYS A 2 -3.97 0.29 -20.01
CA LYS A 2 -5.36 0.31 -19.55
C LYS A 2 -6.09 -0.95 -19.99
N GLY A 3 -6.01 -2.00 -19.19
CA GLY A 3 -6.68 -3.24 -19.51
C GLY A 3 -8.19 -3.16 -19.36
N LEU A 4 -8.78 -4.21 -18.82
CA LEU A 4 -10.22 -4.25 -18.61
C LEU A 4 -10.63 -3.48 -17.35
N LEU A 5 -9.66 -3.19 -16.50
CA LEU A 5 -9.92 -2.45 -15.26
C LEU A 5 -9.55 -0.99 -15.43
N ASP A 6 -9.68 -0.25 -14.34
CA ASP A 6 -9.36 1.17 -14.32
C ASP A 6 -8.83 1.59 -12.96
N PHE A 7 -7.75 2.36 -12.96
CA PHE A 7 -7.15 2.81 -11.72
C PHE A 7 -7.65 4.21 -11.36
N ASP A 8 -7.69 4.51 -10.07
CA ASP A 8 -8.15 5.81 -9.62
C ASP A 8 -7.37 6.29 -8.40
N ILE A 9 -7.07 7.58 -8.36
CA ILE A 9 -6.34 8.18 -7.25
C ILE A 9 -7.31 8.80 -6.26
N LEU A 10 -7.43 8.18 -5.10
CA LEU A 10 -8.34 8.66 -4.07
C LEU A 10 -7.61 9.28 -2.89
N THR A 11 -8.40 9.79 -1.95
CA THR A 11 -7.87 10.41 -0.75
C THR A 11 -8.86 10.23 0.40
N ASN A 12 -8.40 10.47 1.61
CA ASN A 12 -9.28 10.35 2.76
C ASN A 12 -9.88 11.69 3.12
N ASP A 13 -10.27 12.42 2.09
CA ASP A 13 -10.86 13.74 2.26
C ASP A 13 -12.30 13.63 2.76
N GLY A 14 -12.87 12.43 2.67
CA GLY A 14 -14.23 12.23 3.12
C GLY A 14 -15.25 12.57 2.05
N THR A 15 -15.04 12.09 0.84
CA THR A 15 -15.95 12.35 -0.26
C THR A 15 -17.02 11.26 -0.35
N HIS A 16 -17.65 11.12 -1.51
CA HIS A 16 -18.69 10.13 -1.71
C HIS A 16 -18.16 8.93 -2.49
N ARG A 17 -17.83 9.15 -3.75
CA ARG A 17 -17.33 8.08 -4.62
C ARG A 17 -16.03 7.49 -4.07
N ASN A 18 -15.08 8.36 -3.75
CA ASN A 18 -13.79 7.92 -3.22
C ASN A 18 -13.97 7.06 -1.97
N MET A 19 -14.91 7.46 -1.12
CA MET A 19 -15.18 6.72 0.11
C MET A 19 -15.50 5.26 -0.18
N LYS A 20 -16.58 5.04 -0.93
CA LYS A 20 -17.01 3.68 -1.29
C LYS A 20 -15.82 2.84 -1.74
N LEU A 21 -15.06 3.34 -2.70
CA LEU A 21 -13.90 2.64 -3.21
C LEU A 21 -12.85 2.45 -2.12
N LEU A 22 -12.43 3.56 -1.50
CA LEU A 22 -11.44 3.51 -0.44
C LEU A 22 -11.80 2.45 0.59
N ILE A 23 -13.08 2.38 0.93
CA ILE A 23 -13.57 1.40 1.89
C ILE A 23 -13.16 -0.01 1.48
N ASP A 24 -13.47 -0.37 0.24
CA ASP A 24 -13.14 -1.68 -0.29
C ASP A 24 -11.68 -2.04 0.02
N LEU A 25 -10.76 -1.21 -0.49
CA LEU A 25 -9.32 -1.44 -0.27
C LEU A 25 -9.03 -1.87 1.16
N LYS A 26 -9.62 -1.16 2.11
CA LYS A 26 -9.40 -1.46 3.52
C LYS A 26 -9.82 -2.88 3.85
N ASN A 27 -11.12 -3.18 3.71
CA ASN A 27 -11.62 -4.51 4.02
C ASN A 27 -10.96 -5.56 3.12
N ILE A 28 -10.59 -5.16 1.91
CA ILE A 28 -9.94 -6.09 0.99
C ILE A 28 -8.73 -6.71 1.65
N PHE A 29 -7.75 -5.89 1.99
CA PHE A 29 -6.53 -6.38 2.64
C PHE A 29 -6.90 -7.17 3.89
N SER A 30 -7.32 -6.43 4.92
CA SER A 30 -7.71 -7.03 6.19
C SER A 30 -8.45 -8.35 6.00
N ARG A 31 -9.26 -8.43 4.94
CA ARG A 31 -10.01 -9.65 4.66
C ARG A 31 -9.07 -10.81 4.37
N GLN A 32 -8.35 -10.73 3.25
CA GLN A 32 -7.40 -11.78 2.90
C GLN A 32 -6.29 -11.86 3.93
N LEU A 33 -6.10 -10.78 4.67
CA LEU A 33 -5.08 -10.71 5.72
C LEU A 33 -5.73 -10.89 7.09
N PRO A 34 -5.97 -12.14 7.52
CA PRO A 34 -6.61 -12.43 8.81
C PRO A 34 -5.83 -11.85 9.99
N LYS A 35 -4.59 -12.27 10.14
CA LYS A 35 -3.75 -11.80 11.24
C LYS A 35 -3.70 -10.27 11.30
N MET A 36 -3.97 -9.62 10.17
CA MET A 36 -3.96 -8.16 10.11
C MET A 36 -5.27 -7.57 10.65
N PRO A 37 -5.21 -6.86 11.79
CA PRO A 37 -6.39 -6.24 12.40
C PRO A 37 -7.01 -5.19 11.49
N LYS A 38 -8.34 -5.21 11.38
CA LYS A 38 -9.05 -4.25 10.54
C LYS A 38 -8.68 -2.82 10.92
N GLU A 39 -8.59 -2.56 12.22
CA GLU A 39 -8.23 -1.23 12.71
C GLU A 39 -6.91 -0.77 12.12
N TYR A 40 -5.99 -1.71 11.92
CA TYR A 40 -4.69 -1.40 11.35
C TYR A 40 -4.84 -0.77 9.98
N ILE A 41 -5.26 -1.58 9.00
CA ILE A 41 -5.47 -1.08 7.64
C ILE A 41 -6.35 0.17 7.70
N VAL A 42 -7.31 0.16 8.61
CA VAL A 42 -8.20 1.30 8.79
C VAL A 42 -7.42 2.52 9.22
N LYS A 43 -6.53 2.32 10.19
CA LYS A 43 -5.71 3.41 10.70
C LYS A 43 -4.84 4.00 9.58
N LEU A 44 -4.18 3.13 8.83
CA LEU A 44 -3.33 3.56 7.73
C LEU A 44 -4.13 3.99 6.51
N VAL A 45 -5.27 3.32 6.28
CA VAL A 45 -6.12 3.66 5.13
C VAL A 45 -6.96 4.90 5.40
N PHE A 46 -7.21 5.19 6.67
CA PHE A 46 -8.00 6.36 7.04
C PHE A 46 -7.19 7.34 7.87
N ASP A 47 -5.87 7.20 7.84
CA ASP A 47 -4.97 8.09 8.58
C ASP A 47 -5.29 9.55 8.32
N ARG A 48 -4.57 10.44 8.99
CA ARG A 48 -4.77 11.87 8.84
C ARG A 48 -4.41 12.34 7.44
N HIS A 49 -5.33 12.17 6.50
CA HIS A 49 -5.12 12.59 5.12
C HIS A 49 -3.99 11.80 4.47
N HIS A 50 -4.13 11.52 3.17
CA HIS A 50 -3.13 10.78 2.43
C HIS A 50 -3.59 10.53 0.99
N GLU A 51 -2.70 9.94 0.19
CA GLU A 51 -3.02 9.65 -1.21
C GLU A 51 -3.12 8.15 -1.42
N SER A 52 -3.83 7.74 -2.48
CA SER A 52 -4.01 6.32 -2.76
C SER A 52 -4.28 6.06 -4.24
N MET A 53 -4.36 4.78 -4.58
CA MET A 53 -4.63 4.34 -5.95
C MET A 53 -5.31 2.98 -5.92
N VAL A 54 -6.55 2.93 -6.41
CA VAL A 54 -7.31 1.69 -6.41
C VAL A 54 -7.46 1.09 -7.80
N ILE A 55 -8.11 -0.06 -7.83
CA ILE A 55 -8.39 -0.76 -9.08
C ILE A 55 -9.88 -0.90 -9.26
N LEU A 56 -10.32 -1.00 -10.51
CA LEU A 56 -11.73 -1.16 -10.82
C LEU A 56 -11.91 -2.12 -11.98
N LYS A 57 -12.29 -3.35 -11.66
CA LYS A 57 -12.50 -4.38 -12.67
C LYS A 57 -13.89 -4.30 -13.27
N ASN A 58 -14.23 -3.09 -13.72
CA ASN A 58 -15.53 -2.82 -14.34
C ASN A 58 -15.87 -1.32 -14.21
N LYS A 59 -14.84 -0.49 -14.10
CA LYS A 59 -15.00 0.96 -13.98
C LYS A 59 -15.27 1.39 -12.54
N GLN A 60 -15.90 0.51 -11.75
CA GLN A 60 -16.22 0.83 -10.37
C GLN A 60 -16.11 -0.41 -9.50
N LYS A 61 -15.79 -1.54 -10.12
CA LYS A 61 -15.69 -2.79 -9.39
C LYS A 61 -14.32 -2.91 -8.72
N VAL A 62 -14.21 -2.34 -7.52
CA VAL A 62 -12.96 -2.38 -6.78
C VAL A 62 -12.49 -3.82 -6.58
N ILE A 63 -11.20 -4.06 -6.84
CA ILE A 63 -10.63 -5.38 -6.69
C ILE A 63 -9.33 -5.30 -5.90
N GLY A 64 -8.48 -4.36 -6.28
CA GLY A 64 -7.22 -4.15 -5.62
C GLY A 64 -6.96 -2.69 -5.37
N GLY A 65 -5.75 -2.34 -4.94
CA GLY A 65 -5.44 -0.96 -4.69
C GLY A 65 -4.57 -0.75 -3.47
N ILE A 66 -3.79 0.32 -3.50
CA ILE A 66 -2.92 0.67 -2.40
C ILE A 66 -3.34 2.02 -1.81
N CYS A 67 -3.07 2.21 -0.53
CA CYS A 67 -3.44 3.46 0.15
C CYS A 67 -2.28 3.99 1.01
N PHE A 68 -2.29 5.33 1.20
CA PHE A 68 -1.28 6.05 1.99
C PHE A 68 -0.15 6.57 1.11
N ARG A 69 0.97 6.97 1.72
CA ARG A 69 2.11 7.49 0.97
C ARG A 69 3.34 7.61 1.87
N GLN A 70 4.29 8.46 1.48
CA GLN A 70 5.51 8.64 2.23
C GLN A 70 5.57 10.02 2.90
N TYR A 71 6.24 10.11 4.05
CA TYR A 71 6.36 11.37 4.78
C TYR A 71 7.63 12.13 4.37
N LYS A 72 7.47 13.44 4.19
CA LYS A 72 8.58 14.31 3.77
C LYS A 72 9.38 14.85 4.96
N PRO A 73 8.76 15.64 5.86
CA PRO A 73 9.45 16.17 7.03
C PRO A 73 9.97 15.03 7.88
N GLN A 74 9.39 13.85 7.66
CA GLN A 74 9.78 12.66 8.41
C GLN A 74 10.85 11.87 7.65
N ARG A 75 10.91 12.07 6.33
CA ARG A 75 11.90 11.38 5.49
C ARG A 75 11.67 9.88 5.48
N PHE A 76 10.49 9.48 5.91
CA PHE A 76 10.13 8.07 5.93
C PHE A 76 8.73 7.89 5.38
N ALA A 77 8.35 6.66 5.07
CA ALA A 77 7.02 6.40 4.51
C ALA A 77 6.28 5.29 5.23
N GLU A 78 4.97 5.30 5.05
CA GLU A 78 4.09 4.31 5.62
C GLU A 78 2.99 4.02 4.61
N VAL A 79 2.69 2.74 4.39
CA VAL A 79 1.67 2.40 3.40
C VAL A 79 0.42 1.84 4.04
N ALA A 80 -0.73 2.29 3.56
CA ALA A 80 -2.00 1.79 4.05
C ALA A 80 -2.09 0.32 3.74
N PHE A 81 -1.51 -0.03 2.58
CA PHE A 81 -1.42 -1.42 2.10
C PHE A 81 -2.00 -1.60 0.71
N LEU A 82 -1.33 -2.45 -0.05
CA LEU A 82 -1.73 -2.78 -1.42
C LEU A 82 -2.19 -4.22 -1.45
N ALA A 83 -3.16 -4.51 -2.32
CA ALA A 83 -3.66 -5.87 -2.43
C ALA A 83 -4.90 -5.98 -3.31
N VAL A 84 -5.49 -7.16 -3.27
CA VAL A 84 -6.68 -7.47 -4.03
C VAL A 84 -7.69 -8.18 -3.12
N THR A 85 -8.97 -8.16 -3.48
CA THR A 85 -9.96 -8.83 -2.64
C THR A 85 -9.65 -10.31 -2.59
N ALA A 86 -10.60 -11.09 -2.13
CA ALA A 86 -10.41 -12.53 -1.98
C ALA A 86 -9.97 -13.23 -3.25
N ASN A 87 -10.62 -14.33 -3.59
CA ASN A 87 -10.24 -15.12 -4.76
C ASN A 87 -10.04 -14.28 -6.01
N GLU A 88 -10.33 -12.99 -5.93
CA GLU A 88 -10.10 -12.12 -7.07
C GLU A 88 -8.63 -12.14 -7.42
N GLN A 89 -7.80 -12.39 -6.39
CA GLN A 89 -6.35 -12.44 -6.56
C GLN A 89 -5.95 -13.25 -7.80
N VAL A 90 -4.63 -13.44 -7.98
CA VAL A 90 -4.08 -14.18 -9.12
C VAL A 90 -4.73 -13.73 -10.43
N ARG A 91 -4.88 -12.42 -10.58
CA ARG A 91 -5.48 -11.84 -11.78
C ARG A 91 -4.43 -11.06 -12.56
N GLY A 92 -3.54 -10.38 -11.85
CA GLY A 92 -2.50 -9.60 -12.49
C GLY A 92 -2.78 -8.11 -12.46
N TYR A 93 -3.28 -7.61 -11.34
CA TYR A 93 -3.57 -6.19 -11.20
C TYR A 93 -2.71 -5.55 -10.11
N GLY A 94 -2.67 -6.20 -8.94
CA GLY A 94 -1.90 -5.69 -7.83
C GLY A 94 -0.50 -5.24 -8.22
N THR A 95 0.19 -6.07 -9.02
CA THR A 95 1.54 -5.75 -9.46
C THR A 95 1.61 -4.37 -10.08
N ARG A 96 0.85 -4.15 -11.14
CA ARG A 96 0.82 -2.86 -11.82
C ARG A 96 0.64 -1.73 -10.81
N LEU A 97 -0.03 -2.06 -9.71
CA LEU A 97 -0.28 -1.10 -8.65
C LEU A 97 0.95 -0.94 -7.77
N MET A 98 1.49 -2.05 -7.28
CA MET A 98 2.68 -2.03 -6.43
C MET A 98 3.74 -1.11 -7.04
N ASN A 99 3.94 -1.23 -8.34
CA ASN A 99 4.90 -0.39 -9.03
C ASN A 99 4.43 1.06 -9.02
N LYS A 100 3.12 1.25 -9.14
CA LYS A 100 2.54 2.58 -9.12
C LYS A 100 2.87 3.26 -7.80
N PHE A 101 3.00 2.44 -6.74
CA PHE A 101 3.34 2.94 -5.43
C PHE A 101 4.77 3.47 -5.42
N LYS A 102 5.69 2.71 -6.00
CA LYS A 102 7.09 3.13 -6.07
C LYS A 102 7.23 4.47 -6.79
N ASP A 103 6.68 4.56 -7.99
CA ASP A 103 6.73 5.79 -8.77
C ASP A 103 6.35 6.98 -7.89
N HIS A 104 5.33 6.79 -7.07
CA HIS A 104 4.88 7.82 -6.16
C HIS A 104 5.91 8.05 -5.06
N MET A 105 6.49 6.95 -4.58
CA MET A 105 7.49 7.04 -3.53
C MET A 105 8.65 7.92 -3.96
N GLN A 106 8.79 8.12 -5.27
CA GLN A 106 9.84 8.97 -5.80
C GLN A 106 9.32 10.39 -5.97
N LYS A 107 8.00 10.52 -6.11
CA LYS A 107 7.37 11.83 -6.28
C LYS A 107 7.69 12.74 -5.10
N GLN A 108 7.50 12.24 -3.89
CA GLN A 108 7.80 13.03 -2.70
C GLN A 108 9.29 12.89 -2.41
N ASN A 109 9.85 11.82 -2.96
CA ASN A 109 11.27 11.52 -2.84
C ASN A 109 11.64 11.07 -1.43
N ILE A 110 10.80 10.26 -0.82
CA ILE A 110 11.09 9.75 0.52
C ILE A 110 11.91 8.47 0.43
N GLU A 111 13.10 8.50 1.03
CA GLU A 111 14.01 7.38 0.99
C GLU A 111 13.56 6.23 1.90
N TYR A 112 12.82 6.53 2.96
CA TYR A 112 12.39 5.48 3.87
C TYR A 112 10.92 5.09 3.69
N LEU A 113 10.63 3.82 3.94
CA LEU A 113 9.28 3.27 3.85
C LEU A 113 9.07 2.24 4.95
N LEU A 114 7.83 1.99 5.37
CA LEU A 114 7.59 1.04 6.44
C LEU A 114 6.14 0.50 6.49
N THR A 115 5.99 -0.67 7.12
CA THR A 115 4.70 -1.33 7.31
C THR A 115 4.87 -2.64 8.10
N TYR A 116 3.74 -3.27 8.41
CA TYR A 116 3.73 -4.56 9.09
C TYR A 116 3.03 -5.54 8.16
N ALA A 117 3.76 -5.97 7.12
CA ALA A 117 3.21 -6.87 6.12
C ALA A 117 3.47 -8.34 6.42
N ASP A 118 2.48 -9.17 6.10
CA ASP A 118 2.58 -10.62 6.33
C ASP A 118 3.20 -11.33 5.13
N ASN A 119 3.24 -12.66 5.22
CA ASN A 119 3.81 -13.50 4.15
C ASN A 119 3.37 -13.06 2.76
N PHE A 120 2.07 -13.06 2.52
CA PHE A 120 1.53 -12.67 1.21
C PHE A 120 2.17 -11.37 0.72
N ALA A 121 2.34 -10.43 1.62
CA ALA A 121 2.94 -9.14 1.30
C ALA A 121 4.45 -9.27 1.24
N ILE A 122 4.98 -10.12 2.09
CA ILE A 122 6.40 -10.39 2.16
C ILE A 122 6.94 -10.71 0.77
N GLY A 123 6.65 -11.93 0.30
CA GLY A 123 7.11 -12.34 -1.01
C GLY A 123 6.72 -11.37 -2.10
N TYR A 124 5.50 -10.84 -2.03
CA TYR A 124 5.04 -9.87 -3.01
C TYR A 124 5.84 -8.58 -2.94
N PHE A 125 6.38 -8.29 -1.76
CA PHE A 125 7.17 -7.09 -1.56
C PHE A 125 8.60 -7.29 -2.06
N LYS A 126 9.19 -8.41 -1.68
CA LYS A 126 10.56 -8.73 -2.11
C LYS A 126 10.60 -9.06 -3.59
N LYS A 127 9.43 -9.13 -4.24
CA LYS A 127 9.36 -9.45 -5.66
C LYS A 127 9.17 -8.20 -6.51
N GLN A 128 8.51 -7.18 -5.97
CA GLN A 128 8.27 -5.96 -6.73
C GLN A 128 9.36 -4.91 -6.47
N GLY A 129 10.25 -5.20 -5.52
CA GLY A 129 11.32 -4.27 -5.22
C GLY A 129 11.47 -4.02 -3.73
N PHE A 130 10.39 -4.21 -3.00
CA PHE A 130 10.39 -4.01 -1.56
C PHE A 130 11.30 -5.03 -0.87
N THR A 131 11.41 -4.94 0.45
CA THR A 131 12.24 -5.85 1.21
C THR A 131 11.73 -6.04 2.63
N LYS A 132 11.25 -7.24 2.91
CA LYS A 132 10.72 -7.59 4.22
C LYS A 132 11.84 -7.64 5.26
N GLU A 133 13.07 -7.84 4.79
CA GLU A 133 14.24 -7.94 5.67
C GLU A 133 14.12 -7.02 6.88
N HIS A 134 14.54 -7.50 8.04
CA HIS A 134 14.50 -6.74 9.27
C HIS A 134 15.84 -6.08 9.55
N ARG A 135 16.11 -5.76 10.81
CA ARG A 135 17.37 -5.12 11.20
C ARG A 135 17.38 -3.65 10.76
N MET A 136 16.38 -2.91 11.22
CA MET A 136 16.27 -1.49 10.89
C MET A 136 15.50 -0.73 11.96
N PRO A 137 15.60 0.60 11.98
CA PRO A 137 14.91 1.44 12.96
C PRO A 137 13.39 1.40 12.82
N GLN A 138 12.76 0.52 13.57
CA GLN A 138 11.30 0.39 13.53
C GLN A 138 10.63 1.49 14.36
N GLU A 139 11.44 2.32 15.02
CA GLU A 139 10.92 3.41 15.84
C GLU A 139 9.94 4.28 15.06
N LYS A 140 10.18 4.40 13.75
CA LYS A 140 9.31 5.19 12.89
C LYS A 140 7.88 4.65 12.91
N TRP A 141 7.73 3.41 13.32
CA TRP A 141 6.41 2.75 13.38
C TRP A 141 5.36 3.68 13.99
N LYS A 142 5.76 4.45 14.99
CA LYS A 142 4.85 5.38 15.67
C LYS A 142 4.03 6.18 14.67
N GLY A 143 2.71 6.04 14.74
CA GLY A 143 1.83 6.76 13.83
C GLY A 143 0.99 5.84 12.97
N TYR A 144 1.60 4.78 12.48
CA TYR A 144 0.91 3.82 11.62
C TYR A 144 1.01 2.41 12.18
N ILE A 145 2.24 1.98 12.46
CA ILE A 145 2.47 0.64 13.00
C ILE A 145 2.65 0.68 14.51
N LYS A 146 2.44 -0.46 15.16
CA LYS A 146 2.56 -0.55 16.59
C LYS A 146 3.15 -1.91 16.97
N ASP A 147 3.18 -2.16 18.27
CA ASP A 147 3.71 -3.40 18.81
C ASP A 147 2.68 -4.53 18.65
N TYR A 148 2.55 -5.05 17.43
CA TYR A 148 1.62 -6.13 17.15
C TYR A 148 2.30 -7.28 16.46
N ASP A 149 1.53 -8.34 16.19
CA ASP A 149 2.07 -9.52 15.53
C ASP A 149 1.10 -10.03 14.46
N GLY A 150 0.62 -9.12 13.62
CA GLY A 150 -0.31 -9.49 12.57
C GLY A 150 0.40 -9.98 11.32
N GLY A 151 1.40 -9.23 10.88
CA GLY A 151 2.14 -9.59 9.69
C GLY A 151 3.63 -9.70 9.94
N THR A 152 4.39 -8.78 9.34
CA THR A 152 5.83 -8.77 9.52
C THR A 152 6.37 -7.36 9.32
N LEU A 153 7.46 -7.04 10.00
CA LEU A 153 8.05 -5.72 9.89
C LEU A 153 8.55 -5.48 8.46
N MET A 154 7.77 -4.71 7.72
CA MET A 154 8.10 -4.38 6.34
C MET A 154 8.99 -3.15 6.27
N GLU A 155 9.87 -3.11 5.28
CA GLU A 155 10.77 -1.98 5.11
C GLU A 155 11.20 -1.87 3.65
N CYS A 156 11.52 -0.65 3.22
CA CYS A 156 11.94 -0.42 1.84
C CYS A 156 12.63 0.92 1.68
N TYR A 157 13.61 0.97 0.79
CA TYR A 157 14.36 2.19 0.54
C TYR A 157 14.13 2.69 -0.89
N ILE A 158 13.94 3.99 -1.03
CA ILE A 158 13.72 4.59 -2.34
C ILE A 158 15.00 5.23 -2.87
N HIS A 159 15.48 4.72 -4.00
CA HIS A 159 16.70 5.24 -4.61
C HIS A 159 16.36 6.25 -5.71
N PRO A 160 16.83 7.51 -5.57
CA PRO A 160 16.58 8.55 -6.56
C PRO A 160 17.33 8.31 -7.87
N TYR A 161 18.50 7.70 -7.75
CA TYR A 161 19.32 7.41 -8.93
C TYR A 161 18.63 6.43 -9.86
N VAL A 162 17.74 5.61 -9.30
CA VAL A 162 17.02 4.62 -10.08
C VAL A 162 15.89 5.27 -10.86
N ASP A 163 15.56 4.71 -12.02
CA ASP A 163 14.50 5.25 -12.87
C ASP A 163 13.27 4.34 -12.85
N TYR A 164 12.32 4.66 -12.00
CA TYR A 164 11.09 3.88 -11.89
C TYR A 164 10.20 4.10 -13.10
N GLY A 165 9.96 5.37 -13.43
CA GLY A 165 9.13 5.70 -14.57
C GLY A 165 9.87 5.58 -15.88
N ASN A 166 11.19 5.59 -15.83
CA ASN A 166 12.02 5.49 -17.03
C ASN A 166 11.78 6.68 -17.96
N MET A 1 -5.27 3.44 -21.38
CA MET A 1 -5.65 2.04 -21.08
C MET A 1 -4.70 1.05 -21.77
N LYS A 2 -3.64 0.68 -21.07
CA LYS A 2 -2.66 -0.25 -21.62
C LYS A 2 -2.63 -1.55 -20.81
N GLY A 3 -3.72 -2.32 -20.89
CA GLY A 3 -3.80 -3.57 -20.17
C GLY A 3 -5.22 -4.09 -20.07
N LEU A 4 -5.38 -5.21 -19.36
CA LEU A 4 -6.70 -5.81 -19.20
C LEU A 4 -7.50 -5.09 -18.12
N LEU A 5 -6.80 -4.58 -17.13
CA LEU A 5 -7.46 -3.86 -16.04
C LEU A 5 -7.24 -2.36 -16.15
N ASP A 6 -7.74 -1.65 -15.16
CA ASP A 6 -7.61 -0.20 -15.09
C ASP A 6 -7.45 0.23 -13.65
N PHE A 7 -6.53 1.15 -13.40
CA PHE A 7 -6.26 1.62 -12.05
C PHE A 7 -7.06 2.88 -11.75
N ASP A 8 -7.40 3.05 -10.48
CA ASP A 8 -8.15 4.22 -10.05
C ASP A 8 -7.56 4.80 -8.77
N ILE A 9 -7.46 6.13 -8.71
CA ILE A 9 -6.93 6.80 -7.54
C ILE A 9 -8.00 7.62 -6.84
N LEU A 10 -8.46 7.11 -5.71
CA LEU A 10 -9.50 7.78 -4.94
C LEU A 10 -9.06 8.05 -3.50
N THR A 11 -9.97 8.62 -2.73
CA THR A 11 -9.70 8.94 -1.33
C THR A 11 -10.86 8.49 -0.45
N ASN A 12 -10.86 8.98 0.80
CA ASN A 12 -11.93 8.64 1.73
C ASN A 12 -12.93 9.77 1.81
N ASP A 13 -13.33 10.27 0.65
CA ASP A 13 -14.30 11.36 0.57
C ASP A 13 -15.59 10.95 1.26
N GLY A 14 -15.84 9.64 1.32
CA GLY A 14 -17.04 9.14 1.96
C GLY A 14 -18.22 9.09 1.02
N THR A 15 -18.01 8.57 -0.18
CA THR A 15 -19.07 8.46 -1.17
C THR A 15 -19.48 7.00 -1.37
N HIS A 16 -20.22 6.74 -2.44
CA HIS A 16 -20.69 5.40 -2.74
C HIS A 16 -19.66 4.63 -3.57
N ARG A 17 -19.55 4.97 -4.84
CA ARG A 17 -18.61 4.31 -5.75
C ARG A 17 -17.19 4.30 -5.16
N ASN A 18 -16.77 5.45 -4.65
CA ASN A 18 -15.43 5.58 -4.07
C ASN A 18 -15.21 4.53 -2.98
N MET A 19 -16.00 4.64 -1.91
CA MET A 19 -15.88 3.72 -0.79
C MET A 19 -15.87 2.26 -1.26
N LYS A 20 -16.84 1.90 -2.10
CA LYS A 20 -16.94 0.54 -2.63
C LYS A 20 -15.58 -0.01 -3.02
N LEU A 21 -14.84 0.76 -3.81
CA LEU A 21 -13.52 0.35 -4.27
C LEU A 21 -12.56 0.21 -3.09
N LEU A 22 -12.41 1.30 -2.33
CA LEU A 22 -11.52 1.31 -1.17
C LEU A 22 -11.81 0.12 -0.25
N ILE A 23 -13.09 -0.21 -0.10
CA ILE A 23 -13.50 -1.32 0.74
C ILE A 23 -12.80 -2.60 0.31
N ASP A 24 -12.93 -2.92 -0.98
CA ASP A 24 -12.31 -4.12 -1.53
C ASP A 24 -10.85 -4.24 -1.10
N LEU A 25 -10.05 -3.22 -1.43
CA LEU A 25 -8.63 -3.22 -1.08
C LEU A 25 -8.40 -3.68 0.36
N LYS A 26 -9.17 -3.14 1.28
CA LYS A 26 -9.03 -3.49 2.69
C LYS A 26 -9.24 -4.98 2.93
N ASN A 27 -10.44 -5.48 2.63
CA ASN A 27 -10.74 -6.88 2.85
C ASN A 27 -9.82 -7.79 2.05
N ILE A 28 -9.38 -7.35 0.88
CA ILE A 28 -8.49 -8.16 0.06
C ILE A 28 -7.22 -8.48 0.84
N PHE A 29 -6.46 -7.45 1.23
CA PHE A 29 -5.25 -7.66 2.00
C PHE A 29 -5.55 -8.48 3.25
N SER A 30 -6.25 -7.84 4.20
CA SER A 30 -6.63 -8.48 5.45
C SER A 30 -6.99 -9.94 5.25
N ARG A 31 -7.64 -10.26 4.13
CA ARG A 31 -8.03 -11.63 3.83
C ARG A 31 -6.79 -12.50 3.64
N GLN A 32 -6.03 -12.23 2.57
CA GLN A 32 -4.82 -12.99 2.30
C GLN A 32 -3.81 -12.82 3.43
N LEU A 33 -4.00 -11.77 4.23
CA LEU A 33 -3.11 -11.49 5.36
C LEU A 33 -3.78 -11.87 6.68
N PRO A 34 -3.86 -13.18 6.98
CA PRO A 34 -4.49 -13.66 8.22
C PRO A 34 -3.69 -13.29 9.46
N LYS A 35 -2.38 -13.14 9.30
CA LYS A 35 -1.51 -12.79 10.42
C LYS A 35 -1.45 -11.28 10.64
N MET A 36 -2.17 -10.52 9.81
CA MET A 36 -2.20 -9.06 9.94
C MET A 36 -3.56 -8.58 10.46
N PRO A 37 -3.55 -7.73 11.50
CA PRO A 37 -4.80 -7.19 12.08
C PRO A 37 -5.68 -6.52 11.03
N LYS A 38 -6.96 -6.83 11.06
CA LYS A 38 -7.91 -6.25 10.11
C LYS A 38 -8.05 -4.75 10.34
N GLU A 39 -8.13 -4.36 11.60
CA GLU A 39 -8.28 -2.95 11.97
C GLU A 39 -7.13 -2.12 11.39
N TYR A 40 -5.97 -2.74 11.24
CA TYR A 40 -4.81 -2.04 10.69
C TYR A 40 -5.11 -1.53 9.28
N ILE A 41 -5.19 -2.46 8.32
CA ILE A 41 -5.51 -2.08 6.94
C ILE A 41 -6.72 -1.17 6.93
N VAL A 42 -7.63 -1.41 7.86
CA VAL A 42 -8.83 -0.60 7.99
C VAL A 42 -8.47 0.81 8.40
N LYS A 43 -7.55 0.92 9.35
CA LYS A 43 -7.09 2.22 9.82
C LYS A 43 -6.40 2.97 8.68
N LEU A 44 -5.45 2.31 8.04
CA LEU A 44 -4.71 2.89 6.93
C LEU A 44 -5.60 3.12 5.72
N VAL A 45 -6.45 2.14 5.41
CA VAL A 45 -7.34 2.24 4.25
C VAL A 45 -8.55 3.14 4.52
N PHE A 46 -9.26 2.86 5.61
CA PHE A 46 -10.43 3.66 5.97
C PHE A 46 -10.06 4.87 6.83
N ASP A 47 -8.77 5.21 6.86
CA ASP A 47 -8.30 6.36 7.64
C ASP A 47 -9.14 7.60 7.34
N ARG A 48 -8.85 8.69 8.05
CA ARG A 48 -9.58 9.94 7.87
C ARG A 48 -9.76 10.27 6.39
N HIS A 49 -8.69 10.68 5.73
CA HIS A 49 -8.74 11.02 4.32
C HIS A 49 -7.78 10.12 3.53
N HIS A 50 -6.52 10.52 3.46
CA HIS A 50 -5.51 9.74 2.74
C HIS A 50 -5.93 9.47 1.30
N GLU A 51 -5.02 8.88 0.53
CA GLU A 51 -5.28 8.54 -0.86
C GLU A 51 -5.01 7.06 -1.10
N SER A 52 -5.42 6.55 -2.25
CA SER A 52 -5.23 5.14 -2.56
C SER A 52 -5.39 4.86 -4.05
N MET A 53 -4.81 3.74 -4.49
CA MET A 53 -4.90 3.33 -5.89
C MET A 53 -5.42 1.90 -5.96
N VAL A 54 -6.55 1.70 -6.64
CA VAL A 54 -7.14 0.37 -6.76
C VAL A 54 -7.00 -0.21 -8.15
N ILE A 55 -7.48 -1.43 -8.29
CA ILE A 55 -7.47 -2.13 -9.57
C ILE A 55 -8.89 -2.51 -9.95
N LEU A 56 -9.11 -2.67 -11.24
CA LEU A 56 -10.42 -3.04 -11.74
C LEU A 56 -10.29 -4.01 -12.91
N LYS A 57 -10.45 -5.28 -12.59
CA LYS A 57 -10.35 -6.34 -13.60
C LYS A 57 -11.68 -6.52 -14.30
N ASN A 58 -12.17 -5.43 -14.88
CA ASN A 58 -13.44 -5.39 -15.61
C ASN A 58 -14.08 -4.00 -15.51
N LYS A 59 -13.26 -2.98 -15.22
CA LYS A 59 -13.74 -1.60 -15.10
C LYS A 59 -14.27 -1.31 -13.68
N GLN A 60 -14.77 -2.32 -13.00
CA GLN A 60 -15.31 -2.14 -11.66
C GLN A 60 -14.99 -3.34 -10.79
N LYS A 61 -14.52 -4.41 -11.42
CA LYS A 61 -14.19 -5.63 -10.69
C LYS A 61 -12.89 -5.48 -9.93
N VAL A 62 -12.96 -4.89 -8.74
CA VAL A 62 -11.76 -4.71 -7.92
C VAL A 62 -11.09 -6.04 -7.65
N ILE A 63 -9.78 -6.11 -7.86
CA ILE A 63 -9.03 -7.33 -7.62
C ILE A 63 -7.87 -7.07 -6.68
N GLY A 64 -7.15 -5.99 -6.96
CA GLY A 64 -6.02 -5.63 -6.13
C GLY A 64 -5.92 -4.13 -5.98
N GLY A 65 -4.75 -3.64 -5.60
CA GLY A 65 -4.57 -2.22 -5.44
C GLY A 65 -3.87 -1.85 -4.15
N ILE A 66 -3.16 -0.73 -4.17
CA ILE A 66 -2.44 -0.25 -3.00
C ILE A 66 -3.06 1.04 -2.46
N CYS A 67 -2.95 1.24 -1.16
CA CYS A 67 -3.46 2.43 -0.50
C CYS A 67 -2.37 2.99 0.40
N PHE A 68 -2.35 4.31 0.60
CA PHE A 68 -1.32 4.91 1.44
C PHE A 68 -1.57 6.40 1.69
N ARG A 69 -0.59 7.05 2.30
CA ARG A 69 -0.65 8.47 2.61
C ARG A 69 0.69 8.95 3.17
N GLN A 70 1.46 9.66 2.34
CA GLN A 70 2.75 10.15 2.74
C GLN A 70 2.63 11.45 3.53
N TYR A 71 3.37 11.53 4.63
CA TYR A 71 3.33 12.70 5.50
C TYR A 71 4.39 13.74 5.09
N LYS A 72 3.91 14.89 4.62
CA LYS A 72 4.78 15.97 4.17
C LYS A 72 5.56 16.57 5.31
N PRO A 73 4.90 17.24 6.27
CA PRO A 73 5.58 17.82 7.42
C PRO A 73 6.10 16.72 8.31
N GLN A 74 6.79 15.77 7.69
CA GLN A 74 7.32 14.62 8.40
C GLN A 74 8.47 13.99 7.62
N ARG A 75 8.32 13.92 6.30
CA ARG A 75 9.35 13.35 5.42
C ARG A 75 9.24 11.83 5.37
N PHE A 76 8.10 11.31 5.79
CA PHE A 76 7.87 9.87 5.79
C PHE A 76 6.44 9.54 5.36
N ALA A 77 6.18 8.27 5.09
CA ALA A 77 4.84 7.86 4.64
C ALA A 77 4.45 6.49 5.18
N GLU A 78 3.15 6.23 5.16
CA GLU A 78 2.60 4.96 5.60
C GLU A 78 1.76 4.35 4.49
N VAL A 79 1.93 3.06 4.24
CA VAL A 79 1.17 2.39 3.19
C VAL A 79 0.07 1.52 3.77
N ALA A 80 -1.16 1.74 3.30
CA ALA A 80 -2.31 0.96 3.76
C ALA A 80 -2.17 -0.50 3.33
N PHE A 81 -1.29 -0.73 2.35
CA PHE A 81 -0.99 -2.06 1.81
C PHE A 81 -1.65 -2.30 0.47
N LEU A 82 -0.98 -3.09 -0.35
CA LEU A 82 -1.47 -3.45 -1.66
C LEU A 82 -1.64 -4.95 -1.74
N ALA A 83 -2.31 -5.40 -2.79
CA ALA A 83 -2.52 -6.83 -2.99
C ALA A 83 -3.50 -7.13 -4.12
N VAL A 84 -4.02 -8.35 -4.04
CA VAL A 84 -4.97 -8.88 -4.99
C VAL A 84 -5.88 -9.87 -4.27
N THR A 85 -7.14 -10.00 -4.70
CA THR A 85 -8.05 -10.92 -4.02
C THR A 85 -7.52 -12.36 -4.04
N ALA A 86 -7.98 -13.15 -3.07
CA ALA A 86 -7.54 -14.53 -2.87
C ALA A 86 -7.09 -15.29 -4.11
N ASN A 87 -7.81 -16.33 -4.49
CA ASN A 87 -7.38 -17.14 -5.63
C ASN A 87 -7.47 -16.40 -6.95
N GLU A 88 -7.17 -15.11 -6.90
CA GLU A 88 -7.17 -14.29 -8.08
C GLU A 88 -5.75 -13.83 -8.39
N GLN A 89 -4.91 -13.78 -7.35
CA GLN A 89 -3.53 -13.37 -7.52
C GLN A 89 -2.77 -14.31 -8.45
N VAL A 90 -1.45 -14.43 -8.24
CA VAL A 90 -0.60 -15.30 -9.06
C VAL A 90 -0.93 -15.15 -10.54
N ARG A 91 -1.36 -13.95 -10.93
CA ARG A 91 -1.70 -13.67 -12.32
C ARG A 91 -0.81 -12.56 -12.89
N GLY A 92 -0.33 -11.68 -12.02
CA GLY A 92 0.52 -10.59 -12.46
C GLY A 92 -0.19 -9.26 -12.46
N TYR A 93 -0.48 -8.74 -11.27
CA TYR A 93 -1.16 -7.46 -11.12
C TYR A 93 -0.52 -6.62 -10.02
N GLY A 94 -0.56 -7.15 -8.80
CA GLY A 94 -0.01 -6.45 -7.65
C GLY A 94 1.26 -5.65 -7.95
N THR A 95 2.20 -6.26 -8.67
CA THR A 95 3.45 -5.59 -9.03
C THR A 95 3.18 -4.22 -9.62
N ARG A 96 2.12 -4.11 -10.40
CA ARG A 96 1.77 -2.83 -11.02
C ARG A 96 1.47 -1.79 -9.97
N LEU A 97 1.11 -2.24 -8.76
CA LEU A 97 0.79 -1.33 -7.66
C LEU A 97 2.06 -0.85 -6.97
N MET A 98 2.81 -1.78 -6.38
CA MET A 98 4.04 -1.46 -5.67
C MET A 98 4.88 -0.47 -6.47
N ASN A 99 4.88 -0.62 -7.79
CA ASN A 99 5.63 0.28 -8.64
C ASN A 99 4.93 1.63 -8.73
N LYS A 100 3.63 1.60 -9.04
CA LYS A 100 2.85 2.83 -9.11
C LYS A 100 2.97 3.58 -7.79
N PHE A 101 3.22 2.83 -6.73
CA PHE A 101 3.38 3.40 -5.40
C PHE A 101 4.65 4.24 -5.34
N LYS A 102 5.73 3.73 -5.92
CA LYS A 102 6.99 4.45 -5.91
C LYS A 102 6.89 5.76 -6.69
N ASP A 103 6.59 5.66 -7.99
CA ASP A 103 6.45 6.85 -8.82
C ASP A 103 5.60 7.90 -8.11
N HIS A 104 4.64 7.42 -7.32
CA HIS A 104 3.76 8.29 -6.57
C HIS A 104 4.48 8.87 -5.36
N MET A 105 5.17 8.02 -4.59
CA MET A 105 5.89 8.47 -3.42
C MET A 105 6.85 9.60 -3.77
N GLN A 106 7.24 9.68 -5.05
CA GLN A 106 8.15 10.71 -5.50
C GLN A 106 7.39 11.99 -5.88
N LYS A 107 6.18 11.82 -6.40
CA LYS A 107 5.35 12.97 -6.79
C LYS A 107 5.13 13.92 -5.61
N GLN A 108 4.87 13.35 -4.43
CA GLN A 108 4.68 14.14 -3.24
C GLN A 108 6.03 14.48 -2.65
N ASN A 109 7.01 13.67 -3.04
CA ASN A 109 8.38 13.83 -2.64
C ASN A 109 8.68 13.21 -1.26
N ILE A 110 7.79 12.33 -0.79
CA ILE A 110 8.01 11.68 0.49
C ILE A 110 8.90 10.45 0.29
N GLU A 111 10.17 10.61 0.64
CA GLU A 111 11.15 9.54 0.46
C GLU A 111 10.96 8.40 1.47
N TYR A 112 10.78 8.74 2.74
CA TYR A 112 10.63 7.72 3.77
C TYR A 112 9.24 7.10 3.76
N LEU A 113 9.20 5.79 3.96
CA LEU A 113 7.95 5.04 3.99
C LEU A 113 7.99 4.05 5.15
N LEU A 114 6.83 3.58 5.59
CA LEU A 114 6.80 2.64 6.72
C LEU A 114 5.47 1.87 6.82
N THR A 115 5.55 0.70 7.46
CA THR A 115 4.36 -0.16 7.67
C THR A 115 4.70 -1.33 8.58
N TYR A 116 3.66 -2.03 9.01
CA TYR A 116 3.81 -3.22 9.85
C TYR A 116 3.51 -4.45 8.99
N ALA A 117 4.31 -4.64 7.94
CA ALA A 117 4.13 -5.73 7.01
C ALA A 117 4.69 -7.06 7.54
N ASP A 118 3.93 -8.13 7.36
CA ASP A 118 4.34 -9.46 7.82
C ASP A 118 5.08 -10.22 6.73
N ASN A 119 5.39 -11.48 7.00
CA ASN A 119 6.12 -12.35 6.07
C ASN A 119 5.58 -12.21 4.64
N PHE A 120 4.26 -12.09 4.51
CA PHE A 120 3.63 -11.96 3.20
C PHE A 120 4.17 -10.75 2.43
N ALA A 121 3.91 -9.57 2.96
CA ALA A 121 4.37 -8.34 2.32
C ALA A 121 5.88 -8.23 2.44
N ILE A 122 6.41 -8.83 3.50
CA ILE A 122 7.82 -8.84 3.76
C ILE A 122 8.60 -9.25 2.50
N GLY A 123 8.52 -10.53 2.16
CA GLY A 123 9.21 -11.03 1.00
C GLY A 123 8.86 -10.26 -0.27
N TYR A 124 7.58 -9.92 -0.41
CA TYR A 124 7.13 -9.18 -1.58
C TYR A 124 7.67 -7.74 -1.56
N PHE A 125 7.97 -7.23 -0.37
CA PHE A 125 8.47 -5.88 -0.25
C PHE A 125 9.97 -5.84 -0.55
N LYS A 126 10.73 -6.72 0.11
CA LYS A 126 12.16 -6.78 -0.11
C LYS A 126 12.46 -6.99 -1.59
N LYS A 127 11.48 -7.52 -2.32
CA LYS A 127 11.63 -7.80 -3.74
C LYS A 127 11.36 -6.56 -4.59
N GLN A 128 10.42 -5.71 -4.17
CA GLN A 128 10.09 -4.52 -4.95
C GLN A 128 10.96 -3.31 -4.54
N GLY A 129 11.76 -3.47 -3.49
CA GLY A 129 12.61 -2.39 -3.03
C GLY A 129 12.16 -1.84 -1.70
N PHE A 130 12.03 -2.72 -0.72
CA PHE A 130 11.59 -2.33 0.62
C PHE A 130 12.46 -3.03 1.68
N THR A 131 12.39 -2.54 2.92
CA THR A 131 13.18 -3.13 3.99
C THR A 131 12.32 -3.82 5.03
N LYS A 132 12.70 -5.06 5.34
CA LYS A 132 12.00 -5.86 6.31
C LYS A 132 12.90 -6.12 7.52
N GLU A 133 14.21 -6.01 7.31
CA GLU A 133 15.18 -6.24 8.37
C GLU A 133 15.34 -5.03 9.27
N HIS A 134 16.15 -5.17 10.31
CA HIS A 134 16.40 -4.10 11.26
C HIS A 134 17.72 -3.38 10.95
N ARG A 135 18.54 -3.99 10.09
CA ARG A 135 19.82 -3.41 9.71
C ARG A 135 19.68 -1.93 9.35
N MET A 136 18.84 -1.65 8.36
CA MET A 136 18.62 -0.28 7.93
C MET A 136 18.11 0.58 9.08
N PRO A 137 18.20 1.91 8.96
CA PRO A 137 17.74 2.83 10.00
C PRO A 137 16.34 2.50 10.51
N GLN A 138 16.27 1.66 11.53
CA GLN A 138 15.00 1.26 12.12
C GLN A 138 14.58 2.20 13.24
N GLU A 139 15.57 2.82 13.89
CA GLU A 139 15.31 3.74 14.98
C GLU A 139 14.31 4.82 14.57
N LYS A 140 14.23 5.09 13.27
CA LYS A 140 13.31 6.09 12.75
C LYS A 140 11.89 5.53 12.65
N TRP A 141 11.70 4.26 13.03
CA TRP A 141 10.40 3.63 12.99
C TRP A 141 9.35 4.47 13.70
N LYS A 142 9.79 5.26 14.68
CA LYS A 142 8.89 6.12 15.45
C LYS A 142 7.89 6.83 14.55
N GLY A 143 6.68 6.27 14.47
CA GLY A 143 5.65 6.86 13.63
C GLY A 143 4.41 5.99 13.55
N TYR A 144 4.46 4.96 12.71
CA TYR A 144 3.33 4.05 12.55
C TYR A 144 3.58 2.75 13.29
N ILE A 145 4.27 2.84 14.43
CA ILE A 145 4.58 1.67 15.23
C ILE A 145 3.62 1.54 16.41
N LYS A 146 3.67 0.40 17.09
CA LYS A 146 2.81 0.14 18.23
C LYS A 146 3.02 -1.28 18.74
N ASP A 147 2.99 -1.43 20.05
CA ASP A 147 3.17 -2.74 20.69
C ASP A 147 2.11 -3.73 20.22
N TYR A 148 2.33 -4.30 19.05
CA TYR A 148 1.39 -5.27 18.48
C TYR A 148 2.13 -6.34 17.67
N ASP A 149 1.50 -7.49 17.50
CA ASP A 149 2.09 -8.58 16.75
C ASP A 149 1.27 -8.88 15.49
N GLY A 150 1.39 -8.01 14.49
CA GLY A 150 0.66 -8.19 13.26
C GLY A 150 1.57 -8.53 12.09
N GLY A 151 2.67 -7.81 11.98
CA GLY A 151 3.60 -8.05 10.89
C GLY A 151 5.02 -7.66 11.25
N THR A 152 5.55 -6.66 10.55
CA THR A 152 6.91 -6.19 10.79
C THR A 152 7.07 -4.74 10.34
N LEU A 153 7.87 -3.98 11.08
CA LEU A 153 8.09 -2.58 10.74
C LEU A 153 8.99 -2.45 9.52
N MET A 154 8.42 -2.57 8.33
CA MET A 154 9.16 -2.45 7.09
C MET A 154 9.41 -0.97 6.78
N GLU A 155 10.42 -0.69 5.95
CA GLU A 155 10.71 0.68 5.59
C GLU A 155 11.15 0.78 4.13
N CYS A 156 11.08 1.97 3.56
CA CYS A 156 11.47 2.18 2.18
C CYS A 156 11.83 3.63 1.91
N TYR A 157 12.90 3.84 1.14
CA TYR A 157 13.37 5.17 0.81
C TYR A 157 13.27 5.41 -0.69
N ILE A 158 12.61 6.50 -1.08
CA ILE A 158 12.45 6.83 -2.50
C ILE A 158 13.76 7.36 -3.08
N HIS A 159 13.98 7.07 -4.36
CA HIS A 159 15.19 7.52 -5.05
C HIS A 159 14.89 8.68 -6.00
N PRO A 160 15.27 9.91 -5.61
CA PRO A 160 15.05 11.10 -6.44
C PRO A 160 15.99 11.19 -7.63
N TYR A 161 16.94 10.25 -7.70
CA TYR A 161 17.92 10.24 -8.79
C TYR A 161 17.25 9.91 -10.12
N VAL A 162 16.29 8.99 -10.08
CA VAL A 162 15.57 8.59 -11.28
C VAL A 162 14.34 9.45 -11.50
N ASP A 163 14.01 9.70 -12.77
CA ASP A 163 12.86 10.51 -13.12
C ASP A 163 11.60 9.65 -13.24
N TYR A 164 11.06 9.22 -12.10
CA TYR A 164 9.87 8.38 -12.09
C TYR A 164 8.68 9.12 -12.69
N GLY A 165 8.50 10.38 -12.31
CA GLY A 165 7.40 11.17 -12.81
C GLY A 165 7.85 12.26 -13.77
N ASN A 166 8.17 13.43 -13.22
CA ASN A 166 8.62 14.55 -14.02
C ASN A 166 7.55 14.99 -15.01
N MET A 1 -5.47 -3.91 -26.73
CA MET A 1 -4.41 -3.30 -27.57
C MET A 1 -3.31 -2.68 -26.71
N LYS A 2 -3.67 -1.64 -25.97
CA LYS A 2 -2.70 -0.95 -25.11
C LYS A 2 -3.21 -0.90 -23.67
N GLY A 3 -2.67 -1.80 -22.84
CA GLY A 3 -3.07 -1.85 -21.44
C GLY A 3 -4.54 -2.18 -21.27
N LEU A 4 -4.81 -3.37 -20.73
CA LEU A 4 -6.18 -3.81 -20.52
C LEU A 4 -6.65 -3.46 -19.10
N LEU A 5 -5.78 -3.69 -18.13
CA LEU A 5 -6.10 -3.40 -16.73
C LEU A 5 -6.52 -1.95 -16.56
N ASP A 6 -7.28 -1.70 -15.50
CA ASP A 6 -7.74 -0.35 -15.20
C ASP A 6 -7.47 0.00 -13.73
N PHE A 7 -6.98 1.21 -13.51
CA PHE A 7 -6.66 1.67 -12.16
C PHE A 7 -7.60 2.81 -11.76
N ASP A 8 -7.80 2.98 -10.47
CA ASP A 8 -8.68 4.04 -9.96
C ASP A 8 -8.09 4.70 -8.72
N ILE A 9 -8.25 6.01 -8.64
CA ILE A 9 -7.74 6.76 -7.50
C ILE A 9 -8.87 7.49 -6.77
N LEU A 10 -9.26 6.93 -5.63
CA LEU A 10 -10.34 7.50 -4.83
C LEU A 10 -9.90 7.82 -3.42
N THR A 11 -10.85 8.31 -2.63
CA THR A 11 -10.58 8.66 -1.24
C THR A 11 -11.65 8.07 -0.33
N ASN A 12 -11.68 8.55 0.91
CA ASN A 12 -12.67 8.09 1.88
C ASN A 12 -13.61 9.24 2.23
N ASP A 13 -14.07 9.92 1.20
CA ASP A 13 -14.99 11.04 1.37
C ASP A 13 -16.32 10.55 1.93
N GLY A 14 -16.59 9.27 1.78
CA GLY A 14 -17.83 8.69 2.28
C GLY A 14 -18.72 8.15 1.17
N THR A 15 -18.49 8.63 -0.06
CA THR A 15 -19.28 8.19 -1.20
C THR A 15 -19.28 6.66 -1.32
N HIS A 16 -20.30 6.12 -1.98
CA HIS A 16 -20.41 4.68 -2.16
C HIS A 16 -19.36 4.17 -3.15
N ARG A 17 -19.33 4.77 -4.33
CA ARG A 17 -18.37 4.38 -5.37
C ARG A 17 -16.95 4.29 -4.80
N ASN A 18 -16.46 5.41 -4.28
CA ASN A 18 -15.12 5.46 -3.70
C ASN A 18 -14.94 4.39 -2.63
N MET A 19 -15.88 4.34 -1.69
CA MET A 19 -15.83 3.36 -0.61
C MET A 19 -15.80 1.94 -1.16
N LYS A 20 -16.72 1.64 -2.07
CA LYS A 20 -16.82 0.32 -2.67
C LYS A 20 -15.45 -0.23 -3.04
N LEU A 21 -14.67 0.57 -3.76
CA LEU A 21 -13.33 0.16 -4.17
C LEU A 21 -12.42 0.02 -2.96
N LEU A 22 -12.34 1.08 -2.15
CA LEU A 22 -11.50 1.07 -0.96
C LEU A 22 -11.82 -0.14 -0.08
N ILE A 23 -13.09 -0.52 -0.03
CA ILE A 23 -13.52 -1.67 0.75
C ILE A 23 -12.78 -2.92 0.29
N ASP A 24 -12.84 -3.18 -1.01
CA ASP A 24 -12.19 -4.34 -1.60
C ASP A 24 -10.76 -4.48 -1.07
N LEU A 25 -9.96 -3.45 -1.30
CA LEU A 25 -8.56 -3.45 -0.85
C LEU A 25 -8.43 -3.90 0.59
N LYS A 26 -9.29 -3.36 1.45
CA LYS A 26 -9.26 -3.69 2.87
C LYS A 26 -9.41 -5.19 3.11
N ASN A 27 -10.55 -5.75 2.71
CA ASN A 27 -10.80 -7.17 2.90
C ASN A 27 -9.76 -8.01 2.17
N ILE A 28 -9.24 -7.50 1.06
CA ILE A 28 -8.23 -8.21 0.29
C ILE A 28 -7.06 -8.55 1.19
N PHE A 29 -6.38 -7.52 1.68
CA PHE A 29 -5.23 -7.74 2.57
C PHE A 29 -5.64 -8.58 3.76
N SER A 30 -6.42 -7.96 4.65
CA SER A 30 -6.90 -8.62 5.86
C SER A 30 -7.22 -10.09 5.63
N ARG A 31 -7.71 -10.42 4.43
CA ARG A 31 -8.06 -11.79 4.09
C ARG A 31 -6.79 -12.63 3.95
N GLN A 32 -6.00 -12.34 2.92
CA GLN A 32 -4.76 -13.07 2.69
C GLN A 32 -3.78 -12.87 3.84
N LEU A 33 -4.00 -11.81 4.62
CA LEU A 33 -3.17 -11.48 5.76
C LEU A 33 -3.88 -11.83 7.07
N PRO A 34 -3.99 -13.12 7.40
CA PRO A 34 -4.67 -13.58 8.61
C PRO A 34 -3.93 -13.15 9.88
N LYS A 35 -2.60 -13.25 9.86
CA LYS A 35 -1.79 -12.87 11.01
C LYS A 35 -2.07 -11.44 11.43
N MET A 36 -2.57 -10.62 10.50
CA MET A 36 -2.87 -9.23 10.78
C MET A 36 -4.35 -9.05 11.12
N PRO A 37 -4.67 -8.22 12.13
CA PRO A 37 -6.05 -7.97 12.54
C PRO A 37 -6.81 -7.13 11.52
N LYS A 38 -8.07 -7.49 11.30
CA LYS A 38 -8.90 -6.77 10.34
C LYS A 38 -8.99 -5.29 10.68
N GLU A 39 -9.08 -5.00 11.98
CA GLU A 39 -9.18 -3.62 12.45
C GLU A 39 -8.04 -2.76 11.91
N TYR A 40 -6.87 -3.36 11.74
CA TYR A 40 -5.72 -2.64 11.23
C TYR A 40 -6.00 -2.12 9.82
N ILE A 41 -6.01 -3.02 8.84
CA ILE A 41 -6.28 -2.63 7.46
C ILE A 41 -7.56 -1.81 7.40
N VAL A 42 -8.49 -2.11 8.30
CA VAL A 42 -9.74 -1.38 8.38
C VAL A 42 -9.45 0.05 8.79
N LYS A 43 -8.63 0.19 9.83
CA LYS A 43 -8.23 1.50 10.31
C LYS A 43 -7.41 2.20 9.25
N LEU A 44 -6.52 1.44 8.62
CA LEU A 44 -5.65 1.96 7.57
C LEU A 44 -6.47 2.36 6.34
N VAL A 45 -7.30 1.44 5.85
CA VAL A 45 -8.11 1.70 4.67
C VAL A 45 -9.25 2.68 4.96
N PHE A 46 -9.88 2.52 6.12
CA PHE A 46 -10.98 3.40 6.50
C PHE A 46 -10.52 4.51 7.45
N ASP A 47 -9.21 4.78 7.44
CA ASP A 47 -8.64 5.82 8.29
C ASP A 47 -9.35 7.15 8.07
N ARG A 48 -8.98 8.14 8.88
CA ARG A 48 -9.58 9.47 8.78
C ARG A 48 -9.26 10.13 7.45
N HIS A 49 -9.97 9.73 6.40
CA HIS A 49 -9.77 10.29 5.07
C HIS A 49 -8.35 10.00 4.57
N HIS A 50 -8.23 9.78 3.26
CA HIS A 50 -6.94 9.50 2.65
C HIS A 50 -7.10 9.18 1.16
N GLU A 51 -5.96 9.06 0.48
CA GLU A 51 -5.97 8.75 -0.95
C GLU A 51 -5.54 7.30 -1.18
N SER A 52 -5.88 6.75 -2.34
CA SER A 52 -5.52 5.37 -2.65
C SER A 52 -5.65 5.07 -4.13
N MET A 53 -4.97 4.02 -4.58
CA MET A 53 -5.01 3.60 -5.97
C MET A 53 -5.33 2.10 -6.04
N VAL A 54 -6.34 1.74 -6.82
CA VAL A 54 -6.74 0.34 -6.93
C VAL A 54 -6.60 -0.21 -8.34
N ILE A 55 -6.96 -1.46 -8.47
CA ILE A 55 -6.95 -2.15 -9.74
C ILE A 55 -8.37 -2.54 -10.12
N LEU A 56 -8.58 -2.80 -11.39
CA LEU A 56 -9.89 -3.19 -11.86
C LEU A 56 -9.80 -4.29 -12.91
N LYS A 57 -10.29 -5.46 -12.55
CA LYS A 57 -10.25 -6.61 -13.45
C LYS A 57 -11.61 -6.83 -14.12
N ASN A 58 -12.08 -5.78 -14.77
CA ASN A 58 -13.37 -5.79 -15.49
C ASN A 58 -13.98 -4.39 -15.53
N LYS A 59 -13.13 -3.36 -15.35
CA LYS A 59 -13.57 -1.97 -15.37
C LYS A 59 -14.05 -1.51 -14.00
N GLN A 60 -14.64 -2.42 -13.23
CA GLN A 60 -15.13 -2.10 -11.91
C GLN A 60 -14.91 -3.27 -10.96
N LYS A 61 -14.20 -4.29 -11.43
CA LYS A 61 -13.94 -5.45 -10.61
C LYS A 61 -12.61 -5.34 -9.89
N VAL A 62 -12.63 -4.72 -8.71
CA VAL A 62 -11.42 -4.56 -7.91
C VAL A 62 -10.71 -5.89 -7.68
N ILE A 63 -9.38 -5.85 -7.68
CA ILE A 63 -8.59 -7.05 -7.46
C ILE A 63 -7.38 -6.73 -6.59
N GLY A 64 -6.71 -5.63 -6.92
CA GLY A 64 -5.55 -5.19 -6.17
C GLY A 64 -5.59 -3.69 -5.94
N GLY A 65 -4.57 -3.14 -5.30
CA GLY A 65 -4.56 -1.72 -5.06
C GLY A 65 -3.89 -1.33 -3.76
N ILE A 66 -3.25 -0.16 -3.78
CA ILE A 66 -2.57 0.38 -2.61
C ILE A 66 -3.38 1.52 -2.00
N CYS A 67 -3.17 1.78 -0.72
CA CYS A 67 -3.91 2.86 -0.04
C CYS A 67 -2.98 3.73 0.79
N PHE A 68 -3.28 5.04 0.81
CA PHE A 68 -2.53 6.08 1.55
C PHE A 68 -1.53 6.80 0.66
N ARG A 69 -0.75 7.70 1.26
CA ARG A 69 0.25 8.48 0.54
C ARG A 69 1.44 8.80 1.46
N GLN A 70 2.24 9.78 1.07
CA GLN A 70 3.41 10.16 1.85
C GLN A 70 3.19 11.49 2.59
N TYR A 71 3.97 11.69 3.64
CA TYR A 71 3.90 12.91 4.43
C TYR A 71 5.07 13.84 4.07
N LYS A 72 4.78 15.13 3.95
CA LYS A 72 5.79 16.14 3.58
C LYS A 72 6.57 16.67 4.78
N PRO A 73 5.89 17.32 5.75
CA PRO A 73 6.56 17.84 6.93
C PRO A 73 7.20 16.71 7.72
N GLN A 74 6.75 15.50 7.44
CA GLN A 74 7.27 14.32 8.11
C GLN A 74 8.45 13.72 7.34
N ARG A 75 8.53 14.02 6.04
CA ARG A 75 9.61 13.52 5.20
C ARG A 75 9.55 12.00 5.06
N PHE A 76 8.40 11.45 5.37
CA PHE A 76 8.19 10.00 5.28
C PHE A 76 6.79 9.72 4.78
N ALA A 77 6.48 8.45 4.59
CA ALA A 77 5.17 8.07 4.09
C ALA A 77 4.54 6.95 4.90
N GLU A 78 3.25 6.76 4.68
CA GLU A 78 2.50 5.71 5.35
C GLU A 78 1.58 5.05 4.33
N VAL A 79 1.52 3.73 4.35
CA VAL A 79 0.68 3.02 3.38
C VAL A 79 -0.43 2.25 4.07
N ALA A 80 -1.68 2.52 3.68
CA ALA A 80 -2.82 1.83 4.25
C ALA A 80 -2.67 0.35 3.98
N PHE A 81 -2.03 0.04 2.83
CA PHE A 81 -1.73 -1.33 2.41
C PHE A 81 -2.13 -1.62 0.97
N LEU A 82 -1.32 -2.46 0.33
CA LEU A 82 -1.53 -2.86 -1.05
C LEU A 82 -1.52 -4.38 -1.15
N ALA A 83 -2.32 -4.92 -2.08
CA ALA A 83 -2.38 -6.36 -2.28
C ALA A 83 -3.59 -6.81 -3.07
N VAL A 84 -3.35 -7.77 -3.95
CA VAL A 84 -4.37 -8.36 -4.80
C VAL A 84 -5.20 -9.37 -3.98
N THR A 85 -6.48 -9.52 -4.30
CA THR A 85 -7.34 -10.44 -3.56
C THR A 85 -6.88 -11.90 -3.72
N ALA A 86 -7.28 -12.73 -2.75
CA ALA A 86 -6.91 -14.15 -2.67
C ALA A 86 -6.59 -14.84 -3.98
N ASN A 87 -7.39 -15.82 -4.37
CA ASN A 87 -7.12 -16.58 -5.59
C ASN A 87 -7.23 -15.74 -6.84
N GLU A 88 -6.93 -14.47 -6.71
CA GLU A 88 -6.95 -13.56 -7.83
C GLU A 88 -5.53 -13.16 -8.21
N GLN A 89 -4.63 -13.25 -7.23
CA GLN A 89 -3.23 -12.91 -7.45
C GLN A 89 -2.57 -13.89 -8.42
N VAL A 90 -1.25 -14.08 -8.26
CA VAL A 90 -0.48 -14.99 -9.11
C VAL A 90 -0.86 -14.84 -10.58
N ARG A 91 -1.24 -13.62 -10.95
CA ARG A 91 -1.63 -13.32 -12.32
C ARG A 91 -0.75 -12.21 -12.91
N GLY A 92 -0.24 -11.34 -12.05
CA GLY A 92 0.61 -10.26 -12.50
C GLY A 92 -0.10 -8.92 -12.53
N TYR A 93 -0.36 -8.36 -11.35
CA TYR A 93 -1.04 -7.07 -11.25
C TYR A 93 -0.44 -6.23 -10.14
N GLY A 94 -0.45 -6.77 -8.92
CA GLY A 94 0.07 -6.05 -7.77
C GLY A 94 1.40 -5.35 -8.05
N THR A 95 2.27 -6.01 -8.81
CA THR A 95 3.58 -5.44 -9.15
C THR A 95 3.43 -4.06 -9.78
N ARG A 96 2.61 -3.97 -10.82
CA ARG A 96 2.37 -2.71 -11.49
C ARG A 96 1.91 -1.64 -10.52
N LEU A 97 1.30 -2.09 -9.43
CA LEU A 97 0.82 -1.17 -8.39
C LEU A 97 1.94 -0.80 -7.43
N MET A 98 2.65 -1.82 -6.93
CA MET A 98 3.76 -1.60 -6.00
C MET A 98 4.65 -0.48 -6.52
N ASN A 99 5.01 -0.57 -7.79
CA ASN A 99 5.84 0.45 -8.42
C ASN A 99 5.07 1.75 -8.53
N LYS A 100 3.76 1.65 -8.79
CA LYS A 100 2.92 2.83 -8.90
C LYS A 100 3.00 3.63 -7.62
N PHE A 101 3.18 2.94 -6.50
CA PHE A 101 3.30 3.57 -5.20
C PHE A 101 4.61 4.35 -5.14
N LYS A 102 5.70 3.70 -5.55
CA LYS A 102 7.01 4.32 -5.54
C LYS A 102 7.03 5.54 -6.46
N ASP A 103 6.56 5.36 -7.69
CA ASP A 103 6.51 6.46 -8.65
C ASP A 103 5.86 7.68 -8.02
N HIS A 104 4.92 7.42 -7.12
CA HIS A 104 4.21 8.48 -6.42
C HIS A 104 5.10 9.08 -5.34
N MET A 105 5.74 8.23 -4.55
CA MET A 105 6.63 8.68 -3.49
C MET A 105 7.71 9.60 -4.05
N GLN A 106 8.00 9.45 -5.34
CA GLN A 106 9.01 10.25 -6.00
C GLN A 106 8.45 11.61 -6.42
N LYS A 107 7.19 11.62 -6.86
CA LYS A 107 6.54 12.85 -7.29
C LYS A 107 6.56 13.89 -6.17
N GLN A 108 6.21 13.46 -4.96
CA GLN A 108 6.23 14.34 -3.80
C GLN A 108 7.64 14.38 -3.26
N ASN A 109 8.40 13.35 -3.62
CA ASN A 109 9.78 13.20 -3.23
C ASN A 109 9.93 12.76 -1.77
N ILE A 110 8.97 11.98 -1.28
CA ILE A 110 9.04 11.50 0.10
C ILE A 110 9.87 10.23 0.15
N GLU A 111 11.11 10.39 0.60
CA GLU A 111 12.06 9.28 0.68
C GLU A 111 11.63 8.20 1.66
N TYR A 112 11.25 8.59 2.87
CA TYR A 112 10.85 7.61 3.88
C TYR A 112 9.44 7.07 3.68
N LEU A 113 9.29 5.77 3.97
CA LEU A 113 8.01 5.08 3.88
C LEU A 113 7.86 4.17 5.10
N LEU A 114 6.65 3.73 5.43
CA LEU A 114 6.47 2.88 6.61
C LEU A 114 5.17 2.07 6.63
N THR A 115 5.24 0.91 7.31
CA THR A 115 4.09 0.01 7.48
C THR A 115 4.42 -1.08 8.49
N TYR A 116 3.43 -1.95 8.70
CA TYR A 116 3.54 -3.10 9.56
C TYR A 116 3.20 -4.31 8.71
N ALA A 117 4.00 -4.51 7.66
CA ALA A 117 3.77 -5.57 6.68
C ALA A 117 4.27 -6.93 7.14
N ASP A 118 3.46 -7.96 6.87
CA ASP A 118 3.80 -9.33 7.25
C ASP A 118 4.72 -9.98 6.23
N ASN A 119 5.03 -11.26 6.44
CA ASN A 119 5.91 -12.02 5.57
C ASN A 119 5.57 -11.82 4.09
N PHE A 120 4.36 -12.23 3.69
CA PHE A 120 3.93 -12.10 2.30
C PHE A 120 4.27 -10.73 1.75
N ALA A 121 4.23 -9.71 2.61
CA ALA A 121 4.55 -8.36 2.22
C ALA A 121 6.04 -8.14 2.28
N ILE A 122 6.66 -8.77 3.27
CA ILE A 122 8.09 -8.69 3.46
C ILE A 122 8.80 -9.00 2.15
N GLY A 123 8.75 -10.27 1.75
CA GLY A 123 9.37 -10.69 0.51
C GLY A 123 8.88 -9.88 -0.66
N TYR A 124 7.58 -9.61 -0.70
CA TYR A 124 6.99 -8.83 -1.78
C TYR A 124 7.60 -7.42 -1.82
N PHE A 125 7.94 -6.90 -0.65
CA PHE A 125 8.53 -5.58 -0.54
C PHE A 125 10.01 -5.62 -0.89
N LYS A 126 10.69 -6.64 -0.39
CA LYS A 126 12.11 -6.80 -0.65
C LYS A 126 12.35 -7.26 -2.09
N LYS A 127 11.27 -7.46 -2.84
CA LYS A 127 11.38 -7.91 -4.23
C LYS A 127 11.10 -6.77 -5.21
N GLN A 128 10.25 -5.82 -4.84
CA GLN A 128 9.93 -4.70 -5.73
C GLN A 128 10.86 -3.51 -5.49
N GLY A 129 11.65 -3.57 -4.42
CA GLY A 129 12.56 -2.48 -4.13
C GLY A 129 12.50 -2.04 -2.67
N PHE A 130 11.40 -2.37 -2.01
CA PHE A 130 11.21 -2.03 -0.61
C PHE A 130 12.17 -2.81 0.27
N THR A 131 12.20 -2.48 1.56
CA THR A 131 13.08 -3.18 2.50
C THR A 131 12.43 -3.36 3.85
N LYS A 132 12.17 -4.61 4.20
CA LYS A 132 11.54 -4.96 5.47
C LYS A 132 12.48 -4.64 6.64
N GLU A 133 13.79 -4.61 6.35
CA GLU A 133 14.79 -4.31 7.37
C GLU A 133 14.36 -3.16 8.26
N HIS A 134 14.63 -3.29 9.56
CA HIS A 134 14.27 -2.26 10.52
C HIS A 134 15.32 -1.16 10.58
N ARG A 135 15.58 -0.53 9.44
CA ARG A 135 16.57 0.54 9.36
C ARG A 135 15.93 1.88 9.71
N MET A 136 14.63 2.00 9.45
CA MET A 136 13.90 3.22 9.73
C MET A 136 13.35 3.20 11.16
N PRO A 137 13.38 4.36 11.86
CA PRO A 137 12.89 4.45 13.24
C PRO A 137 11.37 4.31 13.31
N GLN A 138 10.91 3.26 14.00
CA GLN A 138 9.49 3.01 14.15
C GLN A 138 8.79 4.19 14.84
N GLU A 139 9.57 5.01 15.54
CA GLU A 139 9.04 6.17 16.23
C GLU A 139 8.16 7.01 15.32
N LYS A 140 8.45 6.97 14.03
CA LYS A 140 7.69 7.73 13.03
C LYS A 140 6.32 7.10 12.79
N TRP A 141 6.08 5.92 13.37
CA TRP A 141 4.81 5.22 13.20
C TRP A 141 3.64 6.11 13.61
N LYS A 142 3.88 7.00 14.56
CA LYS A 142 2.84 7.91 15.05
C LYS A 142 2.08 8.55 13.90
N GLY A 143 0.76 8.31 13.87
CA GLY A 143 -0.07 8.86 12.82
C GLY A 143 -0.87 7.80 12.09
N TYR A 144 -0.21 6.71 11.71
CA TYR A 144 -0.85 5.63 11.00
C TYR A 144 -0.64 4.29 11.70
N ILE A 145 0.58 4.07 12.18
CA ILE A 145 0.91 2.83 12.88
C ILE A 145 1.14 3.07 14.37
N LYS A 146 0.75 2.10 15.18
CA LYS A 146 0.90 2.18 16.62
C LYS A 146 0.26 0.98 17.31
N ASP A 147 0.94 0.43 18.31
CA ASP A 147 0.44 -0.71 19.05
C ASP A 147 -0.16 -1.77 18.12
N TYR A 148 0.67 -2.72 17.69
CA TYR A 148 0.22 -3.78 16.80
C TYR A 148 1.05 -5.04 16.97
N ASP A 149 0.57 -6.13 16.39
CA ASP A 149 1.27 -7.41 16.48
C ASP A 149 0.70 -8.41 15.48
N GLY A 150 1.39 -8.58 14.36
CA GLY A 150 0.94 -9.50 13.33
C GLY A 150 1.77 -9.42 12.07
N GLY A 151 2.18 -8.20 11.72
CA GLY A 151 2.99 -8.01 10.53
C GLY A 151 4.44 -7.75 10.86
N THR A 152 5.04 -6.77 10.19
CA THR A 152 6.43 -6.43 10.41
C THR A 152 6.69 -4.98 10.07
N LEU A 153 7.58 -4.33 10.80
CA LEU A 153 7.90 -2.95 10.54
C LEU A 153 8.47 -2.77 9.14
N MET A 154 7.63 -2.36 8.22
CA MET A 154 8.03 -2.14 6.84
C MET A 154 8.59 -0.74 6.66
N GLU A 155 9.62 -0.62 5.83
CA GLU A 155 10.24 0.68 5.59
C GLU A 155 10.95 0.70 4.24
N CYS A 156 10.76 1.76 3.49
CA CYS A 156 11.39 1.89 2.18
C CYS A 156 11.89 3.31 1.94
N TYR A 157 13.08 3.42 1.39
CA TYR A 157 13.70 4.72 1.12
C TYR A 157 13.70 5.03 -0.38
N ILE A 158 13.18 6.20 -0.75
CA ILE A 158 13.15 6.60 -2.16
C ILE A 158 14.43 7.32 -2.54
N HIS A 159 14.85 7.14 -3.80
CA HIS A 159 16.07 7.78 -4.28
C HIS A 159 15.77 9.13 -4.94
N PRO A 160 16.81 9.86 -5.36
CA PRO A 160 16.64 11.18 -5.99
C PRO A 160 15.73 11.16 -7.22
N TYR A 161 16.20 10.58 -8.32
CA TYR A 161 15.41 10.52 -9.54
C TYR A 161 15.64 9.21 -10.29
N VAL A 162 15.30 8.10 -9.66
CA VAL A 162 15.48 6.79 -10.27
C VAL A 162 14.54 6.62 -11.47
N ASP A 163 14.89 5.70 -12.36
CA ASP A 163 14.08 5.44 -13.55
C ASP A 163 12.96 4.45 -13.25
N TYR A 164 12.05 4.86 -12.38
CA TYR A 164 10.93 4.01 -11.99
C TYR A 164 10.02 3.73 -13.18
N GLY A 165 9.58 4.80 -13.84
CA GLY A 165 8.71 4.65 -14.99
C GLY A 165 9.12 5.54 -16.15
N ASN A 166 8.97 6.84 -15.98
CA ASN A 166 9.34 7.79 -17.03
C ASN A 166 10.86 7.82 -17.24
N MET A 1 0.02 -4.00 -23.11
CA MET A 1 -0.56 -4.77 -24.23
C MET A 1 -1.90 -5.40 -23.84
N LYS A 2 -2.99 -4.68 -24.10
CA LYS A 2 -4.32 -5.16 -23.78
C LYS A 2 -4.48 -5.33 -22.27
N GLY A 3 -4.90 -4.27 -21.59
CA GLY A 3 -5.09 -4.32 -20.16
C GLY A 3 -6.38 -5.02 -19.77
N LEU A 4 -6.28 -5.95 -18.83
CA LEU A 4 -7.45 -6.69 -18.36
C LEU A 4 -8.12 -5.95 -17.20
N LEU A 5 -7.31 -5.28 -16.39
CA LEU A 5 -7.82 -4.55 -15.25
C LEU A 5 -7.80 -3.05 -15.50
N ASP A 6 -8.16 -2.30 -14.48
CA ASP A 6 -8.19 -0.85 -14.55
C ASP A 6 -7.86 -0.25 -13.19
N PHE A 7 -6.99 0.76 -13.18
CA PHE A 7 -6.58 1.39 -11.95
C PHE A 7 -7.40 2.66 -11.67
N ASP A 8 -7.70 2.90 -10.42
CA ASP A 8 -8.47 4.07 -10.02
C ASP A 8 -7.87 4.72 -8.78
N ILE A 9 -7.80 6.04 -8.79
CA ILE A 9 -7.25 6.79 -7.67
C ILE A 9 -8.35 7.25 -6.73
N LEU A 10 -8.46 6.60 -5.59
CA LEU A 10 -9.48 6.93 -4.60
C LEU A 10 -8.89 7.60 -3.37
N THR A 11 -9.77 7.93 -2.45
CA THR A 11 -9.40 8.56 -1.18
C THR A 11 -10.22 7.96 -0.06
N ASN A 12 -10.62 8.80 0.90
CA ASN A 12 -11.43 8.33 2.01
C ASN A 12 -12.42 9.41 2.41
N ASP A 13 -12.94 10.07 1.39
CA ASP A 13 -13.91 11.14 1.59
C ASP A 13 -15.31 10.56 1.83
N GLY A 14 -15.48 9.28 1.51
CA GLY A 14 -16.78 8.64 1.68
C GLY A 14 -17.80 9.14 0.68
N THR A 15 -17.41 9.22 -0.58
CA THR A 15 -18.30 9.68 -1.64
C THR A 15 -19.40 8.66 -1.91
N HIS A 16 -19.07 7.62 -2.66
CA HIS A 16 -20.03 6.59 -3.00
C HIS A 16 -19.35 5.45 -3.76
N ARG A 17 -19.06 5.69 -5.03
CA ARG A 17 -18.40 4.70 -5.88
C ARG A 17 -17.02 4.35 -5.32
N ASN A 18 -16.27 5.37 -4.94
CA ASN A 18 -14.94 5.18 -4.39
C ASN A 18 -15.01 4.32 -3.13
N MET A 19 -16.03 4.56 -2.32
CA MET A 19 -16.23 3.81 -1.08
C MET A 19 -16.26 2.31 -1.35
N LYS A 20 -17.19 1.88 -2.20
CA LYS A 20 -17.32 0.47 -2.54
C LYS A 20 -15.96 -0.13 -2.89
N LEU A 21 -15.26 0.50 -3.82
CA LEU A 21 -13.94 0.03 -4.23
C LEU A 21 -12.98 0.02 -3.04
N LEU A 22 -12.85 1.18 -2.39
CA LEU A 22 -11.96 1.30 -1.23
C LEU A 22 -12.20 0.17 -0.24
N ILE A 23 -13.48 -0.10 0.02
CA ILE A 23 -13.86 -1.16 0.96
C ILE A 23 -13.15 -2.46 0.61
N ASP A 24 -13.29 -2.88 -0.65
CA ASP A 24 -12.67 -4.12 -1.11
C ASP A 24 -11.20 -4.18 -0.71
N LEU A 25 -10.42 -3.19 -1.14
CA LEU A 25 -8.99 -3.13 -0.83
C LEU A 25 -8.72 -3.53 0.61
N LYS A 26 -9.50 -2.98 1.53
CA LYS A 26 -9.33 -3.27 2.95
C LYS A 26 -9.50 -4.76 3.24
N ASN A 27 -10.72 -5.26 3.07
CA ASN A 27 -11.00 -6.67 3.35
C ASN A 27 -10.11 -7.58 2.50
N ILE A 28 -9.73 -7.10 1.32
CA ILE A 28 -8.86 -7.87 0.44
C ILE A 28 -7.58 -8.24 1.17
N PHE A 29 -6.80 -7.24 1.52
CA PHE A 29 -5.54 -7.47 2.24
C PHE A 29 -5.78 -8.31 3.49
N SER A 30 -6.43 -7.69 4.47
CA SER A 30 -6.75 -8.36 5.72
C SER A 30 -7.16 -9.82 5.51
N ARG A 31 -7.82 -10.09 4.39
CA ARG A 31 -8.26 -11.44 4.07
C ARG A 31 -7.05 -12.33 3.80
N GLN A 32 -6.33 -12.03 2.72
CA GLN A 32 -5.13 -12.80 2.38
C GLN A 32 -4.08 -12.67 3.46
N LEU A 33 -4.17 -11.58 4.24
CA LEU A 33 -3.24 -11.32 5.32
C LEU A 33 -3.87 -11.72 6.66
N PRO A 34 -3.77 -13.01 7.03
CA PRO A 34 -4.34 -13.51 8.29
C PRO A 34 -3.81 -12.77 9.51
N LYS A 35 -2.50 -12.84 9.72
CA LYS A 35 -1.87 -12.18 10.86
C LYS A 35 -2.25 -10.70 10.92
N MET A 36 -2.61 -10.14 9.78
CA MET A 36 -3.00 -8.73 9.71
C MET A 36 -4.49 -8.55 9.98
N PRO A 37 -4.84 -7.97 11.15
CA PRO A 37 -6.24 -7.74 11.52
C PRO A 37 -6.90 -6.67 10.64
N LYS A 38 -8.14 -6.92 10.25
CA LYS A 38 -8.88 -5.98 9.41
C LYS A 38 -8.78 -4.56 9.95
N GLU A 39 -8.89 -4.44 11.27
CA GLU A 39 -8.81 -3.13 11.93
C GLU A 39 -7.54 -2.39 11.51
N TYR A 40 -6.44 -3.12 11.40
CA TYR A 40 -5.17 -2.52 11.00
C TYR A 40 -5.30 -1.88 9.63
N ILE A 41 -5.55 -2.70 8.61
CA ILE A 41 -5.74 -2.19 7.26
C ILE A 41 -6.81 -1.13 7.26
N VAL A 42 -7.81 -1.32 8.11
CA VAL A 42 -8.91 -0.38 8.24
C VAL A 42 -8.37 0.95 8.75
N LYS A 43 -7.53 0.89 9.77
CA LYS A 43 -6.94 2.10 10.34
C LYS A 43 -6.23 2.90 9.26
N LEU A 44 -5.40 2.23 8.47
CA LEU A 44 -4.66 2.87 7.39
C LEU A 44 -5.57 3.17 6.20
N VAL A 45 -6.43 2.22 5.86
CA VAL A 45 -7.34 2.38 4.74
C VAL A 45 -8.44 3.40 5.03
N PHE A 46 -8.60 3.75 6.31
CA PHE A 46 -9.60 4.73 6.72
C PHE A 46 -9.01 5.72 7.73
N ASP A 47 -7.69 5.88 7.70
CA ASP A 47 -7.01 6.78 8.60
C ASP A 47 -7.39 8.24 8.33
N ARG A 48 -8.61 8.60 8.74
CA ARG A 48 -9.10 9.96 8.55
C ARG A 48 -9.13 10.34 7.07
N HIS A 49 -7.97 10.75 6.55
CA HIS A 49 -7.85 11.14 5.15
C HIS A 49 -6.59 10.54 4.53
N HIS A 50 -6.68 10.18 3.25
CA HIS A 50 -5.55 9.60 2.53
C HIS A 50 -5.91 9.29 1.08
N GLU A 51 -4.92 8.85 0.33
CA GLU A 51 -5.12 8.50 -1.08
C GLU A 51 -5.06 6.98 -1.25
N SER A 52 -5.39 6.51 -2.45
CA SER A 52 -5.36 5.08 -2.72
C SER A 52 -5.51 4.78 -4.21
N MET A 53 -4.99 3.64 -4.62
CA MET A 53 -5.05 3.20 -6.00
C MET A 53 -5.57 1.76 -6.06
N VAL A 54 -6.78 1.58 -6.57
CA VAL A 54 -7.37 0.25 -6.64
C VAL A 54 -7.23 -0.35 -8.03
N ILE A 55 -7.70 -1.58 -8.16
CA ILE A 55 -7.69 -2.28 -9.43
C ILE A 55 -9.07 -2.76 -9.76
N LEU A 56 -9.35 -2.88 -11.05
CA LEU A 56 -10.66 -3.34 -11.50
C LEU A 56 -10.51 -4.30 -12.67
N LYS A 57 -10.56 -5.59 -12.36
CA LYS A 57 -10.43 -6.63 -13.37
C LYS A 57 -11.72 -6.76 -14.18
N ASN A 58 -12.09 -5.65 -14.81
CA ASN A 58 -13.28 -5.55 -15.65
C ASN A 58 -13.90 -4.15 -15.55
N LYS A 59 -13.05 -3.17 -15.23
CA LYS A 59 -13.48 -1.76 -15.10
C LYS A 59 -14.04 -1.44 -13.72
N GLN A 60 -14.60 -2.44 -13.05
CA GLN A 60 -15.18 -2.23 -11.74
C GLN A 60 -15.00 -3.47 -10.86
N LYS A 61 -14.29 -4.46 -11.39
CA LYS A 61 -14.07 -5.69 -10.66
C LYS A 61 -12.83 -5.59 -9.77
N VAL A 62 -12.99 -5.01 -8.58
CA VAL A 62 -11.88 -4.86 -7.66
C VAL A 62 -11.19 -6.20 -7.40
N ILE A 63 -9.88 -6.23 -7.56
CA ILE A 63 -9.11 -7.45 -7.35
C ILE A 63 -7.90 -7.18 -6.47
N GLY A 64 -7.21 -6.10 -6.78
CA GLY A 64 -6.04 -5.72 -6.02
C GLY A 64 -5.97 -4.21 -5.83
N GLY A 65 -4.78 -3.68 -5.69
CA GLY A 65 -4.62 -2.25 -5.52
C GLY A 65 -3.99 -1.88 -4.19
N ILE A 66 -3.26 -0.77 -4.20
CA ILE A 66 -2.59 -0.28 -3.01
C ILE A 66 -3.23 1.01 -2.49
N CYS A 67 -3.19 1.20 -1.19
CA CYS A 67 -3.73 2.40 -0.56
C CYS A 67 -2.69 2.99 0.37
N PHE A 68 -2.59 4.33 0.42
CA PHE A 68 -1.58 4.95 1.28
C PHE A 68 -1.69 6.47 1.30
N ARG A 69 -0.72 7.10 1.96
CA ARG A 69 -0.67 8.55 2.08
C ARG A 69 0.68 8.98 2.64
N GLN A 70 1.52 9.55 1.78
CA GLN A 70 2.83 9.99 2.17
C GLN A 70 2.77 11.33 2.91
N TYR A 71 3.20 11.32 4.17
CA TYR A 71 3.22 12.52 4.99
C TYR A 71 4.20 13.55 4.43
N LYS A 72 3.73 14.78 4.30
CA LYS A 72 4.54 15.87 3.76
C LYS A 72 5.37 16.57 4.82
N PRO A 73 4.74 17.19 5.84
CA PRO A 73 5.49 17.85 6.91
C PRO A 73 6.26 16.83 7.72
N GLN A 74 5.86 15.57 7.59
CA GLN A 74 6.50 14.48 8.30
C GLN A 74 7.66 13.90 7.48
N ARG A 75 7.63 14.13 6.16
CA ARG A 75 8.68 13.61 5.29
C ARG A 75 8.71 12.09 5.32
N PHE A 76 7.59 11.52 5.73
CA PHE A 76 7.44 10.07 5.83
C PHE A 76 6.19 9.63 5.11
N ALA A 77 5.97 8.33 5.02
CA ALA A 77 4.78 7.82 4.34
C ALA A 77 4.30 6.51 4.95
N GLU A 78 2.98 6.36 5.02
CA GLU A 78 2.37 5.15 5.55
C GLU A 78 1.54 4.49 4.46
N VAL A 79 1.61 3.16 4.36
CA VAL A 79 0.85 2.47 3.32
C VAL A 79 -0.27 1.62 3.91
N ALA A 80 -1.48 1.80 3.38
CA ALA A 80 -2.63 1.04 3.84
C ALA A 80 -2.50 -0.42 3.43
N PHE A 81 -1.62 -0.67 2.45
CA PHE A 81 -1.32 -2.00 1.94
C PHE A 81 -1.99 -2.26 0.61
N LEU A 82 -1.34 -3.10 -0.19
CA LEU A 82 -1.86 -3.47 -1.50
C LEU A 82 -2.03 -4.98 -1.56
N ALA A 83 -2.63 -5.44 -2.64
CA ALA A 83 -2.83 -6.87 -2.83
C ALA A 83 -3.61 -7.18 -4.09
N VAL A 84 -4.03 -8.43 -4.20
CA VAL A 84 -4.80 -8.92 -5.33
C VAL A 84 -5.75 -10.00 -4.86
N THR A 85 -6.57 -9.62 -3.88
CA THR A 85 -7.54 -10.54 -3.28
C THR A 85 -6.89 -11.89 -3.06
N ALA A 86 -7.71 -12.91 -2.90
CA ALA A 86 -7.20 -14.25 -2.66
C ALA A 86 -6.43 -14.83 -3.84
N ASN A 87 -6.66 -16.10 -4.13
CA ASN A 87 -5.95 -16.81 -5.19
C ASN A 87 -5.84 -16.01 -6.48
N GLU A 88 -6.54 -14.89 -6.58
CA GLU A 88 -6.43 -14.05 -7.75
C GLU A 88 -4.97 -13.70 -7.93
N GLN A 89 -4.25 -13.68 -6.82
CA GLN A 89 -2.82 -13.39 -6.81
C GLN A 89 -2.06 -14.16 -7.90
N VAL A 90 -0.74 -13.96 -7.94
CA VAL A 90 0.13 -14.63 -8.91
C VAL A 90 -0.51 -14.64 -10.30
N ARG A 91 -0.28 -13.57 -11.05
CA ARG A 91 -0.82 -13.44 -12.39
C ARG A 91 -0.13 -12.33 -13.17
N GLY A 92 0.14 -11.23 -12.48
CA GLY A 92 0.81 -10.10 -13.12
C GLY A 92 0.04 -8.80 -12.97
N TYR A 93 -0.50 -8.57 -11.79
CA TYR A 93 -1.27 -7.35 -11.51
C TYR A 93 -0.63 -6.55 -10.39
N GLY A 94 -0.64 -7.12 -9.19
CA GLY A 94 -0.08 -6.45 -8.02
C GLY A 94 1.23 -5.73 -8.32
N THR A 95 2.09 -6.34 -9.14
CA THR A 95 3.37 -5.72 -9.49
C THR A 95 3.16 -4.31 -10.00
N ARG A 96 2.04 -4.08 -10.68
CA ARG A 96 1.73 -2.75 -11.21
C ARG A 96 1.44 -1.78 -10.07
N LEU A 97 1.05 -2.32 -8.91
CA LEU A 97 0.75 -1.48 -7.76
C LEU A 97 2.04 -1.05 -7.06
N MET A 98 2.80 -2.04 -6.59
CA MET A 98 4.06 -1.76 -5.89
C MET A 98 4.87 -0.71 -6.62
N ASN A 99 5.00 -0.88 -7.94
CA ASN A 99 5.75 0.08 -8.74
C ASN A 99 4.97 1.40 -8.82
N LYS A 100 3.65 1.30 -8.97
CA LYS A 100 2.82 2.49 -9.03
C LYS A 100 2.95 3.26 -7.73
N PHE A 101 3.22 2.54 -6.65
CA PHE A 101 3.39 3.14 -5.34
C PHE A 101 4.68 3.96 -5.29
N LYS A 102 5.72 3.46 -5.96
CA LYS A 102 7.00 4.15 -6.00
C LYS A 102 6.91 5.45 -6.79
N ASP A 103 6.57 5.33 -8.07
CA ASP A 103 6.44 6.51 -8.93
C ASP A 103 5.65 7.60 -8.22
N HIS A 104 4.71 7.17 -7.37
CA HIS A 104 3.88 8.09 -6.61
C HIS A 104 4.67 8.67 -5.44
N MET A 105 5.37 7.81 -4.71
CA MET A 105 6.16 8.25 -3.57
C MET A 105 7.15 9.34 -3.97
N GLN A 106 7.52 9.35 -5.25
CA GLN A 106 8.45 10.35 -5.75
C GLN A 106 7.73 11.63 -6.16
N LYS A 107 6.48 11.48 -6.60
CA LYS A 107 5.69 12.63 -7.02
C LYS A 107 5.55 13.64 -5.89
N GLN A 108 5.24 13.14 -4.70
CA GLN A 108 5.13 13.99 -3.53
C GLN A 108 6.50 14.22 -2.95
N ASN A 109 7.38 13.27 -3.30
CA ASN A 109 8.76 13.30 -2.88
C ASN A 109 8.95 12.86 -1.43
N ILE A 110 8.08 11.98 -0.94
CA ILE A 110 8.21 11.49 0.43
C ILE A 110 9.21 10.34 0.46
N GLU A 111 10.41 10.64 0.91
CA GLU A 111 11.50 9.66 0.97
C GLU A 111 11.22 8.52 1.94
N TYR A 112 10.69 8.84 3.12
CA TYR A 112 10.44 7.80 4.12
C TYR A 112 9.07 7.14 3.94
N LEU A 113 9.06 5.82 4.18
CA LEU A 113 7.84 5.03 4.09
C LEU A 113 7.79 4.07 5.28
N LEU A 114 6.61 3.61 5.67
CA LEU A 114 6.52 2.72 6.81
C LEU A 114 5.20 1.94 6.87
N THR A 115 5.25 0.79 7.55
CA THR A 115 4.09 -0.09 7.74
C THR A 115 4.49 -1.35 8.51
N TYR A 116 3.51 -2.16 8.83
CA TYR A 116 3.73 -3.43 9.52
C TYR A 116 3.29 -4.56 8.59
N ALA A 117 4.13 -4.86 7.61
CA ALA A 117 3.81 -5.88 6.60
C ALA A 117 4.31 -7.27 6.98
N ASP A 118 3.56 -8.30 6.58
CA ASP A 118 3.92 -9.68 6.88
C ASP A 118 4.79 -10.28 5.78
N ASN A 119 5.07 -11.57 5.90
CA ASN A 119 5.90 -12.31 4.95
C ASN A 119 5.58 -11.96 3.49
N PHE A 120 4.35 -12.26 3.07
CA PHE A 120 3.92 -11.99 1.70
C PHE A 120 4.40 -10.62 1.22
N ALA A 121 4.34 -9.63 2.11
CA ALA A 121 4.77 -8.29 1.78
C ALA A 121 6.28 -8.18 1.94
N ILE A 122 6.79 -8.85 2.95
CA ILE A 122 8.21 -8.87 3.22
C ILE A 122 9.00 -9.12 1.93
N GLY A 123 8.92 -10.34 1.44
CA GLY A 123 9.60 -10.71 0.21
C GLY A 123 9.21 -9.83 -0.96
N TYR A 124 7.91 -9.61 -1.13
CA TYR A 124 7.43 -8.78 -2.23
C TYR A 124 7.97 -7.35 -2.10
N PHE A 125 8.29 -6.95 -0.87
CA PHE A 125 8.81 -5.61 -0.62
C PHE A 125 10.31 -5.56 -0.87
N LYS A 126 11.03 -6.55 -0.35
CA LYS A 126 12.47 -6.61 -0.53
C LYS A 126 12.83 -6.99 -1.97
N LYS A 127 11.82 -7.21 -2.81
CA LYS A 127 12.05 -7.59 -4.20
C LYS A 127 11.67 -6.47 -5.16
N GLN A 128 10.73 -5.62 -4.77
CA GLN A 128 10.30 -4.52 -5.64
C GLN A 128 11.07 -3.24 -5.36
N GLY A 129 11.87 -3.24 -4.29
CA GLY A 129 12.64 -2.05 -3.96
C GLY A 129 12.56 -1.71 -2.47
N PHE A 130 11.52 -2.21 -1.81
CA PHE A 130 11.33 -1.97 -0.39
C PHE A 130 12.35 -2.75 0.43
N THR A 131 12.29 -2.58 1.74
CA THR A 131 13.22 -3.28 2.63
C THR A 131 12.58 -3.54 3.99
N LYS A 132 12.35 -4.82 4.27
CA LYS A 132 11.74 -5.24 5.53
C LYS A 132 12.73 -5.12 6.68
N GLU A 133 14.03 -5.12 6.35
CA GLU A 133 15.08 -5.02 7.37
C GLU A 133 14.74 -3.97 8.42
N HIS A 134 15.04 -4.30 9.68
CA HIS A 134 14.77 -3.39 10.79
C HIS A 134 15.86 -2.33 10.90
N ARG A 135 16.02 -1.54 9.85
CA ARG A 135 17.02 -0.49 9.84
C ARG A 135 16.73 0.56 10.90
N MET A 136 15.44 0.73 11.22
CA MET A 136 15.02 1.69 12.23
C MET A 136 13.89 1.12 13.09
N PRO A 137 14.08 1.08 14.42
CA PRO A 137 13.05 0.55 15.34
C PRO A 137 11.69 1.19 15.12
N GLN A 138 10.64 0.49 15.54
CA GLN A 138 9.27 0.99 15.39
C GLN A 138 8.94 1.97 16.51
N GLU A 139 9.74 3.03 16.65
CA GLU A 139 9.53 4.02 17.69
C GLU A 139 8.58 5.12 17.24
N LYS A 140 8.93 5.79 16.14
CA LYS A 140 8.09 6.86 15.60
C LYS A 140 7.04 6.29 14.66
N TRP A 141 6.55 5.10 14.98
CA TRP A 141 5.55 4.42 14.19
C TRP A 141 4.14 4.77 14.66
N LYS A 142 4.03 5.19 15.92
CA LYS A 142 2.74 5.56 16.50
C LYS A 142 1.92 6.42 15.54
N GLY A 143 0.70 5.98 15.24
CA GLY A 143 -0.16 6.72 14.35
C GLY A 143 -0.74 5.84 13.26
N TYR A 144 0.12 5.25 12.45
CA TYR A 144 -0.31 4.38 11.37
C TYR A 144 0.05 2.92 11.65
N ILE A 145 1.09 2.72 12.47
CA ILE A 145 1.53 1.38 12.82
C ILE A 145 1.59 1.22 14.34
N LYS A 146 1.57 -0.03 14.80
CA LYS A 146 1.61 -0.33 16.22
C LYS A 146 2.23 -1.69 16.46
N ASP A 147 3.14 -1.75 17.41
CA ASP A 147 3.82 -2.99 17.76
C ASP A 147 2.83 -4.05 18.23
N TYR A 148 2.20 -4.72 17.28
CA TYR A 148 1.22 -5.76 17.59
C TYR A 148 1.29 -6.88 16.57
N ASP A 149 0.67 -8.01 16.89
CA ASP A 149 0.65 -9.17 16.00
C ASP A 149 -0.11 -8.86 14.71
N GLY A 150 0.56 -8.17 13.79
CA GLY A 150 -0.06 -7.82 12.53
C GLY A 150 0.76 -8.27 11.34
N GLY A 151 2.08 -8.09 11.43
CA GLY A 151 2.96 -8.48 10.35
C GLY A 151 4.42 -8.30 10.71
N THR A 152 5.07 -7.34 10.06
CA THR A 152 6.48 -7.05 10.32
C THR A 152 6.79 -5.60 10.03
N LEU A 153 7.67 -5.01 10.81
CA LEU A 153 8.04 -3.62 10.61
C LEU A 153 8.62 -3.41 9.21
N MET A 154 7.81 -2.79 8.36
CA MET A 154 8.19 -2.53 6.98
C MET A 154 8.70 -1.10 6.83
N GLU A 155 9.72 -0.91 6.00
CA GLU A 155 10.28 0.42 5.79
C GLU A 155 10.94 0.50 4.41
N CYS A 156 10.96 1.70 3.84
CA CYS A 156 11.57 1.91 2.54
C CYS A 156 11.94 3.37 2.31
N TYR A 157 12.90 3.61 1.42
CA TYR A 157 13.35 4.97 1.11
C TYR A 157 12.98 5.35 -0.32
N ILE A 158 12.67 6.63 -0.52
CA ILE A 158 12.32 7.14 -1.84
C ILE A 158 13.13 8.38 -2.20
N HIS A 159 14.34 8.46 -1.64
CA HIS A 159 15.22 9.60 -1.90
C HIS A 159 15.76 9.57 -3.33
N PRO A 160 16.32 8.41 -3.77
CA PRO A 160 16.87 8.27 -5.10
C PRO A 160 15.93 8.79 -6.20
N TYR A 161 16.49 9.37 -7.24
CA TYR A 161 15.71 9.90 -8.35
C TYR A 161 15.71 8.93 -9.52
N VAL A 162 15.61 7.64 -9.21
CA VAL A 162 15.60 6.60 -10.23
C VAL A 162 14.30 6.63 -11.04
N ASP A 163 14.42 6.47 -12.34
CA ASP A 163 13.26 6.47 -13.23
C ASP A 163 12.44 5.20 -13.05
N TYR A 164 11.77 5.08 -11.90
CA TYR A 164 10.95 3.91 -11.61
C TYR A 164 9.89 3.69 -12.69
N GLY A 165 9.53 4.77 -13.39
CA GLY A 165 8.53 4.66 -14.44
C GLY A 165 8.66 5.78 -15.46
N ASN A 166 9.74 5.77 -16.23
CA ASN A 166 9.97 6.78 -17.25
C ASN A 166 8.86 6.75 -18.30
N MET A 1 4.47 -4.74 -21.10
CA MET A 1 3.12 -5.34 -21.29
C MET A 1 2.06 -4.57 -20.50
N LYS A 2 1.15 -3.90 -21.22
CA LYS A 2 0.09 -3.14 -20.59
C LYS A 2 -1.08 -4.04 -20.21
N GLY A 3 -1.75 -4.57 -21.22
CA GLY A 3 -2.90 -5.43 -20.97
C GLY A 3 -4.22 -4.69 -20.99
N LEU A 4 -5.27 -5.35 -20.51
CA LEU A 4 -6.60 -4.74 -20.48
C LEU A 4 -6.95 -4.27 -19.07
N LEU A 5 -6.09 -4.57 -18.11
CA LEU A 5 -6.31 -4.17 -16.73
C LEU A 5 -6.70 -2.70 -16.62
N ASP A 6 -7.44 -2.36 -15.56
CA ASP A 6 -7.86 -0.99 -15.33
C ASP A 6 -7.57 -0.55 -13.90
N PHE A 7 -7.06 0.66 -13.75
CA PHE A 7 -6.74 1.20 -12.43
C PHE A 7 -7.64 2.37 -12.10
N ASP A 8 -7.84 2.62 -10.81
CA ASP A 8 -8.69 3.71 -10.37
C ASP A 8 -8.10 4.43 -9.16
N ILE A 9 -8.20 5.75 -9.15
CA ILE A 9 -7.69 6.55 -8.05
C ILE A 9 -8.82 6.99 -7.13
N LEU A 10 -8.82 6.48 -5.92
CA LEU A 10 -9.87 6.81 -4.95
C LEU A 10 -9.33 7.58 -3.75
N THR A 11 -10.25 7.90 -2.86
CA THR A 11 -9.93 8.63 -1.63
C THR A 11 -10.91 8.25 -0.53
N ASN A 12 -10.59 8.60 0.69
CA ASN A 12 -11.48 8.29 1.81
C ASN A 12 -12.39 9.47 2.07
N ASP A 13 -12.93 10.02 1.00
CA ASP A 13 -13.84 11.16 1.08
C ASP A 13 -15.19 10.73 1.65
N GLY A 14 -15.45 9.42 1.64
CA GLY A 14 -16.70 8.91 2.16
C GLY A 14 -17.81 8.93 1.12
N THR A 15 -17.48 8.54 -0.11
CA THR A 15 -18.46 8.50 -1.19
C THR A 15 -19.12 7.13 -1.28
N HIS A 16 -19.72 6.84 -2.44
CA HIS A 16 -20.38 5.56 -2.64
C HIS A 16 -19.55 4.65 -3.54
N ARG A 17 -19.45 5.01 -4.82
CA ARG A 17 -18.68 4.23 -5.78
C ARG A 17 -17.26 3.96 -5.28
N ASN A 18 -16.53 5.04 -4.99
CA ASN A 18 -15.16 4.91 -4.50
C ASN A 18 -15.09 3.99 -3.29
N MET A 19 -15.92 4.27 -2.28
CA MET A 19 -15.96 3.46 -1.07
C MET A 19 -16.05 1.98 -1.40
N LYS A 20 -17.01 1.61 -2.24
CA LYS A 20 -17.20 0.21 -2.64
C LYS A 20 -15.87 -0.42 -3.02
N LEU A 21 -15.13 0.24 -3.91
CA LEU A 21 -13.84 -0.26 -4.35
C LEU A 21 -12.84 -0.22 -3.20
N LEU A 22 -12.79 0.92 -2.51
CA LEU A 22 -11.89 1.09 -1.38
C LEU A 22 -12.08 -0.04 -0.37
N ILE A 23 -13.33 -0.46 -0.22
CA ILE A 23 -13.67 -1.54 0.69
C ILE A 23 -12.94 -2.82 0.28
N ASP A 24 -13.07 -3.17 -1.00
CA ASP A 24 -12.43 -4.36 -1.52
C ASP A 24 -10.98 -4.45 -1.07
N LEU A 25 -10.21 -3.42 -1.37
CA LEU A 25 -8.79 -3.38 -0.98
C LEU A 25 -8.61 -3.73 0.49
N LYS A 26 -9.42 -3.13 1.33
CA LYS A 26 -9.35 -3.36 2.78
C LYS A 26 -9.49 -4.84 3.11
N ASN A 27 -10.61 -5.44 2.74
CA ASN A 27 -10.84 -6.85 3.02
C ASN A 27 -9.81 -7.73 2.34
N ILE A 28 -9.42 -7.37 1.12
CA ILE A 28 -8.43 -8.14 0.38
C ILE A 28 -7.19 -8.39 1.24
N PHE A 29 -6.54 -7.31 1.68
CA PHE A 29 -5.35 -7.45 2.52
C PHE A 29 -5.68 -8.27 3.76
N SER A 30 -6.43 -7.66 4.68
CA SER A 30 -6.83 -8.31 5.92
C SER A 30 -7.21 -9.77 5.70
N ARG A 31 -7.87 -10.06 4.58
CA ARG A 31 -8.29 -11.42 4.28
C ARG A 31 -7.08 -12.35 4.14
N GLN A 32 -6.30 -12.15 3.09
CA GLN A 32 -5.11 -12.97 2.86
C GLN A 32 -4.10 -12.76 3.98
N LEU A 33 -4.23 -11.63 4.69
CA LEU A 33 -3.33 -11.31 5.79
C LEU A 33 -4.01 -11.56 7.14
N PRO A 34 -4.08 -12.82 7.58
CA PRO A 34 -4.70 -13.17 8.86
C PRO A 34 -3.98 -12.58 10.06
N LYS A 35 -2.71 -12.21 9.86
CA LYS A 35 -1.91 -11.62 10.93
C LYS A 35 -2.18 -10.13 11.07
N MET A 36 -2.72 -9.51 10.02
CA MET A 36 -3.01 -8.09 10.03
C MET A 36 -4.47 -7.82 10.40
N PRO A 37 -4.73 -7.30 11.61
CA PRO A 37 -6.09 -6.99 12.06
C PRO A 37 -6.88 -6.18 11.03
N LYS A 38 -8.18 -6.45 10.94
CA LYS A 38 -9.04 -5.75 10.00
C LYS A 38 -9.02 -4.25 10.27
N GLU A 39 -8.98 -3.89 11.55
CA GLU A 39 -8.96 -2.48 11.94
C GLU A 39 -7.69 -1.79 11.45
N TYR A 40 -6.61 -2.55 11.32
CA TYR A 40 -5.35 -2.00 10.85
C TYR A 40 -5.49 -1.41 9.45
N ILE A 41 -5.67 -2.28 8.47
CA ILE A 41 -5.85 -1.83 7.09
C ILE A 41 -6.94 -0.77 7.02
N VAL A 42 -7.96 -0.96 7.85
CA VAL A 42 -9.07 -0.01 7.92
C VAL A 42 -8.58 1.33 8.44
N LYS A 43 -7.77 1.28 9.49
CA LYS A 43 -7.22 2.49 10.07
C LYS A 43 -6.32 3.21 9.07
N LEU A 44 -5.42 2.44 8.45
CA LEU A 44 -4.49 2.99 7.47
C LEU A 44 -5.21 3.37 6.17
N VAL A 45 -6.13 2.51 5.72
CA VAL A 45 -6.86 2.76 4.48
C VAL A 45 -7.90 3.87 4.68
N PHE A 46 -8.50 3.93 5.85
CA PHE A 46 -9.50 4.94 6.14
C PHE A 46 -8.99 5.96 7.17
N ASP A 47 -7.67 6.08 7.26
CA ASP A 47 -7.06 7.03 8.21
C ASP A 47 -7.45 8.46 7.87
N ARG A 48 -8.58 8.91 8.40
CA ARG A 48 -9.06 10.27 8.16
C ARG A 48 -9.34 10.50 6.68
N HIS A 49 -8.29 10.76 5.91
CA HIS A 49 -8.43 11.01 4.48
C HIS A 49 -7.12 10.72 3.75
N HIS A 50 -7.12 9.69 2.91
CA HIS A 50 -5.92 9.32 2.17
C HIS A 50 -6.25 9.02 0.71
N GLU A 51 -5.21 8.93 -0.11
CA GLU A 51 -5.37 8.64 -1.54
C GLU A 51 -4.93 7.21 -1.83
N SER A 52 -5.38 6.67 -2.96
CA SER A 52 -5.02 5.30 -3.32
C SER A 52 -5.18 5.03 -4.82
N MET A 53 -4.85 3.80 -5.20
CA MET A 53 -4.94 3.36 -6.58
C MET A 53 -5.28 1.87 -6.61
N VAL A 54 -6.49 1.54 -7.04
CA VAL A 54 -6.93 0.15 -7.09
C VAL A 54 -6.76 -0.48 -8.46
N ILE A 55 -7.17 -1.74 -8.53
CA ILE A 55 -7.12 -2.50 -9.76
C ILE A 55 -8.53 -2.94 -10.12
N LEU A 56 -8.76 -3.21 -11.39
CA LEU A 56 -10.06 -3.65 -11.84
C LEU A 56 -9.94 -4.81 -12.83
N LYS A 57 -10.36 -5.98 -12.39
CA LYS A 57 -10.30 -7.18 -13.21
C LYS A 57 -11.62 -7.43 -13.92
N ASN A 58 -12.14 -6.37 -14.53
CA ASN A 58 -13.39 -6.41 -15.28
C ASN A 58 -13.97 -5.00 -15.42
N LYS A 59 -13.11 -3.99 -15.38
CA LYS A 59 -13.52 -2.59 -15.50
C LYS A 59 -13.96 -2.01 -14.17
N GLN A 60 -14.57 -2.84 -13.32
CA GLN A 60 -15.04 -2.39 -12.03
C GLN A 60 -14.91 -3.50 -11.00
N LYS A 61 -14.24 -4.58 -11.39
CA LYS A 61 -14.06 -5.72 -10.51
C LYS A 61 -12.74 -5.62 -9.76
N VAL A 62 -12.75 -4.96 -8.61
CA VAL A 62 -11.55 -4.80 -7.81
C VAL A 62 -10.87 -6.13 -7.54
N ILE A 63 -9.55 -6.16 -7.65
CA ILE A 63 -8.77 -7.37 -7.40
C ILE A 63 -7.55 -7.04 -6.56
N GLY A 64 -6.87 -5.98 -6.93
CA GLY A 64 -5.70 -5.52 -6.21
C GLY A 64 -5.76 -4.03 -5.98
N GLY A 65 -4.69 -3.45 -5.46
CA GLY A 65 -4.68 -2.03 -5.22
C GLY A 65 -3.95 -1.65 -3.96
N ILE A 66 -3.38 -0.46 -3.96
CA ILE A 66 -2.65 0.04 -2.81
C ILE A 66 -3.21 1.37 -2.33
N CYS A 67 -3.25 1.51 -1.02
CA CYS A 67 -3.73 2.74 -0.39
C CYS A 67 -2.64 3.30 0.50
N PHE A 68 -2.52 4.62 0.61
CA PHE A 68 -1.47 5.19 1.44
C PHE A 68 -1.60 6.72 1.59
N ARG A 69 -0.59 7.29 2.24
CA ARG A 69 -0.52 8.73 2.49
C ARG A 69 0.78 9.06 3.20
N GLN A 70 1.63 9.85 2.56
CA GLN A 70 2.92 10.21 3.12
C GLN A 70 2.85 11.49 3.94
N TYR A 71 3.66 11.55 5.00
CA TYR A 71 3.72 12.71 5.87
C TYR A 71 4.80 13.67 5.39
N LYS A 72 4.46 14.96 5.32
CA LYS A 72 5.40 15.98 4.86
C LYS A 72 6.23 16.55 6.01
N PRO A 73 5.59 17.21 7.01
CA PRO A 73 6.31 17.74 8.15
C PRO A 73 7.08 16.61 8.84
N GLN A 74 6.60 15.40 8.62
CA GLN A 74 7.20 14.20 9.19
C GLN A 74 8.32 13.67 8.30
N ARG A 75 8.21 13.92 7.00
CA ARG A 75 9.20 13.44 6.04
C ARG A 75 9.18 11.93 5.95
N PHE A 76 8.10 11.35 6.45
CA PHE A 76 7.92 9.90 6.44
C PHE A 76 6.55 9.57 5.87
N ALA A 77 6.33 8.30 5.54
CA ALA A 77 5.05 7.90 4.96
C ALA A 77 4.58 6.54 5.46
N GLU A 78 3.28 6.31 5.37
CA GLU A 78 2.68 5.06 5.77
C GLU A 78 1.79 4.52 4.66
N VAL A 79 1.86 3.22 4.39
CA VAL A 79 1.05 2.65 3.34
C VAL A 79 -0.10 1.82 3.91
N ALA A 80 -1.32 2.08 3.44
CA ALA A 80 -2.48 1.35 3.91
C ALA A 80 -2.32 -0.13 3.57
N PHE A 81 -1.50 -0.41 2.55
CA PHE A 81 -1.18 -1.78 2.09
C PHE A 81 -1.64 -2.05 0.66
N LEU A 82 -0.84 -2.87 -0.01
CA LEU A 82 -1.10 -3.27 -1.38
C LEU A 82 -1.30 -4.77 -1.43
N ALA A 83 -2.21 -5.25 -2.27
CA ALA A 83 -2.43 -6.69 -2.36
C ALA A 83 -3.68 -7.07 -3.15
N VAL A 84 -3.50 -8.08 -3.98
CA VAL A 84 -4.56 -8.64 -4.79
C VAL A 84 -5.46 -9.53 -3.93
N THR A 85 -6.64 -9.90 -4.42
CA THR A 85 -7.54 -10.75 -3.64
C THR A 85 -7.13 -12.22 -3.69
N ALA A 86 -7.54 -12.96 -2.67
CA ALA A 86 -7.21 -14.39 -2.49
C ALA A 86 -6.86 -15.15 -3.75
N ASN A 87 -7.67 -16.14 -4.11
CA ASN A 87 -7.36 -16.97 -5.26
C ASN A 87 -7.44 -16.21 -6.57
N GLU A 88 -7.13 -14.93 -6.51
CA GLU A 88 -7.13 -14.08 -7.68
C GLU A 88 -5.71 -13.68 -8.03
N GLN A 89 -4.83 -13.69 -7.04
CA GLN A 89 -3.44 -13.32 -7.25
C GLN A 89 -2.73 -14.32 -8.16
N VAL A 90 -1.43 -14.51 -7.95
CA VAL A 90 -0.62 -15.43 -8.75
C VAL A 90 -0.92 -15.28 -10.24
N ARG A 91 -1.28 -14.07 -10.64
CA ARG A 91 -1.59 -13.77 -12.03
C ARG A 91 -0.64 -12.71 -12.59
N GLY A 92 -0.15 -11.84 -11.71
CA GLY A 92 0.75 -10.78 -12.13
C GLY A 92 0.06 -9.45 -12.34
N TYR A 93 -0.33 -8.81 -11.24
CA TYR A 93 -1.01 -7.52 -11.32
C TYR A 93 -0.43 -6.53 -10.31
N GLY A 94 -0.39 -6.94 -9.05
CA GLY A 94 0.13 -6.08 -7.99
C GLY A 94 1.41 -5.37 -8.37
N THR A 95 2.29 -6.05 -9.11
CA THR A 95 3.56 -5.46 -9.53
C THR A 95 3.35 -4.10 -10.17
N ARG A 96 2.53 -4.06 -11.22
CA ARG A 96 2.24 -2.80 -11.91
C ARG A 96 1.83 -1.73 -10.92
N LEU A 97 1.26 -2.15 -9.80
CA LEU A 97 0.81 -1.24 -8.76
C LEU A 97 1.98 -0.85 -7.84
N MET A 98 2.73 -1.86 -7.38
CA MET A 98 3.87 -1.62 -6.50
C MET A 98 4.74 -0.50 -7.07
N ASN A 99 5.00 -0.55 -8.37
CA ASN A 99 5.79 0.47 -9.02
C ASN A 99 5.01 1.77 -9.07
N LYS A 100 3.70 1.66 -9.31
CA LYS A 100 2.84 2.84 -9.34
C LYS A 100 2.90 3.54 -7.99
N PHE A 101 3.14 2.76 -6.94
CA PHE A 101 3.25 3.30 -5.59
C PHE A 101 4.49 4.18 -5.47
N LYS A 102 5.61 3.69 -6.00
CA LYS A 102 6.87 4.45 -5.94
C LYS A 102 6.76 5.78 -6.67
N ASP A 103 6.52 5.74 -7.98
CA ASP A 103 6.39 6.97 -8.77
C ASP A 103 5.57 8.00 -8.02
N HIS A 104 4.45 7.56 -7.46
CA HIS A 104 3.58 8.43 -6.71
C HIS A 104 4.28 8.90 -5.43
N MET A 105 4.97 7.97 -4.77
CA MET A 105 5.68 8.30 -3.53
C MET A 105 6.60 9.50 -3.73
N GLN A 106 7.04 9.70 -4.97
CA GLN A 106 7.90 10.83 -5.29
C GLN A 106 7.06 12.08 -5.50
N LYS A 107 5.82 11.89 -5.96
CA LYS A 107 4.91 13.00 -6.20
C LYS A 107 4.62 13.78 -4.93
N GLN A 108 4.67 13.11 -3.79
CA GLN A 108 4.42 13.77 -2.51
C GLN A 108 5.74 14.29 -1.96
N ASN A 109 6.82 13.69 -2.46
CA ASN A 109 8.17 14.06 -2.09
C ASN A 109 8.56 13.52 -0.71
N ILE A 110 7.88 12.46 -0.26
CA ILE A 110 8.21 11.86 1.02
C ILE A 110 9.19 10.71 0.82
N GLU A 111 10.41 10.89 1.31
CA GLU A 111 11.47 9.91 1.14
C GLU A 111 11.28 8.67 2.02
N TYR A 112 10.71 8.83 3.21
CA TYR A 112 10.53 7.70 4.11
C TYR A 112 9.17 7.02 3.96
N LEU A 113 9.18 5.69 4.14
CA LEU A 113 7.97 4.88 4.07
C LEU A 113 7.97 3.88 5.22
N LEU A 114 6.81 3.39 5.63
CA LEU A 114 6.76 2.44 6.74
C LEU A 114 5.41 1.69 6.82
N THR A 115 5.45 0.50 7.43
CA THR A 115 4.26 -0.33 7.62
C THR A 115 4.58 -1.55 8.49
N TYR A 116 3.54 -2.33 8.76
CA TYR A 116 3.66 -3.55 9.53
C TYR A 116 3.30 -4.71 8.60
N ALA A 117 4.09 -4.86 7.54
CA ALA A 117 3.85 -5.87 6.52
C ALA A 117 4.37 -7.25 6.92
N ASP A 118 3.57 -8.28 6.66
CA ASP A 118 3.93 -9.65 6.98
C ASP A 118 4.88 -10.24 5.95
N ASN A 119 5.20 -11.53 6.12
CA ASN A 119 6.10 -12.24 5.22
C ASN A 119 5.72 -12.04 3.75
N PHE A 120 4.48 -12.38 3.41
CA PHE A 120 4.01 -12.24 2.03
C PHE A 120 4.36 -10.86 1.48
N ALA A 121 4.29 -9.85 2.34
CA ALA A 121 4.62 -8.49 1.94
C ALA A 121 6.12 -8.27 2.00
N ILE A 122 6.74 -8.92 2.97
CA ILE A 122 8.18 -8.84 3.15
C ILE A 122 8.89 -9.13 1.84
N GLY A 123 8.81 -10.40 1.42
CA GLY A 123 9.44 -10.80 0.18
C GLY A 123 8.96 -9.98 -1.00
N TYR A 124 7.65 -9.75 -1.07
CA TYR A 124 7.08 -8.97 -2.15
C TYR A 124 7.65 -7.56 -2.16
N PHE A 125 7.97 -7.05 -0.97
CA PHE A 125 8.52 -5.71 -0.83
C PHE A 125 10.00 -5.70 -1.20
N LYS A 126 10.75 -6.66 -0.68
CA LYS A 126 12.17 -6.77 -0.97
C LYS A 126 12.40 -7.20 -2.42
N LYS A 127 11.32 -7.52 -3.13
CA LYS A 127 11.41 -7.95 -4.52
C LYS A 127 11.17 -6.81 -5.50
N GLN A 128 10.29 -5.88 -5.14
CA GLN A 128 10.00 -4.76 -6.03
C GLN A 128 10.91 -3.56 -5.78
N GLY A 129 11.71 -3.63 -4.71
CA GLY A 129 12.61 -2.54 -4.40
C GLY A 129 12.58 -2.15 -2.93
N PHE A 130 11.45 -2.41 -2.28
CA PHE A 130 11.29 -2.10 -0.87
C PHE A 130 12.33 -2.84 -0.03
N THR A 131 12.37 -2.54 1.26
CA THR A 131 13.33 -3.19 2.15
C THR A 131 12.72 -3.47 3.53
N LYS A 132 12.49 -4.74 3.80
CA LYS A 132 11.93 -5.18 5.07
C LYS A 132 12.92 -5.00 6.21
N GLU A 133 14.21 -4.93 5.86
CA GLU A 133 15.28 -4.77 6.84
C GLU A 133 14.84 -3.94 8.05
N HIS A 134 15.20 -4.39 9.24
CA HIS A 134 14.85 -3.70 10.47
C HIS A 134 15.91 -2.67 10.85
N ARG A 135 16.07 -1.67 9.99
CA ARG A 135 17.05 -0.62 10.24
C ARG A 135 16.75 0.11 11.54
N MET A 136 15.46 0.35 11.78
CA MET A 136 15.03 1.05 12.99
C MET A 136 13.75 0.43 13.54
N PRO A 137 13.69 0.20 14.88
CA PRO A 137 12.51 -0.39 15.52
C PRO A 137 11.23 0.36 15.18
N GLN A 138 10.14 -0.05 15.81
CA GLN A 138 8.84 0.59 15.59
C GLN A 138 8.63 1.76 16.55
N GLU A 139 9.72 2.46 16.87
CA GLU A 139 9.66 3.60 17.79
C GLU A 139 8.86 4.75 17.18
N LYS A 140 9.48 5.47 16.25
CA LYS A 140 8.83 6.60 15.59
C LYS A 140 7.67 6.13 14.71
N TRP A 141 7.49 4.82 14.62
CA TRP A 141 6.43 4.23 13.82
C TRP A 141 5.06 4.75 14.24
N LYS A 142 4.97 5.28 15.46
CA LYS A 142 3.72 5.82 16.00
C LYS A 142 2.95 6.62 14.94
N GLY A 143 1.62 6.56 15.01
CA GLY A 143 0.80 7.27 14.06
C GLY A 143 0.15 6.34 13.05
N TYR A 144 0.98 5.54 12.39
CA TYR A 144 0.51 4.60 11.39
C TYR A 144 0.72 3.15 11.86
N ILE A 145 1.86 2.91 12.50
CA ILE A 145 2.18 1.59 13.01
C ILE A 145 2.47 1.64 14.50
N LYS A 146 1.84 0.74 15.26
CA LYS A 146 2.02 0.68 16.69
C LYS A 146 0.97 -0.24 17.33
N ASP A 147 1.38 -0.95 18.37
CA ASP A 147 0.49 -1.86 19.08
C ASP A 147 0.11 -3.04 18.20
N TYR A 148 0.21 -4.24 18.77
CA TYR A 148 -0.12 -5.46 18.04
C TYR A 148 0.90 -5.75 16.95
N ASP A 149 1.24 -7.02 16.79
CA ASP A 149 2.21 -7.45 15.78
C ASP A 149 1.52 -8.30 14.72
N GLY A 150 2.24 -9.29 14.20
CA GLY A 150 1.69 -10.16 13.18
C GLY A 150 2.45 -10.06 11.87
N GLY A 151 2.86 -8.85 11.51
CA GLY A 151 3.60 -8.65 10.28
C GLY A 151 5.05 -8.27 10.54
N THR A 152 5.51 -7.21 9.89
CA THR A 152 6.88 -6.76 10.07
C THR A 152 6.98 -5.26 9.78
N LEU A 153 7.84 -4.58 10.53
CA LEU A 153 8.01 -3.15 10.35
C LEU A 153 8.62 -2.85 8.98
N MET A 154 7.79 -2.94 7.95
CA MET A 154 8.23 -2.68 6.58
C MET A 154 8.78 -1.27 6.46
N GLU A 155 9.82 -1.11 5.66
CA GLU A 155 10.42 0.20 5.46
C GLU A 155 10.98 0.34 4.05
N CYS A 156 11.03 1.56 3.54
CA CYS A 156 11.53 1.81 2.20
C CYS A 156 11.78 3.29 1.98
N TYR A 157 12.89 3.60 1.30
CA TYR A 157 13.24 4.98 1.01
C TYR A 157 12.93 5.34 -0.44
N ILE A 158 12.63 6.61 -0.69
CA ILE A 158 12.32 7.07 -2.04
C ILE A 158 13.41 8.00 -2.57
N HIS A 159 13.64 9.09 -1.85
CA HIS A 159 14.65 10.06 -2.26
C HIS A 159 14.33 10.64 -3.64
N PRO A 160 13.61 11.78 -3.68
CA PRO A 160 13.22 12.42 -4.94
C PRO A 160 14.43 12.80 -5.79
N TYR A 161 15.00 11.82 -6.49
CA TYR A 161 16.16 12.07 -7.34
C TYR A 161 16.29 10.96 -8.39
N VAL A 162 16.07 9.72 -7.98
CA VAL A 162 16.17 8.58 -8.89
C VAL A 162 15.10 8.67 -9.98
N ASP A 163 15.37 8.02 -11.11
CA ASP A 163 14.44 8.02 -12.24
C ASP A 163 13.62 6.74 -12.26
N TYR A 164 12.79 6.56 -11.23
CA TYR A 164 11.95 5.37 -11.12
C TYR A 164 11.03 5.24 -12.32
N GLY A 165 10.38 6.35 -12.68
CA GLY A 165 9.47 6.34 -13.83
C GLY A 165 9.20 7.73 -14.35
N ASN A 166 8.70 8.61 -13.49
CA ASN A 166 8.38 9.98 -13.87
C ASN A 166 9.65 10.72 -14.30
N MET A 1 -2.57 3.58 -19.48
CA MET A 1 -4.04 3.54 -19.22
C MET A 1 -4.72 2.47 -20.07
N LYS A 2 -4.21 2.27 -21.29
CA LYS A 2 -4.77 1.28 -22.20
C LYS A 2 -4.55 -0.13 -21.67
N GLY A 3 -5.60 -0.73 -21.14
CA GLY A 3 -5.51 -2.08 -20.60
C GLY A 3 -6.87 -2.71 -20.40
N LEU A 4 -6.98 -3.53 -19.35
CA LEU A 4 -8.23 -4.21 -19.03
C LEU A 4 -9.00 -3.45 -17.95
N LEU A 5 -8.39 -3.34 -16.78
CA LEU A 5 -9.02 -2.65 -15.66
C LEU A 5 -8.53 -1.19 -15.60
N ASP A 6 -9.19 -0.38 -14.77
CA ASP A 6 -8.84 1.03 -14.63
C ASP A 6 -8.52 1.38 -13.19
N PHE A 7 -7.42 2.11 -12.98
CA PHE A 7 -7.00 2.52 -11.64
C PHE A 7 -7.62 3.86 -11.27
N ASP A 8 -7.68 4.13 -9.96
CA ASP A 8 -8.23 5.39 -9.48
C ASP A 8 -7.39 5.92 -8.32
N ILE A 9 -7.28 7.25 -8.23
CA ILE A 9 -6.50 7.86 -7.16
C ILE A 9 -7.34 8.88 -6.40
N LEU A 10 -7.70 8.52 -5.18
CA LEU A 10 -8.52 9.38 -4.33
C LEU A 10 -7.88 9.62 -2.98
N THR A 11 -8.58 10.39 -2.16
CA THR A 11 -8.10 10.71 -0.81
C THR A 11 -9.23 10.59 0.20
N ASN A 12 -8.94 10.93 1.45
CA ASN A 12 -9.94 10.89 2.50
C ASN A 12 -10.48 12.27 2.75
N ASP A 13 -10.74 12.99 1.67
CA ASP A 13 -11.27 14.35 1.75
C ASP A 13 -12.70 14.33 2.30
N GLY A 14 -13.34 13.17 2.23
CA GLY A 14 -14.70 13.04 2.73
C GLY A 14 -15.74 13.27 1.65
N THR A 15 -15.74 12.42 0.63
CA THR A 15 -16.69 12.53 -0.46
C THR A 15 -17.55 11.28 -0.57
N HIS A 16 -18.20 11.10 -1.72
CA HIS A 16 -19.06 9.94 -1.94
C HIS A 16 -18.27 8.81 -2.60
N ARG A 17 -17.81 9.04 -3.82
CA ARG A 17 -17.05 8.04 -4.56
C ARG A 17 -15.77 7.68 -3.82
N ASN A 18 -15.01 8.69 -3.40
CA ASN A 18 -13.76 8.46 -2.68
C ASN A 18 -13.94 7.47 -1.54
N MET A 19 -15.02 7.64 -0.78
CA MET A 19 -15.31 6.76 0.35
C MET A 19 -15.52 5.32 -0.11
N LYS A 20 -16.53 5.12 -0.95
CA LYS A 20 -16.86 3.79 -1.47
C LYS A 20 -15.60 3.03 -1.92
N LEU A 21 -14.78 3.69 -2.73
CA LEU A 21 -13.56 3.08 -3.24
C LEU A 21 -12.57 2.83 -2.10
N LEU A 22 -12.15 3.91 -1.43
CA LEU A 22 -11.20 3.80 -0.32
C LEU A 22 -11.61 2.70 0.66
N ILE A 23 -12.90 2.63 0.95
CA ILE A 23 -13.42 1.62 1.86
C ILE A 23 -13.01 0.23 1.41
N ASP A 24 -13.31 -0.09 0.16
CA ASP A 24 -12.98 -1.40 -0.40
C ASP A 24 -11.53 -1.78 -0.08
N LEU A 25 -10.59 -0.91 -0.46
CA LEU A 25 -9.17 -1.14 -0.21
C LEU A 25 -8.94 -1.65 1.21
N LYS A 26 -9.53 -0.97 2.18
CA LYS A 26 -9.39 -1.35 3.58
C LYS A 26 -9.89 -2.77 3.82
N ASN A 27 -11.19 -2.97 3.66
CA ASN A 27 -11.79 -4.28 3.87
C ASN A 27 -11.11 -5.33 3.02
N ILE A 28 -10.66 -4.93 1.82
CA ILE A 28 -9.98 -5.84 0.92
C ILE A 28 -8.82 -6.52 1.64
N PHE A 29 -7.81 -5.73 1.98
CA PHE A 29 -6.64 -6.26 2.69
C PHE A 29 -7.08 -6.95 3.97
N SER A 30 -7.57 -6.16 4.92
CA SER A 30 -8.04 -6.68 6.21
C SER A 30 -8.75 -8.03 6.04
N ARG A 31 -9.45 -8.19 4.93
CA ARG A 31 -10.17 -9.43 4.65
C ARG A 31 -9.18 -10.56 4.37
N GLN A 32 -8.43 -10.44 3.28
CA GLN A 32 -7.45 -11.45 2.91
C GLN A 32 -6.34 -11.52 3.96
N LEU A 33 -6.22 -10.44 4.73
CA LEU A 33 -5.20 -10.36 5.79
C LEU A 33 -5.84 -10.56 7.16
N PRO A 34 -6.16 -11.81 7.52
CA PRO A 34 -6.78 -12.12 8.82
C PRO A 34 -5.86 -11.83 9.99
N LYS A 35 -4.57 -12.10 9.81
CA LYS A 35 -3.58 -11.87 10.86
C LYS A 35 -3.46 -10.39 11.17
N MET A 36 -3.79 -9.54 10.19
CA MET A 36 -3.69 -8.10 10.37
C MET A 36 -5.04 -7.51 10.81
N PRO A 37 -5.09 -6.88 11.99
CA PRO A 37 -6.34 -6.28 12.50
C PRO A 37 -6.95 -5.30 11.53
N LYS A 38 -8.28 -5.28 11.47
CA LYS A 38 -8.99 -4.38 10.57
C LYS A 38 -8.65 -2.93 10.89
N GLU A 39 -8.55 -2.63 12.18
CA GLU A 39 -8.22 -1.28 12.63
C GLU A 39 -6.88 -0.82 12.08
N TYR A 40 -5.96 -1.78 11.89
CA TYR A 40 -4.64 -1.46 11.35
C TYR A 40 -4.77 -0.81 9.99
N ILE A 41 -5.19 -1.58 8.99
CA ILE A 41 -5.37 -1.04 7.64
C ILE A 41 -6.21 0.22 7.71
N VAL A 42 -7.14 0.25 8.66
CA VAL A 42 -8.00 1.40 8.86
C VAL A 42 -7.17 2.60 9.30
N LYS A 43 -6.29 2.35 10.26
CA LYS A 43 -5.42 3.39 10.78
C LYS A 43 -4.49 3.88 9.68
N LEU A 44 -3.86 2.93 8.99
CA LEU A 44 -2.95 3.24 7.90
C LEU A 44 -3.68 3.84 6.70
N VAL A 45 -4.83 3.26 6.36
CA VAL A 45 -5.61 3.75 5.22
C VAL A 45 -6.31 5.06 5.56
N PHE A 46 -6.69 5.23 6.82
CA PHE A 46 -7.38 6.44 7.26
C PHE A 46 -6.54 7.22 8.26
N ASP A 47 -5.22 7.11 8.15
CA ASP A 47 -4.31 7.81 9.06
C ASP A 47 -4.35 9.32 8.84
N ARG A 48 -5.51 9.91 9.12
CA ARG A 48 -5.70 11.35 8.97
C ARG A 48 -5.21 11.85 7.61
N HIS A 49 -6.08 11.77 6.61
CA HIS A 49 -5.75 12.23 5.25
C HIS A 49 -4.59 11.40 4.67
N HIS A 50 -4.69 11.09 3.38
CA HIS A 50 -3.66 10.31 2.70
C HIS A 50 -4.01 10.12 1.22
N GLU A 51 -3.10 9.51 0.49
CA GLU A 51 -3.30 9.25 -0.93
C GLU A 51 -3.30 7.75 -1.19
N SER A 52 -4.10 7.31 -2.16
CA SER A 52 -4.17 5.89 -2.48
C SER A 52 -4.58 5.66 -3.93
N MET A 53 -4.24 4.47 -4.43
CA MET A 53 -4.57 4.08 -5.80
C MET A 53 -5.39 2.79 -5.77
N VAL A 54 -6.60 2.85 -6.31
CA VAL A 54 -7.48 1.69 -6.32
C VAL A 54 -7.55 1.01 -7.68
N ILE A 55 -8.08 -0.20 -7.69
CA ILE A 55 -8.25 -0.97 -8.92
C ILE A 55 -9.72 -1.11 -9.25
N LEU A 56 -10.11 -0.63 -10.41
CA LEU A 56 -11.50 -0.72 -10.83
C LEU A 56 -11.63 -1.72 -11.97
N LYS A 57 -12.06 -2.91 -11.62
CA LYS A 57 -12.23 -3.96 -12.61
C LYS A 57 -13.61 -3.87 -13.25
N ASN A 58 -13.88 -2.72 -13.86
CA ASN A 58 -15.15 -2.44 -14.54
C ASN A 58 -15.50 -0.95 -14.45
N LYS A 59 -14.48 -0.11 -14.24
CA LYS A 59 -14.65 1.35 -14.14
C LYS A 59 -15.01 1.77 -12.72
N GLN A 60 -15.68 0.89 -11.97
CA GLN A 60 -16.07 1.21 -10.62
C GLN A 60 -16.07 -0.04 -9.75
N LYS A 61 -15.65 -1.17 -10.33
CA LYS A 61 -15.63 -2.41 -9.60
C LYS A 61 -14.30 -2.60 -8.88
N VAL A 62 -14.20 -2.04 -7.68
CA VAL A 62 -12.97 -2.15 -6.89
C VAL A 62 -12.59 -3.62 -6.71
N ILE A 63 -11.31 -3.93 -6.89
CA ILE A 63 -10.83 -5.29 -6.72
C ILE A 63 -9.55 -5.30 -5.89
N GLY A 64 -8.67 -4.37 -6.22
CA GLY A 64 -7.42 -4.25 -5.52
C GLY A 64 -7.09 -2.80 -5.24
N GLY A 65 -5.82 -2.50 -5.02
CA GLY A 65 -5.43 -1.13 -4.76
C GLY A 65 -4.55 -0.98 -3.54
N ILE A 66 -3.62 -0.04 -3.60
CA ILE A 66 -2.71 0.23 -2.49
C ILE A 66 -3.05 1.56 -1.81
N CYS A 67 -2.61 1.69 -0.56
CA CYS A 67 -2.84 2.89 0.21
C CYS A 67 -1.56 3.23 0.97
N PHE A 68 -1.26 4.52 1.15
CA PHE A 68 -0.05 4.91 1.85
C PHE A 68 0.00 6.41 2.13
N ARG A 69 1.12 6.84 2.71
CA ARG A 69 1.33 8.25 3.04
C ARG A 69 2.80 8.50 3.36
N GLN A 70 3.55 8.95 2.36
CA GLN A 70 4.95 9.22 2.51
C GLN A 70 5.21 10.54 3.24
N TYR A 71 5.96 10.45 4.34
CA TYR A 71 6.29 11.62 5.14
C TYR A 71 7.55 12.30 4.62
N LYS A 72 7.53 13.63 4.59
CA LYS A 72 8.66 14.41 4.10
C LYS A 72 9.57 14.83 5.24
N PRO A 73 9.04 15.60 6.23
CA PRO A 73 9.84 15.99 7.38
C PRO A 73 10.39 14.75 8.07
N GLN A 74 9.71 13.63 7.82
CA GLN A 74 10.11 12.35 8.39
C GLN A 74 11.07 11.61 7.45
N ARG A 75 10.95 11.88 6.15
CA ARG A 75 11.79 11.24 5.14
C ARG A 75 11.49 9.75 5.07
N PHE A 76 10.32 9.38 5.57
CA PHE A 76 9.89 7.99 5.57
C PHE A 76 8.47 7.88 5.03
N ALA A 77 8.01 6.66 4.80
CA ALA A 77 6.67 6.47 4.28
C ALA A 77 6.00 5.23 4.87
N GLU A 78 4.68 5.29 4.99
CA GLU A 78 3.90 4.17 5.52
C GLU A 78 2.95 3.67 4.45
N VAL A 79 2.79 2.36 4.35
CA VAL A 79 1.88 1.80 3.34
C VAL A 79 0.70 1.09 3.98
N ALA A 80 -0.49 1.62 3.73
CA ALA A 80 -1.72 1.03 4.25
C ALA A 80 -1.91 -0.39 3.73
N PHE A 81 -1.17 -0.72 2.66
CA PHE A 81 -1.20 -2.03 2.02
C PHE A 81 -2.05 -2.05 0.78
N LEU A 82 -1.71 -2.94 -0.13
CA LEU A 82 -2.43 -3.10 -1.37
C LEU A 82 -2.89 -4.54 -1.50
N ALA A 83 -3.70 -4.81 -2.50
CA ALA A 83 -4.19 -6.16 -2.71
C ALA A 83 -5.17 -6.24 -3.87
N VAL A 84 -5.87 -7.36 -3.91
CA VAL A 84 -6.88 -7.66 -4.92
C VAL A 84 -7.97 -8.51 -4.30
N THR A 85 -8.49 -8.02 -3.19
CA THR A 85 -9.53 -8.72 -2.43
C THR A 85 -9.21 -10.21 -2.38
N ALA A 86 -10.22 -11.01 -2.07
CA ALA A 86 -10.03 -12.44 -1.95
C ALA A 86 -9.62 -13.10 -3.25
N ASN A 87 -10.19 -14.28 -3.52
CA ASN A 87 -9.83 -15.06 -4.70
C ASN A 87 -9.71 -14.22 -5.96
N GLU A 88 -10.14 -12.96 -5.92
CA GLU A 88 -10.00 -12.10 -7.07
C GLU A 88 -8.53 -12.08 -7.46
N GLN A 89 -7.68 -12.30 -6.45
CA GLN A 89 -6.23 -12.34 -6.64
C GLN A 89 -5.81 -13.12 -7.89
N VAL A 90 -4.50 -13.20 -8.12
CA VAL A 90 -3.93 -13.90 -9.27
C VAL A 90 -4.69 -13.55 -10.55
N ARG A 91 -4.70 -12.26 -10.89
CA ARG A 91 -5.39 -11.80 -12.09
C ARG A 91 -4.45 -10.96 -12.96
N GLY A 92 -3.62 -10.14 -12.31
CA GLY A 92 -2.68 -9.30 -13.04
C GLY A 92 -2.97 -7.83 -12.87
N TYR A 93 -3.19 -7.41 -11.64
CA TYR A 93 -3.48 -6.01 -11.34
C TYR A 93 -2.58 -5.49 -10.21
N GLY A 94 -2.54 -6.23 -9.12
CA GLY A 94 -1.71 -5.84 -7.97
C GLY A 94 -0.34 -5.34 -8.36
N THR A 95 0.39 -6.14 -9.14
CA THR A 95 1.73 -5.76 -9.59
C THR A 95 1.75 -4.35 -10.14
N ARG A 96 0.83 -4.07 -11.07
CA ARG A 96 0.74 -2.75 -11.68
C ARG A 96 0.62 -1.66 -10.60
N LEU A 97 0.13 -2.07 -9.43
CA LEU A 97 -0.02 -1.14 -8.32
C LEU A 97 1.29 -1.01 -7.55
N MET A 98 1.85 -2.16 -7.15
CA MET A 98 3.11 -2.17 -6.40
C MET A 98 4.12 -1.21 -7.03
N ASN A 99 4.28 -1.32 -8.34
CA ASN A 99 5.21 -0.44 -9.03
C ASN A 99 4.64 0.98 -9.09
N LYS A 100 3.31 1.08 -9.16
CA LYS A 100 2.67 2.38 -9.17
C LYS A 100 2.94 3.09 -7.85
N PHE A 101 3.07 2.29 -6.79
CA PHE A 101 3.34 2.82 -5.46
C PHE A 101 4.72 3.48 -5.44
N LYS A 102 5.69 2.84 -6.11
CA LYS A 102 7.04 3.37 -6.16
C LYS A 102 7.08 4.67 -6.96
N ASP A 103 6.50 4.67 -8.16
CA ASP A 103 6.47 5.86 -8.99
C ASP A 103 6.04 7.08 -8.17
N HIS A 104 5.05 6.88 -7.32
CA HIS A 104 4.55 7.94 -6.46
C HIS A 104 5.54 8.25 -5.35
N MET A 105 6.10 7.20 -4.76
CA MET A 105 7.08 7.38 -3.68
C MET A 105 8.24 8.25 -4.13
N GLN A 106 8.46 8.31 -5.44
CA GLN A 106 9.54 9.12 -5.99
C GLN A 106 9.08 10.55 -6.20
N LYS A 107 7.81 10.72 -6.52
CA LYS A 107 7.24 12.06 -6.75
C LYS A 107 7.43 12.95 -5.53
N GLN A 108 7.13 12.39 -4.36
CA GLN A 108 7.31 13.12 -3.11
C GLN A 108 8.76 13.01 -2.70
N ASN A 109 9.39 11.97 -3.22
CA ASN A 109 10.79 11.68 -3.00
C ASN A 109 11.05 11.08 -1.62
N ILE A 110 10.07 10.35 -1.08
CA ILE A 110 10.25 9.72 0.22
C ILE A 110 10.98 8.40 0.05
N GLU A 111 12.27 8.41 0.36
CA GLU A 111 13.13 7.25 0.21
C GLU A 111 12.78 6.10 1.16
N TYR A 112 12.55 6.41 2.43
CA TYR A 112 12.24 5.36 3.40
C TYR A 112 10.76 4.99 3.42
N LEU A 113 10.49 3.71 3.62
CA LEU A 113 9.14 3.19 3.71
C LEU A 113 9.04 2.20 4.86
N LEU A 114 7.84 1.96 5.38
CA LEU A 114 7.69 1.04 6.50
C LEU A 114 6.27 0.52 6.67
N THR A 115 6.17 -0.65 7.30
CA THR A 115 4.90 -1.32 7.59
C THR A 115 5.14 -2.64 8.32
N TYR A 116 4.06 -3.26 8.78
CA TYR A 116 4.11 -4.55 9.41
C TYR A 116 3.33 -5.52 8.54
N ALA A 117 3.94 -5.93 7.43
CA ALA A 117 3.29 -6.81 6.46
C ALA A 117 3.51 -8.28 6.74
N ASP A 118 2.48 -9.09 6.47
CA ASP A 118 2.54 -10.53 6.69
C ASP A 118 3.23 -11.25 5.54
N ASN A 119 3.23 -12.58 5.60
CA ASN A 119 3.87 -13.42 4.58
C ASN A 119 3.46 -13.03 3.17
N PHE A 120 2.16 -13.07 2.89
CA PHE A 120 1.65 -12.73 1.56
C PHE A 120 2.31 -11.46 1.03
N ALA A 121 2.58 -10.53 1.95
CA ALA A 121 3.23 -9.28 1.60
C ALA A 121 4.73 -9.45 1.58
N ILE A 122 5.21 -10.27 2.50
CA ILE A 122 6.63 -10.57 2.60
C ILE A 122 7.19 -10.89 1.21
N GLY A 123 6.80 -12.07 0.70
CA GLY A 123 7.24 -12.50 -0.61
C GLY A 123 6.87 -11.51 -1.69
N TYR A 124 5.62 -11.05 -1.68
CA TYR A 124 5.16 -10.10 -2.69
C TYR A 124 6.01 -8.83 -2.65
N PHE A 125 6.53 -8.51 -1.47
CA PHE A 125 7.36 -7.32 -1.30
C PHE A 125 8.78 -7.60 -1.77
N LYS A 126 9.32 -8.75 -1.36
CA LYS A 126 10.67 -9.13 -1.74
C LYS A 126 10.72 -9.56 -3.21
N LYS A 127 9.59 -9.46 -3.91
CA LYS A 127 9.51 -9.83 -5.31
C LYS A 127 9.37 -8.63 -6.23
N GLN A 128 8.71 -7.57 -5.75
CA GLN A 128 8.51 -6.37 -6.56
C GLN A 128 9.61 -5.35 -6.34
N GLY A 129 10.48 -5.60 -5.34
CA GLY A 129 11.55 -4.67 -5.06
C GLY A 129 11.67 -4.34 -3.59
N PHE A 130 10.59 -4.57 -2.85
CA PHE A 130 10.57 -4.30 -1.42
C PHE A 130 11.48 -5.29 -0.69
N THR A 131 11.65 -5.09 0.61
CA THR A 131 12.49 -5.98 1.39
C THR A 131 11.94 -6.17 2.81
N LYS A 132 11.54 -7.39 3.11
CA LYS A 132 11.00 -7.73 4.41
C LYS A 132 12.11 -7.84 5.46
N GLU A 133 13.32 -8.18 4.99
CA GLU A 133 14.47 -8.33 5.87
C GLU A 133 14.52 -7.23 6.94
N HIS A 134 15.23 -7.50 8.03
CA HIS A 134 15.35 -6.55 9.13
C HIS A 134 15.79 -5.18 8.62
N ARG A 135 17.07 -5.05 8.30
CA ARG A 135 17.62 -3.80 7.82
C ARG A 135 17.49 -2.70 8.87
N MET A 136 16.29 -2.13 8.98
CA MET A 136 16.03 -1.08 9.96
C MET A 136 15.40 -1.68 11.21
N PRO A 137 15.74 -1.15 12.40
CA PRO A 137 15.20 -1.64 13.67
C PRO A 137 13.71 -1.37 13.81
N GLN A 138 12.98 -2.35 14.36
CA GLN A 138 11.54 -2.22 14.55
C GLN A 138 11.21 -0.96 15.35
N GLU A 139 12.17 -0.49 16.15
CA GLU A 139 11.99 0.70 16.96
C GLU A 139 11.39 1.85 16.14
N LYS A 140 11.77 1.92 14.87
CA LYS A 140 11.27 2.95 13.98
C LYS A 140 9.74 2.89 13.89
N TRP A 141 9.18 1.73 14.21
CA TRP A 141 7.73 1.53 14.17
C TRP A 141 7.00 2.67 14.88
N LYS A 142 7.66 3.27 15.87
CA LYS A 142 7.07 4.38 16.63
C LYS A 142 6.24 5.31 15.75
N GLY A 143 6.65 5.46 14.50
CA GLY A 143 5.94 6.33 13.59
C GLY A 143 4.49 5.93 13.39
N TYR A 144 4.26 4.95 12.52
CA TYR A 144 2.91 4.48 12.22
C TYR A 144 2.73 3.01 12.59
N ILE A 145 3.59 2.51 13.47
CA ILE A 145 3.50 1.11 13.90
C ILE A 145 3.71 0.98 15.40
N LYS A 146 3.22 -0.11 15.98
CA LYS A 146 3.34 -0.36 17.39
C LYS A 146 3.37 -1.85 17.66
N ASP A 147 3.41 -2.20 18.93
CA ASP A 147 3.43 -3.59 19.34
C ASP A 147 2.14 -4.30 18.98
N TYR A 148 2.04 -4.72 17.72
CA TYR A 148 0.85 -5.42 17.23
C TYR A 148 1.24 -6.57 16.31
N ASP A 149 1.11 -7.79 16.82
CA ASP A 149 1.44 -8.98 16.04
C ASP A 149 0.43 -9.19 14.91
N GLY A 150 0.59 -8.43 13.83
CA GLY A 150 -0.32 -8.54 12.71
C GLY A 150 0.34 -9.11 11.47
N GLY A 151 1.63 -8.83 11.30
CA GLY A 151 2.35 -9.32 10.14
C GLY A 151 3.85 -9.45 10.38
N THR A 152 4.62 -8.64 9.67
CA THR A 152 6.07 -8.66 9.80
C THR A 152 6.66 -7.29 9.45
N LEU A 153 7.79 -6.96 10.05
CA LEU A 153 8.43 -5.69 9.77
C LEU A 153 8.74 -5.56 8.28
N MET A 154 8.16 -4.55 7.67
CA MET A 154 8.35 -4.29 6.25
C MET A 154 9.05 -2.96 6.03
N GLU A 155 10.08 -2.96 5.21
CA GLU A 155 10.82 -1.74 4.93
C GLU A 155 11.36 -1.77 3.49
N CYS A 156 11.38 -0.61 2.85
CA CYS A 156 11.86 -0.51 1.47
C CYS A 156 12.40 0.88 1.17
N TYR A 157 13.43 0.93 0.32
CA TYR A 157 14.06 2.19 -0.06
C TYR A 157 13.59 2.62 -1.45
N ILE A 158 13.39 3.93 -1.61
CA ILE A 158 12.94 4.46 -2.89
C ILE A 158 14.04 5.28 -3.56
N HIS A 159 14.98 4.59 -4.20
CA HIS A 159 16.09 5.24 -4.88
C HIS A 159 15.58 6.19 -5.97
N PRO A 160 15.72 7.51 -5.77
CA PRO A 160 15.27 8.51 -6.74
C PRO A 160 16.11 8.50 -8.01
N TYR A 161 17.36 8.05 -7.89
CA TYR A 161 18.26 8.00 -9.03
C TYR A 161 17.76 7.02 -10.08
N VAL A 162 17.10 5.95 -9.63
CA VAL A 162 16.58 4.95 -10.54
C VAL A 162 15.35 5.47 -11.29
N ASP A 163 15.11 4.89 -12.47
CA ASP A 163 13.97 5.31 -13.29
C ASP A 163 12.70 4.62 -12.83
N TYR A 164 12.04 5.20 -11.83
CA TYR A 164 10.80 4.66 -11.30
C TYR A 164 9.60 5.09 -12.12
N GLY A 165 9.57 6.36 -12.49
CA GLY A 165 8.48 6.90 -13.28
C GLY A 165 8.70 8.34 -13.70
N ASN A 166 9.95 8.66 -14.05
CA ASN A 166 10.30 10.01 -14.48
C ASN A 166 9.57 10.38 -15.76
N MET A 1 -6.75 0.56 -25.64
CA MET A 1 -6.56 1.98 -25.18
C MET A 1 -5.53 2.05 -24.05
N LYS A 2 -5.78 1.29 -22.99
CA LYS A 2 -4.88 1.28 -21.85
C LYS A 2 -5.32 0.25 -20.82
N GLY A 3 -4.95 -1.01 -21.04
CA GLY A 3 -5.32 -2.07 -20.12
C GLY A 3 -6.82 -2.31 -20.10
N LEU A 4 -7.22 -3.47 -19.60
CA LEU A 4 -8.63 -3.82 -19.53
C LEU A 4 -9.29 -3.16 -18.33
N LEU A 5 -8.54 -3.02 -17.24
CA LEU A 5 -9.04 -2.40 -16.02
C LEU A 5 -8.55 -0.97 -15.89
N ASP A 6 -9.14 -0.21 -14.97
CA ASP A 6 -8.75 1.18 -14.75
C ASP A 6 -8.52 1.48 -13.27
N PHE A 7 -7.46 2.21 -12.96
CA PHE A 7 -7.14 2.56 -11.58
C PHE A 7 -7.71 3.91 -11.21
N ASP A 8 -7.82 4.15 -9.91
CA ASP A 8 -8.36 5.42 -9.41
C ASP A 8 -7.51 5.93 -8.25
N ILE A 9 -7.36 7.25 -8.18
CA ILE A 9 -6.58 7.87 -7.12
C ILE A 9 -7.41 8.87 -6.34
N LEU A 10 -7.81 8.48 -5.15
CA LEU A 10 -8.62 9.33 -4.29
C LEU A 10 -7.98 9.53 -2.92
N THR A 11 -8.68 10.27 -2.08
CA THR A 11 -8.20 10.54 -0.73
C THR A 11 -9.29 10.30 0.30
N ASN A 12 -8.98 10.59 1.56
CA ASN A 12 -9.96 10.44 2.62
C ASN A 12 -10.44 11.80 3.07
N ASP A 13 -10.75 12.63 2.09
CA ASP A 13 -11.26 13.97 2.36
C ASP A 13 -12.57 13.91 3.13
N GLY A 14 -13.26 12.78 3.01
CA GLY A 14 -14.52 12.60 3.71
C GLY A 14 -15.70 12.43 2.77
N THR A 15 -15.48 12.69 1.48
CA THR A 15 -16.54 12.55 0.49
C THR A 15 -17.16 11.17 0.52
N HIS A 16 -18.11 10.92 -0.37
CA HIS A 16 -18.79 9.62 -0.44
C HIS A 16 -18.11 8.70 -1.44
N ARG A 17 -18.07 9.14 -2.71
CA ARG A 17 -17.45 8.35 -3.77
C ARG A 17 -16.07 7.86 -3.36
N ASN A 18 -15.22 8.78 -2.94
CA ASN A 18 -13.86 8.45 -2.51
C ASN A 18 -13.88 7.41 -1.41
N MET A 19 -14.79 7.58 -0.46
CA MET A 19 -14.92 6.67 0.67
C MET A 19 -15.27 5.26 0.19
N LYS A 20 -16.34 5.15 -0.60
CA LYS A 20 -16.78 3.86 -1.12
C LYS A 20 -15.61 3.03 -1.64
N LEU A 21 -14.79 3.63 -2.48
CA LEU A 21 -13.64 2.94 -3.05
C LEU A 21 -12.60 2.63 -1.98
N LEU A 22 -12.15 3.67 -1.28
CA LEU A 22 -11.16 3.51 -0.22
C LEU A 22 -11.57 2.39 0.74
N ILE A 23 -12.87 2.31 1.01
CA ILE A 23 -13.39 1.29 1.91
C ILE A 23 -13.07 -0.09 1.39
N ASP A 24 -13.45 -0.36 0.14
CA ASP A 24 -13.20 -1.64 -0.49
C ASP A 24 -11.78 -2.14 -0.21
N LEU A 25 -10.80 -1.26 -0.42
CA LEU A 25 -9.40 -1.62 -0.20
C LEU A 25 -9.16 -2.10 1.22
N LYS A 26 -9.62 -1.32 2.20
CA LYS A 26 -9.44 -1.67 3.60
C LYS A 26 -9.88 -3.10 3.88
N ASN A 27 -11.06 -3.46 3.39
CA ASN A 27 -11.59 -4.81 3.60
C ASN A 27 -10.78 -5.84 2.83
N ILE A 28 -10.42 -5.52 1.60
CA ILE A 28 -9.63 -6.43 0.77
C ILE A 28 -8.42 -6.95 1.53
N PHE A 29 -7.57 -6.02 1.97
CA PHE A 29 -6.36 -6.41 2.72
C PHE A 29 -6.74 -7.25 3.94
N SER A 30 -7.34 -6.58 4.93
CA SER A 30 -7.75 -7.24 6.16
C SER A 30 -8.47 -8.57 5.88
N ARG A 31 -9.12 -8.67 4.73
CA ARG A 31 -9.83 -9.89 4.36
C ARG A 31 -8.85 -11.02 4.08
N GLN A 32 -8.21 -10.97 2.91
CA GLN A 32 -7.24 -12.00 2.54
C GLN A 32 -6.09 -12.04 3.55
N LEU A 33 -5.92 -10.95 4.30
CA LEU A 33 -4.86 -10.85 5.30
C LEU A 33 -5.43 -11.04 6.71
N PRO A 34 -5.68 -12.29 7.12
CA PRO A 34 -6.22 -12.59 8.45
C PRO A 34 -5.26 -12.22 9.58
N LYS A 35 -3.99 -12.06 9.25
CA LYS A 35 -2.98 -11.72 10.25
C LYS A 35 -2.80 -10.21 10.36
N MET A 36 -3.70 -9.44 9.75
CA MET A 36 -3.61 -7.98 9.79
C MET A 36 -4.95 -7.38 10.23
N PRO A 37 -5.06 -6.96 11.50
CA PRO A 37 -6.28 -6.35 12.04
C PRO A 37 -6.80 -5.23 11.15
N LYS A 38 -8.12 -5.21 10.94
CA LYS A 38 -8.75 -4.18 10.11
C LYS A 38 -8.37 -2.78 10.61
N GLU A 39 -8.37 -2.61 11.93
CA GLU A 39 -8.02 -1.32 12.53
C GLU A 39 -6.70 -0.79 11.97
N TYR A 40 -5.74 -1.68 11.77
CA TYR A 40 -4.44 -1.29 11.24
C TYR A 40 -4.62 -0.66 9.86
N ILE A 41 -5.06 -1.46 8.89
CA ILE A 41 -5.29 -0.95 7.55
C ILE A 41 -6.17 0.29 7.62
N VAL A 42 -7.09 0.28 8.57
CA VAL A 42 -7.99 1.41 8.79
C VAL A 42 -7.19 2.63 9.22
N LYS A 43 -6.27 2.43 10.16
CA LYS A 43 -5.44 3.51 10.65
C LYS A 43 -4.54 4.02 9.53
N LEU A 44 -3.86 3.10 8.86
CA LEU A 44 -2.96 3.45 7.77
C LEU A 44 -3.72 3.97 6.55
N VAL A 45 -4.87 3.36 6.25
CA VAL A 45 -5.68 3.78 5.10
C VAL A 45 -6.45 5.07 5.42
N PHE A 46 -6.85 5.23 6.67
CA PHE A 46 -7.59 6.41 7.09
C PHE A 46 -6.75 7.27 8.05
N ASP A 47 -5.43 7.20 7.91
CA ASP A 47 -4.53 7.95 8.77
C ASP A 47 -4.68 9.46 8.53
N ARG A 48 -5.78 10.02 9.02
CA ARG A 48 -6.05 11.45 8.88
C ARG A 48 -6.19 11.84 7.40
N HIS A 49 -5.06 12.01 6.72
CA HIS A 49 -5.06 12.40 5.31
C HIS A 49 -3.91 11.72 4.57
N HIS A 50 -4.18 11.32 3.32
CA HIS A 50 -3.17 10.67 2.49
C HIS A 50 -3.73 10.31 1.12
N GLU A 51 -2.87 9.79 0.26
CA GLU A 51 -3.28 9.39 -1.08
C GLU A 51 -3.50 7.88 -1.16
N SER A 52 -4.23 7.44 -2.19
CA SER A 52 -4.50 6.01 -2.35
C SER A 52 -4.86 5.68 -3.79
N MET A 53 -4.41 4.51 -4.24
CA MET A 53 -4.68 4.05 -5.60
C MET A 53 -5.53 2.78 -5.56
N VAL A 54 -6.61 2.77 -6.32
CA VAL A 54 -7.50 1.61 -6.34
C VAL A 54 -7.60 0.98 -7.73
N ILE A 55 -8.00 -0.29 -7.75
CA ILE A 55 -8.17 -1.01 -9.01
C ILE A 55 -9.63 -1.13 -9.36
N LEU A 56 -10.01 -0.59 -10.49
CA LEU A 56 -11.39 -0.65 -10.94
C LEU A 56 -11.52 -1.60 -12.11
N LYS A 57 -12.03 -2.78 -11.82
CA LYS A 57 -12.20 -3.79 -12.84
C LYS A 57 -13.58 -3.67 -13.50
N ASN A 58 -13.85 -2.47 -14.00
CA ASN A 58 -15.11 -2.14 -14.68
C ASN A 58 -15.42 -0.66 -14.57
N LYS A 59 -14.37 0.16 -14.37
CA LYS A 59 -14.50 1.61 -14.26
C LYS A 59 -14.88 2.03 -12.84
N GLN A 60 -15.59 1.18 -12.12
CA GLN A 60 -16.01 1.48 -10.77
C GLN A 60 -16.00 0.22 -9.91
N LYS A 61 -15.54 -0.88 -10.47
CA LYS A 61 -15.51 -2.14 -9.76
C LYS A 61 -14.19 -2.31 -9.02
N VAL A 62 -14.12 -1.79 -7.80
CA VAL A 62 -12.91 -1.91 -7.00
C VAL A 62 -12.50 -3.38 -6.87
N ILE A 63 -11.19 -3.65 -6.97
CA ILE A 63 -10.70 -5.01 -6.85
C ILE A 63 -9.38 -5.07 -6.10
N GLY A 64 -8.57 -4.04 -6.27
CA GLY A 64 -7.29 -3.96 -5.59
C GLY A 64 -6.90 -2.52 -5.33
N GLY A 65 -5.62 -2.26 -5.11
CA GLY A 65 -5.20 -0.89 -4.84
C GLY A 65 -4.28 -0.77 -3.66
N ILE A 66 -3.41 0.23 -3.73
CA ILE A 66 -2.47 0.51 -2.67
C ILE A 66 -2.64 1.93 -2.13
N CYS A 67 -2.34 2.12 -0.86
CA CYS A 67 -2.44 3.45 -0.26
C CYS A 67 -1.21 3.69 0.62
N PHE A 68 -0.83 4.96 0.78
CA PHE A 68 0.33 5.29 1.59
C PHE A 68 0.34 6.76 2.01
N ARG A 69 1.43 7.16 2.69
CA ARG A 69 1.57 8.54 3.15
C ARG A 69 3.05 8.92 3.26
N GLN A 70 3.54 9.66 2.27
CA GLN A 70 4.92 10.09 2.23
C GLN A 70 5.14 11.32 3.10
N TYR A 71 6.04 11.20 4.09
CA TYR A 71 6.35 12.30 4.99
C TYR A 71 7.66 12.97 4.57
N LYS A 72 7.61 14.30 4.48
CA LYS A 72 8.76 15.10 4.05
C LYS A 72 9.74 15.35 5.21
N PRO A 73 9.30 16.03 6.28
CA PRO A 73 10.17 16.29 7.43
C PRO A 73 10.59 14.97 8.04
N GLN A 74 9.81 13.93 7.73
CA GLN A 74 10.07 12.59 8.22
C GLN A 74 10.95 11.82 7.24
N ARG A 75 10.80 12.11 5.95
CA ARG A 75 11.56 11.43 4.91
C ARG A 75 11.19 9.96 4.85
N PHE A 76 10.05 9.64 5.43
CA PHE A 76 9.56 8.26 5.46
C PHE A 76 8.15 8.19 4.90
N ALA A 77 7.69 6.98 4.61
CA ALA A 77 6.36 6.79 4.06
C ALA A 77 5.73 5.49 4.56
N GLU A 78 4.48 5.59 4.98
CA GLU A 78 3.75 4.43 5.46
C GLU A 78 2.78 3.98 4.38
N VAL A 79 2.74 2.68 4.12
CA VAL A 79 1.84 2.17 3.10
C VAL A 79 0.60 1.54 3.74
N ALA A 80 -0.57 2.12 3.47
CA ALA A 80 -1.81 1.60 4.01
C ALA A 80 -1.95 0.13 3.67
N PHE A 81 -1.37 -0.25 2.52
CA PHE A 81 -1.34 -1.65 2.03
C PHE A 81 -1.89 -1.78 0.63
N LEU A 82 -1.36 -2.78 -0.07
CA LEU A 82 -1.76 -3.08 -1.44
C LEU A 82 -2.32 -4.49 -1.49
N ALA A 83 -3.35 -4.72 -2.30
CA ALA A 83 -3.91 -6.06 -2.43
C ALA A 83 -5.29 -6.11 -3.08
N VAL A 84 -5.42 -7.07 -3.98
CA VAL A 84 -6.65 -7.34 -4.70
C VAL A 84 -7.56 -8.24 -3.86
N THR A 85 -8.88 -8.11 -4.00
CA THR A 85 -9.80 -8.93 -3.21
C THR A 85 -9.65 -10.42 -3.51
N ALA A 86 -10.10 -11.25 -2.58
CA ALA A 86 -10.00 -12.71 -2.63
C ALA A 86 -9.96 -13.33 -4.02
N ASN A 87 -10.97 -14.13 -4.36
CA ASN A 87 -10.96 -14.82 -5.65
C ASN A 87 -11.07 -13.86 -6.83
N GLU A 88 -10.53 -12.68 -6.65
CA GLU A 88 -10.53 -11.68 -7.70
C GLU A 88 -9.11 -11.49 -8.22
N GLN A 89 -8.13 -11.80 -7.37
CA GLN A 89 -6.73 -11.67 -7.76
C GLN A 89 -6.36 -12.63 -8.88
N VAL A 90 -5.09 -13.05 -8.90
CA VAL A 90 -4.58 -13.97 -9.92
C VAL A 90 -5.05 -13.56 -11.32
N ARG A 91 -5.00 -12.26 -11.57
CA ARG A 91 -5.41 -11.71 -12.87
C ARG A 91 -4.32 -10.82 -13.45
N GLY A 92 -3.56 -10.17 -12.56
CA GLY A 92 -2.49 -9.29 -13.01
C GLY A 92 -2.84 -7.82 -12.82
N TYR A 93 -3.14 -7.44 -11.59
CA TYR A 93 -3.48 -6.05 -11.29
C TYR A 93 -2.60 -5.51 -10.16
N GLY A 94 -2.65 -6.16 -9.00
CA GLY A 94 -1.86 -5.74 -7.86
C GLY A 94 -0.43 -5.37 -8.23
N THR A 95 0.27 -6.28 -8.89
CA THR A 95 1.65 -6.03 -9.30
C THR A 95 1.78 -4.70 -10.03
N ARG A 96 0.94 -4.50 -11.04
CA ARG A 96 0.95 -3.26 -11.81
C ARG A 96 0.84 -2.06 -10.87
N LEU A 97 0.16 -2.27 -9.75
CA LEU A 97 -0.03 -1.22 -8.75
C LEU A 97 1.20 -1.10 -7.87
N MET A 98 1.67 -2.23 -7.34
CA MET A 98 2.86 -2.24 -6.47
C MET A 98 3.96 -1.38 -7.08
N ASN A 99 4.15 -1.53 -8.39
CA ASN A 99 5.16 -0.75 -9.08
C ASN A 99 4.72 0.70 -9.15
N LYS A 100 3.42 0.91 -9.35
CA LYS A 100 2.88 2.26 -9.40
C LYS A 100 3.13 2.95 -8.07
N PHE A 101 3.15 2.16 -7.00
CA PHE A 101 3.41 2.67 -5.66
C PHE A 101 4.83 3.21 -5.58
N LYS A 102 5.76 2.52 -6.24
CA LYS A 102 7.16 2.94 -6.23
C LYS A 102 7.36 4.20 -7.05
N ASP A 103 6.88 4.19 -8.29
CA ASP A 103 7.01 5.34 -9.17
C ASP A 103 6.56 6.61 -8.46
N HIS A 104 5.47 6.50 -7.70
CA HIS A 104 4.95 7.62 -6.94
C HIS A 104 5.82 7.90 -5.72
N MET A 105 6.32 6.84 -5.10
CA MET A 105 7.17 6.97 -3.92
C MET A 105 8.39 7.85 -4.22
N GLN A 106 8.75 7.94 -5.49
CA GLN A 106 9.89 8.75 -5.90
C GLN A 106 9.43 10.16 -6.30
N LYS A 107 8.19 10.26 -6.77
CA LYS A 107 7.63 11.54 -7.19
C LYS A 107 7.20 12.37 -5.98
N GLN A 108 7.33 11.81 -4.79
CA GLN A 108 6.96 12.50 -3.56
C GLN A 108 8.18 12.87 -2.75
N ASN A 109 9.32 12.30 -3.14
CA ASN A 109 10.60 12.56 -2.48
C ASN A 109 10.75 11.79 -1.18
N ILE A 110 9.91 10.77 -0.99
CA ILE A 110 9.98 9.96 0.20
C ILE A 110 10.46 8.56 -0.16
N GLU A 111 11.64 8.18 0.35
CA GLU A 111 12.21 6.88 0.01
C GLU A 111 12.13 5.88 1.16
N TYR A 112 12.05 6.35 2.39
CA TYR A 112 11.99 5.44 3.54
C TYR A 112 10.57 4.95 3.78
N LEU A 113 10.23 3.80 3.19
CA LEU A 113 8.90 3.22 3.36
C LEU A 113 8.85 2.35 4.60
N LEU A 114 7.65 1.99 5.05
CA LEU A 114 7.51 1.17 6.25
C LEU A 114 6.12 0.54 6.39
N THR A 115 6.06 -0.62 7.06
CA THR A 115 4.79 -1.33 7.29
C THR A 115 4.98 -2.46 8.30
N TYR A 116 3.88 -3.13 8.61
CA TYR A 116 3.88 -4.28 9.50
C TYR A 116 3.39 -5.48 8.67
N ALA A 117 4.14 -5.77 7.62
CA ALA A 117 3.80 -6.83 6.69
C ALA A 117 4.06 -8.23 7.26
N ASP A 118 3.06 -9.10 7.13
CA ASP A 118 3.15 -10.47 7.61
C ASP A 118 3.65 -11.40 6.51
N ASN A 119 3.92 -12.66 6.87
CA ASN A 119 4.41 -13.65 5.92
C ASN A 119 3.70 -13.55 4.56
N PHE A 120 2.44 -13.14 4.58
CA PHE A 120 1.66 -13.01 3.35
C PHE A 120 2.19 -11.88 2.47
N ALA A 121 2.09 -10.65 2.97
CA ALA A 121 2.55 -9.49 2.23
C ALA A 121 4.07 -9.51 2.17
N ILE A 122 4.67 -10.14 3.17
CA ILE A 122 6.10 -10.28 3.25
C ILE A 122 6.68 -10.81 1.94
N GLY A 123 6.47 -12.09 1.69
CA GLY A 123 6.97 -12.70 0.47
C GLY A 123 6.50 -11.96 -0.76
N TYR A 124 5.28 -11.44 -0.71
CA TYR A 124 4.73 -10.70 -1.85
C TYR A 124 5.47 -9.38 -2.05
N PHE A 125 5.97 -8.81 -0.95
CA PHE A 125 6.69 -7.55 -1.02
C PHE A 125 8.10 -7.78 -1.53
N LYS A 126 8.78 -8.77 -0.94
CA LYS A 126 10.14 -9.11 -1.34
C LYS A 126 10.18 -9.47 -2.82
N LYS A 127 9.01 -9.80 -3.38
CA LYS A 127 8.90 -10.19 -4.78
C LYS A 127 8.78 -8.97 -5.71
N GLN A 128 8.05 -7.95 -5.28
CA GLN A 128 7.87 -6.77 -6.12
C GLN A 128 9.05 -5.80 -6.00
N GLY A 129 9.97 -6.09 -5.10
CA GLY A 129 11.13 -5.23 -4.91
C GLY A 129 11.35 -4.85 -3.47
N PHE A 130 10.26 -4.79 -2.71
CA PHE A 130 10.32 -4.45 -1.29
C PHE A 130 11.29 -5.37 -0.56
N THR A 131 11.51 -5.10 0.72
CA THR A 131 12.42 -5.92 1.51
C THR A 131 11.90 -6.06 2.95
N LYS A 132 11.67 -7.31 3.35
CA LYS A 132 11.18 -7.62 4.68
C LYS A 132 12.35 -7.88 5.63
N GLU A 133 13.50 -8.25 5.07
CA GLU A 133 14.69 -8.54 5.87
C GLU A 133 14.97 -7.42 6.86
N HIS A 134 15.30 -7.81 8.09
CA HIS A 134 15.60 -6.84 9.14
C HIS A 134 17.02 -6.30 9.00
N ARG A 135 17.82 -6.94 8.15
CA ARG A 135 19.20 -6.52 7.93
C ARG A 135 19.28 -5.03 7.60
N MET A 136 18.21 -4.51 7.00
CA MET A 136 18.15 -3.10 6.64
C MET A 136 18.09 -2.22 7.89
N PRO A 137 18.05 -0.89 7.72
CA PRO A 137 17.99 0.05 8.85
C PRO A 137 16.72 -0.11 9.67
N GLN A 138 16.64 -1.23 10.40
CA GLN A 138 15.48 -1.51 11.25
C GLN A 138 15.44 -0.57 12.45
N GLU A 139 16.59 -0.03 12.80
CA GLU A 139 16.68 0.90 13.93
C GLU A 139 16.10 2.26 13.57
N LYS A 140 16.07 2.56 12.27
CA LYS A 140 15.53 3.83 11.79
C LYS A 140 14.03 3.74 11.56
N TRP A 141 13.42 2.65 12.02
CA TRP A 141 11.97 2.46 11.86
C TRP A 141 11.19 3.58 12.53
N LYS A 142 11.85 4.29 13.46
CA LYS A 142 11.20 5.39 14.19
C LYS A 142 10.32 6.24 13.27
N GLY A 143 9.02 6.07 13.42
CA GLY A 143 8.07 6.82 12.59
C GLY A 143 6.67 6.25 12.67
N TYR A 144 6.54 4.97 12.37
CA TYR A 144 5.24 4.30 12.42
C TYR A 144 5.29 3.09 13.36
N ILE A 145 5.76 3.33 14.58
CA ILE A 145 5.85 2.26 15.58
C ILE A 145 4.72 2.34 16.58
N LYS A 146 3.91 1.29 16.62
CA LYS A 146 2.79 1.22 17.54
C LYS A 146 2.18 -0.18 17.57
N ASP A 147 1.98 -0.69 18.77
CA ASP A 147 1.41 -2.01 18.98
C ASP A 147 1.96 -3.04 18.01
N TYR A 148 2.99 -3.76 18.44
CA TYR A 148 3.61 -4.79 17.61
C TYR A 148 2.62 -5.90 17.29
N ASP A 149 1.77 -5.67 16.30
CA ASP A 149 0.77 -6.66 15.90
C ASP A 149 0.23 -6.35 14.51
N GLY A 150 0.39 -7.30 13.60
CA GLY A 150 -0.10 -7.11 12.25
C GLY A 150 0.68 -7.92 11.23
N GLY A 151 1.96 -8.15 11.52
CA GLY A 151 2.79 -8.92 10.61
C GLY A 151 4.27 -8.81 10.95
N THR A 152 4.98 -7.96 10.21
CA THR A 152 6.41 -7.77 10.44
C THR A 152 6.83 -6.37 10.00
N LEU A 153 7.73 -5.77 10.76
CA LEU A 153 8.22 -4.44 10.44
C LEU A 153 9.01 -4.45 9.13
N MET A 154 8.31 -4.27 8.03
CA MET A 154 8.95 -4.28 6.71
C MET A 154 9.43 -2.88 6.34
N GLU A 155 10.41 -2.83 5.44
CA GLU A 155 10.94 -1.56 4.98
C GLU A 155 11.32 -1.65 3.50
N CYS A 156 11.28 -0.51 2.82
CA CYS A 156 11.61 -0.49 1.39
C CYS A 156 12.25 0.84 1.01
N TYR A 157 13.52 0.77 0.62
CA TYR A 157 14.25 1.97 0.23
C TYR A 157 14.01 2.31 -1.24
N ILE A 158 13.44 3.50 -1.48
CA ILE A 158 13.15 3.94 -2.84
C ILE A 158 14.43 4.40 -3.53
N HIS A 159 15.03 3.52 -4.32
CA HIS A 159 16.25 3.83 -5.04
C HIS A 159 16.08 5.07 -5.90
N PRO A 160 16.81 6.16 -5.59
CA PRO A 160 16.72 7.41 -6.35
C PRO A 160 17.42 7.32 -7.71
N TYR A 161 18.33 6.37 -7.84
CA TYR A 161 19.05 6.18 -9.10
C TYR A 161 18.33 5.22 -10.03
N VAL A 162 17.08 4.91 -9.71
CA VAL A 162 16.28 3.99 -10.52
C VAL A 162 15.16 4.74 -11.24
N ASP A 163 14.77 4.24 -12.41
CA ASP A 163 13.72 4.86 -13.20
C ASP A 163 12.46 3.98 -13.21
N TYR A 164 11.66 4.08 -12.15
CA TYR A 164 10.44 3.30 -12.04
C TYR A 164 9.48 3.62 -13.18
N GLY A 165 9.50 4.87 -13.63
CA GLY A 165 8.64 5.28 -14.71
C GLY A 165 9.09 4.74 -16.06
N ASN A 166 10.18 5.30 -16.58
CA ASN A 166 10.71 4.87 -17.86
C ASN A 166 9.68 5.06 -18.97
N MET A 1 -2.85 -5.44 -24.65
CA MET A 1 -2.87 -5.00 -23.22
C MET A 1 -2.62 -3.50 -23.11
N LYS A 2 -3.64 -2.71 -23.44
CA LYS A 2 -3.53 -1.26 -23.38
C LYS A 2 -3.93 -0.76 -21.99
N GLY A 3 -4.87 -1.46 -21.36
CA GLY A 3 -5.33 -1.07 -20.04
C GLY A 3 -6.83 -1.08 -19.92
N LEU A 4 -7.40 -2.27 -19.71
CA LEU A 4 -8.85 -2.41 -19.58
C LEU A 4 -9.33 -1.89 -18.23
N LEU A 5 -8.45 -1.98 -17.22
CA LEU A 5 -8.79 -1.53 -15.88
C LEU A 5 -8.42 -0.05 -15.71
N ASP A 6 -8.91 0.57 -14.65
CA ASP A 6 -8.62 1.98 -14.39
C ASP A 6 -8.28 2.21 -12.92
N PHE A 7 -7.27 3.05 -12.68
CA PHE A 7 -6.85 3.37 -11.32
C PHE A 7 -7.46 4.69 -10.87
N ASP A 8 -7.68 4.83 -9.57
CA ASP A 8 -8.27 6.06 -9.04
C ASP A 8 -7.52 6.54 -7.80
N ILE A 9 -7.42 7.84 -7.63
CA ILE A 9 -6.73 8.41 -6.48
C ILE A 9 -7.63 9.38 -5.72
N LEU A 10 -8.11 8.92 -4.57
CA LEU A 10 -9.00 9.73 -3.74
C LEU A 10 -8.48 9.85 -2.32
N THR A 11 -9.25 10.53 -1.48
CA THR A 11 -8.89 10.73 -0.09
C THR A 11 -10.03 10.31 0.83
N ASN A 12 -9.87 10.59 2.11
CA ASN A 12 -10.89 10.27 3.10
C ASN A 12 -11.40 11.54 3.75
N ASP A 13 -11.64 12.54 2.93
CA ASP A 13 -12.14 13.82 3.40
C ASP A 13 -13.54 13.68 3.98
N GLY A 14 -14.23 12.61 3.60
CA GLY A 14 -15.57 12.37 4.09
C GLY A 14 -16.58 12.17 2.98
N THR A 15 -16.19 12.48 1.74
CA THR A 15 -17.08 12.33 0.60
C THR A 15 -17.64 10.91 0.53
N HIS A 16 -18.71 10.75 -0.23
CA HIS A 16 -19.35 9.45 -0.39
C HIS A 16 -18.63 8.59 -1.42
N ARG A 17 -18.46 9.14 -2.62
CA ARG A 17 -17.78 8.42 -3.70
C ARG A 17 -16.42 7.89 -3.24
N ASN A 18 -15.56 8.80 -2.77
CA ASN A 18 -14.23 8.41 -2.31
C ASN A 18 -14.33 7.33 -1.24
N MET A 19 -15.06 7.62 -0.17
CA MET A 19 -15.24 6.68 0.92
C MET A 19 -15.55 5.27 0.41
N LYS A 20 -16.59 5.17 -0.42
CA LYS A 20 -17.00 3.88 -0.98
C LYS A 20 -15.80 3.09 -1.50
N LEU A 21 -14.99 3.73 -2.34
CA LEU A 21 -13.81 3.08 -2.90
C LEU A 21 -12.80 2.75 -1.79
N LEU A 22 -12.48 3.75 -0.98
CA LEU A 22 -11.53 3.57 0.11
C LEU A 22 -11.95 2.39 0.99
N ILE A 23 -13.25 2.23 1.18
CA ILE A 23 -13.78 1.13 1.98
C ILE A 23 -13.35 -0.20 1.41
N ASP A 24 -13.62 -0.40 0.12
CA ASP A 24 -13.26 -1.65 -0.56
C ASP A 24 -11.83 -2.07 -0.23
N LEU A 25 -10.88 -1.15 -0.43
CA LEU A 25 -9.46 -1.43 -0.16
C LEU A 25 -9.28 -2.01 1.23
N LYS A 26 -9.91 -1.40 2.21
CA LYS A 26 -9.78 -1.85 3.59
C LYS A 26 -10.14 -3.32 3.74
N ASN A 27 -11.31 -3.72 3.25
CA ASN A 27 -11.74 -5.11 3.36
C ASN A 27 -10.88 -6.01 2.48
N ILE A 28 -10.39 -5.48 1.36
CA ILE A 28 -9.55 -6.26 0.48
C ILE A 28 -8.35 -6.82 1.24
N PHE A 29 -7.50 -5.93 1.75
CA PHE A 29 -6.34 -6.37 2.51
C PHE A 29 -6.76 -7.25 3.67
N SER A 30 -7.38 -6.61 4.66
CA SER A 30 -7.86 -7.30 5.87
C SER A 30 -8.39 -8.70 5.55
N ARG A 31 -9.01 -8.85 4.38
CA ARG A 31 -9.55 -10.13 3.97
C ARG A 31 -8.43 -11.13 3.69
N GLN A 32 -7.73 -10.94 2.57
CA GLN A 32 -6.64 -11.84 2.20
C GLN A 32 -5.54 -11.80 3.27
N LEU A 33 -5.54 -10.73 4.07
CA LEU A 33 -4.56 -10.56 5.13
C LEU A 33 -5.20 -10.79 6.50
N PRO A 34 -5.57 -12.04 6.83
CA PRO A 34 -6.20 -12.37 8.10
C PRO A 34 -5.25 -12.19 9.29
N LYS A 35 -3.96 -12.35 9.03
CA LYS A 35 -2.95 -12.20 10.08
C LYS A 35 -2.95 -10.78 10.66
N MET A 36 -3.41 -9.83 9.86
CA MET A 36 -3.45 -8.44 10.30
C MET A 36 -4.87 -8.03 10.69
N PRO A 37 -5.07 -7.56 11.94
CA PRO A 37 -6.39 -7.13 12.42
C PRO A 37 -7.04 -6.12 11.49
N LYS A 38 -8.36 -6.22 11.34
CA LYS A 38 -9.10 -5.30 10.48
C LYS A 38 -8.92 -3.86 10.95
N GLU A 39 -8.88 -3.67 12.26
CA GLU A 39 -8.72 -2.34 12.85
C GLU A 39 -7.48 -1.65 12.29
N TYR A 40 -6.44 -2.43 12.00
CA TYR A 40 -5.20 -1.87 11.45
C TYR A 40 -5.47 -1.21 10.11
N ILE A 41 -5.79 -2.01 9.09
CA ILE A 41 -6.09 -1.47 7.78
C ILE A 41 -7.14 -0.37 7.89
N VAL A 42 -7.99 -0.50 8.91
CA VAL A 42 -9.02 0.49 9.18
C VAL A 42 -8.37 1.79 9.61
N LYS A 43 -7.40 1.67 10.51
CA LYS A 43 -6.64 2.82 10.99
C LYS A 43 -5.79 3.36 9.85
N LEU A 44 -5.12 2.45 9.15
CA LEU A 44 -4.27 2.82 8.02
C LEU A 44 -5.09 3.45 6.90
N VAL A 45 -6.15 2.76 6.49
CA VAL A 45 -7.00 3.26 5.41
C VAL A 45 -7.78 4.50 5.83
N PHE A 46 -8.33 4.47 7.04
CA PHE A 46 -9.10 5.60 7.55
C PHE A 46 -8.27 6.46 8.50
N ASP A 47 -6.95 6.45 8.31
CA ASP A 47 -6.05 7.22 9.14
C ASP A 47 -6.44 8.70 9.15
N ARG A 48 -5.72 9.48 9.95
CA ARG A 48 -5.99 10.91 10.06
C ARG A 48 -5.68 11.63 8.74
N HIS A 49 -6.60 11.51 7.78
CA HIS A 49 -6.43 12.15 6.48
C HIS A 49 -5.20 11.60 5.76
N HIS A 50 -5.34 11.38 4.45
CA HIS A 50 -4.24 10.86 3.64
C HIS A 50 -4.73 10.53 2.22
N GLU A 51 -3.80 10.22 1.34
CA GLU A 51 -4.13 9.88 -0.04
C GLU A 51 -4.60 8.44 -0.13
N SER A 52 -5.06 8.05 -1.31
CA SER A 52 -5.54 6.68 -1.52
C SER A 52 -5.69 6.36 -3.01
N MET A 53 -4.93 5.37 -3.47
CA MET A 53 -4.97 4.95 -4.86
C MET A 53 -5.70 3.61 -4.99
N VAL A 54 -6.85 3.62 -5.64
CA VAL A 54 -7.65 2.42 -5.81
C VAL A 54 -7.50 1.84 -7.21
N ILE A 55 -8.06 0.65 -7.40
CA ILE A 55 -8.00 -0.03 -8.69
C ILE A 55 -9.37 -0.48 -9.11
N LEU A 56 -9.85 0.10 -10.20
CA LEU A 56 -11.16 -0.24 -10.74
C LEU A 56 -11.03 -1.15 -11.93
N LYS A 57 -11.42 -2.40 -11.75
CA LYS A 57 -11.36 -3.39 -12.81
C LYS A 57 -12.66 -3.40 -13.60
N ASN A 58 -13.09 -2.21 -13.98
CA ASN A 58 -14.31 -2.00 -14.75
C ASN A 58 -14.78 -0.55 -14.66
N LYS A 59 -13.83 0.36 -14.43
CA LYS A 59 -14.13 1.80 -14.33
C LYS A 59 -14.58 2.19 -12.92
N GLN A 60 -15.23 1.28 -12.22
CA GLN A 60 -15.71 1.54 -10.88
C GLN A 60 -15.70 0.27 -10.05
N LYS A 61 -15.04 -0.76 -10.57
CA LYS A 61 -14.97 -2.03 -9.88
C LYS A 61 -13.69 -2.15 -9.05
N VAL A 62 -13.72 -1.63 -7.83
CA VAL A 62 -12.55 -1.68 -6.96
C VAL A 62 -12.07 -3.12 -6.80
N ILE A 63 -10.79 -3.35 -7.05
CA ILE A 63 -10.22 -4.68 -6.92
C ILE A 63 -8.99 -4.67 -6.01
N GLY A 64 -8.19 -3.63 -6.14
CA GLY A 64 -7.02 -3.48 -5.32
C GLY A 64 -6.71 -2.02 -5.08
N GLY A 65 -5.44 -1.67 -4.97
CA GLY A 65 -5.09 -0.27 -4.76
C GLY A 65 -4.27 -0.04 -3.52
N ILE A 66 -3.41 0.97 -3.59
CA ILE A 66 -2.54 1.34 -2.47
C ILE A 66 -3.05 2.60 -1.79
N CYS A 67 -2.77 2.74 -0.50
CA CYS A 67 -3.20 3.90 0.26
C CYS A 67 -2.04 4.49 1.07
N PHE A 68 -1.98 5.84 1.09
CA PHE A 68 -0.95 6.63 1.81
C PHE A 68 0.05 7.25 0.85
N ARG A 69 1.06 7.92 1.42
CA ARG A 69 2.11 8.58 0.64
C ARG A 69 3.42 8.60 1.42
N GLN A 70 4.39 9.38 0.94
CA GLN A 70 5.68 9.46 1.60
C GLN A 70 5.90 10.83 2.26
N TYR A 71 6.78 10.84 3.26
CA TYR A 71 7.11 12.06 3.99
C TYR A 71 8.37 12.69 3.39
N LYS A 72 8.30 14.00 3.15
CA LYS A 72 9.42 14.74 2.55
C LYS A 72 10.47 15.16 3.58
N PRO A 73 10.10 16.00 4.57
CA PRO A 73 11.04 16.43 5.60
C PRO A 73 11.51 15.22 6.40
N GLN A 74 10.72 14.15 6.32
CA GLN A 74 11.01 12.92 7.02
C GLN A 74 11.88 12.01 6.17
N ARG A 75 11.77 12.15 4.85
CA ARG A 75 12.55 11.32 3.93
C ARG A 75 12.14 9.85 4.03
N PHE A 76 10.98 9.63 4.64
CA PHE A 76 10.45 8.28 4.81
C PHE A 76 9.01 8.24 4.36
N ALA A 77 8.43 7.04 4.32
CA ALA A 77 7.05 6.90 3.88
C ALA A 77 6.33 5.79 4.62
N GLU A 78 5.00 5.87 4.60
CA GLU A 78 4.16 4.87 5.24
C GLU A 78 3.04 4.49 4.29
N VAL A 79 2.76 3.19 4.19
CA VAL A 79 1.71 2.73 3.28
C VAL A 79 0.49 2.23 4.05
N ALA A 80 -0.67 2.81 3.77
CA ALA A 80 -1.90 2.37 4.40
C ALA A 80 -2.09 0.90 4.09
N PHE A 81 -1.65 0.54 2.87
CA PHE A 81 -1.67 -0.85 2.38
C PHE A 81 -2.23 -0.96 0.97
N LEU A 82 -1.62 -1.85 0.20
CA LEU A 82 -2.00 -2.11 -1.18
C LEU A 82 -2.31 -3.58 -1.36
N ALA A 83 -3.28 -3.90 -2.21
CA ALA A 83 -3.63 -5.30 -2.46
C ALA A 83 -4.98 -5.48 -3.14
N VAL A 84 -4.98 -6.39 -4.09
CA VAL A 84 -6.17 -6.76 -4.84
C VAL A 84 -7.08 -7.65 -3.96
N THR A 85 -8.32 -7.87 -4.37
CA THR A 85 -9.23 -8.70 -3.57
C THR A 85 -9.02 -10.19 -3.88
N ALA A 86 -9.43 -11.03 -2.92
CA ALA A 86 -9.27 -12.49 -2.97
C ALA A 86 -9.17 -13.11 -4.36
N ASN A 87 -10.13 -13.95 -4.72
CA ASN A 87 -10.06 -14.64 -6.00
C ASN A 87 -10.21 -13.69 -7.17
N GLU A 88 -9.81 -12.45 -6.98
CA GLU A 88 -9.85 -11.45 -8.02
C GLU A 88 -8.45 -11.23 -8.55
N GLN A 89 -7.45 -11.47 -7.70
CA GLN A 89 -6.07 -11.30 -8.09
C GLN A 89 -5.70 -12.26 -9.23
N VAL A 90 -4.40 -12.54 -9.37
CA VAL A 90 -3.91 -13.45 -10.41
C VAL A 90 -4.61 -13.20 -11.75
N ARG A 91 -4.75 -11.93 -12.09
CA ARG A 91 -5.40 -11.55 -13.34
C ARG A 91 -4.63 -10.45 -14.07
N GLY A 92 -3.38 -10.23 -13.65
CA GLY A 92 -2.56 -9.21 -14.29
C GLY A 92 -2.79 -7.83 -13.71
N TYR A 93 -3.15 -7.77 -12.43
CA TYR A 93 -3.40 -6.50 -11.76
C TYR A 93 -2.39 -6.25 -10.65
N GLY A 94 -2.32 -7.20 -9.71
CA GLY A 94 -1.38 -7.08 -8.60
C GLY A 94 -0.02 -6.53 -8.99
N THR A 95 0.62 -7.18 -9.95
CA THR A 95 1.93 -6.73 -10.42
C THR A 95 1.90 -5.27 -10.82
N ARG A 96 0.98 -4.93 -11.72
CA ARG A 96 0.84 -3.55 -12.17
C ARG A 96 0.55 -2.63 -10.98
N LEU A 97 0.07 -3.22 -9.89
CA LEU A 97 -0.25 -2.48 -8.68
C LEU A 97 1.02 -2.12 -7.92
N MET A 98 1.67 -3.14 -7.35
CA MET A 98 2.89 -2.94 -6.58
C MET A 98 3.86 -2.01 -7.30
N ASN A 99 3.99 -2.19 -8.61
CA ASN A 99 4.89 -1.36 -9.39
C ASN A 99 4.37 0.08 -9.41
N LYS A 100 3.05 0.24 -9.47
CA LYS A 100 2.44 1.56 -9.47
C LYS A 100 2.82 2.29 -8.19
N PHE A 101 2.99 1.51 -7.11
CA PHE A 101 3.37 2.07 -5.82
C PHE A 101 4.78 2.64 -5.89
N LYS A 102 5.69 1.93 -6.56
CA LYS A 102 7.07 2.38 -6.69
C LYS A 102 7.16 3.66 -7.52
N ASP A 103 6.58 3.63 -8.72
CA ASP A 103 6.60 4.80 -9.60
C ASP A 103 6.23 6.05 -8.82
N HIS A 104 5.24 5.92 -7.94
CA HIS A 104 4.80 7.04 -7.12
C HIS A 104 5.80 7.31 -5.99
N MET A 105 6.26 6.24 -5.35
CA MET A 105 7.22 6.39 -4.25
C MET A 105 8.43 7.19 -4.69
N GLN A 106 8.69 7.19 -6.00
CA GLN A 106 9.82 7.94 -6.54
C GLN A 106 9.40 9.38 -6.85
N LYS A 107 8.12 9.55 -7.17
CA LYS A 107 7.57 10.87 -7.49
C LYS A 107 7.88 11.87 -6.38
N GLN A 108 7.64 11.48 -5.14
CA GLN A 108 7.92 12.35 -4.00
C GLN A 108 9.40 12.28 -3.70
N ASN A 109 10.00 11.20 -4.17
CA ASN A 109 11.42 10.96 -4.03
C ASN A 109 11.81 10.49 -2.62
N ILE A 110 10.85 9.90 -1.90
CA ILE A 110 11.14 9.39 -0.56
C ILE A 110 11.70 7.98 -0.68
N GLU A 111 12.76 7.69 0.07
CA GLU A 111 13.40 6.38 -0.03
C GLU A 111 13.29 5.54 1.26
N TYR A 112 12.57 6.02 2.26
CA TYR A 112 12.45 5.24 3.50
C TYR A 112 11.01 4.85 3.80
N LEU A 113 10.50 3.85 3.09
CA LEU A 113 9.15 3.34 3.30
C LEU A 113 9.02 2.64 4.64
N LEU A 114 7.78 2.29 5.01
CA LEU A 114 7.56 1.59 6.29
C LEU A 114 6.14 1.00 6.40
N THR A 115 6.05 -0.14 7.09
CA THR A 115 4.76 -0.82 7.31
C THR A 115 4.89 -1.90 8.39
N TYR A 116 3.77 -2.56 8.64
CA TYR A 116 3.69 -3.66 9.58
C TYR A 116 3.18 -4.87 8.79
N ALA A 117 3.95 -5.24 7.78
CA ALA A 117 3.59 -6.32 6.87
C ALA A 117 3.84 -7.70 7.48
N ASP A 118 2.91 -8.62 7.23
CA ASP A 118 3.02 -9.98 7.74
C ASP A 118 3.50 -10.93 6.65
N ASN A 119 3.76 -12.18 7.04
CA ASN A 119 4.24 -13.21 6.11
C ASN A 119 3.57 -13.12 4.74
N PHE A 120 2.31 -12.69 4.73
CA PHE A 120 1.57 -12.57 3.48
C PHE A 120 2.15 -11.50 2.56
N ALA A 121 2.08 -10.25 3.01
CA ALA A 121 2.62 -9.13 2.24
C ALA A 121 4.14 -9.16 2.28
N ILE A 122 4.66 -9.81 3.30
CA ILE A 122 6.10 -9.96 3.48
C ILE A 122 6.72 -10.58 2.23
N GLY A 123 6.54 -11.88 2.08
CA GLY A 123 7.07 -12.58 0.92
C GLY A 123 6.69 -11.89 -0.36
N TYR A 124 5.47 -11.37 -0.40
CA TYR A 124 4.98 -10.67 -1.58
C TYR A 124 5.72 -9.35 -1.75
N PHE A 125 6.20 -8.80 -0.64
CA PHE A 125 6.93 -7.53 -0.67
C PHE A 125 8.36 -7.75 -1.14
N LYS A 126 9.07 -8.67 -0.48
CA LYS A 126 10.44 -8.98 -0.83
C LYS A 126 10.53 -9.47 -2.28
N LYS A 127 9.39 -9.85 -2.85
CA LYS A 127 9.35 -10.35 -4.23
C LYS A 127 9.19 -9.22 -5.25
N GLN A 128 8.41 -8.19 -4.91
CA GLN A 128 8.20 -7.08 -5.85
C GLN A 128 9.27 -6.00 -5.71
N GLY A 129 10.20 -6.18 -4.77
CA GLY A 129 11.24 -5.19 -4.57
C GLY A 129 11.37 -4.77 -3.12
N PHE A 130 10.25 -4.76 -2.42
CA PHE A 130 10.24 -4.38 -1.00
C PHE A 130 11.24 -5.21 -0.22
N THR A 131 11.32 -4.97 1.08
CA THR A 131 12.23 -5.71 1.94
C THR A 131 11.76 -5.70 3.39
N LYS A 132 11.34 -6.87 3.87
CA LYS A 132 10.87 -7.01 5.24
C LYS A 132 12.04 -7.31 6.18
N GLU A 133 13.11 -7.86 5.62
CA GLU A 133 14.30 -8.21 6.40
C GLU A 133 14.64 -7.14 7.43
N HIS A 134 15.15 -7.58 8.58
CA HIS A 134 15.53 -6.66 9.64
C HIS A 134 17.01 -6.30 9.58
N ARG A 135 17.63 -6.56 8.43
CA ARG A 135 19.04 -6.26 8.25
C ARG A 135 19.29 -4.75 8.41
N MET A 136 18.36 -3.96 7.89
CA MET A 136 18.47 -2.50 7.98
C MET A 136 18.12 -2.02 9.38
N PRO A 137 18.58 -0.82 9.77
CA PRO A 137 18.31 -0.25 11.09
C PRO A 137 16.86 0.20 11.24
N GLN A 138 16.15 -0.41 12.18
CA GLN A 138 14.76 -0.07 12.43
C GLN A 138 14.63 0.97 13.54
N GLU A 139 15.67 1.79 13.70
CA GLU A 139 15.68 2.83 14.73
C GLU A 139 14.82 4.01 14.32
N LYS A 140 15.29 4.78 13.35
CA LYS A 140 14.56 5.95 12.85
C LYS A 140 13.19 5.56 12.33
N TRP A 141 12.98 4.25 12.15
CA TRP A 141 11.71 3.71 11.66
C TRP A 141 10.51 4.39 12.32
N LYS A 142 10.70 4.89 13.54
CA LYS A 142 9.64 5.56 14.30
C LYS A 142 8.66 6.32 13.41
N GLY A 143 9.17 6.88 12.31
CA GLY A 143 8.35 7.65 11.37
C GLY A 143 6.85 7.45 11.54
N TYR A 144 6.36 6.24 11.21
CA TYR A 144 4.93 5.94 11.32
C TYR A 144 4.65 5.00 12.51
N ILE A 145 5.70 4.41 13.07
CA ILE A 145 5.56 3.49 14.20
C ILE A 145 4.57 4.02 15.23
N LYS A 146 3.97 3.10 15.98
CA LYS A 146 3.00 3.45 17.02
C LYS A 146 2.37 2.19 17.59
N ASP A 147 2.11 2.21 18.89
CA ASP A 147 1.50 1.08 19.61
C ASP A 147 0.47 0.37 18.75
N TYR A 148 0.94 -0.61 17.97
CA TYR A 148 0.06 -1.38 17.10
C TYR A 148 0.52 -2.82 16.99
N ASP A 149 -0.27 -3.66 16.34
CA ASP A 149 0.07 -5.07 16.17
C ASP A 149 -0.79 -5.71 15.09
N GLY A 150 -0.13 -6.27 14.08
CA GLY A 150 -0.85 -6.91 13.00
C GLY A 150 0.06 -7.74 12.09
N GLY A 151 1.21 -7.17 11.74
CA GLY A 151 2.13 -7.88 10.88
C GLY A 151 3.56 -7.79 11.39
N THR A 152 4.44 -7.21 10.57
CA THR A 152 5.84 -7.07 10.93
C THR A 152 6.41 -5.77 10.37
N LEU A 153 7.25 -5.11 11.14
CA LEU A 153 7.87 -3.86 10.71
C LEU A 153 8.62 -4.07 9.40
N MET A 154 8.19 -3.35 8.36
CA MET A 154 8.81 -3.46 7.04
C MET A 154 9.40 -2.14 6.60
N GLU A 155 10.06 -2.16 5.43
CA GLU A 155 10.67 -0.98 4.86
C GLU A 155 10.93 -1.17 3.38
N CYS A 156 10.82 -0.09 2.61
CA CYS A 156 11.06 -0.15 1.17
C CYS A 156 12.02 0.95 0.72
N TYR A 157 13.29 0.58 0.56
CA TYR A 157 14.31 1.53 0.14
C TYR A 157 14.08 1.97 -1.30
N ILE A 158 13.47 3.15 -1.47
CA ILE A 158 13.20 3.68 -2.81
C ILE A 158 14.35 4.56 -3.28
N HIS A 159 15.38 3.93 -3.84
CA HIS A 159 16.55 4.65 -4.34
C HIS A 159 16.14 5.65 -5.42
N PRO A 160 16.71 6.87 -5.40
CA PRO A 160 16.40 7.90 -6.39
C PRO A 160 17.11 7.68 -7.71
N TYR A 161 18.12 6.82 -7.73
CA TYR A 161 18.87 6.52 -8.94
C TYR A 161 18.20 5.41 -9.75
N VAL A 162 17.37 4.61 -9.10
CA VAL A 162 16.68 3.52 -9.76
C VAL A 162 15.54 4.04 -10.64
N ASP A 163 15.42 3.47 -11.84
CA ASP A 163 14.38 3.88 -12.77
C ASP A 163 13.25 2.86 -12.81
N TYR A 164 12.33 2.95 -11.84
CA TYR A 164 11.21 2.03 -11.77
C TYR A 164 10.29 2.22 -12.97
N GLY A 165 10.04 3.47 -13.34
CA GLY A 165 9.17 3.75 -14.48
C GLY A 165 9.48 5.09 -15.12
N ASN A 166 10.73 5.26 -15.54
CA ASN A 166 11.16 6.50 -16.18
C ASN A 166 11.01 7.68 -15.22
N MET A 1 -0.17 -2.68 -24.38
CA MET A 1 -1.52 -2.03 -24.38
C MET A 1 -2.62 -3.08 -24.43
N LYS A 2 -2.54 -4.06 -23.53
CA LYS A 2 -3.53 -5.12 -23.46
C LYS A 2 -4.15 -5.21 -22.07
N GLY A 3 -4.43 -4.05 -21.49
CA GLY A 3 -5.01 -4.01 -20.17
C GLY A 3 -6.22 -3.09 -20.08
N LEU A 4 -7.41 -3.68 -20.09
CA LEU A 4 -8.65 -2.91 -20.01
C LEU A 4 -8.89 -2.41 -18.59
N LEU A 5 -8.13 -2.92 -17.63
CA LEU A 5 -8.26 -2.53 -16.23
C LEU A 5 -8.31 -1.01 -16.09
N ASP A 6 -8.93 -0.55 -15.01
CA ASP A 6 -9.03 0.88 -14.74
C ASP A 6 -8.51 1.21 -13.34
N PHE A 7 -7.73 2.26 -13.24
CA PHE A 7 -7.18 2.69 -11.95
C PHE A 7 -7.75 4.04 -11.54
N ASP A 8 -7.76 4.31 -10.24
CA ASP A 8 -8.28 5.56 -9.73
C ASP A 8 -7.44 6.08 -8.57
N ILE A 9 -7.25 7.40 -8.55
CA ILE A 9 -6.48 8.03 -7.49
C ILE A 9 -7.39 8.92 -6.64
N LEU A 10 -7.60 8.49 -5.39
CA LEU A 10 -8.46 9.21 -4.48
C LEU A 10 -7.76 9.56 -3.18
N THR A 11 -8.51 10.19 -2.29
CA THR A 11 -8.00 10.59 -0.99
C THR A 11 -9.00 10.30 0.11
N ASN A 12 -8.69 10.72 1.33
CA ASN A 12 -9.58 10.53 2.45
C ASN A 12 -10.20 11.85 2.86
N ASP A 13 -10.63 12.59 1.85
CA ASP A 13 -11.27 13.89 2.08
C ASP A 13 -12.58 13.71 2.82
N GLY A 14 -13.15 12.51 2.73
CA GLY A 14 -14.40 12.22 3.40
C GLY A 14 -15.60 12.75 2.63
N THR A 15 -15.50 12.77 1.31
CA THR A 15 -16.58 13.26 0.47
C THR A 15 -17.73 12.26 0.44
N HIS A 16 -17.58 11.21 -0.37
CA HIS A 16 -18.61 10.19 -0.49
C HIS A 16 -18.10 9.00 -1.30
N ARG A 17 -17.93 9.21 -2.60
CA ARG A 17 -17.44 8.17 -3.49
C ARG A 17 -15.97 7.88 -3.22
N ASN A 18 -15.24 8.89 -2.78
CA ASN A 18 -13.83 8.75 -2.47
C ASN A 18 -13.64 7.67 -1.40
N MET A 19 -14.55 7.64 -0.44
CA MET A 19 -14.50 6.68 0.63
C MET A 19 -14.86 5.28 0.13
N LYS A 20 -15.97 5.20 -0.61
CA LYS A 20 -16.44 3.94 -1.15
C LYS A 20 -15.30 3.09 -1.71
N LEU A 21 -14.48 3.70 -2.56
CA LEU A 21 -13.35 3.00 -3.16
C LEU A 21 -12.30 2.68 -2.11
N LEU A 22 -11.88 3.70 -1.37
CA LEU A 22 -10.88 3.52 -0.32
C LEU A 22 -11.30 2.42 0.65
N ILE A 23 -12.61 2.30 0.86
CA ILE A 23 -13.14 1.28 1.75
C ILE A 23 -12.78 -0.10 1.22
N ASP A 24 -13.13 -0.36 -0.03
CA ASP A 24 -12.86 -1.63 -0.66
C ASP A 24 -11.43 -2.10 -0.35
N LEU A 25 -10.46 -1.23 -0.59
CA LEU A 25 -9.06 -1.56 -0.33
C LEU A 25 -8.86 -2.02 1.10
N LYS A 26 -9.47 -1.30 2.04
CA LYS A 26 -9.36 -1.62 3.45
C LYS A 26 -9.82 -3.05 3.75
N ASN A 27 -11.10 -3.32 3.50
CA ASN A 27 -11.65 -4.65 3.76
C ASN A 27 -10.91 -5.73 2.97
N ILE A 28 -10.50 -5.40 1.74
CA ILE A 28 -9.78 -6.37 0.92
C ILE A 28 -8.58 -6.93 1.67
N PHE A 29 -7.65 -6.05 2.04
CA PHE A 29 -6.46 -6.48 2.78
C PHE A 29 -6.87 -7.25 4.03
N SER A 30 -7.41 -6.51 5.00
CA SER A 30 -7.85 -7.10 6.26
C SER A 30 -8.54 -8.45 6.06
N ARG A 31 -9.26 -8.59 4.95
CA ARG A 31 -9.96 -9.83 4.65
C ARG A 31 -8.96 -10.95 4.38
N GLN A 32 -8.25 -10.88 3.25
CA GLN A 32 -7.28 -11.89 2.89
C GLN A 32 -6.16 -11.95 3.94
N LEU A 33 -6.03 -10.88 4.72
CA LEU A 33 -5.02 -10.80 5.77
C LEU A 33 -5.64 -10.98 7.15
N PRO A 34 -5.61 -12.20 7.71
CA PRO A 34 -6.18 -12.48 9.03
C PRO A 34 -5.38 -11.86 10.16
N LYS A 35 -4.11 -12.23 10.25
CA LYS A 35 -3.23 -11.71 11.29
C LYS A 35 -3.22 -10.18 11.29
N MET A 36 -3.54 -9.59 10.15
CA MET A 36 -3.56 -8.13 10.02
C MET A 36 -4.83 -7.55 10.64
N PRO A 37 -4.70 -6.80 11.75
CA PRO A 37 -5.85 -6.18 12.43
C PRO A 37 -6.58 -5.19 11.53
N LYS A 38 -7.91 -5.23 11.58
CA LYS A 38 -8.73 -4.33 10.78
C LYS A 38 -8.40 -2.87 11.09
N GLU A 39 -8.19 -2.59 12.37
CA GLU A 39 -7.87 -1.23 12.80
C GLU A 39 -6.60 -0.72 12.13
N TYR A 40 -5.65 -1.61 11.88
CA TYR A 40 -4.41 -1.23 11.23
C TYR A 40 -4.66 -0.64 9.86
N ILE A 41 -5.06 -1.47 8.90
CA ILE A 41 -5.36 -1.00 7.56
C ILE A 41 -6.30 0.20 7.62
N VAL A 42 -7.24 0.13 8.55
CA VAL A 42 -8.20 1.21 8.75
C VAL A 42 -7.47 2.48 9.18
N LYS A 43 -6.55 2.32 10.11
CA LYS A 43 -5.78 3.45 10.59
C LYS A 43 -4.92 4.04 9.48
N LEU A 44 -4.18 3.17 8.79
CA LEU A 44 -3.30 3.59 7.71
C LEU A 44 -4.09 4.02 6.47
N VAL A 45 -5.26 3.40 6.25
CA VAL A 45 -6.07 3.74 5.08
C VAL A 45 -7.02 4.90 5.37
N PHE A 46 -7.57 4.93 6.58
CA PHE A 46 -8.49 6.00 6.96
C PHE A 46 -7.79 7.07 7.79
N ASP A 47 -6.45 7.07 7.77
CA ASP A 47 -5.68 8.05 8.51
C ASP A 47 -6.15 9.47 8.21
N ARG A 48 -5.54 10.45 8.88
CA ARG A 48 -5.89 11.85 8.71
C ARG A 48 -6.08 12.20 7.23
N HIS A 49 -4.97 12.43 6.52
CA HIS A 49 -5.03 12.77 5.11
C HIS A 49 -3.92 12.07 4.34
N HIS A 50 -4.23 11.64 3.12
CA HIS A 50 -3.25 10.95 2.29
C HIS A 50 -3.82 10.65 0.90
N GLU A 51 -2.98 10.08 0.05
CA GLU A 51 -3.40 9.71 -1.31
C GLU A 51 -3.48 8.20 -1.45
N SER A 52 -3.98 7.75 -2.59
CA SER A 52 -4.12 6.32 -2.83
C SER A 52 -4.45 6.02 -4.29
N MET A 53 -4.26 4.76 -4.68
CA MET A 53 -4.55 4.31 -6.03
C MET A 53 -5.24 2.96 -5.99
N VAL A 54 -6.38 2.84 -6.66
CA VAL A 54 -7.13 1.60 -6.65
C VAL A 54 -7.26 0.98 -8.03
N ILE A 55 -7.93 -0.17 -8.06
CA ILE A 55 -8.18 -0.89 -9.29
C ILE A 55 -9.68 -0.98 -9.52
N LEU A 56 -10.09 -1.12 -10.77
CA LEU A 56 -11.50 -1.23 -11.09
C LEU A 56 -11.75 -2.37 -12.07
N LYS A 57 -12.43 -3.40 -11.60
CA LYS A 57 -12.75 -4.56 -12.42
C LYS A 57 -14.17 -4.49 -12.94
N ASN A 58 -14.46 -3.38 -13.63
CA ASN A 58 -15.77 -3.13 -14.23
C ASN A 58 -16.07 -1.63 -14.28
N LYS A 59 -15.00 -0.81 -14.23
CA LYS A 59 -15.12 0.65 -14.28
C LYS A 59 -15.38 1.24 -12.90
N GLN A 60 -16.07 0.49 -12.04
CA GLN A 60 -16.39 0.96 -10.71
C GLN A 60 -16.32 -0.18 -9.71
N LYS A 61 -15.93 -1.36 -10.19
CA LYS A 61 -15.85 -2.52 -9.32
C LYS A 61 -14.45 -2.68 -8.75
N VAL A 62 -14.19 -2.04 -7.62
CA VAL A 62 -12.88 -2.12 -6.98
C VAL A 62 -12.46 -3.57 -6.78
N ILE A 63 -11.18 -3.84 -7.01
CA ILE A 63 -10.65 -5.19 -6.85
C ILE A 63 -9.32 -5.16 -6.09
N GLY A 64 -8.47 -4.22 -6.49
CA GLY A 64 -7.18 -4.05 -5.84
C GLY A 64 -6.88 -2.59 -5.62
N GLY A 65 -5.70 -2.28 -5.12
CA GLY A 65 -5.36 -0.90 -4.88
C GLY A 65 -4.47 -0.70 -3.68
N ILE A 66 -3.64 0.32 -3.75
CA ILE A 66 -2.73 0.66 -2.67
C ILE A 66 -2.98 2.07 -2.16
N CYS A 67 -2.76 2.27 -0.87
CA CYS A 67 -2.94 3.58 -0.26
C CYS A 67 -1.74 3.88 0.62
N PHE A 68 -1.37 5.14 0.77
CA PHE A 68 -0.20 5.49 1.59
C PHE A 68 -0.02 6.99 1.76
N ARG A 69 1.04 7.35 2.48
CA ARG A 69 1.38 8.74 2.75
C ARG A 69 2.82 8.84 3.22
N GLN A 70 3.69 9.37 2.37
CA GLN A 70 5.09 9.50 2.69
C GLN A 70 5.38 10.80 3.43
N TYR A 71 6.22 10.70 4.45
CA TYR A 71 6.58 11.86 5.27
C TYR A 71 7.92 12.46 4.84
N LYS A 72 7.95 13.80 4.77
CA LYS A 72 9.16 14.53 4.37
C LYS A 72 10.09 14.80 5.54
N PRO A 73 9.64 15.53 6.57
CA PRO A 73 10.47 15.80 7.74
C PRO A 73 10.86 14.49 8.40
N GLN A 74 10.08 13.46 8.09
CA GLN A 74 10.33 12.13 8.61
C GLN A 74 11.25 11.35 7.68
N ARG A 75 11.21 11.69 6.39
CA ARG A 75 12.05 11.03 5.39
C ARG A 75 11.65 9.57 5.22
N PHE A 76 10.47 9.24 5.72
CA PHE A 76 9.96 7.87 5.63
C PHE A 76 8.51 7.89 5.16
N ALA A 77 7.99 6.72 4.79
CA ALA A 77 6.62 6.65 4.31
C ALA A 77 5.92 5.39 4.81
N GLU A 78 4.65 5.56 5.15
CA GLU A 78 3.82 4.46 5.63
C GLU A 78 2.82 4.07 4.55
N VAL A 79 2.62 2.78 4.35
CA VAL A 79 1.67 2.34 3.32
C VAL A 79 0.40 1.79 3.94
N ALA A 80 -0.75 2.32 3.51
CA ALA A 80 -2.03 1.86 4.00
C ALA A 80 -2.16 0.37 3.72
N PHE A 81 -1.62 -0.03 2.56
CA PHE A 81 -1.57 -1.42 2.11
C PHE A 81 -2.14 -1.60 0.71
N LEU A 82 -1.59 -2.59 0.02
CA LEU A 82 -1.98 -2.91 -1.35
C LEU A 82 -2.46 -4.35 -1.41
N ALA A 83 -3.47 -4.61 -2.23
CA ALA A 83 -3.96 -5.99 -2.36
C ALA A 83 -5.31 -6.10 -3.04
N VAL A 84 -5.40 -7.10 -3.92
CA VAL A 84 -6.60 -7.42 -4.65
C VAL A 84 -7.56 -8.23 -3.76
N THR A 85 -8.87 -8.10 -3.98
CA THR A 85 -9.83 -8.82 -3.15
C THR A 85 -9.69 -10.34 -3.32
N ALA A 86 -10.17 -11.07 -2.31
CA ALA A 86 -10.08 -12.53 -2.22
C ALA A 86 -10.03 -13.28 -3.55
N ASN A 87 -11.05 -14.06 -3.87
CA ASN A 87 -11.03 -14.87 -5.09
C ASN A 87 -11.07 -14.02 -6.34
N GLU A 88 -10.46 -12.84 -6.26
CA GLU A 88 -10.39 -11.95 -7.40
C GLU A 88 -8.95 -11.84 -7.88
N GLN A 89 -8.01 -12.11 -6.97
CA GLN A 89 -6.60 -12.03 -7.30
C GLN A 89 -6.20 -13.11 -8.31
N VAL A 90 -4.94 -13.57 -8.21
CA VAL A 90 -4.41 -14.60 -9.12
C VAL A 90 -4.78 -14.29 -10.56
N ARG A 91 -4.89 -13.01 -10.87
CA ARG A 91 -5.23 -12.56 -12.22
C ARG A 91 -4.10 -11.71 -12.80
N GLY A 92 -3.38 -11.00 -11.93
CA GLY A 92 -2.29 -10.16 -12.38
C GLY A 92 -2.70 -8.70 -12.54
N TYR A 93 -2.88 -8.01 -11.42
CA TYR A 93 -3.27 -6.60 -11.46
C TYR A 93 -2.45 -5.78 -10.48
N GLY A 94 -2.53 -6.14 -9.20
CA GLY A 94 -1.80 -5.44 -8.15
C GLY A 94 -0.36 -5.09 -8.54
N THR A 95 0.26 -5.90 -9.38
CA THR A 95 1.64 -5.67 -9.82
C THR A 95 1.81 -4.24 -10.33
N ARG A 96 1.05 -3.89 -11.37
CA ARG A 96 1.11 -2.56 -11.93
C ARG A 96 0.87 -1.50 -10.85
N LEU A 97 0.18 -1.92 -9.79
CA LEU A 97 -0.13 -1.02 -8.68
C LEU A 97 1.08 -0.88 -7.76
N MET A 98 1.60 -2.00 -7.27
CA MET A 98 2.76 -1.98 -6.39
C MET A 98 3.85 -1.09 -6.96
N ASN A 99 4.15 -1.26 -8.24
CA ASN A 99 5.15 -0.44 -8.89
C ASN A 99 4.69 1.00 -8.92
N LYS A 100 3.38 1.20 -9.05
CA LYS A 100 2.81 2.53 -9.06
C LYS A 100 3.10 3.23 -7.74
N PHE A 101 3.23 2.43 -6.68
CA PHE A 101 3.54 2.96 -5.35
C PHE A 101 4.96 3.50 -5.33
N LYS A 102 5.88 2.75 -5.92
CA LYS A 102 7.28 3.17 -5.96
C LYS A 102 7.46 4.44 -6.79
N ASP A 103 6.84 4.46 -7.96
CA ASP A 103 6.94 5.62 -8.84
C ASP A 103 6.56 6.89 -8.08
N HIS A 104 5.53 6.78 -7.25
CA HIS A 104 5.06 7.90 -6.45
C HIS A 104 6.02 8.19 -5.30
N MET A 105 6.61 7.15 -4.73
CA MET A 105 7.53 7.31 -3.62
C MET A 105 8.70 8.22 -4.02
N GLN A 106 9.05 8.19 -5.29
CA GLN A 106 10.14 9.02 -5.79
C GLN A 106 9.65 10.41 -6.14
N LYS A 107 8.38 10.51 -6.53
CA LYS A 107 7.79 11.80 -6.88
C LYS A 107 7.44 12.62 -5.65
N GLN A 108 7.63 12.03 -4.47
CA GLN A 108 7.34 12.71 -3.22
C GLN A 108 8.61 13.00 -2.45
N ASN A 109 9.70 12.37 -2.89
CA ASN A 109 11.01 12.56 -2.29
C ASN A 109 11.17 11.77 -0.99
N ILE A 110 10.35 10.76 -0.79
CA ILE A 110 10.45 9.93 0.41
C ILE A 110 11.02 8.57 0.06
N GLU A 111 12.24 8.31 0.53
CA GLU A 111 12.92 7.05 0.23
C GLU A 111 12.54 5.93 1.19
N TYR A 112 12.49 6.22 2.49
CA TYR A 112 12.16 5.20 3.47
C TYR A 112 10.67 4.85 3.46
N LEU A 113 10.39 3.55 3.54
CA LEU A 113 9.03 3.04 3.58
C LEU A 113 8.85 2.15 4.80
N LEU A 114 7.62 1.82 5.16
CA LEU A 114 7.40 0.98 6.34
C LEU A 114 5.98 0.39 6.40
N THR A 115 5.85 -0.75 7.08
CA THR A 115 4.57 -1.44 7.26
C THR A 115 4.73 -2.72 8.09
N TYR A 116 3.61 -3.23 8.57
CA TYR A 116 3.57 -4.48 9.32
C TYR A 116 2.95 -5.55 8.43
N ALA A 117 3.65 -5.86 7.33
CA ALA A 117 3.16 -6.81 6.35
C ALA A 117 3.41 -8.27 6.74
N ASP A 118 2.44 -9.13 6.44
CA ASP A 118 2.55 -10.55 6.74
C ASP A 118 3.14 -11.33 5.57
N ASN A 119 3.21 -12.65 5.73
CA ASN A 119 3.75 -13.53 4.70
C ASN A 119 3.24 -13.19 3.30
N PHE A 120 1.94 -12.94 3.19
CA PHE A 120 1.33 -12.61 1.90
C PHE A 120 1.99 -11.39 1.27
N ALA A 121 2.13 -10.33 2.06
CA ALA A 121 2.74 -9.10 1.57
C ALA A 121 4.25 -9.27 1.52
N ILE A 122 4.76 -10.04 2.46
CA ILE A 122 6.18 -10.32 2.54
C ILE A 122 6.74 -10.71 1.17
N GLY A 123 6.40 -11.92 0.73
CA GLY A 123 6.85 -12.39 -0.56
C GLY A 123 6.47 -11.45 -1.68
N TYR A 124 5.25 -10.93 -1.63
CA TYR A 124 4.78 -10.01 -2.65
C TYR A 124 5.62 -8.74 -2.67
N PHE A 125 6.15 -8.37 -1.51
CA PHE A 125 6.97 -7.18 -1.40
C PHE A 125 8.39 -7.44 -1.91
N LYS A 126 8.97 -8.55 -1.48
CA LYS A 126 10.31 -8.92 -1.91
C LYS A 126 10.34 -9.25 -3.40
N LYS A 127 9.15 -9.33 -4.01
CA LYS A 127 9.05 -9.66 -5.43
C LYS A 127 8.90 -8.41 -6.30
N GLN A 128 8.28 -7.36 -5.76
CA GLN A 128 8.09 -6.13 -6.53
C GLN A 128 9.23 -5.13 -6.32
N GLY A 129 10.15 -5.45 -5.41
CA GLY A 129 11.27 -4.57 -5.15
C GLY A 129 11.47 -4.30 -3.67
N PHE A 130 10.40 -4.42 -2.90
CA PHE A 130 10.45 -4.19 -1.47
C PHE A 130 11.37 -5.21 -0.80
N THR A 131 11.59 -5.03 0.50
CA THR A 131 12.45 -5.95 1.23
C THR A 131 11.94 -6.19 2.64
N LYS A 132 11.56 -7.44 2.92
CA LYS A 132 11.06 -7.82 4.23
C LYS A 132 12.21 -8.09 5.19
N GLU A 133 13.32 -8.57 4.65
CA GLU A 133 14.51 -8.89 5.45
C GLU A 133 14.83 -7.77 6.43
N HIS A 134 15.22 -8.16 7.64
CA HIS A 134 15.56 -7.19 8.68
C HIS A 134 16.88 -6.49 8.37
N ARG A 135 17.61 -7.00 7.37
CA ARG A 135 18.88 -6.42 6.97
C ARG A 135 18.76 -4.90 6.83
N MET A 136 17.62 -4.47 6.31
CA MET A 136 17.36 -3.04 6.12
C MET A 136 17.49 -2.29 7.44
N PRO A 137 17.52 -0.96 7.40
CA PRO A 137 17.64 -0.13 8.60
C PRO A 137 16.47 -0.32 9.56
N GLN A 138 16.40 -1.49 10.19
CA GLN A 138 15.34 -1.80 11.13
C GLN A 138 15.36 -0.84 12.32
N GLU A 139 16.49 -0.13 12.50
CA GLU A 139 16.64 0.82 13.60
C GLU A 139 15.90 2.11 13.28
N LYS A 140 15.82 2.45 12.00
CA LYS A 140 15.13 3.66 11.56
C LYS A 140 13.63 3.40 11.37
N TRP A 141 13.17 2.22 11.80
CA TRP A 141 11.78 1.85 11.68
C TRP A 141 10.87 2.84 12.40
N LYS A 142 11.45 3.61 13.33
CA LYS A 142 10.68 4.61 14.11
C LYS A 142 9.37 5.01 13.43
N GLY A 143 8.31 4.29 13.75
CA GLY A 143 7.01 4.56 13.17
C GLY A 143 5.94 3.59 13.65
N TYR A 144 6.11 2.31 13.32
CA TYR A 144 5.15 1.29 13.74
C TYR A 144 5.88 0.03 14.18
N ILE A 145 6.67 0.16 15.23
CA ILE A 145 7.44 -0.97 15.75
C ILE A 145 6.63 -1.79 16.74
N LYS A 146 7.09 -3.00 17.01
CA LYS A 146 6.42 -3.90 17.94
C LYS A 146 7.07 -5.28 17.90
N ASP A 147 7.11 -5.92 19.06
CA ASP A 147 7.70 -7.25 19.18
C ASP A 147 6.87 -8.29 18.44
N TYR A 148 6.86 -8.20 17.11
CA TYR A 148 6.11 -9.13 16.28
C TYR A 148 4.62 -9.12 16.63
N ASP A 149 3.80 -8.59 15.73
CA ASP A 149 2.36 -8.52 15.96
C ASP A 149 1.64 -7.97 14.73
N GLY A 150 0.63 -8.70 14.27
CA GLY A 150 -0.13 -8.26 13.12
C GLY A 150 0.43 -8.80 11.81
N GLY A 151 1.75 -8.68 11.64
CA GLY A 151 2.38 -9.17 10.44
C GLY A 151 3.89 -9.18 10.57
N THR A 152 4.57 -8.37 9.77
CA THR A 152 6.02 -8.29 9.81
C THR A 152 6.48 -6.87 9.51
N LEU A 153 7.48 -6.41 10.25
CA LEU A 153 7.99 -5.06 10.05
C LEU A 153 8.77 -4.96 8.75
N MET A 154 8.04 -4.79 7.66
CA MET A 154 8.65 -4.67 6.34
C MET A 154 9.14 -3.24 6.11
N GLU A 155 10.15 -3.11 5.27
CA GLU A 155 10.70 -1.80 4.97
C GLU A 155 11.24 -1.76 3.54
N CYS A 156 11.35 -0.57 2.98
CA CYS A 156 11.86 -0.42 1.63
C CYS A 156 12.44 0.97 1.42
N TYR A 157 13.53 1.04 0.64
CA TYR A 157 14.19 2.30 0.36
C TYR A 157 14.13 2.63 -1.13
N ILE A 158 13.81 3.87 -1.45
CA ILE A 158 13.72 4.31 -2.84
C ILE A 158 15.10 4.62 -3.41
N HIS A 159 15.28 4.39 -4.71
CA HIS A 159 16.55 4.64 -5.36
C HIS A 159 16.44 5.81 -6.34
N PRO A 160 16.85 7.02 -5.91
CA PRO A 160 16.78 8.21 -6.76
C PRO A 160 17.77 8.15 -7.93
N TYR A 161 17.46 7.30 -8.90
CA TYR A 161 18.31 7.14 -10.08
C TYR A 161 17.50 6.71 -11.29
N VAL A 162 16.62 5.72 -11.08
CA VAL A 162 15.78 5.21 -12.16
C VAL A 162 14.64 6.17 -12.47
N ASP A 163 14.29 6.28 -13.75
CA ASP A 163 13.22 7.17 -14.19
C ASP A 163 11.90 6.42 -14.26
N TYR A 164 11.26 6.22 -13.11
CA TYR A 164 9.99 5.52 -13.04
C TYR A 164 8.93 6.23 -13.87
N GLY A 165 8.99 7.56 -13.89
CA GLY A 165 8.03 8.34 -14.64
C GLY A 165 8.59 8.85 -15.95
N ASN A 166 9.76 9.50 -15.87
CA ASN A 166 10.40 10.04 -17.06
C ASN A 166 11.17 8.94 -17.80
N MET A 1 -2.84 0.92 -22.25
CA MET A 1 -2.98 0.33 -23.62
C MET A 1 -3.19 -1.17 -23.53
N LYS A 2 -2.45 -1.82 -22.65
CA LYS A 2 -2.55 -3.27 -22.49
C LYS A 2 -3.54 -3.62 -21.38
N GLY A 3 -3.55 -2.82 -20.32
CA GLY A 3 -4.46 -3.06 -19.21
C GLY A 3 -5.88 -2.68 -19.54
N LEU A 4 -6.82 -3.58 -19.22
CA LEU A 4 -8.24 -3.34 -19.48
C LEU A 4 -8.90 -2.65 -18.29
N LEU A 5 -8.34 -2.86 -17.10
CA LEU A 5 -8.87 -2.26 -15.89
C LEU A 5 -8.38 -0.83 -15.73
N ASP A 6 -8.98 -0.06 -14.82
CA ASP A 6 -8.59 1.32 -14.60
C ASP A 6 -8.44 1.63 -13.10
N PHE A 7 -7.39 2.37 -12.76
CA PHE A 7 -7.14 2.73 -11.37
C PHE A 7 -7.75 4.08 -11.04
N ASP A 8 -7.94 4.34 -9.75
CA ASP A 8 -8.51 5.60 -9.30
C ASP A 8 -7.72 6.17 -8.15
N ILE A 9 -7.61 7.50 -8.11
CA ILE A 9 -6.89 8.18 -7.05
C ILE A 9 -7.85 8.83 -6.07
N LEU A 10 -8.00 8.21 -4.91
CA LEU A 10 -8.91 8.71 -3.88
C LEU A 10 -8.16 9.29 -2.69
N THR A 11 -8.94 9.76 -1.72
CA THR A 11 -8.40 10.33 -0.50
C THR A 11 -9.41 10.16 0.63
N ASN A 12 -9.00 10.46 1.84
CA ASN A 12 -9.90 10.37 2.98
C ASN A 12 -10.55 11.71 3.24
N ASP A 13 -10.96 12.36 2.16
CA ASP A 13 -11.63 13.65 2.25
C ASP A 13 -12.96 13.52 2.96
N GLY A 14 -13.51 12.30 2.96
CA GLY A 14 -14.78 12.06 3.61
C GLY A 14 -15.95 12.06 2.63
N THR A 15 -15.65 12.09 1.34
CA THR A 15 -16.69 12.09 0.32
C THR A 15 -17.47 10.78 0.34
N HIS A 16 -18.37 10.60 -0.62
CA HIS A 16 -19.18 9.40 -0.70
C HIS A 16 -18.57 8.37 -1.66
N ARG A 17 -18.51 8.73 -2.94
CA ARG A 17 -17.96 7.83 -3.96
C ARG A 17 -16.58 7.31 -3.55
N ASN A 18 -15.68 8.23 -3.23
CA ASN A 18 -14.33 7.86 -2.83
C ASN A 18 -14.35 6.90 -1.63
N MET A 19 -15.12 7.26 -0.61
CA MET A 19 -15.23 6.44 0.59
C MET A 19 -15.62 5.00 0.24
N LYS A 20 -16.71 4.86 -0.52
CA LYS A 20 -17.19 3.54 -0.92
C LYS A 20 -16.04 2.67 -1.44
N LEU A 21 -15.29 3.20 -2.40
CA LEU A 21 -14.16 2.49 -2.96
C LEU A 21 -13.07 2.31 -1.91
N LEU A 22 -12.75 3.41 -1.22
CA LEU A 22 -11.73 3.38 -0.17
C LEU A 22 -12.04 2.27 0.83
N ILE A 23 -13.33 2.07 1.08
CA ILE A 23 -13.78 1.03 2.01
C ILE A 23 -13.33 -0.33 1.52
N ASP A 24 -13.65 -0.63 0.26
CA ASP A 24 -13.29 -1.91 -0.34
C ASP A 24 -11.83 -2.26 -0.04
N LEU A 25 -10.92 -1.34 -0.35
CA LEU A 25 -9.50 -1.55 -0.11
C LEU A 25 -9.22 -2.00 1.31
N LYS A 26 -9.75 -1.25 2.27
CA LYS A 26 -9.55 -1.58 3.67
C LYS A 26 -10.04 -2.98 4.00
N ASN A 27 -11.17 -3.36 3.41
CA ASN A 27 -11.72 -4.69 3.64
C ASN A 27 -10.93 -5.74 2.89
N ILE A 28 -10.56 -5.44 1.65
CA ILE A 28 -9.79 -6.38 0.84
C ILE A 28 -8.59 -6.90 1.62
N PHE A 29 -7.73 -5.99 2.06
CA PHE A 29 -6.54 -6.38 2.83
C PHE A 29 -6.96 -7.15 4.08
N SER A 30 -7.53 -6.43 5.03
CA SER A 30 -7.98 -7.02 6.29
C SER A 30 -8.68 -8.37 6.06
N ARG A 31 -9.34 -8.50 4.91
CA ARG A 31 -10.05 -9.74 4.58
C ARG A 31 -9.06 -10.88 4.34
N GLN A 32 -8.35 -10.83 3.22
CA GLN A 32 -7.37 -11.85 2.90
C GLN A 32 -6.27 -11.90 3.94
N LEU A 33 -6.13 -10.79 4.68
CA LEU A 33 -5.11 -10.69 5.73
C LEU A 33 -5.74 -10.82 7.12
N PRO A 34 -6.15 -12.03 7.51
CA PRO A 34 -6.77 -12.27 8.82
C PRO A 34 -5.81 -12.07 9.97
N LYS A 35 -4.52 -12.28 9.70
CA LYS A 35 -3.49 -12.12 10.72
C LYS A 35 -3.28 -10.65 11.06
N MET A 36 -3.60 -9.77 10.13
CA MET A 36 -3.44 -8.34 10.33
C MET A 36 -4.74 -7.71 10.85
N PRO A 37 -4.67 -6.99 11.98
CA PRO A 37 -5.86 -6.34 12.57
C PRO A 37 -6.57 -5.42 11.58
N LYS A 38 -7.88 -5.30 11.74
CA LYS A 38 -8.67 -4.46 10.85
C LYS A 38 -8.44 -2.98 11.16
N GLU A 39 -8.19 -2.67 12.43
CA GLU A 39 -7.96 -1.30 12.86
C GLU A 39 -6.72 -0.72 12.19
N TYR A 40 -5.74 -1.57 11.91
CA TYR A 40 -4.50 -1.12 11.27
C TYR A 40 -4.79 -0.52 9.91
N ILE A 41 -5.15 -1.37 8.94
CA ILE A 41 -5.47 -0.89 7.60
C ILE A 41 -6.45 0.26 7.68
N VAL A 42 -7.37 0.16 8.63
CA VAL A 42 -8.37 1.19 8.85
C VAL A 42 -7.69 2.49 9.26
N LYS A 43 -6.77 2.37 10.22
CA LYS A 43 -6.03 3.53 10.70
C LYS A 43 -5.18 4.12 9.58
N LEU A 44 -4.43 3.27 8.89
CA LEU A 44 -3.57 3.71 7.81
C LEU A 44 -4.37 4.15 6.59
N VAL A 45 -5.49 3.47 6.31
CA VAL A 45 -6.32 3.81 5.16
C VAL A 45 -7.23 5.00 5.49
N PHE A 46 -7.88 4.97 6.64
CA PHE A 46 -8.77 6.04 7.04
C PHE A 46 -8.04 7.12 7.84
N ASP A 47 -6.71 7.09 7.81
CA ASP A 47 -5.91 8.07 8.52
C ASP A 47 -6.33 9.49 8.18
N ARG A 48 -5.65 10.47 8.77
CA ARG A 48 -5.95 11.88 8.54
C ARG A 48 -6.27 12.16 7.06
N HIS A 49 -5.33 11.85 6.19
CA HIS A 49 -5.53 12.05 4.75
C HIS A 49 -4.87 10.94 3.94
N HIS A 50 -3.61 11.15 3.54
CA HIS A 50 -2.88 10.16 2.76
C HIS A 50 -3.57 9.87 1.42
N GLU A 51 -2.76 9.71 0.38
CA GLU A 51 -3.29 9.43 -0.95
C GLU A 51 -3.89 8.03 -1.00
N SER A 52 -4.54 7.69 -2.11
CA SER A 52 -5.15 6.38 -2.25
C SER A 52 -5.32 6.00 -3.73
N MET A 53 -4.75 4.87 -4.11
CA MET A 53 -4.85 4.39 -5.48
C MET A 53 -5.61 3.06 -5.48
N VAL A 54 -6.78 3.04 -6.10
CA VAL A 54 -7.61 1.84 -6.14
C VAL A 54 -7.67 1.22 -7.52
N ILE A 55 -8.04 -0.07 -7.55
CA ILE A 55 -8.17 -0.80 -8.80
C ILE A 55 -9.64 -0.92 -9.18
N LEU A 56 -9.97 -0.52 -10.37
CA LEU A 56 -11.35 -0.60 -10.84
C LEU A 56 -11.45 -1.54 -12.02
N LYS A 57 -11.94 -2.73 -11.75
CA LYS A 57 -12.08 -3.74 -12.79
C LYS A 57 -13.43 -3.62 -13.47
N ASN A 58 -13.71 -2.42 -13.97
CA ASN A 58 -14.96 -2.11 -14.67
C ASN A 58 -15.29 -0.62 -14.55
N LYS A 59 -14.25 0.21 -14.32
CA LYS A 59 -14.41 1.66 -14.19
C LYS A 59 -14.80 2.06 -12.76
N GLN A 60 -15.50 1.18 -12.06
CA GLN A 60 -15.93 1.46 -10.71
C GLN A 60 -15.96 0.19 -9.87
N LYS A 61 -15.54 -0.92 -10.46
CA LYS A 61 -15.53 -2.19 -9.77
C LYS A 61 -14.23 -2.39 -9.00
N VAL A 62 -14.19 -1.90 -7.78
CA VAL A 62 -13.00 -2.04 -6.95
C VAL A 62 -12.58 -3.50 -6.83
N ILE A 63 -11.28 -3.74 -6.83
CA ILE A 63 -10.77 -5.11 -6.71
C ILE A 63 -9.48 -5.12 -5.89
N GLY A 64 -8.60 -4.17 -6.17
CA GLY A 64 -7.36 -4.05 -5.45
C GLY A 64 -7.04 -2.59 -5.21
N GLY A 65 -5.76 -2.26 -5.06
CA GLY A 65 -5.39 -0.88 -4.83
C GLY A 65 -4.49 -0.67 -3.64
N ILE A 66 -3.65 0.34 -3.73
CA ILE A 66 -2.73 0.69 -2.67
C ILE A 66 -3.05 2.06 -2.09
N CYS A 67 -2.76 2.22 -0.81
CA CYS A 67 -2.98 3.49 -0.13
C CYS A 67 -1.75 3.83 0.69
N PHE A 68 -1.36 5.10 0.73
CA PHE A 68 -0.16 5.48 1.48
C PHE A 68 0.06 7.00 1.52
N ARG A 69 1.17 7.38 2.12
CA ARG A 69 1.58 8.78 2.25
C ARG A 69 3.01 8.85 2.78
N GLN A 70 3.92 9.30 1.93
CA GLN A 70 5.31 9.38 2.28
C GLN A 70 5.63 10.67 3.06
N TYR A 71 6.31 10.50 4.19
CA TYR A 71 6.68 11.63 5.05
C TYR A 71 7.96 12.29 4.56
N LYS A 72 7.96 13.62 4.53
CA LYS A 72 9.09 14.41 4.06
C LYS A 72 10.11 14.67 5.17
N PRO A 73 9.73 15.37 6.25
CA PRO A 73 10.64 15.63 7.35
C PRO A 73 11.06 14.31 8.00
N GLN A 74 10.27 13.28 7.72
CA GLN A 74 10.54 11.95 8.25
C GLN A 74 11.44 11.15 7.32
N ARG A 75 11.36 11.45 6.02
CA ARG A 75 12.17 10.75 5.02
C ARG A 75 11.73 9.30 4.90
N PHE A 76 10.53 9.04 5.40
CA PHE A 76 9.96 7.70 5.37
C PHE A 76 8.53 7.76 4.86
N ALA A 77 7.96 6.60 4.53
CA ALA A 77 6.60 6.56 4.02
C ALA A 77 5.84 5.37 4.56
N GLU A 78 4.60 5.61 4.97
CA GLU A 78 3.75 4.54 5.49
C GLU A 78 2.75 4.12 4.42
N VAL A 79 2.56 2.83 4.26
CA VAL A 79 1.61 2.34 3.25
C VAL A 79 0.37 1.76 3.90
N ALA A 80 -0.80 2.30 3.54
CA ALA A 80 -2.06 1.83 4.08
C ALA A 80 -2.23 0.35 3.75
N PHE A 81 -1.58 -0.07 2.66
CA PHE A 81 -1.58 -1.46 2.18
C PHE A 81 -2.18 -1.59 0.79
N LEU A 82 -1.64 -2.57 0.06
CA LEU A 82 -2.08 -2.86 -1.29
C LEU A 82 -2.53 -4.30 -1.37
N ALA A 83 -3.56 -4.58 -2.17
CA ALA A 83 -4.04 -5.95 -2.32
C ALA A 83 -5.39 -6.07 -2.99
N VAL A 84 -5.48 -7.07 -3.86
CA VAL A 84 -6.68 -7.39 -4.60
C VAL A 84 -7.61 -8.24 -3.72
N THR A 85 -8.93 -8.14 -3.92
CA THR A 85 -9.86 -8.91 -3.11
C THR A 85 -9.69 -10.42 -3.33
N ALA A 86 -10.16 -11.19 -2.35
CA ALA A 86 -10.05 -12.65 -2.33
C ALA A 86 -9.96 -13.34 -3.69
N ASN A 87 -10.96 -14.14 -4.04
CA ASN A 87 -10.92 -14.88 -5.29
C ASN A 87 -10.97 -13.99 -6.51
N GLU A 88 -10.44 -12.79 -6.36
CA GLU A 88 -10.38 -11.84 -7.46
C GLU A 88 -8.95 -11.68 -7.93
N GLN A 89 -8.01 -11.96 -7.03
CA GLN A 89 -6.59 -11.84 -7.36
C GLN A 89 -6.17 -12.85 -8.43
N VAL A 90 -4.90 -13.27 -8.39
CA VAL A 90 -4.35 -14.21 -9.35
C VAL A 90 -4.77 -13.87 -10.77
N ARG A 91 -4.94 -12.58 -11.02
CA ARG A 91 -5.34 -12.09 -12.34
C ARG A 91 -4.27 -11.18 -12.93
N GLY A 92 -3.52 -10.49 -12.05
CA GLY A 92 -2.47 -9.61 -12.49
C GLY A 92 -2.88 -8.15 -12.50
N TYR A 93 -2.99 -7.56 -11.31
CA TYR A 93 -3.38 -6.16 -11.19
C TYR A 93 -2.52 -5.44 -10.15
N GLY A 94 -2.52 -5.94 -8.92
CA GLY A 94 -1.75 -5.33 -7.85
C GLY A 94 -0.32 -4.99 -8.25
N THR A 95 0.31 -5.86 -9.03
CA THR A 95 1.68 -5.64 -9.46
C THR A 95 1.86 -4.26 -10.07
N ARG A 96 1.10 -3.99 -11.14
CA ARG A 96 1.17 -2.69 -11.79
C ARG A 96 1.00 -1.56 -10.79
N LEU A 97 0.32 -1.86 -9.68
CA LEU A 97 0.09 -0.87 -8.64
C LEU A 97 1.33 -0.74 -7.75
N MET A 98 1.82 -1.87 -7.22
CA MET A 98 3.00 -1.85 -6.36
C MET A 98 4.10 -1.01 -6.97
N ASN A 99 4.34 -1.22 -8.26
CA ASN A 99 5.35 -0.45 -8.98
C ASN A 99 4.95 1.01 -9.01
N LYS A 100 3.64 1.25 -9.14
CA LYS A 100 3.12 2.61 -9.15
C LYS A 100 3.53 3.32 -7.86
N PHE A 101 3.60 2.56 -6.77
CA PHE A 101 4.00 3.10 -5.49
C PHE A 101 5.44 3.58 -5.54
N LYS A 102 6.30 2.78 -6.17
CA LYS A 102 7.71 3.14 -6.28
C LYS A 102 7.91 4.40 -7.11
N ASP A 103 7.45 4.37 -8.36
CA ASP A 103 7.58 5.52 -9.24
C ASP A 103 7.16 6.81 -8.53
N HIS A 104 6.09 6.70 -7.75
CA HIS A 104 5.59 7.84 -6.99
C HIS A 104 6.47 8.12 -5.78
N MET A 105 6.97 7.05 -5.15
CA MET A 105 7.84 7.20 -3.98
C MET A 105 9.08 8.02 -4.33
N GLN A 106 9.43 8.04 -5.61
CA GLN A 106 10.59 8.79 -6.07
C GLN A 106 10.19 10.22 -6.42
N LYS A 107 8.93 10.38 -6.84
CA LYS A 107 8.41 11.70 -7.21
C LYS A 107 8.02 12.50 -5.97
N GLN A 108 8.15 11.89 -4.80
CA GLN A 108 7.81 12.55 -3.56
C GLN A 108 9.07 12.83 -2.73
N ASN A 109 10.16 12.19 -3.13
CA ASN A 109 11.46 12.35 -2.47
C ASN A 109 11.57 11.54 -1.19
N ILE A 110 10.73 10.53 -1.04
CA ILE A 110 10.77 9.67 0.14
C ILE A 110 11.33 8.31 -0.25
N GLU A 111 12.52 7.99 0.27
CA GLU A 111 13.18 6.74 -0.08
C GLU A 111 12.87 5.61 0.90
N TYR A 112 12.47 5.94 2.12
CA TYR A 112 12.17 4.91 3.11
C TYR A 112 10.67 4.65 3.24
N LEU A 113 10.31 3.37 3.25
CA LEU A 113 8.91 2.95 3.39
C LEU A 113 8.76 2.07 4.62
N LEU A 114 7.52 1.79 5.03
CA LEU A 114 7.31 0.96 6.21
C LEU A 114 5.87 0.42 6.32
N THR A 115 5.73 -0.74 6.99
CA THR A 115 4.43 -1.38 7.21
C THR A 115 4.57 -2.60 8.10
N TYR A 116 3.44 -3.07 8.62
CA TYR A 116 3.40 -4.28 9.43
C TYR A 116 2.86 -5.41 8.56
N ALA A 117 3.56 -5.67 7.46
CA ALA A 117 3.15 -6.69 6.50
C ALA A 117 3.54 -8.10 6.95
N ASP A 118 2.62 -9.03 6.73
CA ASP A 118 2.85 -10.43 7.10
C ASP A 118 3.50 -11.20 5.94
N ASN A 119 3.59 -12.52 6.11
CA ASN A 119 4.19 -13.39 5.09
C ASN A 119 3.70 -13.05 3.68
N PHE A 120 2.39 -12.99 3.51
CA PHE A 120 1.79 -12.69 2.20
C PHE A 120 2.40 -11.42 1.58
N ALA A 121 2.49 -10.36 2.37
CA ALA A 121 3.04 -9.10 1.90
C ALA A 121 4.54 -9.18 1.88
N ILE A 122 5.09 -9.91 2.83
CA ILE A 122 6.52 -10.09 2.95
C ILE A 122 7.12 -10.52 1.61
N GLY A 123 6.87 -11.77 1.23
CA GLY A 123 7.37 -12.29 -0.02
C GLY A 123 6.97 -11.44 -1.20
N TYR A 124 5.71 -11.00 -1.22
CA TYR A 124 5.21 -10.17 -2.31
C TYR A 124 5.95 -8.85 -2.36
N PHE A 125 6.45 -8.40 -1.21
CA PHE A 125 7.17 -7.14 -1.14
C PHE A 125 8.60 -7.32 -1.62
N LYS A 126 9.26 -8.35 -1.14
CA LYS A 126 10.62 -8.65 -1.55
C LYS A 126 10.69 -8.97 -3.03
N LYS A 127 9.53 -9.17 -3.65
CA LYS A 127 9.46 -9.51 -5.07
C LYS A 127 9.26 -8.28 -5.96
N GLN A 128 8.52 -7.29 -5.47
CA GLN A 128 8.27 -6.08 -6.26
C GLN A 128 9.36 -5.03 -6.06
N GLY A 129 10.29 -5.29 -5.15
CA GLY A 129 11.36 -4.35 -4.90
C GLY A 129 11.52 -4.02 -3.43
N PHE A 130 10.44 -4.19 -2.67
CA PHE A 130 10.47 -3.92 -1.24
C PHE A 130 11.47 -4.83 -0.54
N THR A 131 11.70 -4.59 0.76
CA THR A 131 12.64 -5.40 1.52
C THR A 131 12.14 -5.64 2.94
N LYS A 132 11.80 -6.89 3.22
CA LYS A 132 11.32 -7.30 4.53
C LYS A 132 12.49 -7.50 5.50
N GLU A 133 13.68 -7.73 4.95
CA GLU A 133 14.89 -7.95 5.74
C GLU A 133 14.93 -7.03 6.97
N HIS A 134 15.54 -7.53 8.03
CA HIS A 134 15.66 -6.76 9.27
C HIS A 134 17.02 -6.06 9.37
N ARG A 135 18.00 -6.59 8.64
CA ARG A 135 19.35 -6.01 8.64
C ARG A 135 19.28 -4.50 8.44
N MET A 136 18.40 -4.06 7.55
CA MET A 136 18.23 -2.64 7.26
C MET A 136 18.06 -1.84 8.55
N PRO A 137 18.15 -0.50 8.46
CA PRO A 137 18.00 0.37 9.64
C PRO A 137 16.60 0.30 10.23
N GLN A 138 16.26 -0.87 10.77
CA GLN A 138 14.95 -1.08 11.38
C GLN A 138 14.71 -0.10 12.51
N GLU A 139 15.79 0.43 13.08
CA GLU A 139 15.70 1.38 14.19
C GLU A 139 14.77 2.54 13.84
N LYS A 140 14.65 2.82 12.55
CA LYS A 140 13.79 3.90 12.08
C LYS A 140 12.33 3.48 12.02
N TRP A 141 12.06 2.22 12.40
CA TRP A 141 10.70 1.69 12.40
C TRP A 141 9.74 2.64 13.12
N LYS A 142 10.24 3.29 14.18
CA LYS A 142 9.43 4.22 14.97
C LYS A 142 8.71 5.22 14.07
N GLY A 143 7.40 5.28 14.21
CA GLY A 143 6.59 6.19 13.40
C GLY A 143 5.25 5.60 13.05
N TYR A 144 5.26 4.46 12.37
CA TYR A 144 4.02 3.79 11.97
C TYR A 144 3.89 2.44 12.66
N ILE A 145 4.46 2.34 13.86
CA ILE A 145 4.42 1.10 14.63
C ILE A 145 3.43 1.21 15.78
N LYS A 146 3.14 0.07 16.42
CA LYS A 146 2.21 0.04 17.53
C LYS A 146 2.04 -1.41 18.03
N ASP A 147 1.93 -1.56 19.34
CA ASP A 147 1.77 -2.86 19.96
C ASP A 147 0.61 -3.63 19.34
N TYR A 148 0.88 -4.31 18.23
CA TYR A 148 -0.13 -5.09 17.54
C TYR A 148 0.51 -6.14 16.65
N ASP A 149 0.27 -7.41 16.96
CA ASP A 149 0.82 -8.52 16.19
C ASP A 149 -0.01 -8.79 14.94
N GLY A 150 0.27 -8.04 13.88
CA GLY A 150 -0.46 -8.21 12.63
C GLY A 150 0.37 -8.88 11.56
N GLY A 151 1.60 -8.40 11.38
CA GLY A 151 2.47 -8.96 10.37
C GLY A 151 3.93 -8.79 10.70
N THR A 152 4.61 -7.91 9.96
CA THR A 152 6.02 -7.66 10.18
C THR A 152 6.38 -6.23 9.78
N LEU A 153 7.25 -5.60 10.55
CA LEU A 153 7.66 -4.24 10.25
C LEU A 153 8.55 -4.21 9.01
N MET A 154 7.92 -4.32 7.86
CA MET A 154 8.64 -4.31 6.59
C MET A 154 9.15 -2.92 6.27
N GLU A 155 9.95 -2.81 5.22
CA GLU A 155 10.48 -1.52 4.81
C GLU A 155 10.96 -1.59 3.37
N CYS A 156 11.09 -0.45 2.73
CA CYS A 156 11.53 -0.40 1.34
C CYS A 156 12.49 0.77 1.08
N TYR A 157 13.40 0.57 0.15
CA TYR A 157 14.38 1.60 -0.21
C TYR A 157 14.19 2.03 -1.66
N ILE A 158 13.88 3.31 -1.87
CA ILE A 158 13.69 3.83 -3.21
C ILE A 158 15.01 4.21 -3.86
N HIS A 159 15.35 3.51 -4.94
CA HIS A 159 16.60 3.77 -5.64
C HIS A 159 16.40 4.79 -6.77
N PRO A 160 16.89 6.04 -6.58
CA PRO A 160 16.76 7.09 -7.58
C PRO A 160 17.65 6.87 -8.79
N TYR A 161 18.58 5.92 -8.68
CA TYR A 161 19.48 5.62 -9.79
C TYR A 161 18.85 4.68 -10.80
N VAL A 162 17.64 4.22 -10.52
CA VAL A 162 16.93 3.32 -11.43
C VAL A 162 15.93 4.07 -12.30
N ASP A 163 15.80 3.63 -13.54
CA ASP A 163 14.87 4.26 -14.47
C ASP A 163 13.51 3.58 -14.44
N TYR A 164 12.72 3.90 -13.43
CA TYR A 164 11.39 3.33 -13.28
C TYR A 164 10.48 3.73 -14.44
N GLY A 165 10.72 4.92 -14.99
CA GLY A 165 9.92 5.40 -16.10
C GLY A 165 9.32 6.76 -15.83
N ASN A 166 10.11 7.81 -16.01
CA ASN A 166 9.65 9.17 -15.79
C ASN A 166 9.78 10.01 -17.05
N MET A 1 -4.51 1.83 -25.24
CA MET A 1 -3.59 1.03 -24.40
C MET A 1 -4.19 -0.33 -24.04
N LYS A 2 -3.43 -1.39 -24.28
CA LYS A 2 -3.90 -2.74 -23.98
C LYS A 2 -4.15 -2.91 -22.48
N GLY A 3 -5.40 -2.69 -22.07
CA GLY A 3 -5.75 -2.83 -20.67
C GLY A 3 -7.07 -2.16 -20.34
N LEU A 4 -8.12 -2.96 -20.19
CA LEU A 4 -9.45 -2.44 -19.88
C LEU A 4 -9.51 -1.95 -18.43
N LEU A 5 -8.61 -2.46 -17.59
CA LEU A 5 -8.57 -2.09 -16.19
C LEU A 5 -8.60 -0.58 -16.01
N ASP A 6 -9.11 -0.13 -14.87
CA ASP A 6 -9.20 1.29 -14.58
C ASP A 6 -8.68 1.58 -13.17
N PHE A 7 -7.90 2.64 -13.04
CA PHE A 7 -7.35 3.02 -11.74
C PHE A 7 -7.95 4.34 -11.27
N ASP A 8 -7.98 4.53 -9.96
CA ASP A 8 -8.53 5.75 -9.38
C ASP A 8 -7.70 6.23 -8.20
N ILE A 9 -7.61 7.55 -8.04
CA ILE A 9 -6.85 8.13 -6.94
C ILE A 9 -7.72 9.07 -6.13
N LEU A 10 -8.10 8.63 -4.95
CA LEU A 10 -8.94 9.42 -4.06
C LEU A 10 -8.25 9.73 -2.74
N THR A 11 -8.96 10.45 -1.89
CA THR A 11 -8.43 10.84 -0.58
C THR A 11 -9.46 10.55 0.51
N ASN A 12 -9.13 10.95 1.73
CA ASN A 12 -10.04 10.75 2.85
C ASN A 12 -10.75 12.06 3.17
N ASP A 13 -11.19 12.73 2.11
CA ASP A 13 -11.90 14.00 2.24
C ASP A 13 -13.27 13.78 2.89
N GLY A 14 -13.75 12.54 2.84
CA GLY A 14 -15.04 12.23 3.42
C GLY A 14 -16.18 12.46 2.46
N THR A 15 -16.11 11.82 1.30
CA THR A 15 -17.15 11.96 0.28
C THR A 15 -17.90 10.64 0.08
N HIS A 16 -18.65 10.54 -1.01
CA HIS A 16 -19.41 9.33 -1.31
C HIS A 16 -18.57 8.34 -2.10
N ARG A 17 -18.24 8.69 -3.33
CA ARG A 17 -17.44 7.81 -4.19
C ARG A 17 -16.12 7.45 -3.54
N ASN A 18 -15.47 8.44 -2.91
CA ASN A 18 -14.19 8.22 -2.26
C ASN A 18 -14.31 7.13 -1.19
N MET A 19 -15.39 7.18 -0.42
CA MET A 19 -15.62 6.21 0.64
C MET A 19 -15.72 4.79 0.08
N LYS A 20 -16.72 4.57 -0.77
CA LYS A 20 -16.94 3.25 -1.37
C LYS A 20 -15.64 2.60 -1.82
N LEU A 21 -14.83 3.36 -2.55
CA LEU A 21 -13.55 2.85 -3.05
C LEU A 21 -12.56 2.62 -1.92
N LEU A 22 -12.22 3.68 -1.20
CA LEU A 22 -11.28 3.60 -0.09
C LEU A 22 -11.65 2.45 0.85
N ILE A 23 -12.94 2.17 0.98
CA ILE A 23 -13.40 1.09 1.83
C ILE A 23 -12.91 -0.25 1.32
N ASP A 24 -13.20 -0.52 0.05
CA ASP A 24 -12.79 -1.78 -0.58
C ASP A 24 -11.34 -2.10 -0.26
N LEU A 25 -10.44 -1.17 -0.57
CA LEU A 25 -9.01 -1.37 -0.31
C LEU A 25 -8.77 -1.82 1.12
N LYS A 26 -9.36 -1.11 2.07
CA LYS A 26 -9.19 -1.42 3.48
C LYS A 26 -9.69 -2.82 3.80
N ASN A 27 -10.87 -3.16 3.33
CA ASN A 27 -11.45 -4.47 3.58
C ASN A 27 -10.67 -5.56 2.86
N ILE A 28 -10.33 -5.32 1.60
CA ILE A 28 -9.58 -6.29 0.80
C ILE A 28 -8.37 -6.79 1.58
N PHE A 29 -7.50 -5.87 1.99
CA PHE A 29 -6.31 -6.26 2.75
C PHE A 29 -6.72 -6.95 4.04
N SER A 30 -7.25 -6.16 4.97
CA SER A 30 -7.70 -6.69 6.27
C SER A 30 -8.40 -8.04 6.12
N ARG A 31 -9.07 -8.23 4.99
CA ARG A 31 -9.78 -9.49 4.73
C ARG A 31 -8.79 -10.62 4.47
N GLN A 32 -8.15 -10.61 3.30
CA GLN A 32 -7.18 -11.63 2.95
C GLN A 32 -6.01 -11.62 3.94
N LEU A 33 -5.85 -10.49 4.64
CA LEU A 33 -4.79 -10.33 5.62
C LEU A 33 -5.33 -10.42 7.04
N PRO A 34 -5.65 -11.64 7.50
CA PRO A 34 -6.19 -11.86 8.85
C PRO A 34 -5.18 -11.53 9.95
N LYS A 35 -3.93 -11.86 9.70
CA LYS A 35 -2.86 -11.60 10.66
C LYS A 35 -2.74 -10.12 10.98
N MET A 36 -3.18 -9.28 10.03
CA MET A 36 -3.12 -7.84 10.21
C MET A 36 -4.46 -7.28 10.69
N PRO A 37 -4.51 -6.75 11.93
CA PRO A 37 -5.74 -6.19 12.50
C PRO A 37 -6.48 -5.29 11.52
N LYS A 38 -7.81 -5.42 11.51
CA LYS A 38 -8.64 -4.62 10.61
C LYS A 38 -8.46 -3.14 10.90
N GLU A 39 -8.38 -2.79 12.18
CA GLU A 39 -8.20 -1.40 12.59
C GLU A 39 -6.91 -0.83 12.02
N TYR A 40 -5.91 -1.69 11.84
CA TYR A 40 -4.63 -1.28 11.30
C TYR A 40 -4.80 -0.65 9.93
N ILE A 41 -5.12 -1.47 8.93
CA ILE A 41 -5.34 -0.97 7.57
C ILE A 41 -6.32 0.20 7.61
N VAL A 42 -7.29 0.10 8.53
CA VAL A 42 -8.27 1.15 8.71
C VAL A 42 -7.59 2.44 9.14
N LYS A 43 -6.67 2.31 10.09
CA LYS A 43 -5.93 3.45 10.59
C LYS A 43 -5.03 4.01 9.51
N LEU A 44 -4.30 3.13 8.82
CA LEU A 44 -3.41 3.54 7.75
C LEU A 44 -4.18 4.01 6.52
N VAL A 45 -5.34 3.40 6.28
CA VAL A 45 -6.17 3.76 5.13
C VAL A 45 -6.99 5.02 5.41
N PHE A 46 -7.47 5.15 6.65
CA PHE A 46 -8.28 6.30 7.03
C PHE A 46 -7.49 7.27 7.90
N ASP A 47 -6.17 7.19 7.84
CA ASP A 47 -5.30 8.07 8.63
C ASP A 47 -5.70 9.53 8.46
N ARG A 48 -5.04 10.42 9.18
CA ARG A 48 -5.33 11.85 9.12
C ARG A 48 -5.07 12.39 7.72
N HIS A 49 -6.04 12.20 6.83
CA HIS A 49 -5.92 12.68 5.45
C HIS A 49 -4.75 12.01 4.73
N HIS A 50 -4.96 11.66 3.46
CA HIS A 50 -3.93 11.01 2.67
C HIS A 50 -4.47 10.63 1.29
N GLU A 51 -3.58 10.11 0.44
CA GLU A 51 -3.96 9.71 -0.91
C GLU A 51 -4.23 8.21 -0.96
N SER A 52 -4.75 7.73 -2.08
CA SER A 52 -5.06 6.31 -2.23
C SER A 52 -5.36 5.95 -3.68
N MET A 53 -4.62 4.99 -4.20
CA MET A 53 -4.81 4.52 -5.57
C MET A 53 -5.54 3.18 -5.56
N VAL A 54 -6.59 3.07 -6.37
CA VAL A 54 -7.37 1.84 -6.41
C VAL A 54 -7.43 1.24 -7.81
N ILE A 55 -8.12 0.10 -7.88
CA ILE A 55 -8.33 -0.60 -9.13
C ILE A 55 -9.82 -0.71 -9.40
N LEU A 56 -10.19 -0.83 -10.65
CA LEU A 56 -11.60 -0.96 -11.02
C LEU A 56 -11.80 -2.04 -12.06
N LYS A 57 -12.42 -3.13 -11.64
CA LYS A 57 -12.69 -4.26 -12.52
C LYS A 57 -14.12 -4.21 -13.04
N ASN A 58 -14.47 -3.06 -13.63
CA ASN A 58 -15.78 -2.81 -14.20
C ASN A 58 -16.12 -1.32 -14.20
N LYS A 59 -15.07 -0.48 -14.14
CA LYS A 59 -15.22 0.98 -14.14
C LYS A 59 -15.45 1.51 -12.71
N GLN A 60 -16.11 0.73 -11.89
CA GLN A 60 -16.40 1.14 -10.53
C GLN A 60 -16.33 -0.06 -9.58
N LYS A 61 -15.98 -1.23 -10.12
CA LYS A 61 -15.89 -2.42 -9.31
C LYS A 61 -14.48 -2.60 -8.75
N VAL A 62 -14.24 -2.01 -7.59
CA VAL A 62 -12.94 -2.10 -6.94
C VAL A 62 -12.50 -3.56 -6.77
N ILE A 63 -11.21 -3.80 -6.96
CA ILE A 63 -10.67 -5.15 -6.81
C ILE A 63 -9.36 -5.11 -6.04
N GLY A 64 -8.50 -4.17 -6.43
CA GLY A 64 -7.23 -4.00 -5.76
C GLY A 64 -6.93 -2.53 -5.57
N GLY A 65 -5.72 -2.21 -5.12
CA GLY A 65 -5.37 -0.82 -4.93
C GLY A 65 -4.60 -0.57 -3.66
N ILE A 66 -3.68 0.39 -3.71
CA ILE A 66 -2.86 0.77 -2.57
C ILE A 66 -3.36 2.08 -1.97
N CYS A 67 -2.95 2.36 -0.74
CA CYS A 67 -3.36 3.60 -0.08
C CYS A 67 -2.24 4.14 0.82
N PHE A 68 -2.27 5.47 1.03
CA PHE A 68 -1.28 6.18 1.86
C PHE A 68 -0.08 6.61 1.00
N ARG A 69 1.02 7.01 1.65
CA ARG A 69 2.20 7.44 0.91
C ARG A 69 3.38 7.69 1.84
N GLN A 70 4.39 8.41 1.32
CA GLN A 70 5.59 8.69 2.09
C GLN A 70 5.53 10.05 2.77
N TYR A 71 6.44 10.23 3.74
CA TYR A 71 6.53 11.48 4.49
C TYR A 71 7.78 12.25 4.06
N LYS A 72 7.63 13.55 3.84
CA LYS A 72 8.73 14.40 3.39
C LYS A 72 9.59 14.91 4.54
N PRO A 73 9.01 15.70 5.48
CA PRO A 73 9.78 16.19 6.62
C PRO A 73 10.25 15.03 7.48
N GLN A 74 9.61 13.88 7.28
CA GLN A 74 9.94 12.68 8.01
C GLN A 74 11.03 11.89 7.29
N ARG A 75 11.16 12.08 5.98
CA ARG A 75 12.16 11.38 5.18
C ARG A 75 11.91 9.87 5.21
N PHE A 76 10.69 9.51 5.58
CA PHE A 76 10.29 8.12 5.65
C PHE A 76 8.90 7.95 5.07
N ALA A 77 8.45 6.72 4.89
CA ALA A 77 7.13 6.49 4.31
C ALA A 77 6.37 5.37 5.01
N GLU A 78 5.05 5.45 4.88
CA GLU A 78 4.16 4.44 5.43
C GLU A 78 3.08 4.15 4.41
N VAL A 79 2.68 2.90 4.27
CA VAL A 79 1.67 2.57 3.29
C VAL A 79 0.42 1.98 3.94
N ALA A 80 -0.74 2.44 3.49
CA ALA A 80 -2.00 1.93 4.01
C ALA A 80 -2.16 0.49 3.58
N PHE A 81 -1.50 0.17 2.44
CA PHE A 81 -1.47 -1.19 1.87
C PHE A 81 -2.25 -1.29 0.57
N LEU A 82 -1.82 -2.23 -0.26
CA LEU A 82 -2.46 -2.51 -1.52
C LEU A 82 -2.76 -3.98 -1.60
N ALA A 83 -3.74 -4.36 -2.40
CA ALA A 83 -4.09 -5.76 -2.53
C ALA A 83 -5.43 -6.00 -3.21
N VAL A 84 -5.43 -6.96 -4.10
CA VAL A 84 -6.61 -7.36 -4.83
C VAL A 84 -7.54 -8.17 -3.90
N THR A 85 -8.85 -8.11 -4.11
CA THR A 85 -9.78 -8.84 -3.23
C THR A 85 -9.62 -10.35 -3.38
N ALA A 86 -10.07 -11.06 -2.34
CA ALA A 86 -9.97 -12.53 -2.23
C ALA A 86 -9.90 -13.29 -3.55
N ASN A 87 -10.92 -14.08 -3.86
CA ASN A 87 -10.89 -14.90 -5.06
C ASN A 87 -10.94 -14.07 -6.32
N GLU A 88 -10.39 -12.87 -6.24
CA GLU A 88 -10.33 -11.99 -7.39
C GLU A 88 -8.90 -11.86 -7.88
N GLN A 89 -7.96 -12.13 -6.97
CA GLN A 89 -6.54 -12.06 -7.30
C GLN A 89 -6.12 -13.16 -8.26
N VAL A 90 -4.86 -13.61 -8.13
CA VAL A 90 -4.31 -14.66 -8.99
C VAL A 90 -4.67 -14.42 -10.45
N ARG A 91 -4.78 -13.15 -10.81
CA ARG A 91 -5.11 -12.76 -12.18
C ARG A 91 -4.03 -11.84 -12.76
N GLY A 92 -3.35 -11.10 -11.88
CA GLY A 92 -2.30 -10.19 -12.32
C GLY A 92 -2.76 -8.75 -12.41
N TYR A 93 -2.82 -8.07 -11.26
CA TYR A 93 -3.25 -6.67 -11.22
C TYR A 93 -2.39 -5.86 -10.26
N GLY A 94 -2.49 -6.20 -8.96
CA GLY A 94 -1.74 -5.50 -7.93
C GLY A 94 -0.32 -5.16 -8.33
N THR A 95 0.30 -6.00 -9.17
CA THR A 95 1.68 -5.77 -9.61
C THR A 95 1.84 -4.37 -10.20
N ARG A 96 1.09 -4.09 -11.26
CA ARG A 96 1.15 -2.79 -11.91
C ARG A 96 0.91 -1.67 -10.89
N LEU A 97 0.19 -2.00 -9.82
CA LEU A 97 -0.10 -1.04 -8.78
C LEU A 97 1.10 -0.88 -7.84
N MET A 98 1.59 -2.01 -7.31
CA MET A 98 2.75 -1.99 -6.41
C MET A 98 3.85 -1.11 -6.98
N ASN A 99 4.14 -1.30 -8.26
CA ASN A 99 5.16 -0.49 -8.92
C ASN A 99 4.73 0.98 -8.94
N LYS A 100 3.43 1.20 -9.13
CA LYS A 100 2.89 2.55 -9.15
C LYS A 100 3.24 3.26 -7.84
N PHE A 101 3.27 2.50 -6.76
CA PHE A 101 3.61 3.03 -5.45
C PHE A 101 5.06 3.49 -5.43
N LYS A 102 5.95 2.66 -6.01
CA LYS A 102 7.37 2.99 -6.05
C LYS A 102 7.60 4.28 -6.83
N ASP A 103 7.08 4.33 -8.05
CA ASP A 103 7.22 5.51 -8.89
C ASP A 103 6.86 6.76 -8.10
N HIS A 104 5.92 6.60 -7.17
CA HIS A 104 5.47 7.70 -6.32
C HIS A 104 6.51 7.99 -5.24
N MET A 105 6.98 6.94 -4.58
CA MET A 105 7.98 7.09 -3.53
C MET A 105 9.21 7.86 -4.03
N GLN A 106 9.42 7.82 -5.34
CA GLN A 106 10.55 8.51 -5.94
C GLN A 106 10.21 9.96 -6.25
N LYS A 107 8.95 10.22 -6.59
CA LYS A 107 8.51 11.58 -6.90
C LYS A 107 8.77 12.51 -5.73
N GLN A 108 8.46 12.05 -4.52
CA GLN A 108 8.70 12.81 -3.32
C GLN A 108 10.12 12.60 -2.87
N ASN A 109 10.69 11.49 -3.34
CA ASN A 109 12.05 11.12 -3.06
C ASN A 109 12.23 10.67 -1.61
N ILE A 110 11.26 9.94 -1.09
CA ILE A 110 11.33 9.44 0.27
C ILE A 110 12.08 8.11 0.33
N GLU A 111 13.31 8.16 0.82
CA GLU A 111 14.17 6.98 0.89
C GLU A 111 13.62 5.91 1.82
N TYR A 112 13.05 6.30 2.96
CA TYR A 112 12.53 5.32 3.91
C TYR A 112 11.05 4.99 3.68
N LEU A 113 10.71 3.72 3.93
CA LEU A 113 9.34 3.23 3.79
C LEU A 113 9.08 2.21 4.90
N LEU A 114 7.80 2.00 5.27
CA LEU A 114 7.51 1.06 6.35
C LEU A 114 6.06 0.57 6.38
N THR A 115 5.84 -0.56 7.06
CA THR A 115 4.52 -1.17 7.22
C THR A 115 4.63 -2.51 7.95
N TYR A 116 3.51 -2.97 8.50
CA TYR A 116 3.46 -4.26 9.17
C TYR A 116 2.77 -5.26 8.24
N ALA A 117 3.55 -5.89 7.36
CA ALA A 117 2.99 -6.82 6.38
C ALA A 117 3.19 -8.28 6.77
N ASP A 118 2.29 -9.14 6.27
CA ASP A 118 2.37 -10.56 6.55
C ASP A 118 3.00 -11.32 5.39
N ASN A 119 3.09 -12.64 5.54
CA ASN A 119 3.68 -13.51 4.52
C ASN A 119 3.24 -13.14 3.10
N PHE A 120 1.94 -13.01 2.90
CA PHE A 120 1.40 -12.67 1.58
C PHE A 120 2.03 -11.39 1.03
N ALA A 121 2.20 -10.41 1.92
CA ALA A 121 2.79 -9.14 1.54
C ALA A 121 4.30 -9.25 1.51
N ILE A 122 4.82 -10.08 2.40
CA ILE A 122 6.24 -10.33 2.49
C ILE A 122 6.81 -10.68 1.12
N GLY A 123 6.45 -11.86 0.64
CA GLY A 123 6.91 -12.32 -0.65
C GLY A 123 6.55 -11.35 -1.76
N TYR A 124 5.33 -10.84 -1.74
CA TYR A 124 4.88 -9.90 -2.76
C TYR A 124 5.71 -8.62 -2.70
N PHE A 125 6.22 -8.30 -1.52
CA PHE A 125 7.03 -7.11 -1.33
C PHE A 125 8.45 -7.35 -1.82
N LYS A 126 9.02 -8.49 -1.44
CA LYS A 126 10.37 -8.85 -1.85
C LYS A 126 10.42 -9.21 -3.33
N LYS A 127 9.26 -9.21 -3.99
CA LYS A 127 9.19 -9.56 -5.40
C LYS A 127 9.03 -8.31 -6.29
N GLN A 128 8.39 -7.27 -5.76
CA GLN A 128 8.19 -6.05 -6.54
C GLN A 128 9.30 -5.03 -6.29
N GLY A 129 10.17 -5.31 -5.33
CA GLY A 129 11.26 -4.39 -5.05
C GLY A 129 11.42 -4.13 -3.56
N PHE A 130 10.32 -4.31 -2.82
CA PHE A 130 10.34 -4.11 -1.37
C PHE A 130 11.26 -5.11 -0.70
N THR A 131 11.42 -4.98 0.61
CA THR A 131 12.29 -5.89 1.35
C THR A 131 11.79 -6.09 2.78
N LYS A 132 11.30 -7.30 3.05
CA LYS A 132 10.80 -7.65 4.38
C LYS A 132 11.97 -7.88 5.34
N GLU A 133 13.13 -8.22 4.79
CA GLU A 133 14.33 -8.49 5.59
C GLU A 133 14.49 -7.47 6.70
N HIS A 134 15.32 -7.80 7.68
CA HIS A 134 15.56 -6.92 8.82
C HIS A 134 16.81 -6.05 8.59
N ARG A 135 17.16 -5.83 7.32
CA ARG A 135 18.31 -5.02 6.98
C ARG A 135 18.21 -3.65 7.65
N MET A 136 16.99 -3.18 7.79
CA MET A 136 16.73 -1.89 8.42
C MET A 136 15.86 -2.07 9.66
N PRO A 137 16.48 -2.17 10.86
CA PRO A 137 15.75 -2.35 12.11
C PRO A 137 14.54 -1.44 12.24
N GLN A 138 13.78 -1.63 13.32
CA GLN A 138 12.59 -0.84 13.56
C GLN A 138 12.92 0.40 14.41
N GLU A 139 14.13 0.92 14.24
CA GLU A 139 14.57 2.09 15.00
C GLU A 139 13.79 3.34 14.56
N LYS A 140 13.81 3.62 13.26
CA LYS A 140 13.09 4.76 12.72
C LYS A 140 11.62 4.43 12.49
N TRP A 141 11.20 3.25 12.95
CA TRP A 141 9.83 2.80 12.80
C TRP A 141 8.86 3.70 13.58
N LYS A 142 8.88 3.57 14.91
CA LYS A 142 8.03 4.36 15.81
C LYS A 142 6.77 4.88 15.10
N GLY A 143 5.79 4.01 14.91
CA GLY A 143 4.56 4.39 14.25
C GLY A 143 3.55 3.26 14.21
N TYR A 144 3.87 2.22 13.45
CA TYR A 144 2.99 1.07 13.33
C TYR A 144 3.67 -0.18 13.87
N ILE A 145 4.20 -0.07 15.07
CA ILE A 145 4.90 -1.19 15.70
C ILE A 145 4.02 -1.87 16.75
N LYS A 146 4.34 -3.11 17.07
CA LYS A 146 3.59 -3.87 18.05
C LYS A 146 4.33 -5.14 18.44
N ASP A 147 4.37 -5.42 19.72
CA ASP A 147 5.06 -6.60 20.25
C ASP A 147 4.44 -7.88 19.67
N TYR A 148 4.86 -8.22 18.46
CA TYR A 148 4.36 -9.43 17.80
C TYR A 148 2.85 -9.34 17.57
N ASP A 149 2.46 -8.71 16.47
CA ASP A 149 1.05 -8.56 16.14
C ASP A 149 0.87 -7.79 14.84
N GLY A 150 0.18 -8.40 13.89
CA GLY A 150 -0.04 -7.76 12.60
C GLY A 150 0.58 -8.53 11.46
N GLY A 151 1.84 -8.90 11.62
CA GLY A 151 2.54 -9.64 10.59
C GLY A 151 4.05 -9.53 10.71
N THR A 152 4.64 -8.65 9.91
CA THR A 152 6.09 -8.45 9.94
C THR A 152 6.41 -7.00 9.68
N LEU A 153 7.47 -6.50 10.31
CA LEU A 153 7.87 -5.11 10.14
C LEU A 153 8.45 -4.89 8.74
N MET A 154 7.56 -4.76 7.77
CA MET A 154 7.93 -4.53 6.39
C MET A 154 8.77 -3.27 6.26
N GLU A 155 9.75 -3.30 5.37
CA GLU A 155 10.61 -2.14 5.15
C GLU A 155 11.05 -2.05 3.69
N CYS A 156 11.46 -0.87 3.28
CA CYS A 156 11.90 -0.66 1.90
C CYS A 156 12.65 0.65 1.76
N TYR A 157 13.72 0.64 0.97
CA TYR A 157 14.53 1.83 0.76
C TYR A 157 14.45 2.28 -0.70
N ILE A 158 14.19 3.58 -0.90
CA ILE A 158 14.09 4.13 -2.25
C ILE A 158 15.43 4.74 -2.68
N HIS A 159 15.69 4.68 -3.98
CA HIS A 159 16.93 5.23 -4.53
C HIS A 159 16.66 6.02 -5.81
N PRO A 160 16.97 7.34 -5.81
CA PRO A 160 16.74 8.20 -6.97
C PRO A 160 17.68 7.88 -8.13
N TYR A 161 18.72 7.09 -7.86
CA TYR A 161 19.69 6.72 -8.87
C TYR A 161 19.00 6.07 -10.08
N VAL A 162 17.93 5.34 -9.81
CA VAL A 162 17.18 4.67 -10.87
C VAL A 162 16.08 5.58 -11.42
N ASP A 163 15.63 5.28 -12.63
CA ASP A 163 14.59 6.07 -13.27
C ASP A 163 13.28 5.29 -13.35
N TYR A 164 12.53 5.29 -12.25
CA TYR A 164 11.27 4.57 -12.18
C TYR A 164 10.26 5.14 -13.19
N GLY A 165 10.25 6.45 -13.33
CA GLY A 165 9.34 7.09 -14.25
C GLY A 165 9.08 8.55 -13.91
N ASN A 166 10.14 9.30 -13.70
CA ASN A 166 10.02 10.72 -13.36
C ASN A 166 10.04 11.59 -14.61
N MET A 1 -6.74 -3.63 -26.51
CA MET A 1 -6.27 -4.43 -25.36
C MET A 1 -5.21 -3.68 -24.56
N LYS A 2 -5.64 -2.67 -23.82
CA LYS A 2 -4.73 -1.87 -23.00
C LYS A 2 -4.93 -2.15 -21.52
N GLY A 3 -6.17 -2.42 -21.14
CA GLY A 3 -6.48 -2.71 -19.75
C GLY A 3 -7.96 -2.90 -19.50
N LEU A 4 -8.33 -4.05 -18.96
CA LEU A 4 -9.72 -4.37 -18.68
C LEU A 4 -10.22 -3.61 -17.45
N LEU A 5 -9.28 -3.25 -16.57
CA LEU A 5 -9.62 -2.52 -15.35
C LEU A 5 -9.33 -1.03 -15.50
N ASP A 6 -9.52 -0.31 -14.41
CA ASP A 6 -9.28 1.12 -14.38
C ASP A 6 -8.77 1.53 -13.01
N PHE A 7 -7.75 2.39 -12.99
CA PHE A 7 -7.18 2.86 -11.74
C PHE A 7 -7.73 4.22 -11.36
N ASP A 8 -7.81 4.47 -10.05
CA ASP A 8 -8.33 5.74 -9.55
C ASP A 8 -7.50 6.24 -8.38
N ILE A 9 -7.24 7.54 -8.35
CA ILE A 9 -6.46 8.14 -7.28
C ILE A 9 -7.31 9.11 -6.46
N LEU A 10 -7.68 8.66 -5.26
CA LEU A 10 -8.51 9.47 -4.39
C LEU A 10 -7.84 9.71 -3.04
N THR A 11 -8.54 10.43 -2.18
CA THR A 11 -8.05 10.74 -0.84
C THR A 11 -9.13 10.50 0.20
N ASN A 12 -8.79 10.72 1.46
CA ASN A 12 -9.75 10.55 2.54
C ASN A 12 -10.34 11.89 2.92
N ASP A 13 -10.69 12.66 1.90
CA ASP A 13 -11.27 13.98 2.11
C ASP A 13 -12.63 13.87 2.79
N GLY A 14 -13.23 12.68 2.69
CA GLY A 14 -14.53 12.45 3.30
C GLY A 14 -15.68 12.55 2.30
N THR A 15 -15.36 12.36 1.02
CA THR A 15 -16.38 12.43 -0.03
C THR A 15 -17.20 11.15 -0.06
N HIS A 16 -17.92 10.95 -1.15
CA HIS A 16 -18.75 9.75 -1.32
C HIS A 16 -18.04 8.71 -2.18
N ARG A 17 -17.68 9.09 -3.40
CA ARG A 17 -17.00 8.19 -4.32
C ARG A 17 -15.71 7.66 -3.72
N ASN A 18 -14.94 8.56 -3.09
CA ASN A 18 -13.67 8.18 -2.48
C ASN A 18 -13.88 7.15 -1.39
N MET A 19 -14.98 7.30 -0.64
CA MET A 19 -15.30 6.39 0.44
C MET A 19 -15.54 4.97 -0.08
N LYS A 20 -16.55 4.81 -0.93
CA LYS A 20 -16.90 3.51 -1.50
C LYS A 20 -15.66 2.74 -1.95
N LEU A 21 -14.84 3.39 -2.77
CA LEU A 21 -13.62 2.78 -3.28
C LEU A 21 -12.62 2.52 -2.15
N LEU A 22 -12.21 3.58 -1.47
CA LEU A 22 -11.26 3.47 -0.36
C LEU A 22 -11.68 2.39 0.61
N ILE A 23 -12.98 2.24 0.84
CA ILE A 23 -13.50 1.23 1.75
C ILE A 23 -13.09 -0.16 1.29
N ASP A 24 -13.39 -0.47 0.03
CA ASP A 24 -13.06 -1.76 -0.54
C ASP A 24 -11.62 -2.15 -0.22
N LEU A 25 -10.68 -1.27 -0.55
CA LEU A 25 -9.26 -1.54 -0.30
C LEU A 25 -9.02 -1.96 1.14
N LYS A 26 -9.57 -1.20 2.07
CA LYS A 26 -9.41 -1.48 3.49
C LYS A 26 -9.88 -2.89 3.83
N ASN A 27 -11.05 -3.26 3.34
CA ASN A 27 -11.60 -4.57 3.61
C ASN A 27 -10.81 -5.65 2.88
N ILE A 28 -10.43 -5.38 1.63
CA ILE A 28 -9.66 -6.32 0.84
C ILE A 28 -8.47 -6.84 1.63
N PHE A 29 -7.60 -5.93 2.06
CA PHE A 29 -6.43 -6.32 2.84
C PHE A 29 -6.86 -7.05 4.10
N SER A 30 -7.40 -6.30 5.05
CA SER A 30 -7.87 -6.86 6.32
C SER A 30 -8.58 -8.20 6.11
N ARG A 31 -9.28 -8.34 5.00
CA ARG A 31 -9.99 -9.58 4.70
C ARG A 31 -9.00 -10.74 4.52
N GLN A 32 -8.26 -10.72 3.42
CA GLN A 32 -7.28 -11.76 3.16
C GLN A 32 -6.20 -11.76 4.24
N LEU A 33 -6.08 -10.63 4.95
CA LEU A 33 -5.10 -10.49 6.02
C LEU A 33 -5.79 -10.60 7.38
N PRO A 34 -6.09 -11.83 7.82
CA PRO A 34 -6.75 -12.07 9.11
C PRO A 34 -5.97 -11.51 10.29
N LYS A 35 -4.70 -11.88 10.37
CA LYS A 35 -3.84 -11.41 11.46
C LYS A 35 -3.77 -9.88 11.50
N MET A 36 -4.08 -9.25 10.38
CA MET A 36 -4.05 -7.79 10.29
C MET A 36 -5.34 -7.18 10.84
N PRO A 37 -5.24 -6.45 11.97
CA PRO A 37 -6.41 -5.80 12.59
C PRO A 37 -7.10 -4.83 11.64
N LYS A 38 -8.42 -4.91 11.58
CA LYS A 38 -9.20 -4.04 10.70
C LYS A 38 -8.85 -2.57 10.95
N GLU A 39 -8.73 -2.21 12.23
CA GLU A 39 -8.41 -0.84 12.61
C GLU A 39 -7.06 -0.42 12.04
N TYR A 40 -6.16 -1.38 11.87
CA TYR A 40 -4.84 -1.09 11.31
C TYR A 40 -4.95 -0.50 9.91
N ILE A 41 -5.37 -1.33 8.95
CA ILE A 41 -5.54 -0.85 7.58
C ILE A 41 -6.42 0.39 7.57
N VAL A 42 -7.41 0.39 8.45
CA VAL A 42 -8.32 1.52 8.57
C VAL A 42 -7.54 2.76 9.01
N LYS A 43 -6.65 2.55 9.98
CA LYS A 43 -5.83 3.62 10.49
C LYS A 43 -4.85 4.11 9.42
N LEU A 44 -4.20 3.16 8.75
CA LEU A 44 -3.24 3.50 7.70
C LEU A 44 -3.94 3.97 6.43
N VAL A 45 -5.14 3.46 6.19
CA VAL A 45 -5.90 3.85 5.00
C VAL A 45 -6.71 5.13 5.24
N PHE A 46 -7.13 5.34 6.48
CA PHE A 46 -7.91 6.53 6.83
C PHE A 46 -7.17 7.41 7.83
N ASP A 47 -5.84 7.31 7.84
CA ASP A 47 -5.03 8.10 8.75
C ASP A 47 -5.19 9.60 8.47
N ARG A 48 -6.25 10.19 9.01
CA ARG A 48 -6.52 11.61 8.82
C ARG A 48 -6.76 11.94 7.34
N HIS A 49 -5.67 12.05 6.59
CA HIS A 49 -5.77 12.37 5.17
C HIS A 49 -4.58 11.81 4.40
N HIS A 50 -4.81 10.76 3.62
CA HIS A 50 -3.75 10.14 2.84
C HIS A 50 -4.20 9.87 1.41
N GLU A 51 -3.24 9.77 0.49
CA GLU A 51 -3.54 9.50 -0.90
C GLU A 51 -3.68 8.00 -1.13
N SER A 52 -4.17 7.63 -2.31
CA SER A 52 -4.35 6.21 -2.60
C SER A 52 -4.66 5.97 -4.08
N MET A 53 -4.47 4.74 -4.51
CA MET A 53 -4.74 4.34 -5.88
C MET A 53 -5.41 2.98 -5.90
N VAL A 54 -6.63 2.92 -6.43
CA VAL A 54 -7.39 1.67 -6.47
C VAL A 54 -7.48 1.08 -7.87
N ILE A 55 -8.12 -0.07 -7.95
CA ILE A 55 -8.35 -0.75 -9.21
C ILE A 55 -9.84 -0.93 -9.43
N LEU A 56 -10.23 -0.99 -10.69
CA LEU A 56 -11.63 -1.18 -11.03
C LEU A 56 -11.76 -2.17 -12.18
N LYS A 57 -12.15 -3.38 -11.85
CA LYS A 57 -12.31 -4.44 -12.84
C LYS A 57 -13.69 -4.38 -13.47
N ASN A 58 -14.02 -3.19 -13.98
CA ASN A 58 -15.30 -2.92 -14.65
C ASN A 58 -15.63 -1.43 -14.58
N LYS A 59 -14.60 -0.59 -14.43
CA LYS A 59 -14.77 0.86 -14.35
C LYS A 59 -15.10 1.32 -12.94
N GLN A 60 -15.75 0.45 -12.15
CA GLN A 60 -16.13 0.80 -10.80
C GLN A 60 -16.07 -0.43 -9.91
N LYS A 61 -15.69 -1.57 -10.48
CA LYS A 61 -15.61 -2.79 -9.72
C LYS A 61 -14.28 -2.92 -9.01
N VAL A 62 -14.19 -2.35 -7.81
CA VAL A 62 -12.96 -2.39 -7.03
C VAL A 62 -12.49 -3.84 -6.84
N ILE A 63 -11.18 -4.04 -6.99
CA ILE A 63 -10.61 -5.37 -6.83
C ILE A 63 -9.28 -5.28 -6.09
N GLY A 64 -8.46 -4.33 -6.49
CA GLY A 64 -7.18 -4.11 -5.86
C GLY A 64 -6.97 -2.64 -5.56
N GLY A 65 -5.78 -2.29 -5.10
CA GLY A 65 -5.52 -0.90 -4.80
C GLY A 65 -4.62 -0.72 -3.60
N ILE A 66 -3.84 0.36 -3.62
CA ILE A 66 -2.93 0.67 -2.53
C ILE A 66 -3.10 2.10 -2.07
N CYS A 67 -3.05 2.29 -0.76
CA CYS A 67 -3.16 3.62 -0.18
C CYS A 67 -1.92 3.89 0.66
N PHE A 68 -1.53 5.16 0.82
CA PHE A 68 -0.33 5.46 1.59
C PHE A 68 -0.08 6.97 1.71
N ARG A 69 1.07 7.29 2.31
CA ARG A 69 1.50 8.67 2.51
C ARG A 69 2.89 8.67 3.15
N GLN A 70 3.86 9.23 2.46
CA GLN A 70 5.21 9.27 2.97
C GLN A 70 5.47 10.49 3.86
N TYR A 71 6.46 10.36 4.74
CA TYR A 71 6.83 11.43 5.66
C TYR A 71 8.08 12.13 5.14
N LYS A 72 8.05 13.46 5.11
CA LYS A 72 9.18 14.26 4.63
C LYS A 72 10.10 14.66 5.77
N PRO A 73 9.61 15.43 6.76
CA PRO A 73 10.43 15.81 7.91
C PRO A 73 11.01 14.56 8.55
N GLN A 74 10.35 13.43 8.30
CA GLN A 74 10.78 12.15 8.82
C GLN A 74 11.76 11.46 7.86
N ARG A 75 11.48 11.57 6.56
CA ARG A 75 12.32 10.95 5.53
C ARG A 75 11.94 9.48 5.33
N PHE A 76 10.82 9.11 5.90
CA PHE A 76 10.30 7.75 5.79
C PHE A 76 8.86 7.79 5.33
N ALA A 77 8.31 6.63 4.99
CA ALA A 77 6.93 6.57 4.52
C ALA A 77 6.19 5.35 5.04
N GLU A 78 4.90 5.50 5.25
CA GLU A 78 4.05 4.41 5.72
C GLU A 78 3.01 4.10 4.65
N VAL A 79 2.77 2.83 4.40
CA VAL A 79 1.79 2.47 3.36
C VAL A 79 0.50 1.92 3.96
N ALA A 80 -0.62 2.42 3.45
CA ALA A 80 -1.92 1.96 3.91
C ALA A 80 -2.04 0.47 3.67
N PHE A 81 -1.50 0.04 2.52
CA PHE A 81 -1.46 -1.37 2.10
C PHE A 81 -2.03 -1.58 0.71
N LEU A 82 -1.41 -2.52 0.01
CA LEU A 82 -1.80 -2.87 -1.36
C LEU A 82 -2.31 -4.30 -1.37
N ALA A 83 -3.35 -4.58 -2.15
CA ALA A 83 -3.87 -5.94 -2.21
C ALA A 83 -5.23 -6.07 -2.91
N VAL A 84 -5.30 -7.11 -3.73
CA VAL A 84 -6.49 -7.46 -4.48
C VAL A 84 -7.43 -8.29 -3.59
N THR A 85 -8.75 -8.21 -3.82
CA THR A 85 -9.70 -8.95 -3.00
C THR A 85 -9.51 -10.47 -3.16
N ALA A 86 -9.99 -11.21 -2.15
CA ALA A 86 -9.87 -12.67 -2.07
C ALA A 86 -9.76 -13.41 -3.40
N ASN A 87 -10.76 -14.23 -3.72
CA ASN A 87 -10.70 -15.03 -4.93
C ASN A 87 -10.76 -14.18 -6.19
N GLU A 88 -10.22 -12.97 -6.10
CA GLU A 88 -10.17 -12.08 -7.22
C GLU A 88 -8.73 -11.93 -7.69
N GLN A 89 -7.79 -12.17 -6.77
CA GLN A 89 -6.38 -12.06 -7.09
C GLN A 89 -5.93 -13.13 -8.09
N VAL A 90 -4.67 -13.56 -7.99
CA VAL A 90 -4.11 -14.57 -8.88
C VAL A 90 -4.49 -14.31 -10.33
N ARG A 91 -4.64 -13.02 -10.66
CA ARG A 91 -5.00 -12.62 -12.02
C ARG A 91 -3.92 -11.72 -12.62
N GLY A 92 -3.21 -10.99 -11.77
CA GLY A 92 -2.16 -10.10 -12.23
C GLY A 92 -2.62 -8.68 -12.39
N TYR A 93 -2.79 -7.98 -11.27
CA TYR A 93 -3.25 -6.58 -11.29
C TYR A 93 -2.45 -5.74 -10.29
N GLY A 94 -2.51 -6.15 -9.02
CA GLY A 94 -1.82 -5.41 -7.97
C GLY A 94 -0.39 -5.02 -8.34
N THR A 95 0.28 -5.87 -9.13
CA THR A 95 1.65 -5.60 -9.55
C THR A 95 1.78 -4.20 -10.14
N ARG A 96 1.00 -3.91 -11.18
CA ARG A 96 1.02 -2.61 -11.81
C ARG A 96 0.81 -1.51 -10.79
N LEU A 97 0.13 -1.85 -9.69
CA LEU A 97 -0.15 -0.91 -8.62
C LEU A 97 1.07 -0.75 -7.71
N MET A 98 1.60 -1.89 -7.22
CA MET A 98 2.77 -1.86 -6.35
C MET A 98 3.85 -0.96 -6.93
N ASN A 99 4.12 -1.12 -8.22
CA ASN A 99 5.11 -0.29 -8.89
C ASN A 99 4.64 1.16 -8.92
N LYS A 100 3.33 1.34 -9.05
CA LYS A 100 2.74 2.66 -9.06
C LYS A 100 3.03 3.37 -7.74
N PHE A 101 3.17 2.58 -6.67
CA PHE A 101 3.46 3.11 -5.35
C PHE A 101 4.89 3.64 -5.33
N LYS A 102 5.80 2.92 -5.97
CA LYS A 102 7.21 3.33 -6.02
C LYS A 102 7.37 4.63 -6.81
N ASP A 103 6.79 4.67 -8.00
CA ASP A 103 6.86 5.85 -8.84
C ASP A 103 6.44 7.08 -8.05
N HIS A 104 5.43 6.91 -7.20
CA HIS A 104 4.93 8.00 -6.38
C HIS A 104 5.89 8.30 -5.23
N MET A 105 6.49 7.25 -4.67
CA MET A 105 7.44 7.41 -3.57
C MET A 105 8.58 8.33 -3.99
N GLN A 106 8.94 8.27 -5.26
CA GLN A 106 10.01 9.10 -5.79
C GLN A 106 9.51 10.52 -6.03
N LYS A 107 8.22 10.65 -6.36
CA LYS A 107 7.61 11.95 -6.60
C LYS A 107 7.38 12.71 -5.30
N GLN A 108 7.61 12.03 -4.18
CA GLN A 108 7.42 12.64 -2.87
C GLN A 108 8.78 12.90 -2.21
N ASN A 109 9.81 12.26 -2.76
CA ASN A 109 11.16 12.40 -2.27
C ASN A 109 11.38 11.63 -0.98
N ILE A 110 10.56 10.62 -0.73
CA ILE A 110 10.70 9.81 0.47
C ILE A 110 11.27 8.44 0.13
N GLU A 111 12.53 8.24 0.48
CA GLU A 111 13.23 6.99 0.18
C GLU A 111 12.84 5.86 1.13
N TYR A 112 12.64 6.19 2.40
CA TYR A 112 12.30 5.15 3.38
C TYR A 112 10.80 4.82 3.37
N LEU A 113 10.50 3.54 3.45
CA LEU A 113 9.12 3.05 3.48
C LEU A 113 8.97 2.06 4.64
N LEU A 114 7.76 1.90 5.16
CA LEU A 114 7.56 1.00 6.30
C LEU A 114 6.11 0.53 6.46
N THR A 115 5.96 -0.68 7.02
CA THR A 115 4.66 -1.29 7.29
C THR A 115 4.84 -2.61 8.04
N TYR A 116 3.72 -3.23 8.38
CA TYR A 116 3.72 -4.52 9.05
C TYR A 116 2.91 -5.48 8.18
N ALA A 117 3.58 -6.13 7.23
CA ALA A 117 2.88 -7.03 6.29
C ALA A 117 3.01 -8.49 6.66
N ASP A 118 2.24 -9.34 5.99
CA ASP A 118 2.27 -10.78 6.24
C ASP A 118 3.16 -11.51 5.25
N ASN A 119 3.29 -12.83 5.43
CA ASN A 119 4.11 -13.66 4.57
C ASN A 119 3.72 -13.51 3.10
N PHE A 120 2.44 -13.29 2.84
CA PHE A 120 1.96 -13.12 1.47
C PHE A 120 2.50 -11.84 0.87
N ALA A 121 2.63 -10.82 1.72
CA ALA A 121 3.16 -9.53 1.29
C ALA A 121 4.67 -9.57 1.29
N ILE A 122 5.21 -10.39 2.17
CA ILE A 122 6.65 -10.58 2.29
C ILE A 122 7.24 -10.88 0.91
N GLY A 123 6.96 -12.07 0.42
CA GLY A 123 7.45 -12.47 -0.89
C GLY A 123 7.00 -11.51 -1.97
N TYR A 124 5.73 -11.11 -1.94
CA TYR A 124 5.19 -10.18 -2.92
C TYR A 124 5.99 -8.88 -2.90
N PHE A 125 6.41 -8.47 -1.70
CA PHE A 125 7.18 -7.25 -1.54
C PHE A 125 8.61 -7.47 -2.06
N LYS A 126 9.16 -8.63 -1.76
CA LYS A 126 10.51 -8.97 -2.21
C LYS A 126 10.55 -9.25 -3.72
N LYS A 127 9.39 -9.18 -4.37
CA LYS A 127 9.31 -9.43 -5.80
C LYS A 127 9.14 -8.15 -6.61
N GLN A 128 8.51 -7.14 -6.02
CA GLN A 128 8.30 -5.87 -6.73
C GLN A 128 9.43 -4.88 -6.45
N GLY A 129 10.29 -5.21 -5.49
CA GLY A 129 11.39 -4.33 -5.17
C GLY A 129 11.52 -4.07 -3.68
N PHE A 130 10.46 -4.37 -2.95
CA PHE A 130 10.44 -4.17 -1.51
C PHE A 130 11.28 -5.23 -0.80
N THR A 131 11.51 -5.05 0.49
CA THR A 131 12.30 -6.01 1.26
C THR A 131 11.78 -6.13 2.69
N LYS A 132 11.34 -7.34 3.05
CA LYS A 132 10.82 -7.61 4.38
C LYS A 132 11.92 -8.12 5.30
N GLU A 133 13.01 -8.62 4.72
CA GLU A 133 14.12 -9.16 5.50
C GLU A 133 14.40 -8.32 6.75
N HIS A 134 14.69 -9.00 7.85
CA HIS A 134 14.97 -8.33 9.11
C HIS A 134 16.28 -7.55 9.04
N ARG A 135 16.19 -6.25 9.26
CA ARG A 135 17.37 -5.39 9.22
C ARG A 135 17.40 -4.47 10.45
N MET A 136 16.48 -3.51 10.48
CA MET A 136 16.40 -2.58 11.59
C MET A 136 15.09 -2.78 12.36
N PRO A 137 15.16 -2.92 13.70
CA PRO A 137 13.97 -3.11 14.53
C PRO A 137 12.89 -2.07 14.27
N GLN A 138 11.77 -2.20 14.97
CA GLN A 138 10.65 -1.27 14.81
C GLN A 138 10.74 -0.15 15.85
N GLU A 139 11.95 0.35 16.08
CA GLU A 139 12.18 1.41 17.06
C GLU A 139 11.55 2.73 16.61
N LYS A 140 12.03 3.26 15.49
CA LYS A 140 11.50 4.51 14.96
C LYS A 140 10.26 4.27 14.11
N TRP A 141 9.48 3.25 14.50
CA TRP A 141 8.27 2.89 13.78
C TRP A 141 7.04 3.58 14.39
N LYS A 142 7.21 4.10 15.61
CA LYS A 142 6.12 4.79 16.31
C LYS A 142 5.35 5.72 15.38
N GLY A 143 4.08 5.41 15.16
CA GLY A 143 3.25 6.23 14.29
C GLY A 143 2.19 5.40 13.59
N TYR A 144 2.62 4.50 12.72
CA TYR A 144 1.71 3.64 11.98
C TYR A 144 1.89 2.18 12.39
N ILE A 145 3.11 1.82 12.77
CA ILE A 145 3.43 0.46 13.19
C ILE A 145 3.79 0.41 14.66
N LYS A 146 3.36 -0.65 15.34
CA LYS A 146 3.64 -0.83 16.76
C LYS A 146 2.98 -2.11 17.27
N ASP A 147 3.70 -2.81 18.15
CA ASP A 147 3.20 -4.05 18.72
C ASP A 147 3.13 -5.15 17.67
N TYR A 148 3.74 -6.29 17.98
CA TYR A 148 3.75 -7.43 17.06
C TYR A 148 2.34 -7.97 16.84
N ASP A 149 1.70 -7.51 15.77
CA ASP A 149 0.34 -7.95 15.45
C ASP A 149 -0.06 -7.49 14.06
N GLY A 150 -0.17 -8.44 13.13
CA GLY A 150 -0.55 -8.11 11.77
C GLY A 150 0.30 -8.82 10.73
N GLY A 151 1.57 -9.04 11.08
CA GLY A 151 2.48 -9.71 10.17
C GLY A 151 3.93 -9.56 10.58
N THR A 152 4.72 -8.91 9.72
CA THR A 152 6.13 -8.70 10.01
C THR A 152 6.52 -7.29 9.58
N LEU A 153 7.63 -6.80 10.11
CA LEU A 153 8.10 -5.46 9.77
C LEU A 153 8.50 -5.38 8.29
N MET A 154 7.91 -4.42 7.60
CA MET A 154 8.17 -4.19 6.20
C MET A 154 9.00 -2.91 6.02
N GLU A 155 10.00 -2.97 5.16
CA GLU A 155 10.83 -1.80 4.91
C GLU A 155 11.36 -1.80 3.48
N CYS A 156 11.41 -0.62 2.87
CA CYS A 156 11.90 -0.51 1.50
C CYS A 156 12.59 0.83 1.26
N TYR A 157 13.58 0.84 0.38
CA TYR A 157 14.31 2.05 0.05
C TYR A 157 14.12 2.43 -1.41
N ILE A 158 13.66 3.65 -1.66
CA ILE A 158 13.45 4.13 -3.02
C ILE A 158 14.77 4.33 -3.75
N HIS A 159 14.92 3.66 -4.89
CA HIS A 159 16.14 3.77 -5.69
C HIS A 159 16.13 5.06 -6.51
N PRO A 160 17.01 6.02 -6.17
CA PRO A 160 17.10 7.30 -6.87
C PRO A 160 17.75 7.16 -8.24
N TYR A 161 17.60 8.18 -9.07
CA TYR A 161 18.18 8.19 -10.41
C TYR A 161 17.81 6.92 -11.17
N VAL A 162 16.69 6.31 -10.81
CA VAL A 162 16.23 5.09 -11.47
C VAL A 162 14.98 5.35 -12.30
N ASP A 163 14.73 4.47 -13.27
CA ASP A 163 13.56 4.61 -14.12
C ASP A 163 12.34 3.96 -13.49
N TYR A 164 11.51 4.76 -12.84
CA TYR A 164 10.30 4.27 -12.19
C TYR A 164 9.07 4.49 -13.06
N GLY A 165 9.26 4.41 -14.37
CA GLY A 165 8.15 4.61 -15.29
C GLY A 165 8.56 5.42 -16.51
N ASN A 166 9.34 6.49 -16.28
CA ASN A 166 9.79 7.35 -17.36
C ASN A 166 11.31 7.38 -17.44
N MET A 1 -0.09 -5.53 -23.68
CA MET A 1 -0.38 -4.61 -22.55
C MET A 1 -1.83 -4.13 -22.58
N LYS A 2 -2.76 -5.01 -22.21
CA LYS A 2 -4.17 -4.67 -22.20
C LYS A 2 -4.57 -4.03 -20.87
N GLY A 3 -5.85 -3.72 -20.74
CA GLY A 3 -6.34 -3.10 -19.52
C GLY A 3 -7.80 -3.41 -19.25
N LEU A 4 -8.04 -4.31 -18.30
CA LEU A 4 -9.40 -4.69 -17.95
C LEU A 4 -9.92 -3.84 -16.78
N LEU A 5 -9.01 -3.38 -15.94
CA LEU A 5 -9.37 -2.56 -14.79
C LEU A 5 -9.02 -1.11 -15.02
N ASP A 6 -9.25 -0.31 -13.99
CA ASP A 6 -8.96 1.12 -14.04
C ASP A 6 -8.44 1.59 -12.69
N PHE A 7 -7.45 2.47 -12.72
CA PHE A 7 -6.86 2.99 -11.49
C PHE A 7 -7.39 4.38 -11.18
N ASP A 8 -7.64 4.65 -9.91
CA ASP A 8 -8.14 5.94 -9.49
C ASP A 8 -7.39 6.44 -8.25
N ILE A 9 -7.04 7.72 -8.25
CA ILE A 9 -6.33 8.31 -7.13
C ILE A 9 -7.21 9.30 -6.38
N LEU A 10 -7.68 8.87 -5.21
CA LEU A 10 -8.55 9.69 -4.39
C LEU A 10 -7.99 9.90 -3.00
N THR A 11 -8.74 10.62 -2.17
CA THR A 11 -8.33 10.91 -0.81
C THR A 11 -9.49 10.69 0.16
N ASN A 12 -9.21 10.88 1.44
CA ASN A 12 -10.24 10.73 2.46
C ASN A 12 -10.74 12.09 2.88
N ASP A 13 -10.97 12.94 1.89
CA ASP A 13 -11.47 14.29 2.13
C ASP A 13 -12.88 14.25 2.72
N GLY A 14 -13.56 13.12 2.52
CA GLY A 14 -14.90 12.98 3.04
C GLY A 14 -15.96 13.13 1.97
N THR A 15 -15.68 12.61 0.78
CA THR A 15 -16.62 12.69 -0.34
C THR A 15 -17.45 11.41 -0.44
N HIS A 16 -18.07 11.18 -1.59
CA HIS A 16 -18.89 10.00 -1.80
C HIS A 16 -18.14 8.94 -2.60
N ARG A 17 -17.75 9.29 -3.82
CA ARG A 17 -17.02 8.37 -4.69
C ARG A 17 -15.74 7.85 -4.03
N ASN A 18 -14.96 8.76 -3.45
CA ASN A 18 -13.72 8.38 -2.79
C ASN A 18 -13.97 7.37 -1.67
N MET A 19 -14.98 7.64 -0.86
CA MET A 19 -15.32 6.77 0.26
C MET A 19 -15.58 5.33 -0.21
N LYS A 20 -16.62 5.16 -1.01
CA LYS A 20 -16.99 3.85 -1.53
C LYS A 20 -15.76 3.07 -2.01
N LEU A 21 -14.95 3.71 -2.84
CA LEU A 21 -13.74 3.08 -3.37
C LEU A 21 -12.74 2.83 -2.26
N LEU A 22 -12.31 3.90 -1.59
CA LEU A 22 -11.35 3.80 -0.50
C LEU A 22 -11.74 2.70 0.48
N ILE A 23 -13.02 2.65 0.82
CA ILE A 23 -13.54 1.64 1.74
C ILE A 23 -13.16 0.24 1.28
N ASP A 24 -13.50 -0.08 0.03
CA ASP A 24 -13.21 -1.37 -0.54
C ASP A 24 -11.76 -1.79 -0.25
N LEU A 25 -10.81 -0.92 -0.57
CA LEU A 25 -9.40 -1.19 -0.35
C LEU A 25 -9.14 -1.70 1.06
N LYS A 26 -9.70 -1.00 2.04
CA LYS A 26 -9.51 -1.36 3.44
C LYS A 26 -9.93 -2.81 3.72
N ASN A 27 -11.17 -3.14 3.41
CA ASN A 27 -11.67 -4.49 3.66
C ASN A 27 -10.89 -5.53 2.85
N ILE A 28 -10.56 -5.21 1.61
CA ILE A 28 -9.81 -6.14 0.76
C ILE A 28 -8.56 -6.62 1.48
N PHE A 29 -7.68 -5.68 1.83
CA PHE A 29 -6.44 -6.04 2.54
C PHE A 29 -6.76 -6.90 3.76
N SER A 30 -7.34 -6.26 4.77
CA SER A 30 -7.71 -6.93 6.01
C SER A 30 -8.41 -8.26 5.74
N ARG A 31 -9.17 -8.33 4.65
CA ARG A 31 -9.89 -9.55 4.31
C ARG A 31 -8.91 -10.69 4.08
N GLN A 32 -8.15 -10.62 2.99
CA GLN A 32 -7.17 -11.65 2.68
C GLN A 32 -6.10 -11.72 3.77
N LEU A 33 -6.01 -10.65 4.56
CA LEU A 33 -5.03 -10.58 5.66
C LEU A 33 -5.72 -10.81 7.00
N PRO A 34 -5.99 -12.09 7.35
CA PRO A 34 -6.64 -12.43 8.61
C PRO A 34 -5.79 -12.08 9.82
N LYS A 35 -4.48 -12.04 9.64
CA LYS A 35 -3.56 -11.72 10.73
C LYS A 35 -3.50 -10.22 10.96
N MET A 36 -3.90 -9.44 9.97
CA MET A 36 -3.88 -7.97 10.08
C MET A 36 -5.23 -7.43 10.55
N PRO A 37 -5.29 -6.88 11.77
CA PRO A 37 -6.53 -6.32 12.32
C PRO A 37 -7.16 -5.29 11.39
N LYS A 38 -8.49 -5.28 11.34
CA LYS A 38 -9.22 -4.35 10.49
C LYS A 38 -8.88 -2.91 10.86
N GLU A 39 -8.74 -2.66 12.16
CA GLU A 39 -8.41 -1.32 12.65
C GLU A 39 -7.07 -0.85 12.09
N TYR A 40 -6.18 -1.79 11.83
CA TYR A 40 -4.87 -1.48 11.29
C TYR A 40 -5.00 -0.76 9.94
N ILE A 41 -5.41 -1.51 8.92
CA ILE A 41 -5.60 -0.93 7.59
C ILE A 41 -6.48 0.31 7.69
N VAL A 42 -7.46 0.24 8.57
CA VAL A 42 -8.37 1.36 8.80
C VAL A 42 -7.59 2.56 9.31
N LYS A 43 -6.72 2.31 10.27
CA LYS A 43 -5.90 3.35 10.85
C LYS A 43 -4.95 3.95 9.81
N LEU A 44 -4.32 3.08 9.03
CA LEU A 44 -3.37 3.51 8.01
C LEU A 44 -4.09 4.00 6.75
N VAL A 45 -5.33 3.57 6.55
CA VAL A 45 -6.10 3.98 5.37
C VAL A 45 -6.98 5.19 5.68
N PHE A 46 -7.36 5.35 6.94
CA PHE A 46 -8.19 6.49 7.34
C PHE A 46 -7.42 7.43 8.27
N ASP A 47 -6.10 7.25 8.33
CA ASP A 47 -5.25 8.08 9.17
C ASP A 47 -5.47 9.56 8.89
N ARG A 48 -4.69 10.40 9.57
CA ARG A 48 -4.80 11.85 9.42
C ARG A 48 -4.52 12.30 7.99
N HIS A 49 -5.52 12.16 7.13
CA HIS A 49 -5.40 12.56 5.72
C HIS A 49 -4.26 11.83 5.01
N HIS A 50 -4.38 11.71 3.69
CA HIS A 50 -3.38 11.04 2.86
C HIS A 50 -3.93 10.73 1.48
N GLU A 51 -3.08 10.18 0.63
CA GLU A 51 -3.48 9.84 -0.74
C GLU A 51 -3.83 8.36 -0.83
N SER A 52 -4.38 7.95 -1.98
CA SER A 52 -4.76 6.56 -2.17
C SER A 52 -5.09 6.27 -3.63
N MET A 53 -4.66 5.10 -4.10
CA MET A 53 -4.92 4.68 -5.47
C MET A 53 -5.66 3.34 -5.47
N VAL A 54 -6.82 3.30 -6.11
CA VAL A 54 -7.61 2.08 -6.15
C VAL A 54 -7.64 1.45 -7.54
N ILE A 55 -8.35 0.33 -7.62
CA ILE A 55 -8.52 -0.38 -8.87
C ILE A 55 -9.99 -0.58 -9.16
N LEU A 56 -10.32 -0.73 -10.42
CA LEU A 56 -11.70 -0.93 -10.83
C LEU A 56 -11.80 -1.93 -11.96
N LYS A 57 -12.05 -3.17 -11.60
CA LYS A 57 -12.16 -4.26 -12.58
C LYS A 57 -13.54 -4.22 -13.23
N ASN A 58 -13.84 -3.10 -13.88
CA ASN A 58 -15.11 -2.86 -14.58
C ASN A 58 -15.49 -1.39 -14.50
N LYS A 59 -14.49 -0.52 -14.30
CA LYS A 59 -14.72 0.93 -14.21
C LYS A 59 -15.12 1.37 -12.80
N GLN A 60 -15.74 0.47 -12.03
CA GLN A 60 -16.17 0.80 -10.70
C GLN A 60 -16.08 -0.42 -9.79
N LYS A 61 -15.66 -1.55 -10.36
CA LYS A 61 -15.56 -2.78 -9.59
C LYS A 61 -14.22 -2.85 -8.86
N VAL A 62 -14.16 -2.25 -7.67
CA VAL A 62 -12.94 -2.25 -6.89
C VAL A 62 -12.47 -3.67 -6.62
N ILE A 63 -11.24 -3.97 -7.05
CA ILE A 63 -10.67 -5.31 -6.85
C ILE A 63 -9.44 -5.22 -5.97
N GLY A 64 -8.62 -4.23 -6.22
CA GLY A 64 -7.42 -4.01 -5.45
C GLY A 64 -7.16 -2.54 -5.25
N GLY A 65 -5.93 -2.17 -4.94
CA GLY A 65 -5.62 -0.77 -4.75
C GLY A 65 -4.69 -0.52 -3.57
N ILE A 66 -3.87 0.50 -3.70
CA ILE A 66 -2.93 0.87 -2.65
C ILE A 66 -3.22 2.26 -2.08
N CYS A 67 -2.85 2.46 -0.84
CA CYS A 67 -3.05 3.74 -0.17
C CYS A 67 -1.85 4.04 0.73
N PHE A 68 -1.44 5.30 0.82
CA PHE A 68 -0.28 5.63 1.64
C PHE A 68 -0.04 7.14 1.74
N ARG A 69 1.02 7.49 2.47
CA ARG A 69 1.41 8.87 2.69
C ARG A 69 2.77 8.89 3.38
N GLN A 70 3.77 9.49 2.74
CA GLN A 70 5.10 9.54 3.29
C GLN A 70 5.29 10.73 4.23
N TYR A 71 6.37 10.67 5.01
CA TYR A 71 6.70 11.73 5.95
C TYR A 71 7.85 12.58 5.41
N LYS A 72 7.52 13.78 4.96
CA LYS A 72 8.49 14.69 4.37
C LYS A 72 9.56 15.11 5.38
N PRO A 73 9.19 15.84 6.45
CA PRO A 73 10.16 16.25 7.46
C PRO A 73 10.62 15.02 8.24
N GLN A 74 11.00 14.00 7.48
CA GLN A 74 11.42 12.74 8.06
C GLN A 74 12.22 11.90 7.07
N ARG A 75 11.74 11.88 5.82
CA ARG A 75 12.39 11.11 4.75
C ARG A 75 11.92 9.66 4.80
N PHE A 76 10.92 9.41 5.62
CA PHE A 76 10.35 8.07 5.77
C PHE A 76 8.88 8.09 5.39
N ALA A 77 8.31 6.93 5.12
CA ALA A 77 6.91 6.86 4.72
C ALA A 77 6.19 5.65 5.30
N GLU A 78 4.87 5.79 5.41
CA GLU A 78 4.01 4.72 5.91
C GLU A 78 2.99 4.38 4.84
N VAL A 79 2.70 3.09 4.66
CA VAL A 79 1.73 2.70 3.64
C VAL A 79 0.44 2.15 4.23
N ALA A 80 -0.69 2.66 3.74
CA ALA A 80 -1.99 2.21 4.20
C ALA A 80 -2.12 0.72 3.94
N PHE A 81 -1.63 0.32 2.75
CA PHE A 81 -1.62 -1.08 2.31
C PHE A 81 -2.23 -1.24 0.93
N LEU A 82 -1.70 -2.19 0.18
CA LEU A 82 -2.18 -2.49 -1.16
C LEU A 82 -2.66 -3.91 -1.21
N ALA A 83 -3.44 -4.25 -2.22
CA ALA A 83 -3.93 -5.62 -2.35
C ALA A 83 -4.96 -5.78 -3.46
N VAL A 84 -5.58 -6.95 -3.44
CA VAL A 84 -6.60 -7.35 -4.37
C VAL A 84 -7.58 -8.30 -3.66
N THR A 85 -8.86 -8.29 -4.03
CA THR A 85 -9.82 -9.15 -3.36
C THR A 85 -9.50 -10.63 -3.54
N ALA A 86 -9.94 -11.43 -2.57
CA ALA A 86 -9.69 -12.87 -2.50
C ALA A 86 -9.56 -13.61 -3.83
N ASN A 87 -10.51 -14.49 -4.13
CA ASN A 87 -10.43 -15.30 -5.34
C ASN A 87 -10.51 -14.47 -6.61
N GLU A 88 -9.97 -13.26 -6.56
CA GLU A 88 -9.94 -12.39 -7.71
C GLU A 88 -8.51 -12.15 -8.16
N GLN A 89 -7.57 -12.32 -7.23
CA GLN A 89 -6.16 -12.12 -7.55
C GLN A 89 -5.62 -13.22 -8.47
N VAL A 90 -4.31 -13.46 -8.39
CA VAL A 90 -3.64 -14.48 -9.20
C VAL A 90 -4.09 -14.42 -10.65
N ARG A 91 -4.41 -13.21 -11.10
CA ARG A 91 -4.85 -13.01 -12.48
C ARG A 91 -3.92 -12.05 -13.22
N GLY A 92 -3.29 -11.14 -12.47
CA GLY A 92 -2.38 -10.18 -13.07
C GLY A 92 -2.82 -8.74 -12.86
N TYR A 93 -2.90 -8.33 -11.59
CA TYR A 93 -3.31 -6.96 -11.26
C TYR A 93 -2.40 -6.37 -10.19
N GLY A 94 -2.39 -7.00 -9.02
CA GLY A 94 -1.57 -6.54 -7.90
C GLY A 94 -0.23 -5.95 -8.32
N THR A 95 0.42 -6.55 -9.31
CA THR A 95 1.71 -6.06 -9.78
C THR A 95 1.61 -4.61 -10.21
N ARG A 96 0.53 -4.28 -10.91
CA ARG A 96 0.31 -2.91 -11.36
C ARG A 96 0.26 -1.96 -10.17
N LEU A 97 -0.04 -2.51 -8.98
CA LEU A 97 -0.11 -1.71 -7.77
C LEU A 97 1.27 -1.51 -7.17
N MET A 98 1.95 -2.62 -6.85
CA MET A 98 3.29 -2.57 -6.26
C MET A 98 4.16 -1.56 -6.99
N ASN A 99 3.99 -1.50 -8.30
CA ASN A 99 4.76 -0.54 -9.11
C ASN A 99 4.19 0.86 -8.91
N LYS A 100 2.87 0.99 -9.01
CA LYS A 100 2.24 2.29 -8.80
C LYS A 100 2.60 2.81 -7.42
N PHE A 101 2.87 1.87 -6.51
CA PHE A 101 3.26 2.19 -5.15
C PHE A 101 4.59 2.92 -5.16
N LYS A 102 5.54 2.43 -5.95
CA LYS A 102 6.85 3.05 -6.03
C LYS A 102 6.80 4.38 -6.75
N ASP A 103 6.10 4.42 -7.88
CA ASP A 103 5.98 5.65 -8.66
C ASP A 103 5.58 6.81 -7.76
N HIS A 104 4.79 6.50 -6.73
CA HIS A 104 4.35 7.51 -5.79
C HIS A 104 5.43 7.82 -4.75
N MET A 105 5.98 6.76 -4.15
CA MET A 105 7.02 6.93 -3.15
C MET A 105 8.17 7.78 -3.68
N GLN A 106 8.29 7.84 -5.00
CA GLN A 106 9.34 8.63 -5.63
C GLN A 106 8.87 10.07 -5.87
N LYS A 107 7.57 10.22 -6.15
CA LYS A 107 6.98 11.54 -6.40
C LYS A 107 7.24 12.49 -5.24
N GLN A 108 7.07 12.00 -4.02
CA GLN A 108 7.31 12.79 -2.83
C GLN A 108 8.79 12.78 -2.51
N ASN A 109 9.45 11.79 -3.07
CA ASN A 109 10.87 11.59 -2.92
C ASN A 109 11.23 10.91 -1.60
N ILE A 110 10.25 10.27 -0.98
CA ILE A 110 10.47 9.56 0.27
C ILE A 110 10.86 8.12 -0.04
N GLU A 111 12.11 7.78 0.23
CA GLU A 111 12.61 6.45 -0.08
C GLU A 111 12.52 5.47 1.08
N TYR A 112 12.29 5.95 2.30
CA TYR A 112 12.21 5.04 3.43
C TYR A 112 10.78 4.64 3.76
N LEU A 113 10.30 3.57 3.10
CA LEU A 113 8.95 3.07 3.34
C LEU A 113 8.90 2.19 4.58
N LEU A 114 7.70 1.93 5.08
CA LEU A 114 7.55 1.10 6.27
C LEU A 114 6.12 0.59 6.46
N THR A 115 6.01 -0.62 7.01
CA THR A 115 4.73 -1.26 7.29
C THR A 115 4.94 -2.55 8.08
N TYR A 116 3.85 -3.17 8.49
CA TYR A 116 3.88 -4.43 9.19
C TYR A 116 3.24 -5.47 8.27
N ALA A 117 3.92 -5.76 7.18
CA ALA A 117 3.40 -6.69 6.16
C ALA A 117 3.67 -8.15 6.51
N ASP A 118 2.66 -8.99 6.30
CA ASP A 118 2.76 -10.41 6.60
C ASP A 118 3.38 -11.20 5.43
N ASN A 119 3.45 -12.52 5.60
CA ASN A 119 4.02 -13.41 4.59
C ASN A 119 3.58 -13.04 3.17
N PHE A 120 2.28 -12.90 2.98
CA PHE A 120 1.73 -12.56 1.67
C PHE A 120 2.44 -11.35 1.07
N ALA A 121 2.71 -10.35 1.90
CA ALA A 121 3.38 -9.15 1.45
C ALA A 121 4.88 -9.37 1.46
N ILE A 122 5.33 -10.15 2.41
CA ILE A 122 6.75 -10.49 2.53
C ILE A 122 7.29 -10.93 1.18
N GLY A 123 6.88 -12.12 0.76
CA GLY A 123 7.32 -12.66 -0.51
C GLY A 123 6.99 -11.74 -1.66
N TYR A 124 5.77 -11.21 -1.68
CA TYR A 124 5.36 -10.30 -2.75
C TYR A 124 6.24 -9.05 -2.75
N PHE A 125 6.80 -8.71 -1.60
CA PHE A 125 7.66 -7.55 -1.50
C PHE A 125 9.08 -7.89 -1.93
N LYS A 126 9.60 -9.00 -1.41
CA LYS A 126 10.94 -9.45 -1.77
C LYS A 126 11.03 -9.82 -3.25
N LYS A 127 9.88 -9.83 -3.94
CA LYS A 127 9.85 -10.19 -5.35
C LYS A 127 9.68 -8.98 -6.26
N GLN A 128 9.00 -7.93 -5.77
CA GLN A 128 8.78 -6.74 -6.59
C GLN A 128 9.89 -5.71 -6.41
N GLY A 129 10.82 -5.99 -5.50
CA GLY A 129 11.92 -5.06 -5.26
C GLY A 129 11.90 -4.47 -3.87
N PHE A 130 11.18 -5.12 -2.96
CA PHE A 130 11.07 -4.65 -1.59
C PHE A 130 11.87 -5.58 -0.66
N THR A 131 12.01 -5.19 0.59
CA THR A 131 12.76 -6.00 1.55
C THR A 131 12.04 -6.13 2.89
N LYS A 132 11.75 -7.37 3.25
CA LYS A 132 11.09 -7.68 4.50
C LYS A 132 12.11 -7.75 5.64
N GLU A 133 13.35 -8.05 5.30
CA GLU A 133 14.44 -8.16 6.27
C GLU A 133 14.38 -7.03 7.30
N HIS A 134 15.04 -7.24 8.44
CA HIS A 134 15.07 -6.24 9.50
C HIS A 134 15.69 -4.93 9.00
N ARG A 135 17.02 -4.89 8.93
CA ARG A 135 17.72 -3.70 8.49
C ARG A 135 17.48 -2.54 9.44
N MET A 136 16.31 -1.92 9.32
CA MET A 136 15.94 -0.80 10.18
C MET A 136 15.09 -1.28 11.35
N PRO A 137 15.49 -0.96 12.59
CA PRO A 137 14.75 -1.37 13.79
C PRO A 137 13.26 -1.02 13.71
N GLN A 138 12.42 -1.90 14.23
CA GLN A 138 10.97 -1.69 14.22
C GLN A 138 10.61 -0.42 14.97
N GLU A 139 11.53 0.07 15.82
CA GLU A 139 11.29 1.28 16.60
C GLU A 139 10.73 2.41 15.72
N LYS A 140 11.19 2.46 14.48
CA LYS A 140 10.73 3.48 13.54
C LYS A 140 9.23 3.40 13.34
N TRP A 141 8.65 2.23 13.66
CA TRP A 141 7.22 2.01 13.52
C TRP A 141 6.41 3.19 14.05
N LYS A 142 6.97 3.89 15.04
CA LYS A 142 6.30 5.04 15.64
C LYS A 142 5.64 5.93 14.59
N GLY A 143 4.40 6.33 14.87
CA GLY A 143 3.67 7.18 13.95
C GLY A 143 2.51 6.46 13.30
N TYR A 144 2.79 5.33 12.67
CA TYR A 144 1.77 4.54 12.00
C TYR A 144 1.73 3.12 12.57
N ILE A 145 2.88 2.47 12.59
CA ILE A 145 2.98 1.11 13.11
C ILE A 145 3.28 1.11 14.61
N LYS A 146 2.73 0.14 15.32
CA LYS A 146 2.93 0.03 16.76
C LYS A 146 2.08 -1.10 17.34
N ASP A 147 2.67 -1.85 18.26
CA ASP A 147 1.98 -2.96 18.91
C ASP A 147 1.25 -3.83 17.89
N TYR A 148 1.94 -4.82 17.34
CA TYR A 148 1.35 -5.72 16.34
C TYR A 148 2.11 -7.04 16.29
N ASP A 149 1.41 -8.09 15.85
CA ASP A 149 2.01 -9.41 15.74
C ASP A 149 1.32 -10.24 14.68
N GLY A 150 0.74 -9.57 13.68
CA GLY A 150 0.04 -10.27 12.63
C GLY A 150 0.80 -10.26 11.32
N GLY A 151 1.60 -9.21 11.11
CA GLY A 151 2.38 -9.11 9.90
C GLY A 151 3.87 -9.18 10.15
N THR A 152 4.64 -8.33 9.48
CA THR A 152 6.08 -8.29 9.65
C THR A 152 6.63 -6.91 9.31
N LEU A 153 7.67 -6.50 10.00
CA LEU A 153 8.27 -5.20 9.76
C LEU A 153 8.76 -5.09 8.32
N MET A 154 7.97 -4.40 7.50
CA MET A 154 8.31 -4.20 6.10
C MET A 154 9.07 -2.89 5.93
N GLU A 155 9.90 -2.83 4.89
CA GLU A 155 10.68 -1.63 4.62
C GLU A 155 11.17 -1.63 3.17
N CYS A 156 11.06 -0.49 2.51
CA CYS A 156 11.50 -0.38 1.12
C CYS A 156 12.33 0.88 0.91
N TYR A 157 13.46 0.71 0.22
CA TYR A 157 14.35 1.83 -0.07
C TYR A 157 14.18 2.27 -1.52
N ILE A 158 13.51 3.40 -1.72
CA ILE A 158 13.29 3.92 -3.07
C ILE A 158 14.56 4.49 -3.67
N HIS A 159 14.72 4.33 -4.98
CA HIS A 159 15.90 4.81 -5.68
C HIS A 159 15.53 5.93 -6.65
N PRO A 160 15.51 7.18 -6.18
CA PRO A 160 15.16 8.34 -7.02
C PRO A 160 15.99 8.40 -8.30
N TYR A 161 17.16 7.77 -8.28
CA TYR A 161 18.03 7.74 -9.44
C TYR A 161 17.29 7.27 -10.69
N VAL A 162 16.35 6.35 -10.50
CA VAL A 162 15.57 5.82 -11.60
C VAL A 162 14.31 6.65 -11.83
N ASP A 163 13.76 6.58 -13.04
CA ASP A 163 12.56 7.32 -13.38
C ASP A 163 11.36 6.39 -13.54
N TYR A 164 10.76 6.01 -12.42
CA TYR A 164 9.61 5.11 -12.43
C TYR A 164 8.42 5.76 -13.15
N GLY A 165 8.13 7.00 -12.79
CA GLY A 165 7.02 7.71 -13.42
C GLY A 165 7.49 8.79 -14.36
N ASN A 166 8.22 9.77 -13.82
CA ASN A 166 8.73 10.87 -14.63
C ASN A 166 10.06 11.37 -14.09
N MET A 1 -6.05 2.84 -24.42
CA MET A 1 -5.80 2.21 -23.09
C MET A 1 -6.44 0.84 -22.98
N LYS A 2 -5.88 -0.13 -23.68
CA LYS A 2 -6.40 -1.49 -23.66
C LYS A 2 -6.29 -2.10 -22.26
N GLY A 3 -7.41 -2.09 -21.54
CA GLY A 3 -7.42 -2.63 -20.20
C GLY A 3 -8.83 -2.96 -19.72
N LEU A 4 -8.93 -3.88 -18.78
CA LEU A 4 -10.22 -4.28 -18.22
C LEU A 4 -10.56 -3.46 -16.97
N LEU A 5 -9.53 -3.06 -16.25
CA LEU A 5 -9.72 -2.27 -15.03
C LEU A 5 -9.38 -0.81 -15.26
N ASP A 6 -9.45 -0.04 -14.18
CA ASP A 6 -9.16 1.39 -14.23
C ASP A 6 -8.62 1.83 -12.88
N PHE A 7 -7.56 2.63 -12.91
CA PHE A 7 -6.95 3.12 -11.68
C PHE A 7 -7.47 4.50 -11.32
N ASP A 8 -7.61 4.76 -10.03
CA ASP A 8 -8.10 6.05 -9.57
C ASP A 8 -7.36 6.50 -8.31
N ILE A 9 -7.05 7.79 -8.26
CA ILE A 9 -6.35 8.36 -7.11
C ILE A 9 -7.33 9.00 -6.14
N LEU A 10 -7.57 8.31 -5.04
CA LEU A 10 -8.49 8.78 -4.01
C LEU A 10 -7.77 9.37 -2.82
N THR A 11 -8.55 9.88 -1.88
CA THR A 11 -8.03 10.47 -0.65
C THR A 11 -9.00 10.26 0.49
N ASN A 12 -8.54 10.48 1.71
CA ASN A 12 -9.40 10.33 2.87
C ASN A 12 -9.93 11.69 3.29
N ASP A 13 -10.29 12.49 2.29
CA ASP A 13 -10.82 13.83 2.53
C ASP A 13 -12.24 13.77 3.07
N GLY A 14 -12.87 12.60 2.93
CA GLY A 14 -14.23 12.45 3.42
C GLY A 14 -15.25 12.27 2.31
N THR A 15 -14.81 12.42 1.05
CA THR A 15 -15.70 12.28 -0.09
C THR A 15 -16.52 11.01 0.01
N HIS A 16 -17.63 10.96 -0.73
CA HIS A 16 -18.51 9.79 -0.71
C HIS A 16 -18.01 8.71 -1.68
N ARG A 17 -18.06 9.02 -2.97
CA ARG A 17 -17.62 8.07 -3.99
C ARG A 17 -16.26 7.47 -3.65
N ASN A 18 -15.28 8.33 -3.42
CA ASN A 18 -13.93 7.88 -3.09
C ASN A 18 -13.95 6.98 -1.85
N MET A 19 -14.69 7.40 -0.83
CA MET A 19 -14.79 6.62 0.40
C MET A 19 -15.21 5.18 0.12
N LYS A 20 -16.33 5.03 -0.60
CA LYS A 20 -16.84 3.70 -0.94
C LYS A 20 -15.72 2.82 -1.49
N LEU A 21 -14.96 3.35 -2.45
CA LEU A 21 -13.87 2.62 -3.04
C LEU A 21 -12.74 2.43 -2.03
N LEU A 22 -12.36 3.51 -1.36
CA LEU A 22 -11.31 3.46 -0.34
C LEU A 22 -11.62 2.35 0.66
N ILE A 23 -12.89 2.21 0.99
CA ILE A 23 -13.35 1.19 1.92
C ILE A 23 -12.96 -0.20 1.42
N ASP A 24 -13.33 -0.48 0.18
CA ASP A 24 -13.04 -1.78 -0.43
C ASP A 24 -11.59 -2.18 -0.18
N LEU A 25 -10.66 -1.29 -0.52
CA LEU A 25 -9.24 -1.56 -0.32
C LEU A 25 -8.96 -2.04 1.10
N LYS A 26 -9.54 -1.33 2.07
CA LYS A 26 -9.34 -1.66 3.47
C LYS A 26 -9.80 -3.08 3.78
N ASN A 27 -10.98 -3.43 3.31
CA ASN A 27 -11.53 -4.76 3.56
C ASN A 27 -10.76 -5.83 2.79
N ILE A 28 -10.42 -5.53 1.53
CA ILE A 28 -9.67 -6.46 0.71
C ILE A 28 -8.44 -6.97 1.46
N PHE A 29 -7.57 -6.06 1.87
CA PHE A 29 -6.36 -6.45 2.61
C PHE A 29 -6.74 -7.24 3.84
N SER A 30 -7.27 -6.53 4.83
CA SER A 30 -7.67 -7.15 6.10
C SER A 30 -8.36 -8.50 5.86
N ARG A 31 -9.08 -8.62 4.74
CA ARG A 31 -9.76 -9.86 4.41
C ARG A 31 -8.76 -10.96 4.09
N GLN A 32 -8.12 -10.87 2.94
CA GLN A 32 -7.13 -11.87 2.55
C GLN A 32 -5.97 -11.90 3.54
N LEU A 33 -5.83 -10.81 4.30
CA LEU A 33 -4.78 -10.68 5.30
C LEU A 33 -5.34 -10.85 6.71
N PRO A 34 -5.68 -12.10 7.10
CA PRO A 34 -6.23 -12.37 8.44
C PRO A 34 -5.22 -12.14 9.56
N LYS A 35 -3.96 -11.96 9.19
CA LYS A 35 -2.90 -11.73 10.17
C LYS A 35 -2.91 -10.30 10.67
N MET A 36 -3.51 -9.40 9.90
CA MET A 36 -3.57 -7.99 10.28
C MET A 36 -5.01 -7.56 10.60
N PRO A 37 -5.24 -7.05 11.82
CA PRO A 37 -6.57 -6.61 12.26
C PRO A 37 -7.16 -5.56 11.32
N LYS A 38 -8.48 -5.57 11.19
CA LYS A 38 -9.18 -4.61 10.33
C LYS A 38 -8.84 -3.18 10.73
N GLU A 39 -8.70 -2.96 12.04
CA GLU A 39 -8.39 -1.64 12.57
C GLU A 39 -7.06 -1.14 12.02
N TYR A 40 -6.12 -2.06 11.78
CA TYR A 40 -4.82 -1.69 11.26
C TYR A 40 -4.95 -1.02 9.90
N ILE A 41 -5.30 -1.79 8.87
CA ILE A 41 -5.47 -1.24 7.54
C ILE A 41 -6.38 -0.01 7.60
N VAL A 42 -7.37 -0.08 8.47
CA VAL A 42 -8.30 1.02 8.66
C VAL A 42 -7.57 2.25 9.18
N LYS A 43 -6.72 2.03 10.17
CA LYS A 43 -5.93 3.10 10.76
C LYS A 43 -5.04 3.74 9.69
N LEU A 44 -4.25 2.91 9.03
CA LEU A 44 -3.35 3.38 7.99
C LEU A 44 -4.11 3.91 6.78
N VAL A 45 -5.21 3.26 6.42
CA VAL A 45 -6.00 3.68 5.26
C VAL A 45 -6.86 4.91 5.58
N PHE A 46 -7.51 4.88 6.74
CA PHE A 46 -8.36 6.01 7.14
C PHE A 46 -7.58 7.03 7.97
N ASP A 47 -6.25 6.94 7.95
CA ASP A 47 -5.40 7.86 8.70
C ASP A 47 -5.82 9.31 8.44
N ARG A 48 -5.22 10.23 9.19
CA ARG A 48 -5.54 11.65 9.06
C ARG A 48 -5.16 12.17 7.68
N HIS A 49 -6.04 11.96 6.71
CA HIS A 49 -5.81 12.41 5.34
C HIS A 49 -4.60 11.72 4.73
N HIS A 50 -4.71 11.37 3.45
CA HIS A 50 -3.61 10.70 2.73
C HIS A 50 -3.99 10.47 1.27
N GLU A 51 -3.02 9.96 0.50
CA GLU A 51 -3.25 9.68 -0.92
C GLU A 51 -3.36 8.18 -1.14
N SER A 52 -3.91 7.79 -2.28
CA SER A 52 -4.08 6.38 -2.60
C SER A 52 -4.37 6.16 -4.08
N MET A 53 -4.34 4.89 -4.48
CA MET A 53 -4.62 4.50 -5.85
C MET A 53 -5.32 3.15 -5.88
N VAL A 54 -6.54 3.11 -6.40
CA VAL A 54 -7.30 1.87 -6.45
C VAL A 54 -7.45 1.33 -7.86
N ILE A 55 -8.15 0.22 -7.95
CA ILE A 55 -8.41 -0.44 -9.22
C ILE A 55 -9.92 -0.58 -9.41
N LEU A 56 -10.35 -0.54 -10.66
CA LEU A 56 -11.77 -0.67 -10.95
C LEU A 56 -11.98 -1.62 -12.13
N LYS A 57 -12.25 -2.88 -11.81
CA LYS A 57 -12.47 -3.91 -12.82
C LYS A 57 -13.86 -3.77 -13.42
N ASN A 58 -14.12 -2.60 -13.99
CA ASN A 58 -15.39 -2.27 -14.63
C ASN A 58 -15.69 -0.77 -14.49
N LYS A 59 -14.62 0.03 -14.32
CA LYS A 59 -14.74 1.49 -14.17
C LYS A 59 -15.02 1.90 -12.72
N GLN A 60 -15.67 1.01 -11.96
CA GLN A 60 -15.99 1.31 -10.58
C GLN A 60 -15.94 0.05 -9.72
N LYS A 61 -15.79 -1.10 -10.38
CA LYS A 61 -15.74 -2.37 -9.67
C LYS A 61 -14.40 -2.55 -8.97
N VAL A 62 -14.28 -1.98 -7.77
CA VAL A 62 -13.04 -2.08 -7.00
C VAL A 62 -12.60 -3.54 -6.88
N ILE A 63 -11.31 -3.77 -7.07
CA ILE A 63 -10.76 -5.12 -6.95
C ILE A 63 -9.44 -5.08 -6.18
N GLY A 64 -8.59 -4.13 -6.54
CA GLY A 64 -7.32 -3.97 -5.87
C GLY A 64 -7.03 -2.51 -5.61
N GLY A 65 -5.84 -2.18 -5.16
CA GLY A 65 -5.51 -0.79 -4.92
C GLY A 65 -4.64 -0.58 -3.70
N ILE A 66 -3.78 0.43 -3.78
CA ILE A 66 -2.88 0.76 -2.69
C ILE A 66 -3.20 2.13 -2.10
N CYS A 67 -2.92 2.31 -0.83
CA CYS A 67 -3.14 3.58 -0.14
C CYS A 67 -1.94 3.88 0.73
N PHE A 68 -1.48 5.14 0.73
CA PHE A 68 -0.31 5.50 1.53
C PHE A 68 -0.08 7.01 1.60
N ARG A 69 1.07 7.37 2.14
CA ARG A 69 1.46 8.77 2.29
C ARG A 69 2.85 8.84 2.91
N GLN A 70 3.81 9.43 2.20
CA GLN A 70 5.17 9.52 2.69
C GLN A 70 5.40 10.76 3.55
N TYR A 71 6.36 10.67 4.45
CA TYR A 71 6.70 11.77 5.34
C TYR A 71 7.93 12.51 4.80
N LYS A 72 7.87 13.84 4.81
CA LYS A 72 8.95 14.69 4.30
C LYS A 72 10.01 14.98 5.36
N PRO A 73 9.65 15.66 6.46
CA PRO A 73 10.61 15.97 7.53
C PRO A 73 11.15 14.68 8.13
N GLN A 74 10.44 13.59 7.89
CA GLN A 74 10.83 12.29 8.40
C GLN A 74 11.71 11.56 7.39
N ARG A 75 11.53 11.88 6.10
CA ARG A 75 12.32 11.26 5.04
C ARG A 75 11.94 9.80 4.82
N PHE A 76 10.79 9.43 5.34
CA PHE A 76 10.30 8.06 5.19
C PHE A 76 8.82 8.05 4.87
N ALA A 77 8.26 6.88 4.61
CA ALA A 77 6.85 6.78 4.26
C ALA A 77 6.16 5.59 4.92
N GLU A 78 4.84 5.61 4.87
CA GLU A 78 4.03 4.54 5.42
C GLU A 78 2.96 4.15 4.42
N VAL A 79 2.73 2.86 4.25
CA VAL A 79 1.72 2.42 3.29
C VAL A 79 0.51 1.79 3.97
N ALA A 80 -0.67 2.27 3.60
CA ALA A 80 -1.91 1.74 4.15
C ALA A 80 -2.11 0.29 3.74
N PHE A 81 -1.46 -0.08 2.62
CA PHE A 81 -1.50 -1.43 2.08
C PHE A 81 -2.28 -1.50 0.77
N LEU A 82 -1.92 -2.47 -0.05
CA LEU A 82 -2.59 -2.69 -1.32
C LEU A 82 -2.87 -4.16 -1.49
N ALA A 83 -3.81 -4.48 -2.37
CA ALA A 83 -4.15 -5.88 -2.61
C ALA A 83 -5.49 -6.05 -3.30
N VAL A 84 -5.49 -6.98 -4.24
CA VAL A 84 -6.67 -7.35 -4.99
C VAL A 84 -7.59 -8.20 -4.11
N THR A 85 -8.90 -8.13 -4.30
CA THR A 85 -9.83 -8.90 -3.47
C THR A 85 -9.65 -10.42 -3.67
N ALA A 86 -10.08 -11.18 -2.67
CA ALA A 86 -9.94 -12.63 -2.61
C ALA A 86 -9.87 -13.35 -3.95
N ASN A 87 -10.87 -14.16 -4.27
CA ASN A 87 -10.83 -14.94 -5.50
C ASN A 87 -10.94 -14.07 -6.74
N GLU A 88 -10.40 -12.86 -6.63
CA GLU A 88 -10.38 -11.94 -7.75
C GLU A 88 -8.97 -11.77 -8.25
N GLN A 89 -7.99 -12.03 -7.37
CA GLN A 89 -6.60 -11.90 -7.73
C GLN A 89 -6.17 -12.94 -8.76
N VAL A 90 -4.91 -13.37 -8.68
CA VAL A 90 -4.36 -14.36 -9.61
C VAL A 90 -4.74 -14.04 -11.05
N ARG A 91 -4.70 -12.75 -11.39
CA ARG A 91 -5.03 -12.31 -12.74
C ARG A 91 -4.09 -11.18 -13.18
N GLY A 92 -3.01 -10.96 -12.43
CA GLY A 92 -2.07 -9.92 -12.77
C GLY A 92 -2.65 -8.53 -12.73
N TYR A 93 -2.87 -8.00 -11.53
CA TYR A 93 -3.43 -6.66 -11.38
C TYR A 93 -2.63 -5.84 -10.36
N GLY A 94 -2.67 -6.27 -9.10
CA GLY A 94 -1.95 -5.56 -8.05
C GLY A 94 -0.53 -5.20 -8.43
N THR A 95 0.17 -6.10 -9.12
CA THR A 95 1.55 -5.86 -9.52
C THR A 95 1.72 -4.48 -10.14
N ARG A 96 0.89 -4.17 -11.13
CA ARG A 96 0.95 -2.87 -11.80
C ARG A 96 0.81 -1.75 -10.78
N LEU A 97 0.21 -2.06 -9.64
CA LEU A 97 0.02 -1.07 -8.58
C LEU A 97 1.28 -0.99 -7.72
N MET A 98 1.75 -2.15 -7.24
CA MET A 98 2.96 -2.21 -6.41
C MET A 98 4.04 -1.31 -6.99
N ASN A 99 4.28 -1.47 -8.29
CA ASN A 99 5.29 -0.66 -8.97
C ASN A 99 4.81 0.79 -9.03
N LYS A 100 3.52 0.98 -9.24
CA LYS A 100 2.95 2.32 -9.29
C LYS A 100 3.22 3.04 -7.98
N PHE A 101 3.31 2.27 -6.89
CA PHE A 101 3.58 2.82 -5.59
C PHE A 101 5.01 3.36 -5.54
N LYS A 102 5.94 2.62 -6.15
CA LYS A 102 7.33 3.04 -6.18
C LYS A 102 7.51 4.28 -7.04
N ASP A 103 6.99 4.25 -8.27
CA ASP A 103 7.09 5.38 -9.17
C ASP A 103 6.60 6.65 -8.47
N HIS A 104 5.56 6.50 -7.66
CA HIS A 104 5.01 7.63 -6.91
C HIS A 104 5.92 7.99 -5.74
N MET A 105 6.48 6.98 -5.09
CA MET A 105 7.37 7.20 -3.96
C MET A 105 8.53 8.10 -4.37
N GLN A 106 8.91 8.02 -5.65
CA GLN A 106 9.99 8.83 -6.18
C GLN A 106 9.49 10.24 -6.51
N LYS A 107 8.22 10.33 -6.88
CA LYS A 107 7.60 11.61 -7.21
C LYS A 107 7.27 12.40 -5.95
N GLN A 108 7.50 11.80 -4.78
CA GLN A 108 7.25 12.47 -3.52
C GLN A 108 8.55 12.84 -2.84
N ASN A 109 9.63 12.23 -3.32
CA ASN A 109 10.97 12.48 -2.80
C ASN A 109 11.21 11.77 -1.47
N ILE A 110 10.44 10.73 -1.20
CA ILE A 110 10.60 9.97 0.04
C ILE A 110 11.13 8.58 -0.26
N GLU A 111 12.39 8.35 0.12
CA GLU A 111 13.05 7.08 -0.14
C GLU A 111 12.68 6.01 0.88
N TYR A 112 12.69 6.36 2.16
CA TYR A 112 12.37 5.39 3.20
C TYR A 112 10.88 5.09 3.25
N LEU A 113 10.56 3.80 3.45
CA LEU A 113 9.18 3.35 3.55
C LEU A 113 9.02 2.44 4.77
N LEU A 114 7.79 2.18 5.20
CA LEU A 114 7.59 1.34 6.37
C LEU A 114 6.16 0.80 6.49
N THR A 115 6.03 -0.32 7.21
CA THR A 115 4.74 -0.98 7.47
C THR A 115 4.94 -2.14 8.43
N TYR A 116 3.84 -2.82 8.73
CA TYR A 116 3.85 -3.99 9.58
C TYR A 116 3.32 -5.15 8.75
N ALA A 117 4.10 -5.57 7.77
CA ALA A 117 3.72 -6.63 6.83
C ALA A 117 4.02 -8.02 7.38
N ASP A 118 3.11 -8.95 7.12
CA ASP A 118 3.26 -10.33 7.57
C ASP A 118 3.79 -11.23 6.45
N ASN A 119 4.13 -12.47 6.80
CA ASN A 119 4.65 -13.44 5.85
C ASN A 119 3.93 -13.37 4.50
N PHE A 120 2.64 -13.03 4.53
CA PHE A 120 1.85 -12.94 3.32
C PHE A 120 2.32 -11.79 2.42
N ALA A 121 2.21 -10.57 2.93
CA ALA A 121 2.63 -9.39 2.18
C ALA A 121 4.15 -9.39 2.07
N ILE A 122 4.78 -10.03 3.04
CA ILE A 122 6.22 -10.15 3.08
C ILE A 122 6.75 -10.71 1.76
N GLY A 123 6.57 -12.01 1.56
CA GLY A 123 7.02 -12.65 0.35
C GLY A 123 6.55 -11.89 -0.88
N TYR A 124 5.37 -11.29 -0.78
CA TYR A 124 4.81 -10.52 -1.89
C TYR A 124 5.58 -9.21 -2.06
N PHE A 125 6.09 -8.68 -0.95
CA PHE A 125 6.85 -7.43 -0.99
C PHE A 125 8.23 -7.67 -1.58
N LYS A 126 8.92 -8.67 -1.04
CA LYS A 126 10.25 -9.02 -1.52
C LYS A 126 10.19 -9.48 -2.98
N LYS A 127 8.97 -9.79 -3.45
CA LYS A 127 8.78 -10.26 -4.82
C LYS A 127 8.72 -9.11 -5.82
N GLN A 128 8.06 -8.00 -5.45
CA GLN A 128 7.95 -6.87 -6.37
C GLN A 128 9.14 -5.92 -6.26
N GLY A 129 9.98 -6.14 -5.26
CA GLY A 129 11.13 -5.28 -5.07
C GLY A 129 11.31 -4.87 -3.62
N PHE A 130 10.19 -4.76 -2.90
CA PHE A 130 10.21 -4.38 -1.50
C PHE A 130 11.13 -5.29 -0.71
N THR A 131 11.20 -5.06 0.60
CA THR A 131 12.05 -5.88 1.46
C THR A 131 11.59 -5.82 2.91
N LYS A 132 11.00 -6.91 3.37
CA LYS A 132 10.52 -6.99 4.74
C LYS A 132 11.68 -6.81 5.73
N GLU A 133 12.89 -7.09 5.28
CA GLU A 133 14.08 -6.94 6.12
C GLU A 133 14.03 -5.67 6.96
N HIS A 134 14.46 -5.76 8.20
CA HIS A 134 14.46 -4.63 9.11
C HIS A 134 15.70 -3.76 8.91
N ARG A 135 15.71 -2.99 7.82
CA ARG A 135 16.84 -2.11 7.53
C ARG A 135 16.97 -1.04 8.61
N MET A 136 15.83 -0.61 9.13
CA MET A 136 15.79 0.41 10.18
C MET A 136 15.00 -0.09 11.37
N PRO A 137 15.27 0.43 12.57
CA PRO A 137 14.57 0.03 13.79
C PRO A 137 13.10 0.45 13.78
N GLN A 138 12.28 -0.26 14.54
CA GLN A 138 10.85 0.03 14.63
C GLN A 138 10.62 1.46 15.13
N GLU A 139 11.64 2.06 15.73
CA GLU A 139 11.55 3.42 16.25
C GLU A 139 10.86 4.35 15.26
N LYS A 140 10.97 4.04 13.98
CA LYS A 140 10.35 4.85 12.93
C LYS A 140 8.95 4.34 12.61
N TRP A 141 8.24 3.88 13.64
CA TRP A 141 6.88 3.37 13.46
C TRP A 141 5.85 4.46 13.78
N LYS A 142 6.22 5.37 14.67
CA LYS A 142 5.32 6.46 15.06
C LYS A 142 4.67 7.11 13.85
N GLY A 143 3.44 7.59 14.04
CA GLY A 143 2.72 8.23 12.96
C GLY A 143 1.73 7.30 12.28
N TYR A 144 2.17 6.09 11.97
CA TYR A 144 1.32 5.10 11.33
C TYR A 144 1.32 3.79 12.10
N ILE A 145 2.49 3.39 12.58
CA ILE A 145 2.63 2.15 13.34
C ILE A 145 2.91 2.43 14.81
N LYS A 146 2.24 1.67 15.68
CA LYS A 146 2.40 1.82 17.12
C LYS A 146 1.43 0.91 17.86
N ASP A 147 1.92 0.28 18.93
CA ASP A 147 1.11 -0.63 19.74
C ASP A 147 0.21 -1.51 18.88
N TYR A 148 0.82 -2.43 18.13
CA TYR A 148 0.07 -3.33 17.27
C TYR A 148 0.74 -4.70 17.21
N ASP A 149 -0.01 -5.70 16.77
CA ASP A 149 0.51 -7.06 16.65
C ASP A 149 -0.28 -7.86 15.62
N GLY A 150 0.36 -8.18 14.51
CA GLY A 150 -0.30 -8.94 13.47
C GLY A 150 0.62 -9.26 12.30
N GLY A 151 1.45 -8.29 11.93
CA GLY A 151 2.37 -8.48 10.82
C GLY A 151 3.83 -8.44 11.26
N THR A 152 4.67 -7.79 10.46
CA THR A 152 6.08 -7.67 10.78
C THR A 152 6.62 -6.34 10.27
N LEU A 153 7.61 -5.79 10.95
CA LEU A 153 8.19 -4.53 10.53
C LEU A 153 8.66 -4.59 9.08
N MET A 154 7.87 -4.00 8.20
CA MET A 154 8.16 -3.96 6.78
C MET A 154 9.00 -2.73 6.45
N GLU A 155 9.83 -2.83 5.42
CA GLU A 155 10.67 -1.70 5.04
C GLU A 155 10.95 -1.70 3.54
N CYS A 156 11.28 -0.53 3.02
CA CYS A 156 11.58 -0.40 1.60
C CYS A 156 12.23 0.96 1.31
N TYR A 157 13.24 0.94 0.44
CA TYR A 157 13.95 2.16 0.07
C TYR A 157 13.80 2.46 -1.42
N ILE A 158 13.54 3.72 -1.75
CA ILE A 158 13.38 4.12 -3.14
C ILE A 158 14.73 4.41 -3.79
N HIS A 159 15.04 3.67 -4.86
CA HIS A 159 16.31 3.85 -5.56
C HIS A 159 16.45 5.28 -6.05
N PRO A 160 17.69 5.70 -6.40
CA PRO A 160 17.96 7.05 -6.88
C PRO A 160 17.06 7.45 -8.05
N TYR A 161 17.20 6.73 -9.16
CA TYR A 161 16.40 7.01 -10.35
C TYR A 161 16.30 5.77 -11.25
N VAL A 162 15.59 4.75 -10.77
CA VAL A 162 15.42 3.53 -11.53
C VAL A 162 14.20 3.61 -12.43
N ASP A 163 14.17 2.77 -13.46
CA ASP A 163 13.05 2.74 -14.40
C ASP A 163 11.98 1.78 -13.92
N TYR A 164 11.13 2.25 -13.00
CA TYR A 164 10.05 1.42 -12.47
C TYR A 164 8.89 1.32 -13.46
N GLY A 165 8.66 2.41 -14.19
CA GLY A 165 7.59 2.42 -15.16
C GLY A 165 7.78 3.47 -16.25
N ASN A 166 8.15 4.68 -15.83
CA ASN A 166 8.38 5.77 -16.77
C ASN A 166 7.29 5.84 -17.83
N MET A 1 -2.61 3.95 -21.41
CA MET A 1 -2.97 2.53 -21.21
C MET A 1 -4.48 2.31 -21.34
N LYS A 2 -4.89 1.05 -21.30
CA LYS A 2 -6.31 0.72 -21.40
C LYS A 2 -6.53 -0.78 -21.18
N GLY A 3 -6.47 -1.19 -19.92
CA GLY A 3 -6.67 -2.60 -19.60
C GLY A 3 -8.11 -2.91 -19.22
N LEU A 4 -8.28 -3.89 -18.34
CA LEU A 4 -9.61 -4.30 -17.89
C LEU A 4 -10.04 -3.48 -16.67
N LEU A 5 -9.06 -3.04 -15.90
CA LEU A 5 -9.33 -2.26 -14.69
C LEU A 5 -9.00 -0.79 -14.91
N ASP A 6 -9.17 -0.01 -13.86
CA ASP A 6 -8.88 1.42 -13.89
C ASP A 6 -8.39 1.89 -12.53
N PHE A 7 -7.33 2.69 -12.54
CA PHE A 7 -6.75 3.19 -11.29
C PHE A 7 -7.32 4.56 -10.96
N ASP A 8 -7.53 4.80 -9.68
CA ASP A 8 -8.07 6.07 -9.22
C ASP A 8 -7.37 6.56 -7.96
N ILE A 9 -7.14 7.87 -7.88
CA ILE A 9 -6.48 8.46 -6.72
C ILE A 9 -7.45 9.36 -5.97
N LEU A 10 -7.91 8.86 -4.83
CA LEU A 10 -8.86 9.60 -4.00
C LEU A 10 -8.33 9.83 -2.60
N THR A 11 -9.15 10.48 -1.78
CA THR A 11 -8.80 10.78 -0.40
C THR A 11 -10.00 10.59 0.52
N ASN A 12 -9.83 10.91 1.78
CA ASN A 12 -10.92 10.80 2.74
C ASN A 12 -11.55 12.16 2.99
N ASP A 13 -11.81 12.85 1.89
CA ASP A 13 -12.43 14.17 1.95
C ASP A 13 -13.82 14.07 2.58
N GLY A 14 -14.40 12.89 2.52
CA GLY A 14 -15.72 12.67 3.10
C GLY A 14 -16.82 12.68 2.06
N THR A 15 -16.50 12.28 0.84
CA THR A 15 -17.48 12.25 -0.24
C THR A 15 -18.12 10.87 -0.36
N HIS A 16 -18.88 10.65 -1.42
CA HIS A 16 -19.54 9.38 -1.64
C HIS A 16 -18.65 8.41 -2.40
N ARG A 17 -18.38 8.72 -3.67
CA ARG A 17 -17.54 7.87 -4.51
C ARG A 17 -16.24 7.50 -3.81
N ASN A 18 -15.50 8.51 -3.35
CA ASN A 18 -14.23 8.29 -2.67
C ASN A 18 -14.38 7.25 -1.55
N MET A 19 -15.39 7.44 -0.71
CA MET A 19 -15.64 6.54 0.40
C MET A 19 -15.79 5.10 -0.08
N LYS A 20 -16.78 4.86 -0.93
CA LYS A 20 -17.04 3.53 -1.47
C LYS A 20 -15.76 2.84 -1.91
N LEU A 21 -14.97 3.53 -2.72
CA LEU A 21 -13.72 2.98 -3.21
C LEU A 21 -12.74 2.73 -2.06
N LEU A 22 -12.39 3.81 -1.35
CA LEU A 22 -11.46 3.71 -0.23
C LEU A 22 -11.83 2.58 0.72
N ILE A 23 -13.13 2.44 0.99
CA ILE A 23 -13.62 1.38 1.88
C ILE A 23 -13.14 0.02 1.41
N ASP A 24 -13.42 -0.31 0.15
CA ASP A 24 -13.04 -1.58 -0.42
C ASP A 24 -11.58 -1.90 -0.13
N LEU A 25 -10.68 -0.99 -0.50
CA LEU A 25 -9.24 -1.17 -0.28
C LEU A 25 -8.96 -1.67 1.14
N LYS A 26 -9.41 -0.92 2.12
CA LYS A 26 -9.19 -1.26 3.52
C LYS A 26 -9.66 -2.68 3.83
N ASN A 27 -10.83 -3.04 3.32
CA ASN A 27 -11.39 -4.36 3.55
C ASN A 27 -10.62 -5.43 2.78
N ILE A 28 -10.33 -5.16 1.51
CA ILE A 28 -9.60 -6.10 0.69
C ILE A 28 -8.35 -6.61 1.41
N PHE A 29 -7.49 -5.68 1.81
CA PHE A 29 -6.27 -6.06 2.54
C PHE A 29 -6.63 -6.86 3.78
N SER A 30 -7.12 -6.17 4.79
CA SER A 30 -7.52 -6.80 6.05
C SER A 30 -8.27 -8.11 5.82
N ARG A 31 -9.00 -8.19 4.72
CA ARG A 31 -9.78 -9.39 4.40
C ARG A 31 -8.84 -10.57 4.16
N GLN A 32 -8.11 -10.53 3.04
CA GLN A 32 -7.17 -11.60 2.72
C GLN A 32 -6.05 -11.68 3.76
N LEU A 33 -5.91 -10.62 4.55
CA LEU A 33 -4.88 -10.57 5.58
C LEU A 33 -5.50 -10.90 6.95
N PRO A 34 -5.59 -12.19 7.30
CA PRO A 34 -6.17 -12.63 8.59
C PRO A 34 -5.35 -12.15 9.78
N LYS A 35 -4.07 -11.90 9.57
CA LYS A 35 -3.19 -11.44 10.64
C LYS A 35 -2.99 -9.93 10.60
N MET A 36 -3.96 -9.22 10.02
CA MET A 36 -3.87 -7.77 9.92
C MET A 36 -5.17 -7.12 10.40
N PRO A 37 -5.23 -6.73 11.68
CA PRO A 37 -6.41 -6.09 12.26
C PRO A 37 -6.95 -4.97 11.38
N LYS A 38 -8.26 -4.99 11.14
CA LYS A 38 -8.90 -3.97 10.31
C LYS A 38 -8.51 -2.56 10.76
N GLU A 39 -8.50 -2.35 12.08
CA GLU A 39 -8.14 -1.06 12.64
C GLU A 39 -6.82 -0.56 12.06
N TYR A 40 -5.86 -1.46 11.89
CA TYR A 40 -4.56 -1.10 11.33
C TYR A 40 -4.74 -0.47 9.96
N ILE A 41 -5.15 -1.27 8.99
CA ILE A 41 -5.37 -0.77 7.63
C ILE A 41 -6.29 0.44 7.68
N VAL A 42 -7.24 0.40 8.61
CA VAL A 42 -8.18 1.50 8.80
C VAL A 42 -7.42 2.75 9.21
N LYS A 43 -6.51 2.59 10.16
CA LYS A 43 -5.70 3.69 10.66
C LYS A 43 -4.89 4.31 9.52
N LEU A 44 -4.19 3.45 8.78
CA LEU A 44 -3.36 3.91 7.67
C LEU A 44 -4.22 4.34 6.47
N VAL A 45 -5.31 3.62 6.23
CA VAL A 45 -6.20 3.94 5.10
C VAL A 45 -7.06 5.17 5.41
N PHE A 46 -7.32 5.41 6.68
CA PHE A 46 -8.12 6.55 7.09
C PHE A 46 -7.31 7.50 7.97
N ASP A 47 -5.98 7.42 7.86
CA ASP A 47 -5.10 8.28 8.65
C ASP A 47 -5.48 9.74 8.52
N ARG A 48 -4.76 10.59 9.22
CA ARG A 48 -5.02 12.03 9.20
C ARG A 48 -4.49 12.67 7.93
N HIS A 49 -5.31 12.66 6.88
CA HIS A 49 -4.94 13.25 5.59
C HIS A 49 -3.91 12.40 4.87
N HIS A 50 -4.25 11.95 3.66
CA HIS A 50 -3.34 11.14 2.85
C HIS A 50 -3.97 10.81 1.50
N GLU A 51 -3.21 10.15 0.64
CA GLU A 51 -3.69 9.77 -0.69
C GLU A 51 -4.16 8.33 -0.70
N SER A 52 -4.77 7.91 -1.80
CA SER A 52 -5.27 6.55 -1.93
C SER A 52 -5.44 6.15 -3.39
N MET A 53 -4.71 5.12 -3.81
CA MET A 53 -4.79 4.63 -5.18
C MET A 53 -5.56 3.31 -5.22
N VAL A 54 -6.70 3.31 -5.89
CA VAL A 54 -7.52 2.10 -5.97
C VAL A 54 -7.56 1.54 -7.38
N ILE A 55 -8.23 0.40 -7.51
CA ILE A 55 -8.40 -0.25 -8.79
C ILE A 55 -9.87 -0.42 -9.08
N LEU A 56 -10.23 -0.48 -10.35
CA LEU A 56 -11.61 -0.65 -10.75
C LEU A 56 -11.71 -1.59 -11.94
N LYS A 57 -11.94 -2.87 -11.63
CA LYS A 57 -12.06 -3.89 -12.65
C LYS A 57 -13.43 -3.80 -13.33
N ASN A 58 -13.68 -2.64 -13.94
CA ASN A 58 -14.92 -2.34 -14.65
C ASN A 58 -15.28 -0.86 -14.50
N LYS A 59 -14.26 -0.02 -14.26
CA LYS A 59 -14.44 1.42 -14.09
C LYS A 59 -14.82 1.80 -12.66
N GLN A 60 -15.46 0.88 -11.94
CA GLN A 60 -15.86 1.16 -10.57
C GLN A 60 -15.79 -0.12 -9.73
N LYS A 61 -15.58 -1.26 -10.38
CA LYS A 61 -15.51 -2.52 -9.68
C LYS A 61 -14.19 -2.66 -8.93
N VAL A 62 -14.13 -2.09 -7.74
CA VAL A 62 -12.91 -2.15 -6.93
C VAL A 62 -12.46 -3.60 -6.74
N ILE A 63 -11.19 -3.85 -7.00
CA ILE A 63 -10.63 -5.18 -6.86
C ILE A 63 -9.40 -5.15 -5.97
N GLY A 64 -8.54 -4.16 -6.21
CA GLY A 64 -7.34 -4.01 -5.43
C GLY A 64 -6.96 -2.56 -5.28
N GLY A 65 -5.68 -2.29 -5.02
CA GLY A 65 -5.24 -0.93 -4.87
C GLY A 65 -4.49 -0.67 -3.59
N ILE A 66 -3.61 0.33 -3.61
CA ILE A 66 -2.82 0.71 -2.44
C ILE A 66 -3.31 2.04 -1.88
N CYS A 67 -2.92 2.34 -0.64
CA CYS A 67 -3.32 3.59 0.00
C CYS A 67 -2.22 4.13 0.93
N PHE A 68 -2.27 5.46 1.14
CA PHE A 68 -1.31 6.19 1.99
C PHE A 68 -0.21 6.85 1.15
N ARG A 69 0.93 7.17 1.76
CA ARG A 69 2.02 7.80 1.05
C ARG A 69 3.29 7.82 1.89
N GLN A 70 4.17 8.80 1.64
CA GLN A 70 5.42 8.90 2.37
C GLN A 70 5.52 10.21 3.15
N TYR A 71 6.46 10.25 4.09
CA TYR A 71 6.70 11.43 4.91
C TYR A 71 7.90 12.20 4.40
N LYS A 72 7.76 13.52 4.30
CA LYS A 72 8.83 14.40 3.79
C LYS A 72 9.81 14.79 4.87
N PRO A 73 9.37 15.51 5.93
CA PRO A 73 10.26 15.91 7.01
C PRO A 73 10.78 14.69 7.73
N GLN A 74 10.09 13.57 7.54
CA GLN A 74 10.46 12.31 8.14
C GLN A 74 11.43 11.52 7.27
N ARG A 75 11.43 11.82 5.97
CA ARG A 75 12.31 11.13 5.02
C ARG A 75 12.01 9.64 5.02
N PHE A 76 10.81 9.30 5.48
CA PHE A 76 10.36 7.92 5.55
C PHE A 76 8.94 7.84 5.04
N ALA A 77 8.43 6.62 4.85
CA ALA A 77 7.07 6.45 4.35
C ALA A 77 6.34 5.32 5.04
N GLU A 78 5.02 5.42 5.02
CA GLU A 78 4.15 4.39 5.59
C GLU A 78 3.05 4.12 4.59
N VAL A 79 2.76 2.86 4.36
CA VAL A 79 1.73 2.52 3.38
C VAL A 79 0.46 1.98 4.05
N ALA A 80 -0.68 2.43 3.54
CA ALA A 80 -1.96 1.94 4.06
C ALA A 80 -2.09 0.49 3.67
N PHE A 81 -1.45 0.15 2.55
CA PHE A 81 -1.39 -1.22 2.03
C PHE A 81 -2.12 -1.36 0.70
N LEU A 82 -1.60 -2.28 -0.11
CA LEU A 82 -2.17 -2.58 -1.40
C LEU A 82 -2.64 -4.01 -1.40
N ALA A 83 -3.44 -4.36 -2.39
CA ALA A 83 -3.94 -5.72 -2.49
C ALA A 83 -4.96 -5.90 -3.59
N VAL A 84 -5.63 -7.04 -3.51
CA VAL A 84 -6.67 -7.43 -4.45
C VAL A 84 -7.64 -8.36 -3.69
N THR A 85 -8.93 -8.27 -3.99
CA THR A 85 -9.92 -9.10 -3.27
C THR A 85 -9.65 -10.59 -3.48
N ALA A 86 -10.06 -11.37 -2.47
CA ALA A 86 -9.87 -12.82 -2.41
C ALA A 86 -9.79 -13.55 -3.75
N ASN A 87 -10.77 -14.40 -4.04
CA ASN A 87 -10.75 -15.20 -5.26
C ASN A 87 -10.81 -14.36 -6.52
N GLU A 88 -10.25 -13.16 -6.46
CA GLU A 88 -10.23 -12.28 -7.60
C GLU A 88 -8.80 -12.07 -8.07
N GLN A 89 -7.84 -12.29 -7.18
CA GLN A 89 -6.43 -12.11 -7.50
C GLN A 89 -5.94 -13.21 -8.46
N VAL A 90 -4.62 -13.48 -8.40
CA VAL A 90 -3.99 -14.50 -9.24
C VAL A 90 -4.44 -14.38 -10.68
N ARG A 91 -4.69 -13.15 -11.12
CA ARG A 91 -5.12 -12.88 -12.48
C ARG A 91 -4.16 -11.94 -13.18
N GLY A 92 -3.51 -11.06 -12.41
CA GLY A 92 -2.58 -10.11 -12.97
C GLY A 92 -2.98 -8.67 -12.74
N TYR A 93 -2.95 -8.24 -11.49
CA TYR A 93 -3.32 -6.87 -11.12
C TYR A 93 -2.37 -6.31 -10.08
N GLY A 94 -2.41 -6.91 -8.89
CA GLY A 94 -1.55 -6.46 -7.78
C GLY A 94 -0.20 -5.93 -8.22
N THR A 95 0.47 -6.63 -9.12
CA THR A 95 1.78 -6.21 -9.61
C THR A 95 1.74 -4.77 -10.11
N ARG A 96 0.69 -4.44 -10.84
CA ARG A 96 0.53 -3.09 -11.37
C ARG A 96 0.47 -2.07 -10.24
N LEU A 97 0.14 -2.54 -9.03
CA LEU A 97 0.06 -1.66 -7.88
C LEU A 97 1.43 -1.47 -7.24
N MET A 98 2.08 -2.60 -6.90
CA MET A 98 3.39 -2.57 -6.28
C MET A 98 4.32 -1.60 -7.01
N ASN A 99 4.36 -1.70 -8.33
CA ASN A 99 5.20 -0.82 -9.12
C ASN A 99 4.61 0.59 -9.17
N LYS A 100 3.28 0.68 -9.15
CA LYS A 100 2.62 1.98 -9.15
C LYS A 100 2.98 2.72 -7.87
N PHE A 101 3.17 1.95 -6.80
CA PHE A 101 3.52 2.49 -5.50
C PHE A 101 4.90 3.13 -5.56
N LYS A 102 5.85 2.43 -6.18
CA LYS A 102 7.21 2.96 -6.29
C LYS A 102 7.22 4.28 -7.05
N ASP A 103 6.47 4.34 -8.15
CA ASP A 103 6.39 5.55 -8.95
C ASP A 103 6.01 6.75 -8.07
N HIS A 104 5.10 6.50 -7.13
CA HIS A 104 4.64 7.52 -6.21
C HIS A 104 5.71 7.80 -5.16
N MET A 105 6.37 6.74 -4.68
CA MET A 105 7.42 6.89 -3.68
C MET A 105 8.49 7.85 -4.17
N GLN A 106 8.65 7.94 -5.48
CA GLN A 106 9.63 8.83 -6.07
C GLN A 106 9.05 10.24 -6.20
N LYS A 107 7.73 10.31 -6.38
CA LYS A 107 7.07 11.61 -6.53
C LYS A 107 7.41 12.53 -5.36
N GLN A 108 7.26 12.02 -4.15
CA GLN A 108 7.60 12.79 -2.96
C GLN A 108 9.09 12.66 -2.72
N ASN A 109 9.64 11.60 -3.31
CA ASN A 109 11.05 11.30 -3.22
C ASN A 109 11.46 10.86 -1.82
N ILE A 110 10.58 10.11 -1.16
CA ILE A 110 10.88 9.63 0.19
C ILE A 110 11.69 8.34 0.09
N GLU A 111 12.98 8.46 0.39
CA GLU A 111 13.91 7.34 0.32
C GLU A 111 13.48 6.13 1.14
N TYR A 112 12.86 6.35 2.31
CA TYR A 112 12.48 5.21 3.15
C TYR A 112 10.96 5.00 3.20
N LEU A 113 10.58 3.73 3.39
CA LEU A 113 9.17 3.32 3.51
C LEU A 113 9.06 2.25 4.59
N LEU A 114 7.84 1.97 5.05
CA LEU A 114 7.67 0.97 6.10
C LEU A 114 6.22 0.45 6.21
N THR A 115 6.07 -0.72 6.83
CA THR A 115 4.76 -1.36 7.06
C THR A 115 4.91 -2.70 7.78
N TYR A 116 3.77 -3.22 8.23
CA TYR A 116 3.70 -4.51 8.89
C TYR A 116 2.80 -5.41 8.06
N ALA A 117 3.40 -6.16 7.13
CA ALA A 117 2.63 -7.03 6.23
C ALA A 117 2.65 -8.49 6.67
N ASP A 118 1.88 -9.31 5.96
CA ASP A 118 1.80 -10.75 6.27
C ASP A 118 2.65 -11.58 5.32
N ASN A 119 2.67 -12.89 5.54
CA ASN A 119 3.45 -13.82 4.73
C ASN A 119 3.17 -13.67 3.23
N PHE A 120 1.94 -13.28 2.88
CA PHE A 120 1.57 -13.10 1.48
C PHE A 120 2.27 -11.88 0.89
N ALA A 121 2.37 -10.83 1.70
CA ALA A 121 3.03 -9.61 1.27
C ALA A 121 4.53 -9.78 1.36
N ILE A 122 4.93 -10.61 2.30
CA ILE A 122 6.34 -10.91 2.51
C ILE A 122 7.01 -11.25 1.17
N GLY A 123 6.74 -12.45 0.68
CA GLY A 123 7.30 -12.89 -0.58
C GLY A 123 6.99 -11.93 -1.72
N TYR A 124 5.74 -11.47 -1.80
CA TYR A 124 5.35 -10.55 -2.85
C TYR A 124 6.17 -9.27 -2.79
N PHE A 125 6.39 -8.77 -1.57
CA PHE A 125 7.17 -7.56 -1.37
C PHE A 125 8.63 -7.78 -1.76
N LYS A 126 9.24 -8.78 -1.15
CA LYS A 126 10.64 -9.11 -1.43
C LYS A 126 10.85 -9.38 -2.91
N LYS A 127 9.77 -9.66 -3.63
CA LYS A 127 9.85 -9.95 -5.05
C LYS A 127 9.84 -8.68 -5.91
N GLN A 128 9.24 -7.61 -5.40
CA GLN A 128 9.18 -6.36 -6.15
C GLN A 128 10.27 -5.38 -5.72
N GLY A 129 11.00 -5.73 -4.66
CA GLY A 129 12.06 -4.87 -4.18
C GLY A 129 11.73 -4.27 -2.84
N PHE A 130 11.43 -5.13 -1.87
CA PHE A 130 11.08 -4.69 -0.53
C PHE A 130 11.76 -5.57 0.53
N THR A 131 12.00 -5.02 1.71
CA THR A 131 12.67 -5.77 2.78
C THR A 131 11.70 -6.27 3.85
N LYS A 132 11.54 -7.59 3.92
CA LYS A 132 10.68 -8.21 4.91
C LYS A 132 11.48 -9.09 5.85
N GLU A 133 12.72 -9.42 5.45
CA GLU A 133 13.59 -10.28 6.25
C GLU A 133 13.56 -9.89 7.73
N HIS A 134 13.47 -10.89 8.60
CA HIS A 134 13.43 -10.65 10.03
C HIS A 134 14.76 -10.09 10.53
N ARG A 135 15.85 -10.69 10.08
CA ARG A 135 17.18 -10.24 10.47
C ARG A 135 17.69 -9.16 9.52
N MET A 136 16.87 -8.13 9.30
CA MET A 136 17.23 -7.04 8.41
C MET A 136 17.65 -5.81 9.22
N PRO A 137 18.63 -5.04 8.70
CA PRO A 137 19.12 -3.84 9.39
C PRO A 137 17.98 -2.90 9.77
N GLN A 138 17.49 -3.03 11.00
CA GLN A 138 16.41 -2.19 11.48
C GLN A 138 16.94 -0.95 12.20
N GLU A 139 18.02 -0.37 11.67
CA GLU A 139 18.64 0.81 12.26
C GLU A 139 17.75 2.04 12.11
N LYS A 140 17.65 2.56 10.90
CA LYS A 140 16.83 3.73 10.63
C LYS A 140 15.34 3.37 10.57
N TRP A 141 15.04 2.11 10.85
CA TRP A 141 13.66 1.62 10.83
C TRP A 141 12.80 2.42 11.80
N LYS A 142 13.43 3.08 12.76
CA LYS A 142 12.71 3.87 13.76
C LYS A 142 11.99 5.04 13.09
N GLY A 143 10.85 4.73 12.45
CA GLY A 143 10.08 5.75 11.79
C GLY A 143 8.59 5.50 11.91
N TYR A 144 8.15 4.31 11.52
CA TYR A 144 6.75 3.94 11.60
C TYR A 144 6.48 3.03 12.79
N ILE A 145 7.54 2.75 13.57
CA ILE A 145 7.41 1.88 14.74
C ILE A 145 6.28 2.32 15.65
N LYS A 146 5.58 1.35 16.25
CA LYS A 146 4.47 1.63 17.14
C LYS A 146 3.80 0.33 17.56
N ASP A 147 3.35 0.29 18.80
CA ASP A 147 2.68 -0.89 19.35
C ASP A 147 1.51 -1.32 18.46
N TYR A 148 1.82 -2.08 17.41
CA TYR A 148 0.82 -2.56 16.48
C TYR A 148 1.47 -3.31 15.32
N ASP A 149 1.64 -4.62 15.50
CA ASP A 149 2.26 -5.45 14.46
C ASP A 149 1.37 -6.63 14.11
N GLY A 150 0.63 -6.49 13.01
CA GLY A 150 -0.25 -7.55 12.57
C GLY A 150 0.50 -8.71 11.95
N GLY A 151 1.46 -8.38 11.08
CA GLY A 151 2.25 -9.40 10.42
C GLY A 151 3.72 -9.31 10.77
N THR A 152 4.51 -8.74 9.86
CA THR A 152 5.94 -8.59 10.09
C THR A 152 6.43 -7.23 9.59
N LEU A 153 7.37 -6.64 10.30
CA LEU A 153 7.91 -5.34 9.92
C LEU A 153 8.77 -5.46 8.66
N MET A 154 8.62 -4.51 7.75
CA MET A 154 9.37 -4.49 6.50
C MET A 154 9.71 -3.07 6.09
N GLU A 155 10.78 -2.91 5.33
CA GLU A 155 11.19 -1.60 4.87
C GLU A 155 11.35 -1.60 3.36
N CYS A 156 11.55 -0.41 2.79
CA CYS A 156 11.73 -0.29 1.35
C CYS A 156 12.38 1.03 1.00
N TYR A 157 13.52 0.96 0.31
CA TYR A 157 14.26 2.15 -0.08
C TYR A 157 13.74 2.73 -1.39
N ILE A 158 14.02 4.01 -1.62
CA ILE A 158 13.59 4.70 -2.83
C ILE A 158 14.70 5.59 -3.38
N HIS A 159 14.97 5.46 -4.67
CA HIS A 159 16.01 6.26 -5.32
C HIS A 159 15.45 6.99 -6.54
N PRO A 160 15.51 8.34 -6.55
CA PRO A 160 15.01 9.14 -7.66
C PRO A 160 15.89 9.03 -8.90
N TYR A 161 17.19 8.81 -8.67
CA TYR A 161 18.13 8.68 -9.77
C TYR A 161 17.75 7.53 -10.70
N VAL A 162 17.07 6.53 -10.15
CA VAL A 162 16.65 5.37 -10.92
C VAL A 162 15.36 5.67 -11.70
N ASP A 163 15.18 4.97 -12.81
CA ASP A 163 14.00 5.16 -13.65
C ASP A 163 12.86 4.26 -13.20
N TYR A 164 12.06 4.76 -12.26
CA TYR A 164 10.93 4.00 -11.74
C TYR A 164 9.76 3.98 -12.73
N GLY A 165 9.84 4.79 -13.77
CA GLY A 165 8.79 4.84 -14.76
C GLY A 165 8.49 3.49 -15.39
N ASN A 166 9.56 2.77 -15.73
CA ASN A 166 9.42 1.45 -16.34
C ASN A 166 8.65 1.53 -17.66
N MET A 1 -2.90 -4.28 -26.15
CA MET A 1 -3.34 -3.30 -27.17
C MET A 1 -3.94 -2.06 -26.52
N LYS A 2 -5.11 -2.22 -25.91
CA LYS A 2 -5.80 -1.11 -25.25
C LYS A 2 -5.93 -1.38 -23.75
N GLY A 3 -5.88 -0.32 -22.96
CA GLY A 3 -6.00 -0.45 -21.53
C GLY A 3 -7.42 -0.74 -21.08
N LEU A 4 -7.61 -1.87 -20.41
CA LEU A 4 -8.93 -2.26 -19.93
C LEU A 4 -9.12 -1.84 -18.48
N LEU A 5 -8.22 -2.31 -17.61
CA LEU A 5 -8.30 -1.99 -16.18
C LEU A 5 -8.34 -0.47 -15.97
N ASP A 6 -8.87 -0.08 -14.81
CA ASP A 6 -8.97 1.34 -14.47
C ASP A 6 -8.52 1.59 -13.05
N PHE A 7 -7.69 2.61 -12.86
CA PHE A 7 -7.18 2.95 -11.55
C PHE A 7 -7.76 4.31 -11.11
N ASP A 8 -7.78 4.54 -9.80
CA ASP A 8 -8.32 5.79 -9.27
C ASP A 8 -7.50 6.30 -8.10
N ILE A 9 -7.29 7.60 -8.05
CA ILE A 9 -6.53 8.23 -6.97
C ILE A 9 -7.48 8.70 -5.88
N LEU A 10 -7.43 8.05 -4.74
CA LEU A 10 -8.29 8.38 -3.62
C LEU A 10 -7.59 9.21 -2.55
N THR A 11 -8.40 9.74 -1.65
CA THR A 11 -7.91 10.55 -0.54
C THR A 11 -8.88 10.45 0.63
N ASN A 12 -8.41 10.77 1.82
CA ASN A 12 -9.27 10.73 2.99
C ASN A 12 -9.87 12.09 3.25
N ASP A 13 -10.26 12.75 2.16
CA ASP A 13 -10.85 14.07 2.24
C ASP A 13 -12.33 13.98 2.64
N GLY A 14 -12.88 12.77 2.55
CA GLY A 14 -14.28 12.58 2.90
C GLY A 14 -15.22 13.17 1.88
N THR A 15 -14.90 12.98 0.60
CA THR A 15 -15.72 13.50 -0.48
C THR A 15 -16.99 12.67 -0.64
N HIS A 16 -16.87 11.53 -1.33
CA HIS A 16 -18.01 10.66 -1.55
C HIS A 16 -17.58 9.40 -2.31
N ARG A 17 -17.33 9.55 -3.61
CA ARG A 17 -16.91 8.43 -4.44
C ARG A 17 -15.58 7.85 -3.94
N ASN A 18 -14.75 8.73 -3.37
CA ASN A 18 -13.46 8.30 -2.84
C ASN A 18 -13.66 7.42 -1.62
N MET A 19 -14.64 7.77 -0.80
CA MET A 19 -14.94 7.01 0.41
C MET A 19 -15.28 5.57 0.06
N LYS A 20 -16.38 5.38 -0.67
CA LYS A 20 -16.82 4.04 -1.07
C LYS A 20 -15.64 3.20 -1.57
N LEU A 21 -14.84 3.78 -2.45
CA LEU A 21 -13.68 3.09 -3.00
C LEU A 21 -12.65 2.82 -1.90
N LEU A 22 -12.21 3.88 -1.24
CA LEU A 22 -11.22 3.76 -0.17
C LEU A 22 -11.62 2.65 0.81
N ILE A 23 -12.92 2.53 1.03
CA ILE A 23 -13.44 1.51 1.94
C ILE A 23 -13.06 0.12 1.45
N ASP A 24 -13.38 -0.17 0.18
CA ASP A 24 -13.07 -1.47 -0.40
C ASP A 24 -11.64 -1.88 -0.11
N LEU A 25 -10.69 -1.06 -0.54
CA LEU A 25 -9.27 -1.35 -0.32
C LEU A 25 -8.99 -1.80 1.12
N LYS A 26 -9.51 -1.05 2.08
CA LYS A 26 -9.29 -1.35 3.48
C LYS A 26 -9.75 -2.77 3.84
N ASN A 27 -11.04 -3.03 3.67
CA ASN A 27 -11.59 -4.35 3.99
C ASN A 27 -10.94 -5.45 3.16
N ILE A 28 -10.58 -5.14 1.92
CA ILE A 28 -9.95 -6.13 1.05
C ILE A 28 -8.69 -6.68 1.70
N PHE A 29 -7.75 -5.80 2.01
CA PHE A 29 -6.50 -6.23 2.66
C PHE A 29 -6.81 -7.07 3.89
N SER A 30 -7.29 -6.40 4.92
CA SER A 30 -7.64 -7.05 6.19
C SER A 30 -8.41 -8.35 5.95
N ARG A 31 -9.17 -8.40 4.86
CA ARG A 31 -9.96 -9.59 4.54
C ARG A 31 -9.05 -10.77 4.18
N GLN A 32 -8.41 -10.69 3.02
CA GLN A 32 -7.52 -11.75 2.58
C GLN A 32 -6.37 -11.94 3.57
N LEU A 33 -6.10 -10.91 4.37
CA LEU A 33 -5.04 -10.95 5.37
C LEU A 33 -5.61 -11.37 6.72
N PRO A 34 -5.34 -12.62 7.17
CA PRO A 34 -5.85 -13.13 8.45
C PRO A 34 -5.05 -12.61 9.64
N LYS A 35 -3.80 -12.24 9.41
CA LYS A 35 -2.93 -11.76 10.48
C LYS A 35 -2.71 -10.24 10.37
N MET A 36 -3.75 -9.53 9.93
CA MET A 36 -3.67 -8.08 9.80
C MET A 36 -4.89 -7.40 10.42
N PRO A 37 -4.76 -6.91 11.66
CA PRO A 37 -5.87 -6.24 12.36
C PRO A 37 -6.60 -5.24 11.48
N LYS A 38 -7.92 -5.33 11.48
CA LYS A 38 -8.76 -4.43 10.67
C LYS A 38 -8.45 -2.98 10.99
N GLU A 39 -8.33 -2.66 12.28
CA GLU A 39 -8.06 -1.30 12.72
C GLU A 39 -6.75 -0.79 12.09
N TYR A 40 -5.81 -1.69 11.88
CA TYR A 40 -4.53 -1.32 11.29
C TYR A 40 -4.73 -0.68 9.93
N ILE A 41 -5.12 -1.49 8.94
CA ILE A 41 -5.37 -0.98 7.60
C ILE A 41 -6.29 0.23 7.67
N VAL A 42 -7.20 0.19 8.62
CA VAL A 42 -8.14 1.29 8.84
C VAL A 42 -7.38 2.54 9.26
N LYS A 43 -6.46 2.37 10.19
CA LYS A 43 -5.66 3.47 10.68
C LYS A 43 -4.84 4.08 9.54
N LEU A 44 -4.12 3.21 8.83
CA LEU A 44 -3.29 3.63 7.71
C LEU A 44 -4.13 4.12 6.53
N VAL A 45 -5.24 3.41 6.25
CA VAL A 45 -6.10 3.78 5.13
C VAL A 45 -6.93 5.02 5.46
N PHE A 46 -7.29 5.19 6.72
CA PHE A 46 -8.08 6.34 7.14
C PHE A 46 -7.26 7.29 8.01
N ASP A 47 -5.94 7.22 7.87
CA ASP A 47 -5.04 8.07 8.63
C ASP A 47 -5.37 9.55 8.42
N ARG A 48 -4.65 10.41 9.11
CA ARG A 48 -4.86 11.85 9.02
C ARG A 48 -4.47 12.37 7.64
N HIS A 49 -5.36 12.24 6.68
CA HIS A 49 -5.12 12.70 5.31
C HIS A 49 -3.98 11.92 4.66
N HIS A 50 -4.16 11.57 3.39
CA HIS A 50 -3.16 10.82 2.64
C HIS A 50 -3.62 10.59 1.21
N GLU A 51 -2.77 9.92 0.44
CA GLU A 51 -3.08 9.61 -0.96
C GLU A 51 -3.21 8.11 -1.16
N SER A 52 -3.79 7.70 -2.28
CA SER A 52 -3.97 6.28 -2.56
C SER A 52 -4.29 6.03 -4.03
N MET A 53 -4.22 4.76 -4.42
CA MET A 53 -4.51 4.34 -5.77
C MET A 53 -5.24 3.00 -5.75
N VAL A 54 -6.36 2.91 -6.44
CA VAL A 54 -7.15 1.67 -6.44
C VAL A 54 -7.26 1.06 -7.83
N ILE A 55 -7.99 -0.04 -7.89
CA ILE A 55 -8.26 -0.74 -9.11
C ILE A 55 -9.75 -0.78 -9.36
N LEU A 56 -10.13 -1.04 -10.60
CA LEU A 56 -11.53 -1.11 -10.96
C LEU A 56 -11.77 -2.21 -11.99
N LYS A 57 -12.44 -3.27 -11.57
CA LYS A 57 -12.73 -4.39 -12.45
C LYS A 57 -14.10 -4.24 -13.08
N ASN A 58 -14.31 -3.08 -13.70
CA ASN A 58 -15.56 -2.74 -14.38
C ASN A 58 -15.75 -1.22 -14.43
N LYS A 59 -14.65 -0.48 -14.33
CA LYS A 59 -14.68 0.99 -14.37
C LYS A 59 -14.98 1.59 -12.99
N GLN A 60 -15.74 0.87 -12.18
CA GLN A 60 -16.08 1.35 -10.86
C GLN A 60 -16.17 0.18 -9.88
N LYS A 61 -15.74 -0.99 -10.32
CA LYS A 61 -15.79 -2.18 -9.48
C LYS A 61 -14.44 -2.42 -8.80
N VAL A 62 -14.26 -1.83 -7.62
CA VAL A 62 -13.01 -1.99 -6.88
C VAL A 62 -12.67 -3.46 -6.68
N ILE A 63 -11.39 -3.79 -6.84
CA ILE A 63 -10.93 -5.16 -6.67
C ILE A 63 -9.62 -5.15 -5.88
N GLY A 64 -8.72 -4.28 -6.29
CA GLY A 64 -7.45 -4.14 -5.62
C GLY A 64 -7.10 -2.68 -5.44
N GLY A 65 -5.92 -2.39 -4.89
CA GLY A 65 -5.55 -1.01 -4.68
C GLY A 65 -4.59 -0.81 -3.52
N ILE A 66 -3.74 0.19 -3.66
CA ILE A 66 -2.76 0.53 -2.64
C ILE A 66 -3.04 1.91 -2.05
N CYS A 67 -2.73 2.07 -0.77
CA CYS A 67 -2.93 3.34 -0.08
C CYS A 67 -1.73 3.60 0.84
N PHE A 68 -1.31 4.87 0.94
CA PHE A 68 -0.17 5.21 1.80
C PHE A 68 -0.09 6.70 2.10
N ARG A 69 0.95 7.07 2.84
CA ARG A 69 1.17 8.47 3.21
C ARG A 69 2.66 8.73 3.44
N GLN A 70 3.30 9.36 2.46
CA GLN A 70 4.71 9.66 2.53
C GLN A 70 4.96 11.01 3.18
N TYR A 71 5.82 11.02 4.19
CA TYR A 71 6.16 12.23 4.91
C TYR A 71 7.51 12.78 4.45
N LYS A 72 7.56 14.10 4.24
CA LYS A 72 8.79 14.76 3.79
C LYS A 72 9.66 15.18 4.97
N PRO A 73 9.16 16.05 5.86
CA PRO A 73 9.93 16.45 7.04
C PRO A 73 10.37 15.21 7.80
N GLN A 74 9.62 14.14 7.59
CA GLN A 74 9.89 12.86 8.22
C GLN A 74 10.78 11.99 7.32
N ARG A 75 10.62 12.17 6.00
CA ARG A 75 11.39 11.41 5.02
C ARG A 75 11.01 9.94 5.05
N PHE A 76 9.89 9.65 5.69
CA PHE A 76 9.40 8.28 5.80
C PHE A 76 7.97 8.19 5.29
N ALA A 77 7.51 6.97 5.01
CA ALA A 77 6.16 6.80 4.49
C ALA A 77 5.52 5.51 4.99
N GLU A 78 4.29 5.65 5.49
CA GLU A 78 3.53 4.50 5.98
C GLU A 78 2.59 4.05 4.87
N VAL A 79 2.41 2.74 4.72
CA VAL A 79 1.54 2.24 3.66
C VAL A 79 0.32 1.52 4.22
N ALA A 80 -0.86 1.93 3.76
CA ALA A 80 -2.11 1.30 4.18
C ALA A 80 -2.17 -0.12 3.68
N PHE A 81 -1.39 -0.40 2.63
CA PHE A 81 -1.27 -1.73 2.02
C PHE A 81 -1.97 -1.81 0.67
N LEU A 82 -1.49 -2.75 -0.14
CA LEU A 82 -2.04 -3.01 -1.45
C LEU A 82 -2.59 -4.42 -1.49
N ALA A 83 -3.54 -4.66 -2.37
CA ALA A 83 -4.12 -5.99 -2.46
C ALA A 83 -5.23 -6.09 -3.49
N VAL A 84 -5.93 -7.21 -3.42
CA VAL A 84 -7.04 -7.54 -4.29
C VAL A 84 -8.07 -8.30 -3.46
N THR A 85 -9.35 -8.16 -3.76
CA THR A 85 -10.36 -8.89 -2.99
C THR A 85 -10.04 -10.37 -2.99
N ALA A 86 -10.88 -11.16 -2.35
CA ALA A 86 -10.66 -12.59 -2.22
C ALA A 86 -10.20 -13.29 -3.50
N ASN A 87 -10.87 -14.38 -3.87
CA ASN A 87 -10.46 -15.15 -5.03
C ASN A 87 -10.30 -14.31 -6.29
N GLU A 88 -10.57 -13.01 -6.19
CA GLU A 88 -10.38 -12.15 -7.33
C GLU A 88 -8.91 -12.11 -7.68
N GLN A 89 -8.06 -12.31 -6.66
CA GLN A 89 -6.62 -12.31 -6.84
C GLN A 89 -6.18 -13.17 -8.03
N VAL A 90 -4.87 -13.27 -8.21
CA VAL A 90 -4.28 -14.04 -9.32
C VAL A 90 -4.97 -13.72 -10.64
N ARG A 91 -5.02 -12.42 -10.98
CA ARG A 91 -5.64 -11.98 -12.22
C ARG A 91 -4.67 -11.13 -13.04
N GLY A 92 -3.86 -10.33 -12.35
CA GLY A 92 -2.89 -9.49 -13.03
C GLY A 92 -3.16 -8.02 -12.81
N TYR A 93 -3.60 -7.66 -11.62
CA TYR A 93 -3.89 -6.27 -11.28
C TYR A 93 -2.95 -5.77 -10.19
N GLY A 94 -2.89 -6.52 -9.08
CA GLY A 94 -2.03 -6.14 -7.97
C GLY A 94 -0.67 -5.61 -8.38
N THR A 95 0.03 -6.37 -9.23
CA THR A 95 1.36 -5.98 -9.70
C THR A 95 1.34 -4.53 -10.21
N ARG A 96 0.36 -4.20 -11.03
CA ARG A 96 0.25 -2.85 -11.57
C ARG A 96 0.26 -1.82 -10.44
N LEU A 97 -0.26 -2.22 -9.28
CA LEU A 97 -0.30 -1.35 -8.12
C LEU A 97 1.07 -1.30 -7.44
N MET A 98 1.66 -2.48 -7.23
CA MET A 98 2.97 -2.58 -6.60
C MET A 98 3.96 -1.61 -7.26
N ASN A 99 3.91 -1.57 -8.58
CA ASN A 99 4.78 -0.67 -9.34
C ASN A 99 4.38 0.78 -9.06
N LYS A 100 3.08 1.01 -8.97
CA LYS A 100 2.59 2.35 -8.68
C LYS A 100 3.12 2.82 -7.33
N PHE A 101 3.40 1.85 -6.46
CA PHE A 101 3.93 2.12 -5.13
C PHE A 101 5.36 2.65 -5.25
N LYS A 102 6.14 2.06 -6.15
CA LYS A 102 7.52 2.48 -6.33
C LYS A 102 7.60 3.78 -7.11
N ASP A 103 7.06 3.79 -8.32
CA ASP A 103 7.07 4.99 -9.14
C ASP A 103 6.60 6.19 -8.35
N HIS A 104 5.58 5.97 -7.53
CA HIS A 104 5.03 7.03 -6.69
C HIS A 104 5.94 7.32 -5.50
N MET A 105 6.60 6.30 -4.99
CA MET A 105 7.49 6.46 -3.86
C MET A 105 8.60 7.47 -4.15
N GLN A 106 8.88 7.67 -5.43
CA GLN A 106 9.91 8.62 -5.84
C GLN A 106 9.29 9.96 -6.19
N LYS A 107 8.05 9.94 -6.67
CA LYS A 107 7.34 11.16 -7.04
C LYS A 107 6.93 11.96 -5.81
N GLN A 108 7.13 11.38 -4.64
CA GLN A 108 6.76 12.04 -3.39
C GLN A 108 8.00 12.47 -2.63
N ASN A 109 9.14 11.93 -3.04
CA ASN A 109 10.43 12.23 -2.45
C ASN A 109 10.60 11.54 -1.10
N ILE A 110 9.78 10.52 -0.84
CA ILE A 110 9.88 9.77 0.40
C ILE A 110 10.42 8.38 0.10
N GLU A 111 11.63 8.10 0.60
CA GLU A 111 12.28 6.83 0.32
C GLU A 111 12.25 5.86 1.50
N TYR A 112 11.81 6.31 2.67
CA TYR A 112 11.77 5.42 3.83
C TYR A 112 10.35 4.93 4.11
N LEU A 113 9.98 3.83 3.45
CA LEU A 113 8.65 3.25 3.63
C LEU A 113 8.62 2.38 4.88
N LEU A 114 7.43 1.96 5.29
CA LEU A 114 7.31 1.11 6.48
C LEU A 114 5.90 0.50 6.61
N THR A 115 5.84 -0.70 7.20
CA THR A 115 4.57 -1.41 7.43
C THR A 115 4.81 -2.74 8.12
N TYR A 116 3.72 -3.35 8.60
CA TYR A 116 3.78 -4.65 9.23
C TYR A 116 3.28 -5.70 8.24
N ALA A 117 4.08 -5.92 7.20
CA ALA A 117 3.71 -6.85 6.13
C ALA A 117 3.78 -8.32 6.56
N ASP A 118 2.75 -9.08 6.19
CA ASP A 118 2.68 -10.50 6.53
C ASP A 118 3.36 -11.35 5.45
N ASN A 119 3.50 -12.64 5.74
CA ASN A 119 4.13 -13.58 4.81
C ASN A 119 3.66 -13.39 3.37
N PHE A 120 2.36 -13.14 3.19
CA PHE A 120 1.79 -12.95 1.86
C PHE A 120 2.44 -11.76 1.15
N ALA A 121 2.35 -10.60 1.77
CA ALA A 121 2.92 -9.39 1.21
C ALA A 121 4.44 -9.48 1.25
N ILE A 122 4.93 -10.09 2.31
CA ILE A 122 6.35 -10.30 2.50
C ILE A 122 7.02 -10.76 1.20
N GLY A 123 6.78 -12.01 0.85
CA GLY A 123 7.34 -12.58 -0.37
C GLY A 123 7.08 -11.73 -1.58
N TYR A 124 5.82 -11.36 -1.80
CA TYR A 124 5.46 -10.55 -2.96
C TYR A 124 6.16 -9.19 -2.90
N PHE A 125 6.53 -8.76 -1.70
CA PHE A 125 7.21 -7.48 -1.54
C PHE A 125 8.67 -7.60 -1.93
N LYS A 126 9.31 -8.67 -1.44
CA LYS A 126 10.71 -8.92 -1.76
C LYS A 126 10.89 -9.26 -3.24
N LYS A 127 9.76 -9.44 -3.95
CA LYS A 127 9.81 -9.79 -5.36
C LYS A 127 9.76 -8.55 -6.27
N GLN A 128 8.92 -7.58 -5.92
CA GLN A 128 8.80 -6.36 -6.73
C GLN A 128 10.00 -5.44 -6.49
N GLY A 129 10.66 -5.62 -5.36
CA GLY A 129 11.80 -4.80 -5.02
C GLY A 129 11.85 -4.49 -3.54
N PHE A 130 10.69 -4.54 -2.90
CA PHE A 130 10.58 -4.29 -1.46
C PHE A 130 11.59 -5.14 -0.69
N THR A 131 11.72 -4.87 0.61
CA THR A 131 12.64 -5.64 1.42
C THR A 131 12.07 -5.93 2.81
N LYS A 132 11.83 -7.21 3.07
CA LYS A 132 11.27 -7.67 4.34
C LYS A 132 12.40 -8.06 5.30
N GLU A 133 13.57 -8.34 4.73
CA GLU A 133 14.74 -8.76 5.52
C GLU A 133 14.86 -7.96 6.81
N HIS A 134 15.63 -8.51 7.76
CA HIS A 134 15.82 -7.86 9.05
C HIS A 134 17.13 -7.08 9.07
N ARG A 135 18.12 -7.54 8.31
CA ARG A 135 19.41 -6.87 8.22
C ARG A 135 19.24 -5.41 7.85
N MET A 136 18.24 -5.14 7.01
CA MET A 136 17.96 -3.77 6.57
C MET A 136 17.70 -2.87 7.78
N PRO A 137 17.73 -1.54 7.56
CA PRO A 137 17.50 -0.57 8.64
C PRO A 137 16.22 -0.85 9.43
N GLN A 138 16.33 -1.71 10.43
CA GLN A 138 15.19 -2.06 11.27
C GLN A 138 15.14 -1.20 12.52
N GLU A 139 16.30 -0.69 12.93
CA GLU A 139 16.39 0.15 14.12
C GLU A 139 15.87 1.56 13.83
N LYS A 140 15.88 1.94 12.55
CA LYS A 140 15.40 3.25 12.14
C LYS A 140 13.90 3.23 11.85
N TRP A 141 13.23 2.14 12.24
CA TRP A 141 11.80 1.99 12.03
C TRP A 141 11.04 3.11 12.74
N LYS A 142 11.70 3.76 13.71
CA LYS A 142 11.07 4.85 14.46
C LYS A 142 10.23 5.76 13.56
N GLY A 143 8.93 5.55 13.59
CA GLY A 143 8.02 6.34 12.78
C GLY A 143 6.59 5.83 12.86
N TYR A 144 6.41 4.54 12.61
CA TYR A 144 5.09 3.93 12.66
C TYR A 144 5.12 2.69 13.54
N ILE A 145 5.65 2.83 14.74
CA ILE A 145 5.74 1.72 15.68
C ILE A 145 4.52 1.67 16.58
N LYS A 146 4.28 0.50 17.18
CA LYS A 146 3.14 0.31 18.07
C LYS A 146 3.06 -1.15 18.51
N ASP A 147 2.67 -1.36 19.76
CA ASP A 147 2.54 -2.69 20.33
C ASP A 147 1.60 -3.55 19.49
N TYR A 148 2.13 -4.13 18.42
CA TYR A 148 1.34 -4.97 17.53
C TYR A 148 2.15 -6.17 17.06
N ASP A 149 1.47 -7.15 16.47
CA ASP A 149 2.13 -8.35 15.99
C ASP A 149 1.24 -9.10 15.01
N GLY A 150 1.03 -8.54 13.83
CA GLY A 150 0.19 -9.18 12.83
C GLY A 150 0.99 -9.73 11.66
N GLY A 151 1.94 -8.92 11.17
CA GLY A 151 2.76 -9.35 10.06
C GLY A 151 4.25 -9.25 10.36
N THR A 152 4.94 -8.37 9.66
CA THR A 152 6.36 -8.18 9.87
C THR A 152 6.78 -6.75 9.53
N LEU A 153 7.70 -6.22 10.31
CA LEU A 153 8.18 -4.85 10.08
C LEU A 153 8.92 -4.75 8.76
N MET A 154 8.17 -4.49 7.69
CA MET A 154 8.73 -4.35 6.36
C MET A 154 9.15 -2.91 6.09
N GLU A 155 10.14 -2.74 5.24
CA GLU A 155 10.63 -1.41 4.88
C GLU A 155 10.99 -1.35 3.40
N CYS A 156 11.01 -0.14 2.85
CA CYS A 156 11.34 0.04 1.44
C CYS A 156 12.26 1.24 1.24
N TYR A 157 13.43 0.99 0.66
CA TYR A 157 14.40 2.04 0.41
C TYR A 157 14.27 2.55 -1.02
N ILE A 158 13.59 3.68 -1.20
CA ILE A 158 13.40 4.27 -2.52
C ILE A 158 14.61 5.08 -2.94
N HIS A 159 15.53 4.44 -3.67
CA HIS A 159 16.74 5.12 -4.13
C HIS A 159 16.44 6.03 -5.31
N PRO A 160 16.94 7.27 -5.28
CA PRO A 160 16.72 8.24 -6.37
C PRO A 160 17.55 7.93 -7.60
N TYR A 161 18.65 7.22 -7.41
CA TYR A 161 19.53 6.85 -8.51
C TYR A 161 18.81 5.93 -9.50
N VAL A 162 17.82 5.19 -9.02
CA VAL A 162 17.07 4.27 -9.85
C VAL A 162 15.99 4.99 -10.63
N ASP A 163 15.54 4.39 -11.73
CA ASP A 163 14.50 4.97 -12.56
C ASP A 163 13.27 4.07 -12.60
N TYR A 164 12.18 4.55 -12.00
CA TYR A 164 10.94 3.77 -11.96
C TYR A 164 9.95 4.28 -13.01
N GLY A 165 10.48 4.71 -14.15
CA GLY A 165 9.63 5.21 -15.21
C GLY A 165 10.39 6.03 -16.23
N ASN A 166 10.83 7.21 -15.81
CA ASN A 166 11.59 8.09 -16.70
C ASN A 166 12.63 8.89 -15.92
N MET A 1 -7.00 3.75 -27.37
CA MET A 1 -6.36 3.02 -26.25
C MET A 1 -7.10 3.24 -24.94
N LYS A 2 -7.84 2.23 -24.51
CA LYS A 2 -8.61 2.33 -23.27
C LYS A 2 -8.08 1.34 -22.23
N GLY A 3 -7.91 0.09 -22.64
CA GLY A 3 -7.41 -0.93 -21.73
C GLY A 3 -8.52 -1.80 -21.17
N LEU A 4 -8.20 -2.57 -20.14
CA LEU A 4 -9.18 -3.45 -19.51
C LEU A 4 -9.67 -2.87 -18.20
N LEU A 5 -8.77 -2.76 -17.23
CA LEU A 5 -9.11 -2.22 -15.92
C LEU A 5 -8.60 -0.78 -15.79
N ASP A 6 -9.07 -0.07 -14.77
CA ASP A 6 -8.65 1.31 -14.55
C ASP A 6 -8.33 1.59 -13.09
N PHE A 7 -7.31 2.41 -12.85
CA PHE A 7 -6.91 2.76 -11.49
C PHE A 7 -7.47 4.11 -11.10
N ASP A 8 -7.61 4.34 -9.80
CA ASP A 8 -8.13 5.61 -9.30
C ASP A 8 -7.31 6.10 -8.12
N ILE A 9 -7.15 7.42 -8.02
CA ILE A 9 -6.38 8.01 -6.93
C ILE A 9 -7.29 8.72 -5.94
N LEU A 10 -7.31 8.21 -4.72
CA LEU A 10 -8.14 8.78 -3.66
C LEU A 10 -7.31 9.43 -2.58
N THR A 11 -7.96 10.30 -1.81
CA THR A 11 -7.28 11.01 -0.72
C THR A 11 -8.06 10.91 0.58
N ASN A 12 -9.34 10.66 0.44
CA ASN A 12 -10.25 10.56 1.56
C ASN A 12 -10.47 11.93 2.18
N ASP A 13 -10.65 12.91 1.30
CA ASP A 13 -10.87 14.28 1.72
C ASP A 13 -12.22 14.42 2.43
N GLY A 14 -13.10 13.44 2.19
CA GLY A 14 -14.41 13.47 2.82
C GLY A 14 -15.53 13.52 1.80
N THR A 15 -15.39 12.76 0.72
CA THR A 15 -16.41 12.72 -0.32
C THR A 15 -17.22 11.44 -0.25
N HIS A 16 -17.99 11.16 -1.30
CA HIS A 16 -18.82 9.96 -1.34
C HIS A 16 -18.18 8.89 -2.21
N ARG A 17 -18.00 9.20 -3.49
CA ARG A 17 -17.40 8.26 -4.44
C ARG A 17 -16.07 7.73 -3.91
N ASN A 18 -15.22 8.64 -3.42
CA ASN A 18 -13.92 8.25 -2.89
C ASN A 18 -14.07 7.33 -1.70
N MET A 19 -15.04 7.64 -0.83
CA MET A 19 -15.29 6.84 0.35
C MET A 19 -15.58 5.39 -0.01
N LYS A 20 -16.61 5.18 -0.83
CA LYS A 20 -17.00 3.84 -1.25
C LYS A 20 -15.80 3.02 -1.71
N LEU A 21 -15.00 3.60 -2.61
CA LEU A 21 -13.82 2.92 -3.12
C LEU A 21 -12.81 2.65 -2.00
N LEU A 22 -12.38 3.72 -1.34
CA LEU A 22 -11.41 3.62 -0.25
C LEU A 22 -11.82 2.51 0.73
N ILE A 23 -13.12 2.40 0.97
CA ILE A 23 -13.63 1.38 1.87
C ILE A 23 -13.24 -0.01 1.39
N ASP A 24 -13.54 -0.30 0.14
CA ASP A 24 -13.23 -1.60 -0.45
C ASP A 24 -11.79 -2.00 -0.14
N LEU A 25 -10.85 -1.13 -0.47
CA LEU A 25 -9.43 -1.41 -0.24
C LEU A 25 -9.17 -1.88 1.19
N LYS A 26 -9.71 -1.15 2.16
CA LYS A 26 -9.52 -1.48 3.57
C LYS A 26 -9.93 -2.91 3.88
N ASN A 27 -11.17 -3.27 3.56
CA ASN A 27 -11.67 -4.62 3.82
C ASN A 27 -10.91 -5.66 3.02
N ILE A 28 -10.58 -5.34 1.78
CA ILE A 28 -9.84 -6.26 0.92
C ILE A 28 -8.58 -6.75 1.63
N PHE A 29 -7.71 -5.82 2.01
CA PHE A 29 -6.48 -6.17 2.70
C PHE A 29 -6.79 -7.03 3.92
N SER A 30 -7.32 -6.39 4.96
CA SER A 30 -7.67 -7.07 6.20
C SER A 30 -8.38 -8.41 5.94
N ARG A 31 -9.09 -8.49 4.83
CA ARG A 31 -9.81 -9.71 4.48
C ARG A 31 -8.84 -10.86 4.20
N GLN A 32 -8.16 -10.79 3.05
CA GLN A 32 -7.20 -11.82 2.67
C GLN A 32 -6.09 -11.95 3.71
N LEU A 33 -5.91 -10.90 4.52
CA LEU A 33 -4.89 -10.89 5.55
C LEU A 33 -5.49 -11.24 6.92
N PRO A 34 -5.41 -12.51 7.33
CA PRO A 34 -5.95 -12.97 8.61
C PRO A 34 -5.15 -12.45 9.82
N LYS A 35 -3.88 -12.18 9.59
CA LYS A 35 -3.00 -11.69 10.66
C LYS A 35 -2.86 -10.17 10.60
N MET A 36 -3.88 -9.49 10.08
CA MET A 36 -3.85 -8.04 9.95
C MET A 36 -5.12 -7.43 10.55
N PRO A 37 -5.04 -6.89 11.78
CA PRO A 37 -6.18 -6.26 12.44
C PRO A 37 -6.85 -5.21 11.55
N LYS A 38 -8.17 -5.31 11.42
CA LYS A 38 -8.93 -4.38 10.60
C LYS A 38 -8.61 -2.93 10.96
N GLU A 39 -8.53 -2.67 12.26
CA GLU A 39 -8.23 -1.33 12.76
C GLU A 39 -6.93 -0.80 12.15
N TYR A 40 -5.99 -1.71 11.89
CA TYR A 40 -4.70 -1.32 11.32
C TYR A 40 -4.90 -0.65 9.97
N ILE A 41 -5.27 -1.43 8.96
CA ILE A 41 -5.51 -0.88 7.63
C ILE A 41 -6.45 0.31 7.73
N VAL A 42 -7.46 0.17 8.58
CA VAL A 42 -8.43 1.23 8.81
C VAL A 42 -7.72 2.48 9.30
N LYS A 43 -6.81 2.30 10.24
CA LYS A 43 -6.05 3.41 10.79
C LYS A 43 -5.17 4.04 9.72
N LEU A 44 -4.34 3.21 9.08
CA LEU A 44 -3.44 3.68 8.04
C LEU A 44 -4.20 4.13 6.79
N VAL A 45 -5.40 3.61 6.58
CA VAL A 45 -6.18 3.98 5.39
C VAL A 45 -7.14 5.13 5.66
N PHE A 46 -7.70 5.19 6.87
CA PHE A 46 -8.63 6.26 7.21
C PHE A 46 -7.97 7.36 8.03
N ASP A 47 -6.63 7.36 8.07
CA ASP A 47 -5.88 8.37 8.80
C ASP A 47 -6.34 9.77 8.44
N ARG A 48 -5.77 10.77 9.10
CA ARG A 48 -6.13 12.16 8.86
C ARG A 48 -6.22 12.47 7.36
N HIS A 49 -5.07 12.69 6.73
CA HIS A 49 -5.02 12.99 5.30
C HIS A 49 -3.92 12.19 4.62
N HIS A 50 -4.12 11.89 3.33
CA HIS A 50 -3.14 11.13 2.56
C HIS A 50 -3.65 10.85 1.16
N GLU A 51 -2.80 10.21 0.35
CA GLU A 51 -3.15 9.87 -1.02
C GLU A 51 -3.14 8.35 -1.20
N SER A 52 -3.90 7.87 -2.19
CA SER A 52 -3.97 6.43 -2.44
C SER A 52 -4.25 6.13 -3.90
N MET A 53 -4.27 4.83 -4.22
CA MET A 53 -4.53 4.37 -5.58
C MET A 53 -5.30 3.05 -5.55
N VAL A 54 -6.52 3.06 -6.09
CA VAL A 54 -7.35 1.86 -6.10
C VAL A 54 -7.36 1.19 -7.47
N ILE A 55 -8.01 0.04 -7.55
CA ILE A 55 -8.11 -0.71 -8.80
C ILE A 55 -9.56 -0.97 -9.16
N LEU A 56 -9.98 -0.42 -10.27
CA LEU A 56 -11.34 -0.61 -10.74
C LEU A 56 -11.36 -1.59 -11.90
N LYS A 57 -11.82 -2.79 -11.63
CA LYS A 57 -11.90 -3.82 -12.65
C LYS A 57 -13.24 -3.79 -13.36
N ASN A 58 -13.59 -2.59 -13.83
CA ASN A 58 -14.83 -2.35 -14.55
C ASN A 58 -15.22 -0.87 -14.47
N LYS A 59 -14.21 0.00 -14.29
CA LYS A 59 -14.42 1.45 -14.20
C LYS A 59 -14.77 1.89 -12.78
N GLN A 60 -15.46 1.03 -12.05
CA GLN A 60 -15.85 1.34 -10.69
C GLN A 60 -15.87 0.08 -9.83
N LYS A 61 -15.35 -1.01 -10.39
CA LYS A 61 -15.32 -2.27 -9.66
C LYS A 61 -14.01 -2.42 -8.89
N VAL A 62 -13.98 -1.89 -7.67
CA VAL A 62 -12.78 -1.98 -6.84
C VAL A 62 -12.39 -3.44 -6.61
N ILE A 63 -11.16 -3.78 -6.93
CA ILE A 63 -10.67 -5.15 -6.73
C ILE A 63 -9.44 -5.16 -5.84
N GLY A 64 -8.61 -4.14 -6.02
CA GLY A 64 -7.41 -4.00 -5.24
C GLY A 64 -7.04 -2.54 -5.07
N GLY A 65 -5.81 -2.27 -4.70
CA GLY A 65 -5.40 -0.89 -4.54
C GLY A 65 -4.53 -0.65 -3.34
N ILE A 66 -3.68 0.35 -3.44
CA ILE A 66 -2.78 0.71 -2.35
C ILE A 66 -3.02 2.15 -1.90
N CYS A 67 -2.80 2.40 -0.61
CA CYS A 67 -2.96 3.73 -0.05
C CYS A 67 -1.75 4.03 0.83
N PHE A 68 -1.29 5.28 0.84
CA PHE A 68 -0.11 5.62 1.64
C PHE A 68 0.06 7.11 1.86
N ARG A 69 1.14 7.46 2.54
CA ARG A 69 1.50 8.84 2.85
C ARG A 69 2.94 8.89 3.35
N GLN A 70 3.82 9.48 2.55
CA GLN A 70 5.23 9.55 2.90
C GLN A 70 5.54 10.78 3.74
N TYR A 71 6.48 10.62 4.68
CA TYR A 71 6.89 11.70 5.56
C TYR A 71 8.13 12.41 5.01
N LYS A 72 8.08 13.75 5.03
CA LYS A 72 9.17 14.57 4.49
C LYS A 72 10.25 14.82 5.54
N PRO A 73 9.93 15.49 6.67
CA PRO A 73 10.90 15.75 7.73
C PRO A 73 11.39 14.43 8.30
N GLN A 74 10.61 13.38 8.05
CA GLN A 74 10.94 12.06 8.53
C GLN A 74 11.79 11.30 7.51
N ARG A 75 11.68 11.68 6.24
CA ARG A 75 12.43 11.03 5.16
C ARG A 75 12.03 9.56 5.05
N PHE A 76 10.87 9.25 5.60
CA PHE A 76 10.33 7.90 5.58
C PHE A 76 8.87 7.95 5.20
N ALA A 77 8.28 6.78 4.95
CA ALA A 77 6.88 6.72 4.57
C ALA A 77 6.18 5.49 5.09
N GLU A 78 4.87 5.62 5.32
CA GLU A 78 4.06 4.52 5.78
C GLU A 78 2.99 4.21 4.75
N VAL A 79 2.81 2.93 4.44
CA VAL A 79 1.81 2.54 3.45
C VAL A 79 0.57 1.99 4.12
N ALA A 80 -0.60 2.52 3.75
CA ALA A 80 -1.86 2.07 4.31
C ALA A 80 -2.04 0.58 4.04
N PHE A 81 -1.50 0.14 2.89
CA PHE A 81 -1.53 -1.27 2.46
C PHE A 81 -2.17 -1.42 1.09
N LEU A 82 -1.71 -2.42 0.36
CA LEU A 82 -2.22 -2.71 -0.97
C LEU A 82 -2.69 -4.15 -1.03
N ALA A 83 -3.49 -4.45 -2.02
CA ALA A 83 -3.98 -5.80 -2.20
C ALA A 83 -5.03 -5.92 -3.28
N VAL A 84 -5.66 -7.09 -3.29
CA VAL A 84 -6.73 -7.42 -4.22
C VAL A 84 -7.70 -8.36 -3.52
N THR A 85 -9.00 -8.27 -3.82
CA THR A 85 -9.98 -9.12 -3.15
C THR A 85 -9.70 -10.61 -3.40
N ALA A 86 -10.17 -11.42 -2.46
CA ALA A 86 -9.96 -12.88 -2.44
C ALA A 86 -9.82 -13.56 -3.81
N ASN A 87 -10.73 -14.45 -4.14
CA ASN A 87 -10.62 -15.20 -5.39
C ASN A 87 -10.77 -14.32 -6.62
N GLU A 88 -10.27 -13.10 -6.51
CA GLU A 88 -10.28 -12.17 -7.61
C GLU A 88 -8.86 -11.93 -8.08
N GLN A 89 -7.90 -12.14 -7.19
CA GLN A 89 -6.50 -11.94 -7.52
C GLN A 89 -6.03 -12.98 -8.55
N VAL A 90 -4.72 -13.24 -8.57
CA VAL A 90 -4.12 -14.19 -9.50
C VAL A 90 -4.72 -14.05 -10.90
N ARG A 91 -5.08 -12.81 -11.25
CA ARG A 91 -5.66 -12.53 -12.56
C ARG A 91 -4.73 -11.63 -13.37
N GLY A 92 -3.99 -10.76 -12.68
CA GLY A 92 -3.07 -9.87 -13.37
C GLY A 92 -3.32 -8.41 -13.04
N TYR A 93 -3.30 -8.07 -11.74
CA TYR A 93 -3.53 -6.70 -11.31
C TYR A 93 -2.50 -6.28 -10.27
N GLY A 94 -2.39 -7.08 -9.21
CA GLY A 94 -1.44 -6.79 -8.13
C GLY A 94 -0.13 -6.20 -8.63
N THR A 95 0.50 -6.84 -9.61
CA THR A 95 1.77 -6.37 -10.14
C THR A 95 1.69 -4.89 -10.51
N ARG A 96 0.73 -4.55 -11.36
CA ARG A 96 0.54 -3.15 -11.77
C ARG A 96 0.35 -2.27 -10.54
N LEU A 97 -0.05 -2.88 -9.43
CA LEU A 97 -0.26 -2.16 -8.18
C LEU A 97 1.06 -1.80 -7.52
N MET A 98 1.78 -2.83 -7.07
CA MET A 98 3.07 -2.65 -6.40
C MET A 98 3.95 -1.65 -7.16
N ASN A 99 4.01 -1.80 -8.48
CA ASN A 99 4.82 -0.90 -9.29
C ASN A 99 4.24 0.51 -9.26
N LYS A 100 2.92 0.61 -9.38
CA LYS A 100 2.26 1.91 -9.33
C LYS A 100 2.62 2.62 -8.03
N PHE A 101 2.83 1.82 -6.99
CA PHE A 101 3.20 2.35 -5.68
C PHE A 101 4.59 2.98 -5.74
N LYS A 102 5.56 2.25 -6.31
CA LYS A 102 6.93 2.76 -6.42
C LYS A 102 6.97 4.09 -7.13
N ASP A 103 6.47 4.13 -8.36
CA ASP A 103 6.45 5.37 -9.14
C ASP A 103 5.93 6.53 -8.30
N HIS A 104 4.98 6.23 -7.43
CA HIS A 104 4.40 7.24 -6.56
C HIS A 104 5.36 7.60 -5.42
N MET A 105 6.05 6.59 -4.90
CA MET A 105 7.00 6.82 -3.80
C MET A 105 8.03 7.87 -4.20
N GLN A 106 8.32 7.95 -5.48
CA GLN A 106 9.28 8.92 -5.99
C GLN A 106 8.60 10.27 -6.22
N LYS A 107 7.31 10.23 -6.52
CA LYS A 107 6.54 11.44 -6.76
C LYS A 107 6.23 12.17 -5.45
N GLN A 108 6.59 11.54 -4.33
CA GLN A 108 6.36 12.13 -3.03
C GLN A 108 7.66 12.67 -2.46
N ASN A 109 8.77 12.19 -3.02
CA ASN A 109 10.10 12.61 -2.62
C ASN A 109 10.59 11.94 -1.34
N ILE A 110 9.99 10.81 -0.98
CA ILE A 110 10.40 10.08 0.21
C ILE A 110 11.10 8.79 -0.18
N GLU A 111 12.33 8.62 0.29
CA GLU A 111 13.14 7.45 -0.04
C GLU A 111 12.81 6.22 0.79
N TYR A 112 12.46 6.41 2.07
CA TYR A 112 12.18 5.27 2.93
C TYR A 112 10.67 5.00 3.10
N LEU A 113 10.34 3.72 3.27
CA LEU A 113 8.96 3.28 3.46
C LEU A 113 8.90 2.31 4.63
N LEU A 114 7.69 1.97 5.09
CA LEU A 114 7.56 1.05 6.23
C LEU A 114 6.13 0.52 6.40
N THR A 115 6.03 -0.68 6.96
CA THR A 115 4.74 -1.33 7.23
C THR A 115 4.88 -2.51 8.18
N TYR A 116 3.76 -3.14 8.48
CA TYR A 116 3.69 -4.32 9.30
C TYR A 116 3.05 -5.43 8.47
N ALA A 117 3.68 -5.70 7.32
CA ALA A 117 3.17 -6.68 6.37
C ALA A 117 3.47 -8.12 6.79
N ASP A 118 2.50 -9.00 6.54
CA ASP A 118 2.64 -10.42 6.89
C ASP A 118 3.26 -11.22 5.76
N ASN A 119 3.32 -12.54 5.95
CA ASN A 119 3.90 -13.45 4.97
C ASN A 119 3.46 -13.14 3.54
N PHE A 120 2.15 -12.96 3.35
CA PHE A 120 1.60 -12.67 2.03
C PHE A 120 2.30 -11.48 1.39
N ALA A 121 2.44 -10.40 2.15
CA ALA A 121 3.09 -9.20 1.66
C ALA A 121 4.60 -9.39 1.67
N ILE A 122 5.06 -10.12 2.68
CA ILE A 122 6.48 -10.42 2.84
C ILE A 122 7.08 -10.86 1.51
N GLY A 123 6.77 -12.09 1.12
CA GLY A 123 7.27 -12.64 -0.12
C GLY A 123 6.94 -11.77 -1.31
N TYR A 124 5.70 -11.28 -1.36
CA TYR A 124 5.26 -10.42 -2.45
C TYR A 124 6.07 -9.12 -2.47
N PHE A 125 6.58 -8.73 -1.32
CA PHE A 125 7.36 -7.50 -1.22
C PHE A 125 8.80 -7.75 -1.66
N LYS A 126 9.40 -8.81 -1.15
CA LYS A 126 10.76 -9.17 -1.51
C LYS A 126 10.85 -9.56 -2.99
N LYS A 127 9.70 -9.73 -3.63
CA LYS A 127 9.65 -10.12 -5.03
C LYS A 127 9.52 -8.92 -5.96
N GLN A 128 8.81 -7.88 -5.53
CA GLN A 128 8.62 -6.70 -6.37
C GLN A 128 9.74 -5.67 -6.17
N GLY A 129 10.63 -5.94 -5.22
CA GLY A 129 11.73 -5.02 -4.96
C GLY A 129 11.87 -4.68 -3.50
N PHE A 130 10.77 -4.77 -2.77
CA PHE A 130 10.78 -4.48 -1.34
C PHE A 130 11.71 -5.42 -0.60
N THR A 131 11.86 -5.21 0.70
CA THR A 131 12.73 -6.05 1.51
C THR A 131 12.18 -6.22 2.92
N LYS A 132 11.81 -7.45 3.25
CA LYS A 132 11.27 -7.78 4.56
C LYS A 132 12.40 -8.01 5.56
N GLU A 133 13.58 -8.39 5.04
CA GLU A 133 14.75 -8.67 5.87
C GLU A 133 14.88 -7.68 7.03
N HIS A 134 15.45 -8.15 8.14
CA HIS A 134 15.64 -7.31 9.32
C HIS A 134 17.08 -6.82 9.41
N ARG A 135 18.00 -7.58 8.81
CA ARG A 135 19.42 -7.22 8.82
C ARG A 135 19.63 -5.79 8.33
N MET A 136 18.76 -5.36 7.43
CA MET A 136 18.84 -4.00 6.88
C MET A 136 18.80 -2.96 7.99
N PRO A 137 19.25 -1.73 7.71
CA PRO A 137 19.26 -0.64 8.69
C PRO A 137 17.87 -0.28 9.19
N GLN A 138 17.32 -1.11 10.07
CA GLN A 138 16.00 -0.86 10.63
C GLN A 138 15.92 0.54 11.23
N GLU A 139 16.75 0.79 12.26
CA GLU A 139 16.82 2.08 12.94
C GLU A 139 15.47 2.79 13.00
N LYS A 140 15.12 3.49 11.91
CA LYS A 140 13.87 4.23 11.83
C LYS A 140 12.65 3.31 12.00
N TRP A 141 12.88 2.00 11.92
CA TRP A 141 11.80 1.02 12.06
C TRP A 141 10.81 1.43 13.16
N LYS A 142 11.33 2.07 14.20
CA LYS A 142 10.51 2.51 15.31
C LYS A 142 9.81 3.83 14.98
N GLY A 143 8.71 3.73 14.24
CA GLY A 143 7.97 4.92 13.87
C GLY A 143 6.50 4.63 13.58
N TYR A 144 6.24 3.77 12.60
CA TYR A 144 4.88 3.41 12.24
C TYR A 144 4.54 2.00 12.72
N ILE A 145 4.94 1.69 13.95
CA ILE A 145 4.68 0.38 14.51
C ILE A 145 3.75 0.47 15.72
N LYS A 146 2.98 -0.59 15.94
CA LYS A 146 2.05 -0.64 17.07
C LYS A 146 1.34 -1.99 17.11
N ASP A 147 1.19 -2.51 18.31
CA ASP A 147 0.53 -3.80 18.51
C ASP A 147 1.23 -4.90 17.71
N TYR A 148 2.09 -5.66 18.39
CA TYR A 148 2.82 -6.74 17.74
C TYR A 148 1.89 -7.89 17.37
N ASP A 149 1.07 -7.66 16.34
CA ASP A 149 0.14 -8.67 15.88
C ASP A 149 -0.54 -8.23 14.57
N GLY A 150 0.20 -7.53 13.73
CA GLY A 150 -0.33 -7.07 12.47
C GLY A 150 0.33 -7.73 11.27
N GLY A 151 1.58 -8.13 11.45
CA GLY A 151 2.30 -8.78 10.36
C GLY A 151 3.79 -8.81 10.61
N THR A 152 4.54 -8.08 9.80
CA THR A 152 5.99 -8.01 9.94
C THR A 152 6.50 -6.63 9.57
N LEU A 153 7.46 -6.13 10.33
CA LEU A 153 8.01 -4.82 10.06
C LEU A 153 8.87 -4.84 8.81
N MET A 154 8.28 -4.41 7.70
CA MET A 154 8.98 -4.38 6.42
C MET A 154 9.48 -2.98 6.11
N GLU A 155 10.36 -2.87 5.13
CA GLU A 155 10.91 -1.57 4.74
C GLU A 155 11.39 -1.61 3.29
N CYS A 156 11.32 -0.47 2.63
CA CYS A 156 11.76 -0.39 1.23
C CYS A 156 12.28 1.00 0.90
N TYR A 157 13.38 1.05 0.14
CA TYR A 157 13.98 2.31 -0.25
C TYR A 157 13.51 2.75 -1.63
N ILE A 158 13.66 4.03 -1.94
CA ILE A 158 13.24 4.57 -3.22
C ILE A 158 14.35 5.39 -3.87
N HIS A 159 14.85 4.92 -5.00
CA HIS A 159 15.92 5.60 -5.72
C HIS A 159 15.36 6.46 -6.85
N PRO A 160 15.43 7.80 -6.72
CA PRO A 160 14.92 8.72 -7.73
C PRO A 160 15.77 8.72 -9.00
N TYR A 161 15.29 9.39 -10.04
CA TYR A 161 16.01 9.48 -11.30
C TYR A 161 16.22 8.09 -11.92
N VAL A 162 15.34 7.16 -11.59
CA VAL A 162 15.43 5.80 -12.10
C VAL A 162 14.35 5.55 -13.15
N ASP A 163 14.58 4.54 -13.99
CA ASP A 163 13.63 4.19 -15.05
C ASP A 163 12.47 3.36 -14.48
N TYR A 164 11.60 4.03 -13.72
CA TYR A 164 10.45 3.36 -13.12
C TYR A 164 9.34 3.14 -14.15
N GLY A 165 9.30 3.99 -15.17
CA GLY A 165 8.29 3.87 -16.21
C GLY A 165 8.78 3.09 -17.41
N ASN A 166 9.61 2.08 -17.17
CA ASN A 166 10.15 1.26 -18.24
C ASN A 166 10.36 -0.18 -17.77
N MET A 1 -4.61 0.86 -24.75
CA MET A 1 -3.48 -0.04 -25.09
C MET A 1 -2.52 -0.17 -23.91
N LYS A 2 -3.06 -0.50 -22.74
CA LYS A 2 -2.25 -0.66 -21.54
C LYS A 2 -2.80 -1.79 -20.67
N GLY A 3 -3.97 -1.57 -20.09
CA GLY A 3 -4.57 -2.58 -19.24
C GLY A 3 -6.05 -2.78 -19.53
N LEU A 4 -6.64 -3.79 -18.93
CA LEU A 4 -8.05 -4.09 -19.13
C LEU A 4 -8.92 -3.34 -18.12
N LEU A 5 -8.38 -3.13 -16.93
CA LEU A 5 -9.10 -2.43 -15.88
C LEU A 5 -8.55 -1.01 -15.72
N ASP A 6 -9.21 -0.18 -14.94
CA ASP A 6 -8.78 1.20 -14.76
C ASP A 6 -8.47 1.52 -13.29
N PHE A 7 -7.37 2.23 -13.06
CA PHE A 7 -6.97 2.61 -11.71
C PHE A 7 -7.55 3.97 -11.35
N ASP A 8 -7.73 4.21 -10.06
CA ASP A 8 -8.26 5.48 -9.58
C ASP A 8 -7.47 5.98 -8.37
N ILE A 9 -7.26 7.28 -8.30
CA ILE A 9 -6.51 7.88 -7.21
C ILE A 9 -7.35 8.92 -6.47
N LEU A 10 -7.79 8.56 -5.27
CA LEU A 10 -8.60 9.46 -4.46
C LEU A 10 -7.98 9.71 -3.09
N THR A 11 -8.67 10.52 -2.30
CA THR A 11 -8.22 10.84 -0.95
C THR A 11 -9.32 10.58 0.06
N ASN A 12 -9.11 11.05 1.28
CA ASN A 12 -10.10 10.89 2.33
C ASN A 12 -10.81 12.20 2.60
N ASP A 13 -11.19 12.87 1.52
CA ASP A 13 -11.89 14.14 1.62
C ASP A 13 -13.23 13.95 2.35
N GLY A 14 -13.75 12.73 2.27
CA GLY A 14 -15.01 12.42 2.93
C GLY A 14 -16.20 12.93 2.15
N THR A 15 -16.34 12.48 0.91
CA THR A 15 -17.44 12.88 0.05
C THR A 15 -18.61 11.88 0.14
N HIS A 16 -18.47 10.77 -0.57
CA HIS A 16 -19.50 9.74 -0.59
C HIS A 16 -19.02 8.52 -1.38
N ARG A 17 -18.85 8.71 -2.68
CA ARG A 17 -18.37 7.62 -3.54
C ARG A 17 -16.87 7.46 -3.40
N ASN A 18 -16.19 8.56 -3.09
CA ASN A 18 -14.74 8.54 -2.91
C ASN A 18 -14.39 7.60 -1.75
N MET A 19 -15.15 7.70 -0.67
CA MET A 19 -14.92 6.88 0.50
C MET A 19 -15.23 5.42 0.18
N LYS A 20 -16.37 5.20 -0.47
CA LYS A 20 -16.79 3.85 -0.84
C LYS A 20 -15.64 3.06 -1.44
N LEU A 21 -14.85 3.71 -2.28
CA LEU A 21 -13.71 3.06 -2.92
C LEU A 21 -12.61 2.77 -1.89
N LEU A 22 -12.21 3.81 -1.17
CA LEU A 22 -11.16 3.67 -0.15
C LEU A 22 -11.53 2.56 0.83
N ILE A 23 -12.83 2.44 1.11
CA ILE A 23 -13.31 1.43 2.03
C ILE A 23 -12.97 0.03 1.51
N ASP A 24 -13.37 -0.23 0.27
CA ASP A 24 -13.11 -1.53 -0.36
C ASP A 24 -11.67 -1.98 -0.12
N LEU A 25 -10.72 -1.13 -0.51
CA LEU A 25 -9.31 -1.44 -0.34
C LEU A 25 -9.00 -1.91 1.07
N LYS A 26 -9.51 -1.17 2.05
CA LYS A 26 -9.28 -1.49 3.45
C LYS A 26 -9.66 -2.93 3.77
N ASN A 27 -10.94 -3.26 3.56
CA ASN A 27 -11.42 -4.60 3.85
C ASN A 27 -10.72 -5.65 2.98
N ILE A 28 -10.41 -5.29 1.74
CA ILE A 28 -9.74 -6.21 0.83
C ILE A 28 -8.45 -6.73 1.46
N PHE A 29 -7.55 -5.82 1.81
CA PHE A 29 -6.28 -6.22 2.43
C PHE A 29 -6.56 -7.10 3.65
N SER A 30 -7.05 -6.46 4.71
CA SER A 30 -7.37 -7.16 5.95
C SER A 30 -8.10 -8.48 5.69
N ARG A 31 -8.88 -8.53 4.62
CA ARG A 31 -9.62 -9.74 4.27
C ARG A 31 -8.66 -10.88 3.95
N GLN A 32 -7.96 -10.78 2.83
CA GLN A 32 -7.01 -11.81 2.44
C GLN A 32 -5.87 -11.89 3.47
N LEU A 33 -5.73 -10.84 4.26
CA LEU A 33 -4.70 -10.78 5.29
C LEU A 33 -5.30 -11.04 6.67
N PRO A 34 -5.55 -12.31 7.01
CA PRO A 34 -6.13 -12.68 8.31
C PRO A 34 -5.20 -12.34 9.48
N LYS A 35 -3.94 -12.06 9.17
CA LYS A 35 -2.96 -11.73 10.19
C LYS A 35 -2.77 -10.21 10.32
N MET A 36 -3.55 -9.45 9.55
CA MET A 36 -3.46 -8.00 9.59
C MET A 36 -4.72 -7.39 10.21
N PRO A 37 -4.59 -6.76 11.40
CA PRO A 37 -5.73 -6.14 12.07
C PRO A 37 -6.45 -5.13 11.19
N LYS A 38 -7.79 -5.19 11.19
CA LYS A 38 -8.59 -4.29 10.39
C LYS A 38 -8.30 -2.83 10.75
N GLU A 39 -8.16 -2.57 12.04
CA GLU A 39 -7.89 -1.22 12.53
C GLU A 39 -6.62 -0.67 11.91
N TYR A 40 -5.63 -1.54 11.69
CA TYR A 40 -4.36 -1.11 11.10
C TYR A 40 -4.60 -0.50 9.72
N ILE A 41 -4.95 -1.34 8.74
CA ILE A 41 -5.20 -0.85 7.40
C ILE A 41 -6.16 0.33 7.46
N VAL A 42 -7.12 0.25 8.37
CA VAL A 42 -8.10 1.30 8.56
C VAL A 42 -7.40 2.58 8.99
N LYS A 43 -6.49 2.46 9.94
CA LYS A 43 -5.73 3.60 10.43
C LYS A 43 -4.84 4.16 9.32
N LEU A 44 -4.05 3.29 8.70
CA LEU A 44 -3.16 3.70 7.63
C LEU A 44 -3.93 4.15 6.38
N VAL A 45 -5.12 3.59 6.18
CA VAL A 45 -5.93 3.94 5.01
C VAL A 45 -6.85 5.13 5.30
N PHE A 46 -7.33 5.23 6.53
CA PHE A 46 -8.22 6.32 6.91
C PHE A 46 -7.48 7.43 7.66
N ASP A 47 -6.14 7.42 7.57
CA ASP A 47 -5.32 8.43 8.24
C ASP A 47 -5.83 9.83 7.93
N ARG A 48 -5.22 10.83 8.56
CA ARG A 48 -5.61 12.22 8.37
C ARG A 48 -5.74 12.56 6.89
N HIS A 49 -4.62 12.83 6.23
CA HIS A 49 -4.62 13.18 4.82
C HIS A 49 -3.57 12.37 4.05
N HIS A 50 -3.94 11.90 2.87
CA HIS A 50 -3.04 11.11 2.04
C HIS A 50 -3.71 10.69 0.73
N GLU A 51 -2.93 10.07 -0.14
CA GLU A 51 -3.44 9.61 -1.43
C GLU A 51 -3.78 8.13 -1.38
N SER A 52 -4.54 7.65 -2.35
CA SER A 52 -4.94 6.25 -2.40
C SER A 52 -5.28 5.81 -3.83
N MET A 53 -4.58 4.79 -4.29
CA MET A 53 -4.82 4.25 -5.64
C MET A 53 -5.66 2.98 -5.55
N VAL A 54 -6.65 2.86 -6.43
CA VAL A 54 -7.52 1.70 -6.41
C VAL A 54 -7.63 1.05 -7.80
N ILE A 55 -8.20 -0.15 -7.83
CA ILE A 55 -8.37 -0.89 -9.07
C ILE A 55 -9.85 -1.19 -9.32
N LEU A 56 -10.36 -0.64 -10.40
CA LEU A 56 -11.77 -0.83 -10.76
C LEU A 56 -11.93 -1.90 -11.82
N LYS A 57 -12.33 -3.09 -11.38
CA LYS A 57 -12.53 -4.21 -12.29
C LYS A 57 -13.92 -4.15 -12.90
N ASN A 58 -14.24 -3.01 -13.50
CA ASN A 58 -15.52 -2.75 -14.16
C ASN A 58 -15.84 -1.25 -14.16
N LYS A 59 -14.79 -0.43 -14.10
CA LYS A 59 -14.93 1.03 -14.11
C LYS A 59 -15.17 1.57 -12.69
N GLN A 60 -15.83 0.78 -11.84
CA GLN A 60 -16.12 1.20 -10.49
C GLN A 60 -16.09 0.01 -9.54
N LYS A 61 -15.74 -1.16 -10.07
CA LYS A 61 -15.70 -2.35 -9.26
C LYS A 61 -14.35 -2.52 -8.58
N VAL A 62 -14.18 -1.88 -7.44
CA VAL A 62 -12.93 -1.97 -6.70
C VAL A 62 -12.53 -3.43 -6.47
N ILE A 63 -11.34 -3.80 -6.92
CA ILE A 63 -10.86 -5.17 -6.74
C ILE A 63 -9.58 -5.17 -5.92
N GLY A 64 -8.72 -4.20 -6.21
CA GLY A 64 -7.48 -4.05 -5.50
C GLY A 64 -7.16 -2.59 -5.29
N GLY A 65 -5.93 -2.28 -4.93
CA GLY A 65 -5.56 -0.90 -4.72
C GLY A 65 -4.57 -0.71 -3.60
N ILE A 66 -3.77 0.34 -3.72
CA ILE A 66 -2.78 0.67 -2.73
C ILE A 66 -2.96 2.10 -2.24
N CYS A 67 -2.66 2.32 -0.97
CA CYS A 67 -2.77 3.64 -0.38
C CYS A 67 -1.60 3.90 0.56
N PHE A 68 -1.20 5.17 0.70
CA PHE A 68 -0.08 5.50 1.56
C PHE A 68 0.12 7.00 1.74
N ARG A 69 1.14 7.35 2.51
CA ARG A 69 1.49 8.73 2.80
C ARG A 69 2.93 8.78 3.32
N GLN A 70 3.79 9.54 2.65
CA GLN A 70 5.18 9.63 3.05
C GLN A 70 5.47 10.87 3.89
N TYR A 71 6.42 10.73 4.80
CA TYR A 71 6.84 11.81 5.68
C TYR A 71 8.07 12.51 5.10
N LYS A 72 8.05 13.84 5.11
CA LYS A 72 9.16 14.63 4.58
C LYS A 72 10.22 14.90 5.64
N PRO A 73 9.88 15.63 6.73
CA PRO A 73 10.84 15.90 7.79
C PRO A 73 11.36 14.59 8.36
N GLN A 74 10.56 13.54 8.15
CA GLN A 74 10.91 12.21 8.63
C GLN A 74 11.73 11.45 7.59
N ARG A 75 11.50 11.76 6.30
CA ARG A 75 12.22 11.10 5.21
C ARG A 75 11.84 9.62 5.13
N PHE A 76 10.70 9.31 5.72
CA PHE A 76 10.18 7.94 5.72
C PHE A 76 8.70 7.94 5.35
N ALA A 77 8.16 6.78 5.04
CA ALA A 77 6.76 6.69 4.66
C ALA A 77 6.10 5.40 5.12
N GLU A 78 4.80 5.48 5.36
CA GLU A 78 4.02 4.32 5.78
C GLU A 78 2.99 4.01 4.70
N VAL A 79 2.78 2.72 4.42
CA VAL A 79 1.82 2.34 3.39
C VAL A 79 0.53 1.79 3.98
N ALA A 80 -0.61 2.26 3.47
CA ALA A 80 -1.90 1.77 3.92
C ALA A 80 -2.01 0.29 3.58
N PHE A 81 -1.36 -0.07 2.45
CA PHE A 81 -1.29 -1.45 1.95
C PHE A 81 -1.91 -1.59 0.58
N LEU A 82 -1.41 -2.58 -0.16
CA LEU A 82 -1.88 -2.87 -1.50
C LEU A 82 -2.42 -4.28 -1.55
N ALA A 83 -3.28 -4.54 -2.52
CA ALA A 83 -3.83 -5.88 -2.70
C ALA A 83 -5.04 -5.92 -3.62
N VAL A 84 -5.65 -7.10 -3.63
CA VAL A 84 -6.82 -7.38 -4.44
C VAL A 84 -7.81 -8.23 -3.62
N THR A 85 -9.06 -8.37 -4.06
CA THR A 85 -10.02 -9.15 -3.31
C THR A 85 -9.80 -10.66 -3.53
N ALA A 86 -10.22 -11.44 -2.53
CA ALA A 86 -10.05 -12.90 -2.50
C ALA A 86 -9.92 -13.60 -3.85
N ASN A 87 -10.86 -14.50 -4.15
CA ASN A 87 -10.77 -15.27 -5.40
C ASN A 87 -10.97 -14.40 -6.62
N GLU A 88 -10.51 -13.17 -6.52
CA GLU A 88 -10.59 -12.24 -7.62
C GLU A 88 -9.20 -11.94 -8.16
N GLN A 89 -8.20 -12.11 -7.30
CA GLN A 89 -6.82 -11.85 -7.70
C GLN A 89 -6.40 -12.77 -8.85
N VAL A 90 -5.09 -13.06 -8.93
CA VAL A 90 -4.54 -13.92 -9.98
C VAL A 90 -5.14 -13.57 -11.34
N ARG A 91 -5.32 -12.28 -11.58
CA ARG A 91 -5.88 -11.80 -12.84
C ARG A 91 -4.87 -10.91 -13.57
N GLY A 92 -4.07 -10.16 -12.81
CA GLY A 92 -3.07 -9.30 -13.41
C GLY A 92 -3.31 -7.83 -13.08
N TYR A 93 -3.47 -7.53 -11.80
CA TYR A 93 -3.70 -6.16 -11.36
C TYR A 93 -2.69 -5.75 -10.29
N GLY A 94 -2.58 -6.57 -9.25
CA GLY A 94 -1.66 -6.29 -8.16
C GLY A 94 -0.30 -5.77 -8.62
N THR A 95 0.35 -6.51 -9.52
CA THR A 95 1.67 -6.11 -10.03
C THR A 95 1.67 -4.64 -10.43
N ARG A 96 0.72 -4.25 -11.29
CA ARG A 96 0.63 -2.88 -11.74
C ARG A 96 0.52 -1.93 -10.55
N LEU A 97 0.08 -2.46 -9.42
CA LEU A 97 -0.06 -1.67 -8.21
C LEU A 97 1.30 -1.42 -7.56
N MET A 98 1.93 -2.52 -7.12
CA MET A 98 3.23 -2.44 -6.45
C MET A 98 4.19 -1.52 -7.20
N ASN A 99 4.29 -1.69 -8.52
CA ASN A 99 5.18 -0.85 -9.30
C ASN A 99 4.63 0.56 -9.39
N LYS A 100 3.31 0.71 -9.30
CA LYS A 100 2.70 2.01 -9.32
C LYS A 100 3.00 2.73 -8.00
N PHE A 101 3.21 1.93 -6.96
CA PHE A 101 3.53 2.45 -5.64
C PHE A 101 4.93 3.05 -5.61
N LYS A 102 5.89 2.35 -6.21
CA LYS A 102 7.28 2.83 -6.21
C LYS A 102 7.43 4.08 -7.07
N ASP A 103 6.78 4.09 -8.22
CA ASP A 103 6.84 5.25 -9.11
C ASP A 103 6.42 6.51 -8.35
N HIS A 104 5.34 6.39 -7.58
CA HIS A 104 4.84 7.50 -6.79
C HIS A 104 5.75 7.78 -5.60
N MET A 105 6.28 6.72 -4.99
CA MET A 105 7.16 6.87 -3.84
C MET A 105 8.30 7.82 -4.15
N GLN A 106 8.84 7.74 -5.36
CA GLN A 106 9.93 8.59 -5.78
C GLN A 106 9.42 10.00 -6.10
N LYS A 107 8.18 10.08 -6.56
CA LYS A 107 7.57 11.36 -6.91
C LYS A 107 7.24 12.17 -5.67
N GLN A 108 7.41 11.57 -4.50
CA GLN A 108 7.12 12.24 -3.24
C GLN A 108 8.42 12.63 -2.54
N ASN A 109 9.51 12.01 -2.98
CA ASN A 109 10.84 12.26 -2.44
C ASN A 109 11.08 11.53 -1.13
N ILE A 110 10.25 10.55 -0.82
CA ILE A 110 10.42 9.77 0.39
C ILE A 110 10.85 8.35 0.03
N GLU A 111 11.88 7.85 0.68
CA GLU A 111 12.40 6.52 0.36
C GLU A 111 12.26 5.52 1.50
N TYR A 112 12.40 5.98 2.74
CA TYR A 112 12.31 5.07 3.88
C TYR A 112 10.88 4.65 4.18
N LEU A 113 10.41 3.61 3.48
CA LEU A 113 9.06 3.11 3.68
C LEU A 113 8.97 2.26 4.95
N LEU A 114 7.75 1.87 5.30
CA LEU A 114 7.53 1.06 6.50
C LEU A 114 6.10 0.50 6.58
N THR A 115 5.97 -0.67 7.22
CA THR A 115 4.65 -1.31 7.41
C THR A 115 4.79 -2.60 8.21
N TYR A 116 3.65 -3.13 8.66
CA TYR A 116 3.61 -4.39 9.39
C TYR A 116 2.97 -5.45 8.49
N ALA A 117 3.75 -6.04 7.60
CA ALA A 117 3.22 -7.02 6.67
C ALA A 117 3.60 -8.45 7.07
N ASP A 118 2.75 -9.40 6.67
CA ASP A 118 2.97 -10.81 6.98
C ASP A 118 3.59 -11.57 5.80
N ASN A 119 3.84 -12.86 6.01
CA ASN A 119 4.44 -13.72 4.99
C ASN A 119 3.87 -13.47 3.60
N PHE A 120 2.58 -13.15 3.54
CA PHE A 120 1.92 -12.90 2.26
C PHE A 120 2.50 -11.68 1.56
N ALA A 121 2.53 -10.57 2.27
CA ALA A 121 3.08 -9.33 1.73
C ALA A 121 4.59 -9.41 1.72
N ILE A 122 5.13 -10.18 2.65
CA ILE A 122 6.56 -10.39 2.75
C ILE A 122 7.13 -10.85 1.41
N GLY A 123 6.95 -12.12 1.11
CA GLY A 123 7.44 -12.67 -0.14
C GLY A 123 7.05 -11.82 -1.33
N TYR A 124 5.84 -11.26 -1.29
CA TYR A 124 5.36 -10.41 -2.36
C TYR A 124 6.12 -9.08 -2.39
N PHE A 125 6.50 -8.60 -1.22
CA PHE A 125 7.23 -7.34 -1.10
C PHE A 125 8.67 -7.54 -1.54
N LYS A 126 9.30 -8.60 -1.02
CA LYS A 126 10.68 -8.92 -1.38
C LYS A 126 10.78 -9.36 -2.84
N LYS A 127 9.63 -9.58 -3.48
CA LYS A 127 9.61 -10.01 -4.87
C LYS A 127 9.54 -8.82 -5.84
N GLN A 128 8.92 -7.72 -5.42
CA GLN A 128 8.80 -6.56 -6.29
C GLN A 128 9.91 -5.54 -6.02
N GLY A 129 10.72 -5.79 -4.99
CA GLY A 129 11.80 -4.88 -4.66
C GLY A 129 11.90 -4.60 -3.18
N PHE A 130 10.76 -4.53 -2.51
CA PHE A 130 10.71 -4.27 -1.08
C PHE A 130 11.60 -5.25 -0.33
N THR A 131 11.71 -5.07 0.98
CA THR A 131 12.54 -5.95 1.80
C THR A 131 12.02 -6.03 3.23
N LYS A 132 11.54 -7.22 3.60
CA LYS A 132 11.01 -7.45 4.94
C LYS A 132 12.05 -8.10 5.85
N GLU A 133 13.08 -8.67 5.23
CA GLU A 133 14.16 -9.34 5.96
C GLU A 133 14.53 -8.60 7.24
N HIS A 134 14.91 -9.35 8.27
CA HIS A 134 15.29 -8.77 9.55
C HIS A 134 16.61 -8.01 9.44
N ARG A 135 16.57 -6.88 8.75
CA ARG A 135 17.77 -6.05 8.57
C ARG A 135 17.37 -4.58 8.47
N MET A 136 16.44 -4.17 9.31
CA MET A 136 15.97 -2.79 9.32
C MET A 136 15.90 -2.24 10.75
N PRO A 137 16.54 -1.09 11.02
CA PRO A 137 16.53 -0.46 12.34
C PRO A 137 15.13 -0.14 12.83
N GLN A 138 14.48 -1.10 13.47
CA GLN A 138 13.13 -0.92 14.00
C GLN A 138 13.03 0.25 14.96
N GLU A 139 14.19 0.80 15.37
CA GLU A 139 14.21 1.93 16.30
C GLU A 139 13.64 3.20 15.67
N LYS A 140 13.92 3.40 14.39
CA LYS A 140 13.43 4.58 13.67
C LYS A 140 12.09 4.29 13.00
N TRP A 141 11.35 3.35 13.56
CA TRP A 141 10.05 2.96 13.02
C TRP A 141 8.96 3.94 13.46
N LYS A 142 9.25 4.71 14.52
CA LYS A 142 8.28 5.68 15.05
C LYS A 142 7.55 6.41 13.94
N GLY A 143 6.30 6.03 13.71
CA GLY A 143 5.49 6.66 12.68
C GLY A 143 4.23 5.87 12.37
N TYR A 144 4.39 4.69 11.79
CA TYR A 144 3.26 3.84 11.45
C TYR A 144 3.04 2.76 12.52
N ILE A 145 3.87 2.80 13.57
CA ILE A 145 3.78 1.82 14.64
C ILE A 145 2.69 2.15 15.64
N LYS A 146 2.27 1.14 16.39
CA LYS A 146 1.23 1.28 17.39
C LYS A 146 1.00 -0.05 18.09
N ASP A 147 0.75 0.01 19.39
CA ASP A 147 0.52 -1.18 20.21
C ASP A 147 -0.37 -2.20 19.49
N TYR A 148 0.26 -3.04 18.68
CA TYR A 148 -0.46 -4.07 17.93
C TYR A 148 0.48 -5.19 17.51
N ASP A 149 -0.09 -6.22 16.89
CA ASP A 149 0.70 -7.37 16.44
C ASP A 149 -0.13 -8.26 15.52
N GLY A 150 0.40 -8.53 14.34
CA GLY A 150 -0.29 -9.37 13.38
C GLY A 150 0.62 -9.89 12.28
N GLY A 151 1.43 -8.99 11.72
CA GLY A 151 2.34 -9.38 10.66
C GLY A 151 3.79 -9.26 11.07
N THR A 152 4.59 -8.58 10.27
CA THR A 152 6.00 -8.39 10.57
C THR A 152 6.45 -7.01 10.12
N LEU A 153 7.48 -6.48 10.75
CA LEU A 153 7.99 -5.16 10.41
C LEU A 153 8.57 -5.16 9.00
N MET A 154 8.06 -4.24 8.18
CA MET A 154 8.48 -4.10 6.79
C MET A 154 9.25 -2.80 6.58
N GLU A 155 10.17 -2.81 5.63
CA GLU A 155 10.94 -1.63 5.31
C GLU A 155 11.39 -1.65 3.85
N CYS A 156 11.42 -0.48 3.23
CA CYS A 156 11.83 -0.37 1.84
C CYS A 156 12.47 0.98 1.56
N TYR A 157 13.68 0.96 1.00
CA TYR A 157 14.39 2.19 0.69
C TYR A 157 14.30 2.50 -0.80
N ILE A 158 13.55 3.56 -1.14
CA ILE A 158 13.39 3.97 -2.52
C ILE A 158 14.69 4.53 -3.08
N HIS A 159 14.98 4.22 -4.34
CA HIS A 159 16.19 4.71 -4.99
C HIS A 159 15.88 5.90 -5.88
N PRO A 160 16.06 7.13 -5.37
CA PRO A 160 15.79 8.35 -6.14
C PRO A 160 16.74 8.49 -7.32
N TYR A 161 17.93 7.91 -7.21
CA TYR A 161 18.92 7.97 -8.27
C TYR A 161 18.39 7.29 -9.53
N VAL A 162 17.55 6.28 -9.35
CA VAL A 162 16.97 5.56 -10.48
C VAL A 162 15.81 6.34 -11.08
N ASP A 163 15.47 6.02 -12.33
CA ASP A 163 14.38 6.69 -13.02
C ASP A 163 13.13 5.83 -13.01
N TYR A 164 12.29 6.01 -12.00
CA TYR A 164 11.04 5.25 -11.88
C TYR A 164 9.89 5.97 -12.56
N GLY A 165 10.19 6.99 -13.36
CA GLY A 165 9.16 7.74 -14.04
C GLY A 165 8.94 9.11 -13.45
N ASN A 166 10.01 9.71 -12.92
CA ASN A 166 9.93 11.03 -12.31
C ASN A 166 10.61 12.09 -13.20
N MET A 1 0.20 -2.52 -25.54
CA MET A 1 0.43 -1.05 -25.52
C MET A 1 -0.38 -0.38 -24.41
N LYS A 2 -1.60 -0.85 -24.20
CA LYS A 2 -2.47 -0.30 -23.17
C LYS A 2 -3.08 -1.41 -22.33
N GLY A 3 -3.91 -1.03 -21.36
CA GLY A 3 -4.55 -2.01 -20.49
C GLY A 3 -6.04 -1.81 -20.40
N LEU A 4 -6.73 -2.79 -19.81
CA LEU A 4 -8.18 -2.72 -19.65
C LEU A 4 -8.55 -2.23 -18.25
N LEU A 5 -7.77 -2.67 -17.26
CA LEU A 5 -8.02 -2.29 -15.87
C LEU A 5 -8.08 -0.77 -15.72
N ASP A 6 -8.76 -0.33 -14.67
CA ASP A 6 -8.89 1.10 -14.41
C ASP A 6 -8.39 1.42 -13.01
N PHE A 7 -7.66 2.53 -12.88
CA PHE A 7 -7.11 2.94 -11.60
C PHE A 7 -7.68 4.30 -11.18
N ASP A 8 -7.74 4.53 -9.87
CA ASP A 8 -8.26 5.79 -9.35
C ASP A 8 -7.47 6.25 -8.13
N ILE A 9 -7.23 7.55 -8.06
CA ILE A 9 -6.49 8.12 -6.93
C ILE A 9 -7.34 9.12 -6.17
N LEU A 10 -7.82 8.70 -5.01
CA LEU A 10 -8.65 9.54 -4.17
C LEU A 10 -8.10 9.67 -2.75
N THR A 11 -8.84 10.40 -1.93
CA THR A 11 -8.46 10.60 -0.54
C THR A 11 -9.62 10.30 0.40
N ASN A 12 -9.48 10.71 1.65
CA ASN A 12 -10.53 10.49 2.63
C ASN A 12 -11.19 11.80 2.99
N ASP A 13 -11.43 12.61 1.96
CA ASP A 13 -12.06 13.91 2.14
C ASP A 13 -13.53 13.75 2.51
N GLY A 14 -14.08 12.58 2.24
CA GLY A 14 -15.48 12.32 2.56
C GLY A 14 -16.41 12.80 1.47
N THR A 15 -16.14 12.41 0.24
CA THR A 15 -16.97 12.81 -0.90
C THR A 15 -17.86 11.67 -1.36
N HIS A 16 -18.15 10.74 -0.45
CA HIS A 16 -19.00 9.58 -0.78
C HIS A 16 -18.30 8.64 -1.75
N ARG A 17 -18.09 9.12 -2.97
CA ARG A 17 -17.43 8.31 -4.01
C ARG A 17 -16.06 7.81 -3.53
N ASN A 18 -15.22 8.73 -3.06
CA ASN A 18 -13.90 8.38 -2.58
C ASN A 18 -13.98 7.29 -1.52
N MET A 19 -14.68 7.59 -0.42
CA MET A 19 -14.84 6.65 0.68
C MET A 19 -15.18 5.25 0.17
N LYS A 20 -16.19 5.16 -0.69
CA LYS A 20 -16.62 3.88 -1.24
C LYS A 20 -15.44 3.06 -1.73
N LEU A 21 -14.64 3.64 -2.61
CA LEU A 21 -13.47 2.96 -3.14
C LEU A 21 -12.46 2.64 -2.04
N LEU A 22 -12.16 3.64 -1.21
CA LEU A 22 -11.22 3.47 -0.11
C LEU A 22 -11.67 2.33 0.80
N ILE A 23 -12.97 2.21 0.99
CA ILE A 23 -13.53 1.15 1.82
C ILE A 23 -13.10 -0.22 1.31
N ASP A 24 -13.29 -0.43 0.02
CA ASP A 24 -12.94 -1.70 -0.60
C ASP A 24 -11.50 -2.09 -0.30
N LEU A 25 -10.57 -1.15 -0.45
CA LEU A 25 -9.16 -1.41 -0.20
C LEU A 25 -8.94 -1.93 1.22
N LYS A 26 -9.17 -1.08 2.20
CA LYS A 26 -8.99 -1.46 3.60
C LYS A 26 -9.57 -2.83 3.91
N ASN A 27 -10.83 -3.03 3.53
CA ASN A 27 -11.50 -4.29 3.76
C ASN A 27 -10.82 -5.44 3.05
N ILE A 28 -10.48 -5.25 1.77
CA ILE A 28 -9.81 -6.28 0.99
C ILE A 28 -8.62 -6.84 1.76
N PHE A 29 -7.67 -5.96 2.08
CA PHE A 29 -6.48 -6.40 2.83
C PHE A 29 -6.90 -7.08 4.12
N SER A 30 -7.41 -6.27 5.05
CA SER A 30 -7.86 -6.77 6.35
C SER A 30 -8.61 -8.10 6.21
N ARG A 31 -9.30 -8.27 5.08
CA ARG A 31 -10.04 -9.50 4.82
C ARG A 31 -9.08 -10.66 4.56
N GLN A 32 -8.42 -10.64 3.41
CA GLN A 32 -7.48 -11.70 3.07
C GLN A 32 -6.33 -11.75 4.09
N LEU A 33 -6.15 -10.64 4.81
CA LEU A 33 -5.10 -10.55 5.82
C LEU A 33 -5.69 -10.66 7.22
N PRO A 34 -6.10 -11.87 7.63
CA PRO A 34 -6.70 -12.10 8.95
C PRO A 34 -5.72 -11.81 10.08
N LYS A 35 -4.49 -12.28 9.93
CA LYS A 35 -3.46 -12.08 10.94
C LYS A 35 -3.22 -10.60 11.20
N MET A 36 -3.50 -9.77 10.19
CA MET A 36 -3.31 -8.34 10.30
C MET A 36 -4.55 -7.66 10.88
N PRO A 37 -4.39 -6.85 11.94
CA PRO A 37 -5.51 -6.13 12.58
C PRO A 37 -6.28 -5.27 11.59
N LYS A 38 -7.61 -5.32 11.67
CA LYS A 38 -8.45 -4.54 10.78
C LYS A 38 -8.23 -3.05 11.00
N GLU A 39 -8.12 -2.64 12.26
CA GLU A 39 -7.90 -1.25 12.61
C GLU A 39 -6.58 -0.75 12.04
N TYR A 40 -5.62 -1.65 11.88
CA TYR A 40 -4.32 -1.31 11.34
C TYR A 40 -4.47 -0.70 9.95
N ILE A 41 -4.84 -1.53 8.97
CA ILE A 41 -5.04 -1.07 7.61
C ILE A 41 -5.96 0.15 7.62
N VAL A 42 -6.90 0.15 8.55
CA VAL A 42 -7.84 1.25 8.71
C VAL A 42 -7.10 2.51 9.14
N LYS A 43 -6.23 2.36 10.12
CA LYS A 43 -5.44 3.47 10.63
C LYS A 43 -4.59 4.07 9.51
N LEU A 44 -3.96 3.20 8.73
CA LEU A 44 -3.11 3.63 7.63
C LEU A 44 -3.94 4.08 6.43
N VAL A 45 -5.00 3.32 6.13
CA VAL A 45 -5.86 3.65 5.00
C VAL A 45 -6.71 4.89 5.28
N PHE A 46 -6.88 5.22 6.56
CA PHE A 46 -7.67 6.39 6.94
C PHE A 46 -6.88 7.30 7.88
N ASP A 47 -5.56 7.19 7.86
CA ASP A 47 -4.71 8.00 8.71
C ASP A 47 -4.86 9.49 8.40
N ARG A 48 -5.89 10.10 8.98
CA ARG A 48 -6.15 11.51 8.79
C ARG A 48 -6.36 11.85 7.31
N HIS A 49 -5.26 12.02 6.59
CA HIS A 49 -5.31 12.34 5.16
C HIS A 49 -4.13 11.74 4.42
N HIS A 50 -4.36 11.37 3.16
CA HIS A 50 -3.31 10.77 2.33
C HIS A 50 -3.86 10.38 0.96
N GLU A 51 -2.98 9.83 0.15
CA GLU A 51 -3.37 9.41 -1.21
C GLU A 51 -3.86 7.97 -1.18
N SER A 52 -4.71 7.62 -2.15
CA SER A 52 -5.25 6.27 -2.23
C SER A 52 -5.47 5.84 -3.67
N MET A 53 -4.60 4.97 -4.17
CA MET A 53 -4.70 4.46 -5.53
C MET A 53 -5.42 3.12 -5.52
N VAL A 54 -6.54 3.03 -6.24
CA VAL A 54 -7.31 1.80 -6.28
C VAL A 54 -7.34 1.18 -7.67
N ILE A 55 -8.06 0.07 -7.76
CA ILE A 55 -8.24 -0.64 -9.01
C ILE A 55 -9.72 -0.72 -9.32
N LEU A 56 -10.05 -0.91 -10.59
CA LEU A 56 -11.43 -1.01 -11.01
C LEU A 56 -11.61 -2.08 -12.07
N LYS A 57 -12.25 -3.17 -11.68
CA LYS A 57 -12.48 -4.28 -12.59
C LYS A 57 -13.88 -4.18 -13.21
N ASN A 58 -14.13 -3.05 -13.85
CA ASN A 58 -15.40 -2.75 -14.52
C ASN A 58 -15.68 -1.25 -14.51
N LYS A 59 -14.63 -0.44 -14.36
CA LYS A 59 -14.74 1.02 -14.34
C LYS A 59 -15.05 1.55 -12.94
N GLN A 60 -15.78 0.76 -12.16
CA GLN A 60 -16.13 1.18 -10.81
C GLN A 60 -16.15 -0.03 -9.88
N LYS A 61 -15.74 -1.17 -10.39
CA LYS A 61 -15.72 -2.39 -9.59
C LYS A 61 -14.38 -2.59 -8.93
N VAL A 62 -14.21 -2.01 -7.75
CA VAL A 62 -12.95 -2.12 -7.01
C VAL A 62 -12.57 -3.59 -6.82
N ILE A 63 -11.28 -3.88 -6.95
CA ILE A 63 -10.78 -5.23 -6.77
C ILE A 63 -9.49 -5.21 -5.96
N GLY A 64 -8.61 -4.30 -6.33
CA GLY A 64 -7.35 -4.13 -5.63
C GLY A 64 -7.07 -2.67 -5.40
N GLY A 65 -5.83 -2.34 -5.04
CA GLY A 65 -5.50 -0.95 -4.82
C GLY A 65 -4.55 -0.73 -3.66
N ILE A 66 -3.67 0.25 -3.82
CA ILE A 66 -2.70 0.58 -2.79
C ILE A 66 -2.98 1.96 -2.20
N CYS A 67 -2.70 2.11 -0.92
CA CYS A 67 -2.88 3.37 -0.22
C CYS A 67 -1.62 3.69 0.56
N PHE A 68 -1.23 4.96 0.63
CA PHE A 68 -0.01 5.33 1.36
C PHE A 68 0.11 6.83 1.59
N ARG A 69 1.24 7.22 2.18
CA ARG A 69 1.56 8.61 2.49
C ARG A 69 2.96 8.69 3.08
N GLN A 70 3.83 9.49 2.47
CA GLN A 70 5.20 9.61 2.93
C GLN A 70 5.39 10.84 3.81
N TYR A 71 6.32 10.72 4.76
CA TYR A 71 6.63 11.82 5.67
C TYR A 71 7.83 12.61 5.14
N LYS A 72 7.68 13.94 5.13
CA LYS A 72 8.73 14.83 4.62
C LYS A 72 9.82 15.11 5.65
N PRO A 73 9.47 15.75 6.79
CA PRO A 73 10.46 16.02 7.83
C PRO A 73 10.97 14.72 8.43
N GLN A 74 10.24 13.65 8.17
CA GLN A 74 10.60 12.34 8.66
C GLN A 74 11.45 11.59 7.63
N ARG A 75 11.29 11.92 6.35
CA ARG A 75 12.04 11.27 5.28
C ARG A 75 11.69 9.79 5.22
N PHE A 76 10.55 9.46 5.82
CA PHE A 76 10.07 8.08 5.85
C PHE A 76 8.63 8.03 5.37
N ALA A 77 8.15 6.83 5.04
CA ALA A 77 6.79 6.69 4.56
C ALA A 77 6.12 5.43 5.11
N GLU A 78 4.79 5.45 5.12
CA GLU A 78 4.00 4.32 5.58
C GLU A 78 2.99 3.94 4.51
N VAL A 79 2.81 2.65 4.27
CA VAL A 79 1.86 2.20 3.26
C VAL A 79 0.60 1.62 3.89
N ALA A 80 -0.55 2.12 3.44
CA ALA A 80 -1.84 1.62 3.94
C ALA A 80 -2.02 0.17 3.53
N PHE A 81 -1.32 -0.23 2.46
CA PHE A 81 -1.33 -1.60 1.94
C PHE A 81 -2.05 -1.71 0.61
N LEU A 82 -1.59 -2.66 -0.20
CA LEU A 82 -2.18 -2.93 -1.49
C LEU A 82 -2.64 -4.37 -1.53
N ALA A 83 -3.70 -4.64 -2.27
CA ALA A 83 -4.18 -6.02 -2.35
C ALA A 83 -5.52 -6.16 -3.04
N VAL A 84 -5.57 -7.14 -3.92
CA VAL A 84 -6.76 -7.49 -4.66
C VAL A 84 -7.71 -8.29 -3.75
N THR A 85 -9.02 -8.20 -3.98
CA THR A 85 -9.97 -8.93 -3.13
C THR A 85 -9.82 -10.44 -3.27
N ALA A 86 -10.28 -11.15 -2.24
CA ALA A 86 -10.19 -12.61 -2.12
C ALA A 86 -10.11 -13.39 -3.44
N ASN A 87 -11.14 -14.18 -3.74
CA ASN A 87 -11.11 -15.01 -4.95
C ASN A 87 -11.14 -14.18 -6.22
N GLU A 88 -10.57 -12.98 -6.15
CA GLU A 88 -10.50 -12.12 -7.29
C GLU A 88 -9.06 -12.00 -7.77
N GLN A 89 -8.13 -12.25 -6.85
CA GLN A 89 -6.71 -12.18 -7.17
C GLN A 89 -6.29 -13.29 -8.13
N VAL A 90 -5.04 -13.74 -8.01
CA VAL A 90 -4.50 -14.79 -8.86
C VAL A 90 -4.85 -14.55 -10.33
N ARG A 91 -4.96 -13.28 -10.69
CA ARG A 91 -5.29 -12.89 -12.06
C ARG A 91 -4.20 -12.00 -12.64
N GLY A 92 -3.51 -11.26 -11.77
CA GLY A 92 -2.45 -10.38 -12.22
C GLY A 92 -2.91 -8.94 -12.39
N TYR A 93 -3.00 -8.21 -11.28
CA TYR A 93 -3.43 -6.82 -11.32
C TYR A 93 -2.57 -5.94 -10.41
N GLY A 94 -2.56 -6.27 -9.12
CA GLY A 94 -1.79 -5.52 -8.14
C GLY A 94 -0.39 -5.14 -8.62
N THR A 95 0.18 -5.96 -9.49
CA THR A 95 1.52 -5.70 -10.02
C THR A 95 1.65 -4.28 -10.54
N ARG A 96 0.78 -3.93 -11.49
CA ARG A 96 0.79 -2.59 -12.08
C ARG A 96 0.71 -1.53 -10.97
N LEU A 97 0.14 -1.93 -9.83
CA LEU A 97 -0.01 -1.03 -8.70
C LEU A 97 1.27 -0.98 -7.89
N MET A 98 1.77 -2.15 -7.47
CA MET A 98 3.00 -2.24 -6.68
C MET A 98 4.08 -1.33 -7.27
N ASN A 99 4.25 -1.39 -8.58
CA ASN A 99 5.24 -0.56 -9.25
C ASN A 99 4.79 0.90 -9.23
N LYS A 100 3.49 1.12 -9.41
CA LYS A 100 2.94 2.46 -9.37
C LYS A 100 3.25 3.11 -8.03
N PHE A 101 3.36 2.28 -6.99
CA PHE A 101 3.68 2.74 -5.66
C PHE A 101 5.10 3.26 -5.61
N LYS A 102 6.04 2.48 -6.15
CA LYS A 102 7.45 2.87 -6.14
C LYS A 102 7.66 4.17 -6.90
N ASP A 103 7.29 4.20 -8.17
CA ASP A 103 7.44 5.40 -8.99
C ASP A 103 6.97 6.64 -8.22
N HIS A 104 5.90 6.47 -7.46
CA HIS A 104 5.34 7.56 -6.68
C HIS A 104 6.22 7.86 -5.46
N MET A 105 6.76 6.82 -4.84
CA MET A 105 7.62 7.00 -3.67
C MET A 105 8.74 7.98 -3.97
N GLN A 106 9.20 7.98 -5.21
CA GLN A 106 10.28 8.88 -5.62
C GLN A 106 9.74 10.26 -5.97
N LYS A 107 8.48 10.29 -6.43
CA LYS A 107 7.84 11.55 -6.80
C LYS A 107 7.42 12.34 -5.57
N GLN A 108 7.60 11.76 -4.39
CA GLN A 108 7.24 12.41 -3.15
C GLN A 108 8.47 12.84 -2.37
N ASN A 109 9.62 12.32 -2.80
CA ASN A 109 10.91 12.64 -2.21
C ASN A 109 11.16 11.86 -0.91
N ILE A 110 10.36 10.82 -0.68
CA ILE A 110 10.54 9.99 0.50
C ILE A 110 11.02 8.62 0.08
N GLU A 111 12.10 8.15 0.70
CA GLU A 111 12.68 6.86 0.32
C GLU A 111 12.62 5.81 1.44
N TYR A 112 12.38 6.23 2.68
CA TYR A 112 12.34 5.25 3.77
C TYR A 112 10.91 4.82 4.09
N LEU A 113 10.42 3.81 3.39
CA LEU A 113 9.06 3.30 3.62
C LEU A 113 9.02 2.41 4.85
N LEU A 114 7.80 2.10 5.31
CA LEU A 114 7.63 1.26 6.49
C LEU A 114 6.19 0.73 6.63
N THR A 115 6.08 -0.45 7.24
CA THR A 115 4.79 -1.11 7.48
C THR A 115 4.99 -2.38 8.32
N TYR A 116 3.88 -3.06 8.58
CA TYR A 116 3.88 -4.31 9.31
C TYR A 116 3.22 -5.35 8.42
N ALA A 117 3.92 -5.75 7.37
CA ALA A 117 3.40 -6.69 6.38
C ALA A 117 3.62 -8.15 6.76
N ASP A 118 2.64 -8.99 6.42
CA ASP A 118 2.72 -10.42 6.71
C ASP A 118 3.38 -11.21 5.58
N ASN A 119 3.51 -12.52 5.79
CA ASN A 119 4.13 -13.41 4.80
C ASN A 119 3.61 -13.16 3.39
N PHE A 120 2.29 -13.03 3.25
CA PHE A 120 1.69 -12.80 1.93
C PHE A 120 2.28 -11.55 1.27
N ALA A 121 2.41 -10.50 2.06
CA ALA A 121 2.97 -9.25 1.56
C ALA A 121 4.48 -9.35 1.48
N ILE A 122 5.04 -10.12 2.39
CA ILE A 122 6.47 -10.35 2.44
C ILE A 122 6.97 -10.82 1.07
N GLY A 123 6.79 -12.11 0.79
CA GLY A 123 7.23 -12.67 -0.48
C GLY A 123 6.77 -11.83 -1.66
N TYR A 124 5.55 -11.31 -1.57
CA TYR A 124 5.00 -10.48 -2.63
C TYR A 124 5.77 -9.17 -2.72
N PHE A 125 6.31 -8.72 -1.59
CA PHE A 125 7.06 -7.48 -1.54
C PHE A 125 8.47 -7.68 -2.10
N LYS A 126 9.17 -8.67 -1.58
CA LYS A 126 10.52 -8.97 -2.03
C LYS A 126 10.52 -9.39 -3.50
N LYS A 127 9.34 -9.64 -4.06
CA LYS A 127 9.21 -10.06 -5.44
C LYS A 127 9.05 -8.87 -6.39
N GLN A 128 8.32 -7.83 -5.97
CA GLN A 128 8.11 -6.67 -6.82
C GLN A 128 9.23 -5.63 -6.64
N GLY A 129 10.09 -5.85 -5.66
CA GLY A 129 11.18 -4.91 -5.42
C GLY A 129 11.28 -4.52 -3.97
N PHE A 130 10.16 -4.60 -3.25
CA PHE A 130 10.13 -4.26 -1.84
C PHE A 130 11.11 -5.11 -1.06
N THR A 131 11.23 -4.84 0.24
CA THR A 131 12.15 -5.61 1.09
C THR A 131 11.62 -5.71 2.51
N LYS A 132 11.26 -6.91 2.91
CA LYS A 132 10.74 -7.17 4.24
C LYS A 132 11.87 -7.11 5.28
N GLU A 133 13.11 -7.30 4.83
CA GLU A 133 14.27 -7.29 5.71
C GLU A 133 14.13 -6.23 6.81
N HIS A 134 14.50 -6.61 8.04
CA HIS A 134 14.41 -5.71 9.17
C HIS A 134 15.53 -4.67 9.13
N ARG A 135 16.72 -5.07 9.57
CA ARG A 135 17.87 -4.16 9.59
C ARG A 135 17.67 -3.05 10.62
N MET A 136 16.71 -2.17 10.37
CA MET A 136 16.42 -1.08 11.28
C MET A 136 15.25 -1.42 12.20
N PRO A 137 15.48 -1.50 13.52
CA PRO A 137 14.43 -1.83 14.49
C PRO A 137 13.18 -0.98 14.29
N GLN A 138 12.07 -1.43 14.88
CA GLN A 138 10.81 -0.72 14.77
C GLN A 138 10.70 0.37 15.85
N GLU A 139 11.70 1.25 15.91
CA GLU A 139 11.71 2.32 16.90
C GLU A 139 10.94 3.54 16.42
N LYS A 140 11.37 4.11 15.30
CA LYS A 140 10.71 5.28 14.73
C LYS A 140 9.52 4.86 13.87
N TRP A 141 8.87 3.77 14.27
CA TRP A 141 7.72 3.24 13.55
C TRP A 141 6.42 3.84 14.08
N LYS A 142 6.48 4.41 15.29
CA LYS A 142 5.30 5.02 15.91
C LYS A 142 4.52 5.88 14.90
N GLY A 143 3.20 5.89 15.06
CA GLY A 143 2.36 6.66 14.15
C GLY A 143 1.52 5.77 13.25
N TYR A 144 2.17 4.90 12.52
CA TYR A 144 1.49 3.98 11.62
C TYR A 144 1.64 2.55 12.10
N ILE A 145 2.87 2.16 12.41
CA ILE A 145 3.14 0.81 12.89
C ILE A 145 3.36 0.81 14.40
N LYS A 146 3.23 -0.36 15.02
CA LYS A 146 3.42 -0.50 16.46
C LYS A 146 3.53 -1.97 16.84
N ASP A 147 4.45 -2.25 17.75
CA ASP A 147 4.70 -3.61 18.23
C ASP A 147 3.41 -4.40 18.39
N TYR A 148 3.00 -5.05 17.30
CA TYR A 148 1.79 -5.85 17.30
C TYR A 148 2.07 -7.26 16.80
N ASP A 149 1.05 -8.11 16.83
CA ASP A 149 1.18 -9.49 16.39
C ASP A 149 0.21 -9.79 15.25
N GLY A 150 0.71 -9.72 14.02
CA GLY A 150 -0.13 -9.98 12.87
C GLY A 150 0.65 -10.01 11.58
N GLY A 151 1.63 -9.12 11.46
CA GLY A 151 2.44 -9.06 10.25
C GLY A 151 3.93 -9.07 10.54
N THR A 152 4.69 -8.27 9.79
CA THR A 152 6.12 -8.18 9.98
C THR A 152 6.63 -6.80 9.59
N LEU A 153 7.64 -6.32 10.29
CA LEU A 153 8.21 -5.02 10.00
C LEU A 153 8.64 -4.95 8.54
N MET A 154 7.97 -4.10 7.77
CA MET A 154 8.26 -3.95 6.36
C MET A 154 9.00 -2.64 6.09
N GLU A 155 9.70 -2.60 4.96
CA GLU A 155 10.45 -1.41 4.58
C GLU A 155 10.71 -1.40 3.08
N CYS A 156 10.60 -0.22 2.47
CA CYS A 156 10.82 -0.08 1.04
C CYS A 156 11.73 1.10 0.74
N TYR A 157 13.03 0.83 0.65
CA TYR A 157 14.00 1.88 0.37
C TYR A 157 13.84 2.40 -1.05
N ILE A 158 13.99 3.70 -1.23
CA ILE A 158 13.87 4.32 -2.55
C ILE A 158 15.13 5.10 -2.91
N HIS A 159 15.48 5.10 -4.19
CA HIS A 159 16.65 5.81 -4.68
C HIS A 159 16.24 6.98 -5.56
N PRO A 160 16.55 8.23 -5.17
CA PRO A 160 16.19 9.42 -5.94
C PRO A 160 17.06 9.60 -7.18
N TYR A 161 18.07 8.74 -7.34
CA TYR A 161 18.96 8.81 -8.49
C TYR A 161 18.68 7.69 -9.49
N VAL A 162 17.82 6.75 -9.11
CA VAL A 162 17.47 5.63 -9.97
C VAL A 162 16.18 5.92 -10.74
N ASP A 163 16.17 5.55 -12.03
CA ASP A 163 15.01 5.76 -12.87
C ASP A 163 13.92 4.74 -12.56
N TYR A 164 12.91 5.17 -11.81
CA TYR A 164 11.81 4.28 -11.44
C TYR A 164 10.70 4.33 -12.48
N GLY A 165 10.47 5.52 -13.04
CA GLY A 165 9.43 5.67 -14.06
C GLY A 165 9.63 6.91 -14.90
N ASN A 166 9.13 8.03 -14.43
CA ASN A 166 9.25 9.31 -15.15
C ASN A 166 9.22 10.48 -14.18
N MET A 1 -2.40 -2.91 -23.34
CA MET A 1 -3.05 -4.05 -24.02
C MET A 1 -4.46 -4.29 -23.47
N LYS A 2 -5.39 -3.43 -23.83
CA LYS A 2 -6.77 -3.55 -23.38
C LYS A 2 -6.87 -3.37 -21.87
N GLY A 3 -7.02 -2.13 -21.42
CA GLY A 3 -7.12 -1.85 -20.01
C GLY A 3 -8.48 -2.22 -19.45
N LEU A 4 -8.50 -3.25 -18.59
CA LEU A 4 -9.74 -3.71 -17.99
C LEU A 4 -10.08 -2.91 -16.73
N LEU A 5 -9.05 -2.53 -15.99
CA LEU A 5 -9.24 -1.76 -14.76
C LEU A 5 -8.85 -0.30 -14.96
N ASP A 6 -8.96 0.45 -13.89
CA ASP A 6 -8.62 1.87 -13.90
C ASP A 6 -8.15 2.31 -12.51
N PHE A 7 -7.06 3.06 -12.49
CA PHE A 7 -6.50 3.55 -11.22
C PHE A 7 -7.10 4.90 -10.86
N ASP A 8 -7.44 5.08 -9.59
CA ASP A 8 -8.02 6.32 -9.12
C ASP A 8 -7.40 6.78 -7.81
N ILE A 9 -7.15 8.08 -7.70
CA ILE A 9 -6.56 8.65 -6.50
C ILE A 9 -7.64 9.14 -5.55
N LEU A 10 -7.73 8.51 -4.39
CA LEU A 10 -8.74 8.85 -3.40
C LEU A 10 -8.12 9.52 -2.17
N THR A 11 -9.00 9.91 -1.26
CA THR A 11 -8.59 10.55 -0.02
C THR A 11 -9.57 10.22 1.09
N ASN A 12 -9.17 10.48 2.33
CA ASN A 12 -10.04 10.22 3.46
C ASN A 12 -10.73 11.51 3.87
N ASP A 13 -11.17 12.26 2.87
CA ASP A 13 -11.86 13.52 3.09
C ASP A 13 -13.22 13.28 3.74
N GLY A 14 -13.72 12.05 3.62
CA GLY A 14 -15.01 11.71 4.20
C GLY A 14 -16.15 11.89 3.21
N THR A 15 -15.83 11.83 1.92
CA THR A 15 -16.84 11.97 0.88
C THR A 15 -17.67 10.70 0.75
N HIS A 16 -18.36 10.55 -0.37
CA HIS A 16 -19.18 9.37 -0.61
C HIS A 16 -18.51 8.42 -1.60
N ARG A 17 -18.41 8.86 -2.85
CA ARG A 17 -17.79 8.05 -3.90
C ARG A 17 -16.40 7.56 -3.48
N ASN A 18 -15.51 8.52 -3.21
CA ASN A 18 -14.15 8.19 -2.80
C ASN A 18 -14.14 7.38 -1.50
N MET A 19 -15.25 7.43 -0.77
CA MET A 19 -15.38 6.72 0.48
C MET A 19 -15.68 5.25 0.21
N LYS A 20 -16.76 5.02 -0.53
CA LYS A 20 -17.18 3.66 -0.87
C LYS A 20 -16.01 2.85 -1.44
N LEU A 21 -15.31 3.44 -2.40
CA LEU A 21 -14.16 2.77 -3.01
C LEU A 21 -13.05 2.55 -1.98
N LEU A 22 -12.70 3.61 -1.26
CA LEU A 22 -11.67 3.53 -0.24
C LEU A 22 -11.96 2.37 0.72
N ILE A 23 -13.24 2.18 1.02
CA ILE A 23 -13.65 1.10 1.91
C ILE A 23 -13.20 -0.24 1.36
N ASP A 24 -13.56 -0.50 0.10
CA ASP A 24 -13.18 -1.75 -0.56
C ASP A 24 -11.72 -2.10 -0.29
N LEU A 25 -10.83 -1.16 -0.57
CA LEU A 25 -9.40 -1.37 -0.35
C LEU A 25 -9.12 -1.89 1.05
N LYS A 26 -9.74 -1.26 2.04
CA LYS A 26 -9.54 -1.65 3.42
C LYS A 26 -9.88 -3.12 3.66
N ASN A 27 -11.13 -3.49 3.42
CA ASN A 27 -11.56 -4.87 3.63
C ASN A 27 -10.80 -5.83 2.72
N ILE A 28 -10.37 -5.34 1.56
CA ILE A 28 -9.62 -6.17 0.63
C ILE A 28 -8.37 -6.71 1.29
N PHE A 29 -7.47 -5.80 1.67
CA PHE A 29 -6.22 -6.22 2.33
C PHE A 29 -6.51 -7.12 3.52
N SER A 30 -7.08 -6.54 4.56
CA SER A 30 -7.41 -7.26 5.78
C SER A 30 -7.97 -8.65 5.50
N ARG A 31 -8.75 -8.77 4.43
CA ARG A 31 -9.34 -10.06 4.07
C ARG A 31 -8.26 -11.07 3.69
N GLN A 32 -7.60 -10.86 2.56
CA GLN A 32 -6.55 -11.75 2.11
C GLN A 32 -5.40 -11.80 3.11
N LEU A 33 -5.34 -10.79 3.99
CA LEU A 33 -4.31 -10.72 5.00
C LEU A 33 -4.88 -10.99 6.40
N PRO A 34 -5.17 -12.27 6.73
CA PRO A 34 -5.73 -12.64 8.03
C PRO A 34 -4.99 -11.99 9.20
N LYS A 35 -3.71 -12.29 9.34
CA LYS A 35 -2.90 -11.75 10.43
C LYS A 35 -3.09 -10.24 10.56
N MET A 36 -3.44 -9.58 9.46
CA MET A 36 -3.66 -8.14 9.48
C MET A 36 -5.08 -7.79 9.91
N PRO A 37 -5.24 -7.24 11.13
CA PRO A 37 -6.56 -6.85 11.64
C PRO A 37 -7.15 -5.67 10.89
N LYS A 38 -8.44 -5.76 10.57
CA LYS A 38 -9.13 -4.70 9.84
C LYS A 38 -8.82 -3.33 10.44
N GLU A 39 -8.81 -3.26 11.77
CA GLU A 39 -8.53 -2.01 12.47
C GLU A 39 -7.23 -1.37 11.96
N TYR A 40 -6.22 -2.18 11.73
CA TYR A 40 -4.94 -1.68 11.25
C TYR A 40 -5.11 -0.95 9.92
N ILE A 41 -5.41 -1.70 8.86
CA ILE A 41 -5.63 -1.11 7.55
C ILE A 41 -6.60 0.06 7.67
N VAL A 42 -7.59 -0.12 8.54
CA VAL A 42 -8.59 0.91 8.79
C VAL A 42 -7.91 2.16 9.34
N LYS A 43 -7.03 1.95 10.30
CA LYS A 43 -6.29 3.05 10.92
C LYS A 43 -5.42 3.75 9.89
N LEU A 44 -4.58 2.98 9.21
CA LEU A 44 -3.68 3.53 8.21
C LEU A 44 -4.45 4.04 6.98
N VAL A 45 -5.56 3.39 6.64
CA VAL A 45 -6.35 3.80 5.47
C VAL A 45 -7.26 4.97 5.81
N PHE A 46 -7.81 4.98 7.02
CA PHE A 46 -8.72 6.05 7.43
C PHE A 46 -8.04 7.02 8.38
N ASP A 47 -6.70 7.04 8.37
CA ASP A 47 -5.95 7.94 9.24
C ASP A 47 -6.44 9.37 9.11
N ARG A 48 -5.86 10.27 9.90
CA ARG A 48 -6.24 11.68 9.88
C ARG A 48 -6.32 12.23 8.46
N HIS A 49 -5.17 12.59 7.89
CA HIS A 49 -5.12 13.12 6.54
C HIS A 49 -4.07 12.39 5.70
N HIS A 50 -4.44 12.06 4.46
CA HIS A 50 -3.54 11.36 3.56
C HIS A 50 -4.17 11.16 2.18
N GLU A 51 -3.43 10.49 1.31
CA GLU A 51 -3.90 10.22 -0.04
C GLU A 51 -3.89 8.72 -0.30
N SER A 52 -4.40 8.31 -1.47
CA SER A 52 -4.44 6.89 -1.81
C SER A 52 -4.71 6.69 -3.29
N MET A 53 -4.66 5.42 -3.72
CA MET A 53 -4.90 5.05 -5.10
C MET A 53 -5.59 3.69 -5.16
N VAL A 54 -6.68 3.59 -5.91
CA VAL A 54 -7.41 2.34 -6.01
C VAL A 54 -7.49 1.84 -7.44
N ILE A 55 -8.11 0.67 -7.59
CA ILE A 55 -8.30 0.06 -8.90
C ILE A 55 -9.78 -0.12 -9.14
N LEU A 56 -10.17 -0.15 -10.41
CA LEU A 56 -11.55 -0.32 -10.77
C LEU A 56 -11.68 -1.24 -11.97
N LYS A 57 -11.87 -2.52 -11.69
CA LYS A 57 -11.99 -3.55 -12.74
C LYS A 57 -13.34 -3.45 -13.43
N ASN A 58 -13.60 -2.28 -14.02
CA ASN A 58 -14.83 -1.98 -14.76
C ASN A 58 -15.26 -0.54 -14.51
N LYS A 59 -14.31 0.31 -14.12
CA LYS A 59 -14.56 1.73 -13.87
C LYS A 59 -15.11 1.99 -12.47
N GLN A 60 -15.71 0.98 -11.85
CA GLN A 60 -16.28 1.14 -10.53
C GLN A 60 -16.11 -0.14 -9.71
N LYS A 61 -15.46 -1.14 -10.31
CA LYS A 61 -15.26 -2.40 -9.64
C LYS A 61 -13.93 -2.42 -8.89
N VAL A 62 -13.94 -1.93 -7.65
CA VAL A 62 -12.72 -1.92 -6.85
C VAL A 62 -12.18 -3.34 -6.67
N ILE A 63 -10.95 -3.56 -7.13
CA ILE A 63 -10.33 -4.87 -7.02
C ILE A 63 -9.06 -4.82 -6.17
N GLY A 64 -8.32 -3.73 -6.30
CA GLY A 64 -7.10 -3.54 -5.55
C GLY A 64 -6.79 -2.07 -5.35
N GLY A 65 -5.56 -1.75 -4.97
CA GLY A 65 -5.20 -0.37 -4.78
C GLY A 65 -4.34 -0.13 -3.56
N ILE A 66 -3.51 0.91 -3.66
CA ILE A 66 -2.62 1.30 -2.56
C ILE A 66 -3.18 2.51 -1.83
N CYS A 67 -2.84 2.65 -0.55
CA CYS A 67 -3.33 3.78 0.24
C CYS A 67 -2.21 4.42 1.07
N PHE A 68 -2.33 5.75 1.24
CA PHE A 68 -1.37 6.58 2.01
C PHE A 68 -0.34 7.21 1.09
N ARG A 69 0.78 7.69 1.66
CA ARG A 69 1.82 8.33 0.89
C ARG A 69 3.16 8.29 1.62
N GLN A 70 4.10 9.12 1.18
CA GLN A 70 5.42 9.16 1.79
C GLN A 70 5.71 10.54 2.38
N TYR A 71 6.44 10.55 3.50
CA TYR A 71 6.79 11.78 4.19
C TYR A 71 8.06 12.40 3.60
N LYS A 72 8.02 13.72 3.37
CA LYS A 72 9.15 14.45 2.78
C LYS A 72 10.14 14.94 3.82
N PRO A 73 9.72 15.82 4.76
CA PRO A 73 10.61 16.31 5.81
C PRO A 73 11.08 15.15 6.67
N GLN A 74 10.35 14.04 6.57
CA GLN A 74 10.67 12.85 7.33
C GLN A 74 11.61 11.93 6.54
N ARG A 75 11.60 12.06 5.21
CA ARG A 75 12.45 11.22 4.35
C ARG A 75 12.03 9.76 4.49
N PHE A 76 10.84 9.57 5.01
CA PHE A 76 10.28 8.24 5.21
C PHE A 76 8.87 8.20 4.67
N ALA A 77 8.33 7.02 4.51
CA ALA A 77 6.98 6.86 3.98
C ALA A 77 6.20 5.79 4.71
N GLU A 78 4.88 5.97 4.75
CA GLU A 78 3.98 5.01 5.38
C GLU A 78 2.89 4.65 4.40
N VAL A 79 2.59 3.36 4.29
CA VAL A 79 1.56 2.93 3.36
C VAL A 79 0.36 2.33 4.08
N ALA A 80 -0.83 2.80 3.73
CA ALA A 80 -2.05 2.29 4.33
C ALA A 80 -2.15 0.83 3.98
N PHE A 81 -1.60 0.50 2.81
CA PHE A 81 -1.54 -0.88 2.30
C PHE A 81 -2.06 -0.99 0.87
N LEU A 82 -1.36 -1.83 0.11
CA LEU A 82 -1.68 -2.07 -1.29
C LEU A 82 -2.03 -3.54 -1.48
N ALA A 83 -2.96 -3.83 -2.39
CA ALA A 83 -3.36 -5.20 -2.65
C ALA A 83 -4.59 -5.30 -3.54
N VAL A 84 -5.09 -6.53 -3.63
CA VAL A 84 -6.26 -6.84 -4.44
C VAL A 84 -7.20 -7.77 -3.67
N THR A 85 -8.43 -7.97 -4.15
CA THR A 85 -9.37 -8.84 -3.45
C THR A 85 -9.14 -10.31 -3.81
N ALA A 86 -9.49 -11.18 -2.88
CA ALA A 86 -9.30 -12.63 -2.98
C ALA A 86 -9.25 -13.22 -4.38
N ASN A 87 -10.23 -14.07 -4.71
CA ASN A 87 -10.21 -14.74 -6.00
C ASN A 87 -10.40 -13.79 -7.17
N GLU A 88 -9.94 -12.57 -6.99
CA GLU A 88 -9.99 -11.57 -8.03
C GLU A 88 -8.61 -11.35 -8.59
N GLN A 89 -7.59 -11.67 -7.79
CA GLN A 89 -6.21 -11.51 -8.20
C GLN A 89 -5.81 -12.54 -9.26
N VAL A 90 -4.51 -12.85 -9.32
CA VAL A 90 -3.98 -13.83 -10.28
C VAL A 90 -4.57 -13.63 -11.67
N ARG A 91 -4.86 -12.38 -12.00
CA ARG A 91 -5.43 -12.04 -13.30
C ARG A 91 -4.47 -11.16 -14.10
N GLY A 92 -3.69 -10.35 -13.39
CA GLY A 92 -2.75 -9.47 -14.05
C GLY A 92 -2.91 -8.02 -13.62
N TYR A 93 -3.22 -7.81 -12.35
CA TYR A 93 -3.41 -6.45 -11.82
C TYR A 93 -2.43 -6.17 -10.69
N GLY A 94 -2.39 -7.09 -9.72
CA GLY A 94 -1.50 -6.93 -8.58
C GLY A 94 -0.15 -6.34 -8.93
N THR A 95 0.55 -6.97 -9.89
CA THR A 95 1.86 -6.49 -10.32
C THR A 95 1.80 -5.01 -10.68
N ARG A 96 0.88 -4.65 -11.57
CA ARG A 96 0.71 -3.27 -11.98
C ARG A 96 0.50 -2.38 -10.75
N LEU A 97 -0.03 -2.99 -9.69
CA LEU A 97 -0.28 -2.28 -8.45
C LEU A 97 1.02 -2.00 -7.71
N MET A 98 1.71 -3.08 -7.33
CA MET A 98 2.99 -2.95 -6.61
C MET A 98 3.89 -1.94 -7.30
N ASN A 99 3.90 -1.97 -8.63
CA ASN A 99 4.71 -1.02 -9.39
C ASN A 99 4.26 0.41 -9.10
N LYS A 100 2.95 0.62 -9.00
CA LYS A 100 2.42 1.94 -8.71
C LYS A 100 2.97 2.43 -7.36
N PHE A 101 3.28 1.48 -6.49
CA PHE A 101 3.84 1.79 -5.18
C PHE A 101 5.24 2.36 -5.33
N LYS A 102 6.04 1.75 -6.21
CA LYS A 102 7.40 2.22 -6.42
C LYS A 102 7.43 3.43 -7.35
N ASP A 103 6.51 3.47 -8.30
CA ASP A 103 6.43 4.59 -9.23
C ASP A 103 6.25 5.90 -8.47
N HIS A 104 5.30 5.90 -7.53
CA HIS A 104 5.03 7.07 -6.73
C HIS A 104 6.09 7.28 -5.65
N MET A 105 6.69 6.18 -5.19
CA MET A 105 7.71 6.26 -4.16
C MET A 105 8.90 7.08 -4.63
N GLN A 106 9.06 7.19 -5.95
CA GLN A 106 10.16 7.96 -6.51
C GLN A 106 9.69 9.35 -6.93
N LYS A 107 8.40 9.47 -7.24
CA LYS A 107 7.82 10.75 -7.65
C LYS A 107 7.73 11.73 -6.50
N GLN A 108 7.89 11.22 -5.28
CA GLN A 108 7.82 12.09 -4.10
C GLN A 108 9.20 12.27 -3.49
N ASN A 109 10.14 11.44 -3.95
CA ASN A 109 11.52 11.48 -3.52
C ASN A 109 11.73 10.88 -2.14
N ILE A 110 10.78 10.05 -1.69
CA ILE A 110 10.92 9.39 -0.40
C ILE A 110 11.49 8.00 -0.60
N GLU A 111 12.50 7.66 0.21
CA GLU A 111 13.16 6.37 0.06
C GLU A 111 12.87 5.39 1.19
N TYR A 112 12.62 5.89 2.40
CA TYR A 112 12.37 4.98 3.52
C TYR A 112 10.89 4.73 3.78
N LEU A 113 10.36 3.66 3.16
CA LEU A 113 8.96 3.28 3.35
C LEU A 113 8.79 2.53 4.66
N LEU A 114 7.55 2.23 5.03
CA LEU A 114 7.30 1.50 6.26
C LEU A 114 5.88 0.91 6.32
N THR A 115 5.77 -0.24 7.00
CA THR A 115 4.50 -0.94 7.19
C THR A 115 4.66 -2.06 8.22
N TYR A 116 3.56 -2.73 8.48
CA TYR A 116 3.53 -3.87 9.39
C TYR A 116 3.07 -5.08 8.59
N ALA A 117 3.89 -5.45 7.60
CA ALA A 117 3.58 -6.54 6.69
C ALA A 117 3.80 -7.91 7.33
N ASP A 118 2.87 -8.83 7.07
CA ASP A 118 2.94 -10.18 7.61
C ASP A 118 3.52 -11.15 6.57
N ASN A 119 3.79 -12.37 7.00
CA ASN A 119 4.35 -13.42 6.13
C ASN A 119 3.72 -13.39 4.73
N PHE A 120 2.45 -13.01 4.66
CA PHE A 120 1.74 -12.96 3.39
C PHE A 120 2.31 -11.88 2.47
N ALA A 121 2.19 -10.64 2.89
CA ALA A 121 2.71 -9.51 2.11
C ALA A 121 4.22 -9.50 2.17
N ILE A 122 4.76 -10.07 3.25
CA ILE A 122 6.19 -10.17 3.45
C ILE A 122 6.85 -10.75 2.20
N GLY A 123 6.72 -12.06 2.02
CA GLY A 123 7.31 -12.72 0.87
C GLY A 123 6.92 -12.06 -0.43
N TYR A 124 5.65 -11.67 -0.52
CA TYR A 124 5.15 -11.01 -1.72
C TYR A 124 5.81 -9.64 -1.91
N PHE A 125 6.22 -9.03 -0.80
CA PHE A 125 6.86 -7.73 -0.84
C PHE A 125 8.32 -7.86 -1.26
N LYS A 126 9.02 -8.79 -0.63
CA LYS A 126 10.42 -9.03 -0.96
C LYS A 126 10.56 -9.58 -2.38
N LYS A 127 9.44 -9.95 -2.99
CA LYS A 127 9.44 -10.50 -4.34
C LYS A 127 9.30 -9.41 -5.41
N GLN A 128 8.45 -8.42 -5.16
CA GLN A 128 8.24 -7.36 -6.14
C GLN A 128 9.30 -6.26 -6.02
N GLY A 129 10.13 -6.32 -5.00
CA GLY A 129 11.16 -5.32 -4.81
C GLY A 129 11.27 -4.88 -3.36
N PHE A 130 10.13 -4.89 -2.68
CA PHE A 130 10.07 -4.50 -1.28
C PHE A 130 11.12 -5.26 -0.47
N THR A 131 11.22 -4.97 0.82
CA THR A 131 12.17 -5.63 1.68
C THR A 131 11.71 -5.65 3.13
N LYS A 132 11.37 -6.84 3.61
CA LYS A 132 10.91 -7.02 4.98
C LYS A 132 12.10 -7.17 5.92
N GLU A 133 13.24 -7.59 5.38
CA GLU A 133 14.45 -7.77 6.17
C GLU A 133 15.24 -6.45 6.23
N HIS A 134 15.91 -6.22 7.35
CA HIS A 134 16.69 -5.00 7.53
C HIS A 134 18.05 -5.31 8.16
N ARG A 135 18.93 -4.32 8.16
CA ARG A 135 20.26 -4.49 8.73
C ARG A 135 20.17 -4.82 10.22
N MET A 136 19.29 -4.11 10.91
CA MET A 136 19.11 -4.33 12.35
C MET A 136 18.27 -5.59 12.60
N PRO A 137 18.47 -6.24 13.76
CA PRO A 137 17.74 -7.45 14.11
C PRO A 137 16.23 -7.30 13.96
N GLN A 138 15.50 -8.40 14.11
CA GLN A 138 14.04 -8.38 13.99
C GLN A 138 13.40 -7.70 15.19
N GLU A 139 14.20 -7.39 16.22
CA GLU A 139 13.69 -6.74 17.42
C GLU A 139 12.84 -5.52 17.06
N LYS A 140 13.20 -4.86 15.97
CA LYS A 140 12.46 -3.68 15.53
C LYS A 140 11.01 -4.03 15.23
N TRP A 141 10.74 -5.31 14.96
CA TRP A 141 9.39 -5.77 14.67
C TRP A 141 8.44 -5.50 15.82
N LYS A 142 9.00 -5.24 17.00
CA LYS A 142 8.19 -4.96 18.19
C LYS A 142 7.11 -3.92 17.88
N GLY A 143 7.39 -3.03 16.93
CA GLY A 143 6.45 -2.01 16.57
C GLY A 143 7.11 -0.78 15.96
N TYR A 144 7.00 -0.64 14.64
CA TYR A 144 7.60 0.50 13.96
C TYR A 144 6.85 1.80 14.26
N ILE A 145 5.68 1.66 14.89
CA ILE A 145 4.86 2.82 15.25
C ILE A 145 3.45 2.35 15.64
N LYS A 146 2.77 3.16 16.45
CA LYS A 146 1.43 2.84 16.90
C LYS A 146 1.41 1.54 17.69
N ASP A 147 0.59 1.54 18.73
CA ASP A 147 0.45 0.37 19.60
C ASP A 147 -0.44 -0.69 18.95
N TYR A 148 0.18 -1.52 18.11
CA TYR A 148 -0.57 -2.59 17.42
C TYR A 148 0.29 -3.83 17.27
N ASP A 149 -0.32 -4.91 16.80
CA ASP A 149 0.38 -6.18 16.61
C ASP A 149 -0.39 -7.08 15.65
N GLY A 150 0.25 -7.46 14.56
CA GLY A 150 -0.39 -8.32 13.57
C GLY A 150 0.55 -8.76 12.47
N GLY A 151 1.33 -7.81 11.94
CA GLY A 151 2.26 -8.13 10.88
C GLY A 151 3.71 -8.00 11.31
N THR A 152 4.52 -7.38 10.45
CA THR A 152 5.94 -7.19 10.76
C THR A 152 6.43 -5.86 10.20
N LEU A 153 7.27 -5.18 10.95
CA LEU A 153 7.81 -3.91 10.51
C LEU A 153 8.65 -4.09 9.24
N MET A 154 8.07 -3.74 8.11
CA MET A 154 8.76 -3.85 6.82
C MET A 154 9.02 -2.46 6.24
N GLU A 155 9.99 -2.37 5.34
CA GLU A 155 10.34 -1.08 4.73
C GLU A 155 10.62 -1.25 3.25
N CYS A 156 10.55 -0.14 2.51
CA CYS A 156 10.81 -0.16 1.08
C CYS A 156 11.82 0.93 0.69
N TYR A 157 13.09 0.54 0.58
CA TYR A 157 14.14 1.47 0.22
C TYR A 157 14.01 1.87 -1.25
N ILE A 158 13.80 3.16 -1.51
CA ILE A 158 13.65 3.64 -2.89
C ILE A 158 14.95 4.27 -3.38
N HIS A 159 15.20 5.52 -3.00
CA HIS A 159 16.41 6.22 -3.42
C HIS A 159 16.44 6.38 -4.95
N PRO A 160 17.11 7.43 -5.45
CA PRO A 160 17.22 7.69 -6.87
C PRO A 160 18.28 6.83 -7.55
N TYR A 161 18.18 5.52 -7.37
CA TYR A 161 19.15 4.59 -7.95
C TYR A 161 18.58 3.99 -9.25
N VAL A 162 17.49 3.25 -9.11
CA VAL A 162 16.84 2.62 -10.25
C VAL A 162 15.76 3.52 -10.83
N ASP A 163 15.40 3.29 -12.08
CA ASP A 163 14.38 4.08 -12.75
C ASP A 163 13.05 3.34 -12.77
N TYR A 164 12.10 3.79 -11.96
CA TYR A 164 10.78 3.17 -11.89
C TYR A 164 9.79 3.91 -12.78
N GLY A 165 10.29 4.60 -13.79
CA GLY A 165 9.43 5.34 -14.69
C GLY A 165 9.75 5.08 -16.15
N ASN A 166 11.03 5.13 -16.49
CA ASN A 166 11.47 4.90 -17.86
C ASN A 166 12.41 3.69 -17.93
#